data_5Z2C
#
_entry.id   5Z2C
#
_cell.length_a   169.260
_cell.length_b   214.388
_cell.length_c   173.151
_cell.angle_alpha   90.00
_cell.angle_beta   110.33
_cell.angle_gamma   90.00
#
_symmetry.space_group_name_H-M   'C 1 2 1'
#
loop_
_entity.id
_entity.type
_entity.pdbx_description
1 polymer 'Alpha-protein kinase 1'
2 non-polymer '[[(2R,3S,4R,5R)-5-(6-aminopurin-9-yl)-3,4-bis(oxidanyl)oxolan-2-yl]methoxy-oxidanyl-phosphoryl] [(2S,3S,4S,5S,6R)-6-[(1S)-1,2-bis(oxidanyl)ethyl]-3,4,5-tris(oxidanyl)oxan-2-yl] hydrogen phosphate'
#
_entity_poly.entity_id   1
_entity_poly.type   'polypeptide(L)'
_entity_poly.pdbx_seq_one_letter_code
;MNNQKVVAVLLQECKQVLDQLLLEAPDVSEEDKSEDQRCRALLPSELRTLIQEAKEMKWPFVPEKWQYKQAVGPEDKTNL
KDVIGAGLQQLLASLRASILARDCAAAAAIVFLVDRFLYGLDVSGKLLQVAKGLHKLQPATPIAPQVVIRQARISVNSGK
LLKAEYILSSLISNNGATGTWLYRNESDKVLVQSVCIQIRGQILQKLGMWYEAAELIWASIVGYLALPQPDKKGLSTSLG
ILADIFVSMSKNDYEKFKNNPQINLSLLKEFDHHLLSAAEACKLAAAFSAYTPLFVLTAVNIRGTCLLSYSSSNDCPPEL
KNLHLCEAKEAFEIGLLTKRDDEPVTGKQELHSFVKAAFGLTTVHRRLHGETGTVHAASQLCKEAMGKLYNFSTSSRSQD
REALSQEVMSVIAQVKEHLQVQSFSNVDDRSYVPESFECRLDKLIL
;
_entity_poly.pdbx_strand_id   A,B,C,D,E,F,G,H,I
#
# COMPACT_ATOMS: atom_id res chain seq x y z
N ASN A 2 16.11 -20.51 -5.80
CA ASN A 2 16.34 -21.60 -4.87
C ASN A 2 15.03 -22.29 -4.53
N ASN A 3 14.37 -22.78 -5.56
CA ASN A 3 13.08 -23.47 -5.45
C ASN A 3 13.18 -24.86 -6.06
N GLN A 4 12.49 -25.81 -5.45
CA GLN A 4 12.59 -27.20 -5.89
C GLN A 4 12.16 -27.35 -7.35
N LYS A 5 11.05 -26.72 -7.73
CA LYS A 5 10.55 -26.88 -9.09
C LYS A 5 11.47 -26.23 -10.11
N VAL A 6 11.95 -25.02 -9.81
CA VAL A 6 12.84 -24.33 -10.74
C VAL A 6 14.13 -25.10 -10.94
N VAL A 7 14.78 -25.48 -9.85
CA VAL A 7 16.05 -26.20 -9.94
C VAL A 7 15.84 -27.53 -10.64
N ALA A 8 14.74 -28.22 -10.32
CA ALA A 8 14.45 -29.49 -10.97
C ALA A 8 14.31 -29.31 -12.48
N VAL A 9 13.63 -28.25 -12.90
CA VAL A 9 13.46 -28.02 -14.33
C VAL A 9 14.80 -27.71 -14.99
N LEU A 10 15.65 -26.93 -14.32
CA LEU A 10 16.97 -26.63 -14.89
C LEU A 10 17.81 -27.90 -15.02
N LEU A 11 17.76 -28.78 -14.02
CA LEU A 11 18.51 -30.04 -14.13
C LEU A 11 17.96 -30.90 -15.24
N GLN A 12 16.65 -30.91 -15.42
CA GLN A 12 16.08 -31.62 -16.56
C GLN A 12 16.63 -31.05 -17.87
N GLU A 13 16.71 -29.73 -17.98
CA GLU A 13 17.27 -29.13 -19.19
C GLU A 13 18.71 -29.54 -19.40
N CYS A 14 19.51 -29.59 -18.33
CA CYS A 14 20.89 -30.05 -18.46
C CYS A 14 20.95 -31.48 -18.98
N LYS A 15 20.09 -32.36 -18.45
CA LYS A 15 20.07 -33.74 -18.91
C LYS A 15 19.70 -33.81 -20.39
N GLN A 16 18.72 -33.02 -20.82
CA GLN A 16 18.35 -33.00 -22.23
C GLN A 16 19.51 -32.54 -23.08
N VAL A 17 20.26 -31.54 -22.62
CA VAL A 17 21.46 -31.11 -23.34
C VAL A 17 22.46 -32.25 -23.46
N LEU A 18 22.67 -33.00 -22.39
CA LEU A 18 23.62 -34.12 -22.44
C LEU A 18 23.15 -35.18 -23.44
N ASP A 19 21.85 -35.44 -23.50
CA ASP A 19 21.33 -36.39 -24.48
C ASP A 19 21.61 -35.90 -25.90
N GLN A 20 21.31 -34.63 -26.15
CA GLN A 20 21.56 -34.06 -27.47
C GLN A 20 23.03 -34.16 -27.83
N LEU A 21 23.93 -33.82 -26.90
CA LEU A 21 25.35 -33.96 -27.14
C LEU A 21 25.73 -35.41 -27.42
N LEU A 22 25.00 -36.35 -26.84
CA LEU A 22 25.22 -37.74 -27.18
C LEU A 22 24.88 -38.00 -28.64
N LEU A 23 23.87 -37.32 -29.17
CA LEU A 23 23.58 -37.48 -30.59
C LEU A 23 24.55 -36.72 -31.50
N GLU A 24 25.14 -35.64 -31.02
CA GLU A 24 25.98 -34.79 -31.86
C GLU A 24 27.46 -35.16 -31.74
N ALA A 25 28.22 -34.78 -32.78
CA ALA A 25 29.66 -34.95 -32.74
C ALA A 25 30.31 -33.78 -32.00
N PRO A 26 31.40 -34.04 -31.28
CA PRO A 26 32.05 -32.95 -30.54
C PRO A 26 32.53 -31.87 -31.49
N ASP A 27 32.04 -30.65 -31.26
CA ASP A 27 32.37 -29.48 -32.04
C ASP A 27 32.18 -28.27 -31.13
N VAL A 28 33.11 -28.10 -30.20
CA VAL A 28 33.03 -27.06 -29.19
C VAL A 28 33.47 -25.75 -29.82
N SER A 29 32.55 -24.82 -29.97
CA SER A 29 32.84 -23.53 -30.55
C SER A 29 33.55 -22.63 -29.54
N GLU A 30 34.23 -21.61 -30.07
CA GLU A 30 34.90 -20.66 -29.18
C GLU A 30 33.90 -19.92 -28.30
N GLU A 31 32.67 -19.73 -28.79
CA GLU A 31 31.62 -19.14 -27.96
C GLU A 31 31.35 -20.01 -26.74
N ASP A 32 31.23 -21.33 -26.94
CA ASP A 32 30.99 -22.24 -25.81
C ASP A 32 32.08 -22.12 -24.76
N LYS A 33 33.34 -22.17 -25.18
CA LYS A 33 34.45 -22.06 -24.24
C LYS A 33 34.44 -20.71 -23.53
N SER A 34 34.18 -19.65 -24.28
CA SER A 34 34.18 -18.31 -23.70
C SER A 34 33.08 -18.17 -22.66
N GLU A 35 31.90 -18.71 -22.93
CA GLU A 35 30.81 -18.62 -21.96
C GLU A 35 31.08 -19.52 -20.76
N ASP A 36 31.79 -20.63 -20.96
CA ASP A 36 32.20 -21.45 -19.83
C ASP A 36 33.13 -20.68 -18.90
N GLN A 37 34.23 -20.16 -19.46
CA GLN A 37 35.18 -19.39 -18.66
C GLN A 37 34.52 -18.18 -18.02
N ARG A 38 33.64 -17.51 -18.75
CA ARG A 38 32.95 -16.35 -18.20
C ARG A 38 32.10 -16.74 -17.01
N CYS A 39 31.21 -17.72 -17.19
CA CYS A 39 30.30 -18.13 -16.13
C CYS A 39 31.07 -18.58 -14.89
N ARG A 40 32.19 -19.26 -15.08
CA ARG A 40 32.96 -19.66 -13.91
C ARG A 40 33.67 -18.47 -13.27
N ALA A 41 34.10 -17.49 -14.09
CA ALA A 41 34.88 -16.38 -13.56
C ALA A 41 34.05 -15.44 -12.70
N LEU A 42 32.77 -15.27 -13.04
CA LEU A 42 31.93 -14.34 -12.29
C LEU A 42 31.49 -14.89 -10.94
N LEU A 43 31.77 -16.15 -10.65
CA LEU A 43 31.45 -16.69 -9.34
C LEU A 43 32.40 -16.11 -8.29
N PRO A 44 31.94 -15.98 -7.05
CA PRO A 44 32.84 -15.51 -5.99
C PRO A 44 34.05 -16.42 -5.83
N SER A 45 35.13 -15.83 -5.33
CA SER A 45 36.42 -16.52 -5.26
C SER A 45 36.32 -17.83 -4.49
N GLU A 46 35.57 -17.83 -3.38
CA GLU A 46 35.46 -19.04 -2.57
C GLU A 46 34.89 -20.20 -3.38
N LEU A 47 33.91 -19.92 -4.22
CA LEU A 47 33.30 -20.98 -5.02
C LEU A 47 34.21 -21.44 -6.14
N ARG A 48 34.97 -20.52 -6.73
CA ARG A 48 35.93 -20.94 -7.75
C ARG A 48 37.00 -21.83 -7.15
N THR A 49 37.46 -21.48 -5.94
CA THR A 49 38.42 -22.34 -5.26
C THR A 49 37.82 -23.71 -4.97
N LEU A 50 36.57 -23.74 -4.48
CA LEU A 50 35.91 -25.00 -4.19
C LEU A 50 35.72 -25.84 -5.45
N ILE A 51 35.40 -25.19 -6.56
CA ILE A 51 35.23 -25.90 -7.82
C ILE A 51 36.54 -26.51 -8.27
N GLN A 52 37.64 -25.76 -8.20
CA GLN A 52 38.92 -26.30 -8.60
C GLN A 52 39.35 -27.45 -7.69
N GLU A 53 39.14 -27.30 -6.38
CA GLU A 53 39.50 -28.36 -5.44
C GLU A 53 38.66 -29.61 -5.65
N ALA A 54 37.37 -29.44 -5.94
CA ALA A 54 36.52 -30.58 -6.23
C ALA A 54 36.94 -31.28 -7.52
N LYS A 55 37.21 -30.49 -8.56
CA LYS A 55 37.68 -31.04 -9.82
C LYS A 55 39.00 -31.79 -9.65
N GLU A 56 39.84 -31.34 -8.74
CA GLU A 56 41.10 -32.01 -8.46
C GLU A 56 40.97 -33.17 -7.49
N MET A 57 39.75 -33.49 -7.07
CA MET A 57 39.47 -34.64 -6.22
C MET A 57 40.23 -34.55 -4.91
N LYS A 58 40.20 -33.36 -4.31
CA LYS A 58 40.91 -33.14 -3.05
C LYS A 58 40.28 -33.92 -1.90
N TRP A 59 38.98 -34.17 -1.97
CA TRP A 59 38.26 -34.81 -0.88
C TRP A 59 37.12 -35.62 -1.46
N PRO A 60 36.66 -36.65 -0.77
CA PRO A 60 35.48 -37.38 -1.24
C PRO A 60 34.18 -36.71 -0.85
N PHE A 61 34.18 -35.86 0.16
CA PHE A 61 33.03 -35.06 0.52
C PHE A 61 33.46 -33.60 0.58
N VAL A 62 32.54 -32.70 0.24
CA VAL A 62 32.81 -31.28 0.39
C VAL A 62 32.81 -31.00 1.88
N PRO A 63 33.92 -30.53 2.44
CA PRO A 63 34.00 -30.36 3.89
C PRO A 63 33.48 -29.00 4.36
N GLU A 64 33.03 -28.98 5.60
CA GLU A 64 32.67 -27.74 6.28
C GLU A 64 33.88 -27.24 7.05
N LYS A 65 33.98 -25.91 7.18
CA LYS A 65 35.17 -25.32 7.78
C LYS A 65 35.35 -25.74 9.23
N TRP A 66 34.26 -26.01 9.93
CA TRP A 66 34.32 -26.40 11.34
C TRP A 66 34.42 -27.91 11.54
N GLN A 67 34.28 -28.68 10.47
CA GLN A 67 34.09 -30.12 10.60
C GLN A 67 35.34 -30.84 11.09
N TYR A 68 36.52 -30.38 10.70
CA TYR A 68 37.74 -31.10 11.02
C TYR A 68 38.72 -30.33 11.89
N LYS A 69 38.45 -29.07 12.18
CA LYS A 69 39.35 -28.27 13.02
C LYS A 69 38.87 -28.33 14.47
N GLN A 70 39.84 -28.43 15.38
CA GLN A 70 39.56 -28.41 16.80
C GLN A 70 39.64 -26.99 17.38
N ALA A 71 40.74 -26.30 17.13
CA ALA A 71 40.92 -24.92 17.60
C ALA A 71 40.17 -23.99 16.65
N VAL A 72 38.87 -23.97 16.82
CA VAL A 72 37.97 -23.33 15.86
C VAL A 72 37.93 -21.83 16.11
N GLY A 73 37.62 -21.08 15.05
CA GLY A 73 37.59 -19.64 15.11
C GLY A 73 36.55 -19.06 14.18
N PRO A 74 36.42 -17.74 14.19
CA PRO A 74 35.31 -17.10 13.45
C PRO A 74 35.25 -17.47 11.98
N GLU A 75 36.40 -17.57 11.30
CA GLU A 75 36.38 -17.92 9.89
C GLU A 75 36.01 -19.38 9.66
N ASP A 76 35.99 -20.21 10.70
CA ASP A 76 35.60 -21.60 10.58
C ASP A 76 34.15 -21.85 10.94
N LYS A 77 33.47 -20.88 11.53
CA LYS A 77 32.14 -21.07 12.10
C LYS A 77 31.03 -20.71 11.14
N THR A 78 31.16 -21.10 9.87
CA THR A 78 30.14 -20.88 8.87
C THR A 78 29.74 -22.21 8.24
N ASN A 79 28.70 -22.17 7.41
CA ASN A 79 28.19 -23.34 6.74
C ASN A 79 28.09 -23.06 5.26
N LEU A 80 28.53 -24.03 4.44
CA LEU A 80 28.56 -23.82 2.99
C LEU A 80 27.17 -23.68 2.41
N LYS A 81 26.13 -24.05 3.15
CA LYS A 81 24.76 -23.85 2.70
C LYS A 81 24.50 -22.40 2.33
N ASP A 82 25.17 -21.45 3.00
CA ASP A 82 24.92 -20.05 2.78
C ASP A 82 25.57 -19.55 1.48
N VAL A 83 26.86 -19.85 1.31
CA VAL A 83 27.55 -19.39 0.11
C VAL A 83 27.02 -20.12 -1.12
N ILE A 84 26.77 -21.41 -0.99
CA ILE A 84 26.23 -22.19 -2.11
C ILE A 84 24.81 -21.74 -2.41
N GLY A 85 23.99 -21.56 -1.39
CA GLY A 85 22.63 -21.08 -1.61
C GLY A 85 22.59 -19.70 -2.24
N ALA A 86 23.56 -18.86 -1.91
CA ALA A 86 23.58 -17.52 -2.47
C ALA A 86 23.95 -17.53 -3.95
N GLY A 87 24.86 -18.41 -4.35
CA GLY A 87 25.27 -18.45 -5.73
C GLY A 87 24.73 -19.63 -6.50
N LEU A 88 23.60 -20.18 -6.04
CA LEU A 88 23.08 -21.41 -6.65
C LEU A 88 22.72 -21.19 -8.12
N GLN A 89 21.99 -20.11 -8.40
CA GLN A 89 21.60 -19.84 -9.79
C GLN A 89 22.82 -19.77 -10.70
N GLN A 90 23.86 -19.08 -10.26
CA GLN A 90 25.05 -18.94 -11.08
C GLN A 90 25.87 -20.22 -11.13
N LEU A 91 25.84 -21.01 -10.06
CA LEU A 91 26.46 -22.33 -10.10
C LEU A 91 25.79 -23.22 -11.14
N LEU A 92 24.47 -23.14 -11.25
CA LEU A 92 23.77 -23.93 -12.26
C LEU A 92 24.04 -23.40 -13.66
N ALA A 93 24.11 -22.08 -13.81
CA ALA A 93 24.49 -21.52 -15.10
C ALA A 93 25.87 -22.01 -15.52
N SER A 94 26.83 -22.02 -14.58
CA SER A 94 28.16 -22.52 -14.90
C SER A 94 28.14 -24.01 -15.18
N LEU A 95 27.22 -24.75 -14.56
CA LEU A 95 27.08 -26.17 -14.88
C LEU A 95 26.63 -26.36 -16.32
N ARG A 96 25.55 -25.69 -16.72
CA ARG A 96 25.11 -25.77 -18.11
C ARG A 96 26.22 -25.35 -19.06
N ALA A 97 26.94 -24.28 -18.72
CA ALA A 97 28.01 -23.80 -19.61
C ALA A 97 29.13 -24.83 -19.73
N SER A 98 29.49 -25.49 -18.62
CA SER A 98 30.52 -26.51 -18.69
C SER A 98 30.05 -27.72 -19.49
N ILE A 99 28.77 -28.04 -19.42
CA ILE A 99 28.26 -29.14 -20.23
C ILE A 99 28.37 -28.81 -21.71
N LEU A 100 27.93 -27.61 -22.09
CA LEU A 100 28.02 -27.24 -23.50
C LEU A 100 29.46 -27.22 -24.00
N ALA A 101 30.42 -26.90 -23.14
CA ALA A 101 31.81 -26.93 -23.52
C ALA A 101 32.41 -28.34 -23.48
N ARG A 102 31.60 -29.33 -23.14
CA ARG A 102 32.03 -30.73 -23.02
C ARG A 102 33.17 -30.87 -22.04
N ASP A 103 33.17 -30.06 -20.99
CA ASP A 103 34.12 -30.18 -19.89
C ASP A 103 33.39 -30.95 -18.78
N CYS A 104 33.32 -32.27 -18.95
CA CYS A 104 32.53 -33.07 -18.02
C CYS A 104 33.18 -33.18 -16.66
N ALA A 105 34.50 -33.06 -16.59
CA ALA A 105 35.16 -33.06 -15.28
C ALA A 105 34.72 -31.85 -14.47
N ALA A 106 34.71 -30.68 -15.09
CA ALA A 106 34.29 -29.47 -14.38
C ALA A 106 32.80 -29.52 -14.03
N ALA A 107 31.97 -29.96 -14.99
CA ALA A 107 30.55 -30.08 -14.71
C ALA A 107 30.31 -31.03 -13.54
N ALA A 108 30.99 -32.17 -13.52
CA ALA A 108 30.89 -33.09 -12.41
C ALA A 108 31.37 -32.44 -11.11
N ALA A 109 32.36 -31.56 -11.20
CA ALA A 109 32.81 -30.84 -10.01
C ALA A 109 31.70 -29.95 -9.47
N ILE A 110 30.97 -29.28 -10.36
CA ILE A 110 29.85 -28.45 -9.91
C ILE A 110 28.74 -29.31 -9.33
N VAL A 111 28.48 -30.46 -9.94
CA VAL A 111 27.52 -31.42 -9.41
C VAL A 111 27.91 -31.80 -7.98
N PHE A 112 29.19 -32.10 -7.79
CA PHE A 112 29.72 -32.37 -6.45
C PHE A 112 29.43 -31.22 -5.51
N LEU A 113 29.66 -29.98 -5.98
CA LEU A 113 29.51 -28.83 -5.09
C LEU A 113 28.07 -28.61 -4.67
N VAL A 114 27.11 -28.79 -5.57
CA VAL A 114 25.71 -28.49 -5.25
C VAL A 114 24.96 -29.70 -4.70
N ASP A 115 25.61 -30.85 -4.61
CA ASP A 115 24.93 -32.10 -4.25
C ASP A 115 24.17 -31.98 -2.94
N ARG A 116 24.82 -31.49 -1.88
CA ARG A 116 24.22 -31.44 -0.56
C ARG A 116 23.01 -30.51 -0.52
N PHE A 117 23.18 -29.29 -1.03
CA PHE A 117 22.08 -28.35 -1.07
C PHE A 117 20.91 -28.91 -1.85
N LEU A 118 21.17 -29.58 -2.98
CA LEU A 118 20.08 -30.12 -3.77
C LEU A 118 19.42 -31.31 -3.10
N TYR A 119 20.15 -32.05 -2.27
CA TYR A 119 19.50 -33.06 -1.45
C TYR A 119 18.54 -32.42 -0.45
N GLY A 120 18.92 -31.26 0.09
CA GLY A 120 17.99 -30.53 0.92
C GLY A 120 16.72 -30.11 0.21
N LEU A 121 16.76 -29.98 -1.11
CA LEU A 121 15.62 -29.56 -1.90
C LEU A 121 14.86 -30.73 -2.51
N ASP A 122 15.28 -31.97 -2.20
CA ASP A 122 14.64 -33.17 -2.71
C ASP A 122 14.64 -33.21 -4.24
N VAL A 123 15.79 -32.89 -4.83
CA VAL A 123 15.96 -32.94 -6.29
C VAL A 123 17.22 -33.71 -6.64
N SER A 124 17.65 -34.60 -5.75
CA SER A 124 18.85 -35.38 -6.00
C SER A 124 18.69 -36.32 -7.19
N GLY A 125 17.46 -36.73 -7.49
CA GLY A 125 17.26 -37.63 -8.61
C GLY A 125 17.64 -37.00 -9.94
N LYS A 126 17.17 -35.78 -10.19
CA LYS A 126 17.51 -35.10 -11.43
C LYS A 126 19.01 -34.79 -11.47
N LEU A 127 19.59 -34.39 -10.35
CA LEU A 127 21.03 -34.15 -10.32
C LEU A 127 21.80 -35.42 -10.70
N LEU A 128 21.35 -36.57 -10.19
CA LEU A 128 22.01 -37.82 -10.54
C LEU A 128 21.77 -38.20 -11.98
N GLN A 129 20.65 -37.77 -12.56
CA GLN A 129 20.47 -37.93 -14.00
C GLN A 129 21.50 -37.14 -14.78
N VAL A 130 21.79 -35.92 -14.34
CA VAL A 130 22.84 -35.13 -14.98
C VAL A 130 24.18 -35.84 -14.86
N ALA A 131 24.48 -36.37 -13.67
CA ALA A 131 25.73 -37.09 -13.48
C ALA A 131 25.82 -38.31 -14.42
N LYS A 132 24.71 -39.03 -14.57
CA LYS A 132 24.73 -40.18 -15.48
C LYS A 132 24.97 -39.74 -16.92
N GLY A 133 24.38 -38.63 -17.34
CA GLY A 133 24.65 -38.12 -18.67
C GLY A 133 26.11 -37.74 -18.87
N LEU A 134 26.70 -37.09 -17.86
CA LEU A 134 28.13 -36.79 -17.91
C LEU A 134 28.93 -38.05 -18.12
N HIS A 135 28.62 -39.10 -17.35
CA HIS A 135 29.36 -40.36 -17.51
C HIS A 135 29.12 -40.98 -18.87
N LYS A 136 27.95 -40.77 -19.46
CA LYS A 136 27.69 -41.30 -20.79
C LYS A 136 28.54 -40.60 -21.83
N LEU A 137 28.68 -39.28 -21.73
CA LEU A 137 29.51 -38.56 -22.69
C LEU A 137 30.98 -38.93 -22.54
N GLN A 138 31.53 -38.73 -21.35
CA GLN A 138 32.95 -38.98 -21.10
C GLN A 138 33.08 -39.94 -19.92
N PRO A 139 33.22 -41.24 -20.19
CA PRO A 139 33.18 -42.22 -19.09
C PRO A 139 34.30 -42.09 -18.09
N ALA A 140 35.39 -41.41 -18.42
CA ALA A 140 36.47 -41.25 -17.47
C ALA A 140 36.20 -40.13 -16.46
N THR A 141 35.10 -39.40 -16.62
CA THR A 141 34.80 -38.30 -15.72
C THR A 141 34.69 -38.80 -14.29
N PRO A 142 35.53 -38.31 -13.38
CA PRO A 142 35.45 -38.79 -11.99
C PRO A 142 34.24 -38.21 -11.28
N ILE A 143 33.55 -39.07 -10.54
CA ILE A 143 32.35 -38.71 -9.79
C ILE A 143 32.64 -38.93 -8.32
N ALA A 144 32.36 -37.92 -7.51
CA ALA A 144 32.71 -37.96 -6.10
C ALA A 144 31.96 -39.07 -5.38
N PRO A 145 32.59 -39.74 -4.42
CA PRO A 145 31.88 -40.74 -3.63
C PRO A 145 30.63 -40.19 -2.97
N GLN A 146 30.63 -38.91 -2.60
CA GLN A 146 29.45 -38.31 -1.99
C GLN A 146 28.23 -38.42 -2.90
N VAL A 147 28.42 -38.35 -4.22
CA VAL A 147 27.31 -38.42 -5.16
C VAL A 147 26.80 -39.85 -5.32
N VAL A 148 27.73 -40.82 -5.39
CA VAL A 148 27.37 -42.23 -5.39
C VAL A 148 26.56 -42.57 -4.15
N ILE A 149 27.07 -42.18 -2.98
CA ILE A 149 26.35 -42.36 -1.73
C ILE A 149 25.01 -41.63 -1.76
N ARG A 150 24.92 -40.51 -2.48
CA ARG A 150 23.62 -39.84 -2.59
C ARG A 150 22.62 -40.75 -3.27
N GLN A 151 23.04 -41.43 -4.34
CA GLN A 151 22.18 -42.45 -4.94
C GLN A 151 21.75 -43.49 -3.90
N ALA A 152 22.69 -43.95 -3.09
CA ALA A 152 22.30 -44.88 -2.02
C ALA A 152 21.24 -44.28 -1.11
N ARG A 153 21.38 -43.00 -0.78
CA ARG A 153 20.45 -42.35 0.14
C ARG A 153 19.04 -42.32 -0.43
N ILE A 154 18.88 -41.88 -1.68
CA ILE A 154 17.52 -41.83 -2.20
C ILE A 154 16.96 -43.23 -2.35
N SER A 155 17.81 -44.22 -2.63
CA SER A 155 17.33 -45.59 -2.70
C SER A 155 16.82 -46.08 -1.34
N VAL A 156 17.51 -45.73 -0.26
CA VAL A 156 17.00 -46.09 1.06
C VAL A 156 15.68 -45.37 1.33
N ASN A 157 15.63 -44.07 1.01
CA ASN A 157 14.41 -43.31 1.25
C ASN A 157 13.24 -43.83 0.42
N SER A 158 13.51 -44.52 -0.68
CA SER A 158 12.48 -45.09 -1.54
C SER A 158 12.13 -46.52 -1.17
N GLY A 159 12.83 -47.11 -0.20
CA GLY A 159 12.61 -48.48 0.17
C GLY A 159 13.37 -49.50 -0.66
N LYS A 160 14.23 -49.07 -1.57
CA LYS A 160 15.05 -49.99 -2.37
C LYS A 160 16.31 -50.33 -1.58
N LEU A 161 16.13 -51.17 -0.56
CA LEU A 161 17.19 -51.41 0.40
C LEU A 161 18.33 -52.23 -0.21
N LEU A 162 18.00 -53.27 -0.97
CA LEU A 162 19.07 -54.08 -1.56
C LEU A 162 19.85 -53.29 -2.60
N LYS A 163 19.16 -52.42 -3.34
CA LYS A 163 19.81 -51.58 -4.33
C LYS A 163 20.83 -50.65 -3.67
N ALA A 164 20.39 -49.92 -2.64
CA ALA A 164 21.31 -49.07 -1.90
C ALA A 164 22.44 -49.89 -1.28
N GLU A 165 22.14 -51.09 -0.81
CA GLU A 165 23.14 -51.88 -0.11
C GLU A 165 24.21 -52.42 -1.06
N TYR A 166 23.90 -52.59 -2.33
CA TYR A 166 24.95 -52.95 -3.28
C TYR A 166 25.96 -51.82 -3.41
N ILE A 167 25.47 -50.59 -3.51
CA ILE A 167 26.36 -49.42 -3.57
C ILE A 167 27.20 -49.33 -2.30
N LEU A 168 26.53 -49.32 -1.15
CA LEU A 168 27.24 -49.17 0.12
C LEU A 168 28.25 -50.29 0.32
N SER A 169 27.84 -51.53 0.10
CA SER A 169 28.73 -52.66 0.28
C SER A 169 29.90 -52.64 -0.70
N SER A 170 29.67 -52.15 -1.92
CA SER A 170 30.76 -52.00 -2.86
C SER A 170 31.79 -51.02 -2.33
N LEU A 171 31.34 -49.92 -1.73
CA LEU A 171 32.28 -48.97 -1.15
C LEU A 171 32.97 -49.56 0.08
N ILE A 172 32.22 -50.20 0.96
CA ILE A 172 32.76 -50.68 2.24
C ILE A 172 33.76 -51.81 2.00
N SER A 173 33.36 -52.85 1.27
CA SER A 173 34.20 -54.02 1.09
C SER A 173 35.38 -53.79 0.16
N ASN A 174 35.42 -52.68 -0.58
CA ASN A 174 36.52 -52.42 -1.51
C ASN A 174 37.22 -51.10 -1.21
N ASN A 175 37.33 -50.74 0.07
CA ASN A 175 38.09 -49.57 0.50
C ASN A 175 37.67 -48.29 -0.23
N GLY A 176 36.37 -48.12 -0.42
CA GLY A 176 35.86 -46.90 -0.99
C GLY A 176 36.15 -46.67 -2.45
N ALA A 177 36.56 -47.70 -3.18
CA ALA A 177 36.86 -47.53 -4.60
C ALA A 177 35.58 -47.37 -5.41
N THR A 178 35.57 -46.35 -6.27
CA THR A 178 34.43 -46.08 -7.14
C THR A 178 34.90 -45.38 -8.41
N GLY A 179 34.49 -45.90 -9.55
CA GLY A 179 34.72 -45.23 -10.82
C GLY A 179 36.16 -44.88 -11.07
N THR A 180 36.41 -43.64 -11.48
CA THR A 180 37.76 -43.14 -11.74
C THR A 180 38.19 -42.10 -10.72
N TRP A 181 37.68 -42.20 -9.49
CA TRP A 181 37.99 -41.25 -8.44
C TRP A 181 39.28 -41.65 -7.75
N LEU A 182 40.14 -40.67 -7.48
CA LEU A 182 41.42 -40.92 -6.82
C LEU A 182 41.43 -40.28 -5.45
N TYR A 183 41.79 -41.07 -4.45
CA TYR A 183 41.97 -40.55 -3.09
C TYR A 183 43.39 -40.05 -2.92
N ARG A 184 43.53 -38.90 -2.26
CA ARG A 184 44.85 -38.35 -2.03
C ARG A 184 45.54 -38.98 -0.83
N ASN A 185 44.79 -39.52 0.11
CA ASN A 185 45.34 -40.27 1.23
C ASN A 185 44.43 -41.47 1.49
N GLU A 186 44.92 -42.40 2.31
CA GLU A 186 44.15 -43.60 2.59
C GLU A 186 43.02 -43.35 3.58
N SER A 187 43.09 -42.27 4.35
CA SER A 187 42.08 -42.06 5.38
C SER A 187 40.74 -41.64 4.80
N ASP A 188 40.73 -40.92 3.68
CA ASP A 188 39.47 -40.56 3.06
C ASP A 188 38.67 -41.80 2.66
N LYS A 189 39.35 -42.90 2.35
CA LYS A 189 38.66 -44.16 2.11
C LYS A 189 37.93 -44.63 3.35
N VAL A 190 38.62 -44.59 4.50
CA VAL A 190 37.98 -44.93 5.77
C VAL A 190 36.81 -44.01 6.04
N LEU A 191 36.91 -42.75 5.63
CA LEU A 191 35.81 -41.81 5.82
C LEU A 191 34.58 -42.25 5.02
N VAL A 192 34.78 -42.53 3.72
CA VAL A 192 33.69 -43.02 2.88
C VAL A 192 33.09 -44.30 3.48
N GLN A 193 33.95 -45.19 3.96
CA GLN A 193 33.47 -46.41 4.59
C GLN A 193 32.61 -46.09 5.81
N SER A 194 32.99 -45.06 6.57
CA SER A 194 32.25 -44.73 7.79
C SER A 194 30.88 -44.16 7.48
N VAL A 195 30.78 -43.28 6.48
CA VAL A 195 29.46 -42.81 6.08
C VAL A 195 28.60 -43.98 5.60
N CYS A 196 29.19 -44.89 4.82
CA CYS A 196 28.41 -46.02 4.33
C CYS A 196 27.95 -46.92 5.47
N ILE A 197 28.79 -47.12 6.49
CA ILE A 197 28.40 -47.93 7.63
C ILE A 197 27.28 -47.24 8.42
N GLN A 198 27.38 -45.92 8.57
CA GLN A 198 26.28 -45.17 9.17
C GLN A 198 24.98 -45.40 8.42
N ILE A 199 25.04 -45.38 7.09
CA ILE A 199 23.81 -45.58 6.32
C ILE A 199 23.30 -47.00 6.48
N ARG A 200 24.21 -47.97 6.61
CA ARG A 200 23.78 -49.32 6.97
C ARG A 200 23.02 -49.31 8.28
N GLY A 201 23.52 -48.57 9.27
CA GLY A 201 22.78 -48.42 10.51
C GLY A 201 21.39 -47.87 10.28
N GLN A 202 21.26 -46.89 9.40
CA GLN A 202 19.93 -46.35 9.10
C GLN A 202 19.05 -47.39 8.42
N ILE A 203 19.62 -48.26 7.59
CA ILE A 203 18.84 -49.30 6.95
C ILE A 203 18.30 -50.26 8.00
N LEU A 204 19.15 -50.69 8.93
CA LEU A 204 18.69 -51.59 9.97
C LEU A 204 17.68 -50.90 10.88
N GLN A 205 17.82 -49.59 11.07
CA GLN A 205 16.82 -48.84 11.81
C GLN A 205 15.47 -48.90 11.10
N LYS A 206 15.48 -48.70 9.77
CA LYS A 206 14.25 -48.80 9.00
C LYS A 206 13.63 -50.18 9.11
N LEU A 207 14.43 -51.21 9.37
CA LEU A 207 13.92 -52.56 9.53
C LEU A 207 13.62 -52.92 10.98
N GLY A 208 13.79 -52.01 11.92
CA GLY A 208 13.49 -52.31 13.30
C GLY A 208 14.43 -53.25 13.99
N MET A 209 15.59 -53.55 13.40
CA MET A 209 16.59 -54.38 14.08
C MET A 209 17.45 -53.45 14.92
N TRP A 210 16.89 -53.07 16.08
CA TRP A 210 17.44 -51.95 16.83
C TRP A 210 18.84 -52.24 17.36
N TYR A 211 19.06 -53.44 17.89
CA TYR A 211 20.35 -53.77 18.46
C TYR A 211 21.46 -53.69 17.41
N GLU A 212 21.28 -54.39 16.29
CA GLU A 212 22.30 -54.38 15.25
C GLU A 212 22.48 -52.99 14.64
N ALA A 213 21.39 -52.24 14.52
CA ALA A 213 21.49 -50.88 14.02
C ALA A 213 22.38 -50.04 14.95
N ALA A 214 22.15 -50.15 16.26
CA ALA A 214 22.99 -49.44 17.21
C ALA A 214 24.45 -49.87 17.09
N GLU A 215 24.68 -51.16 16.86
CA GLU A 215 26.06 -51.64 16.69
C GLU A 215 26.72 -51.02 15.47
N LEU A 216 26.00 -50.95 14.36
CA LEU A 216 26.57 -50.32 13.16
C LEU A 216 26.83 -48.84 13.38
N ILE A 217 25.92 -48.16 14.08
CA ILE A 217 26.13 -46.73 14.33
C ILE A 217 27.37 -46.54 15.19
N TRP A 218 27.56 -47.41 16.19
CA TRP A 218 28.78 -47.36 16.99
C TRP A 218 30.01 -47.57 16.12
N ALA A 219 29.96 -48.51 15.19
CA ALA A 219 31.08 -48.71 14.26
C ALA A 219 31.36 -47.45 13.47
N SER A 220 30.32 -46.75 13.00
CA SER A 220 30.55 -45.52 12.25
C SER A 220 31.20 -44.47 13.13
N ILE A 221 30.85 -44.44 14.42
CA ILE A 221 31.47 -43.50 15.34
C ILE A 221 32.96 -43.81 15.47
N VAL A 222 33.29 -45.09 15.66
CA VAL A 222 34.70 -45.49 15.70
C VAL A 222 35.44 -45.04 14.44
N GLY A 223 34.82 -45.25 13.28
CA GLY A 223 35.47 -44.85 12.04
C GLY A 223 35.69 -43.35 11.96
N TYR A 224 34.72 -42.56 12.41
CA TYR A 224 34.90 -41.12 12.42
C TYR A 224 36.04 -40.73 13.32
N LEU A 225 36.20 -41.43 14.45
CA LEU A 225 37.31 -41.13 15.34
C LEU A 225 38.64 -41.62 14.79
N ALA A 226 38.62 -42.58 13.86
CA ALA A 226 39.85 -43.12 13.29
C ALA A 226 40.46 -42.22 12.23
N LEU A 227 39.89 -41.07 11.97
CA LEU A 227 40.48 -40.25 10.92
C LEU A 227 41.56 -39.34 11.49
N PRO A 228 42.54 -38.95 10.67
CA PRO A 228 43.55 -38.00 11.15
C PRO A 228 42.95 -36.77 11.79
N GLN A 229 41.94 -36.19 11.14
CA GLN A 229 41.10 -35.19 11.78
C GLN A 229 39.71 -35.80 11.95
N PRO A 230 39.28 -36.11 13.16
CA PRO A 230 37.98 -36.76 13.34
C PRO A 230 36.85 -35.94 12.75
N ASP A 231 35.84 -36.63 12.22
CA ASP A 231 34.70 -36.01 11.56
C ASP A 231 33.66 -35.64 12.62
N LYS A 232 33.66 -34.37 13.03
CA LYS A 232 32.69 -33.93 14.03
C LYS A 232 31.28 -33.94 13.48
N LYS A 233 31.11 -33.63 12.20
CA LYS A 233 29.78 -33.67 11.60
C LYS A 233 29.21 -35.09 11.61
N GLY A 234 29.99 -36.07 11.16
CA GLY A 234 29.53 -37.44 11.20
C GLY A 234 29.26 -37.94 12.60
N LEU A 235 30.10 -37.54 13.57
CA LEU A 235 29.85 -37.92 14.95
C LEU A 235 28.53 -37.36 15.45
N SER A 236 28.24 -36.10 15.11
CA SER A 236 26.95 -35.52 15.48
C SER A 236 25.81 -36.31 14.87
N THR A 237 25.90 -36.61 13.57
CA THR A 237 24.85 -37.36 12.89
C THR A 237 24.63 -38.72 13.54
N SER A 238 25.70 -39.47 13.72
CA SER A 238 25.60 -40.80 14.31
C SER A 238 25.09 -40.76 15.73
N LEU A 239 25.44 -39.72 16.48
CA LEU A 239 24.90 -39.61 17.84
C LEU A 239 23.40 -39.38 17.81
N GLY A 240 22.92 -38.58 16.87
CA GLY A 240 21.47 -38.41 16.74
C GLY A 240 20.77 -39.69 16.34
N ILE A 241 21.30 -40.38 15.34
CA ILE A 241 20.69 -41.64 14.92
C ILE A 241 20.69 -42.64 16.06
N LEU A 242 21.80 -42.71 16.79
CA LEU A 242 21.88 -43.60 17.95
C LEU A 242 20.85 -43.23 18.99
N ALA A 243 20.59 -41.93 19.16
CA ALA A 243 19.56 -41.50 20.10
C ALA A 243 18.19 -42.02 19.67
N ASP A 244 17.83 -41.83 18.40
CA ASP A 244 16.54 -42.33 17.93
C ASP A 244 16.45 -43.85 18.11
N ILE A 245 17.54 -44.57 17.82
CA ILE A 245 17.52 -46.02 18.02
C ILE A 245 17.32 -46.36 19.49
N PHE A 246 17.99 -45.64 20.38
CA PHE A 246 17.80 -45.87 21.80
C PHE A 246 16.35 -45.65 22.20
N VAL A 247 15.70 -44.64 21.63
CA VAL A 247 14.28 -44.43 21.92
C VAL A 247 13.44 -45.59 21.42
N SER A 248 13.73 -46.08 20.21
CA SER A 248 12.92 -47.17 19.67
C SER A 248 13.20 -48.50 20.35
N MET A 249 14.35 -48.64 21.01
CA MET A 249 14.69 -49.92 21.61
C MET A 249 13.76 -50.24 22.77
N SER A 250 13.59 -51.53 23.02
CA SER A 250 13.02 -51.94 24.28
C SER A 250 14.08 -51.89 25.37
N LYS A 251 13.63 -52.09 26.61
CA LYS A 251 14.57 -52.07 27.72
C LYS A 251 15.52 -53.26 27.66
N ASN A 252 15.06 -54.38 27.10
CA ASN A 252 15.94 -55.53 26.94
C ASN A 252 16.93 -55.32 25.81
N ASP A 253 16.51 -54.64 24.74
CA ASP A 253 17.46 -54.22 23.72
C ASP A 253 18.55 -53.34 24.32
N TYR A 254 18.14 -52.32 25.09
CA TYR A 254 19.13 -51.41 25.65
C TYR A 254 20.02 -52.11 26.66
N GLU A 255 19.46 -53.06 27.42
CA GLU A 255 20.28 -53.79 28.39
C GLU A 255 21.29 -54.67 27.67
N LYS A 256 20.87 -55.33 26.60
CA LYS A 256 21.79 -56.17 25.84
C LYS A 256 22.90 -55.33 25.22
N PHE A 257 22.56 -54.15 24.71
CA PHE A 257 23.56 -53.27 24.12
C PHE A 257 24.51 -52.73 25.19
N LYS A 258 23.97 -52.41 26.36
CA LYS A 258 24.76 -51.80 27.42
C LYS A 258 25.75 -52.79 28.02
N ASN A 259 25.39 -54.06 28.09
CA ASN A 259 26.23 -55.09 28.68
C ASN A 259 27.26 -55.67 27.71
N ASN A 260 27.42 -55.07 26.52
CA ASN A 260 28.43 -55.52 25.58
C ASN A 260 29.72 -54.73 25.83
N PRO A 261 30.77 -55.36 26.35
CA PRO A 261 31.96 -54.58 26.76
C PRO A 261 32.77 -54.03 25.60
N GLN A 262 32.57 -54.52 24.38
CA GLN A 262 33.33 -54.00 23.24
C GLN A 262 32.98 -52.55 22.92
N ILE A 263 31.87 -52.06 23.44
CA ILE A 263 31.35 -50.73 23.10
C ILE A 263 31.76 -49.79 24.22
N ASN A 264 32.80 -48.98 23.97
CA ASN A 264 33.38 -48.13 24.99
C ASN A 264 32.75 -46.73 24.95
N LEU A 265 31.43 -46.70 25.11
CA LEU A 265 30.69 -45.45 25.16
C LEU A 265 30.47 -45.05 26.61
N SER A 266 30.89 -43.82 26.96
CA SER A 266 30.68 -43.36 28.31
C SER A 266 29.20 -43.30 28.67
N LEU A 267 28.37 -42.78 27.76
CA LEU A 267 26.93 -42.71 28.03
C LEU A 267 26.31 -44.08 28.20
N LEU A 268 26.91 -45.12 27.63
CA LEU A 268 26.34 -46.46 27.76
C LEU A 268 26.53 -47.01 29.17
N LYS A 269 27.58 -46.60 29.85
CA LYS A 269 27.88 -47.11 31.18
C LYS A 269 27.52 -46.11 32.27
N GLU A 270 27.22 -44.86 31.92
CA GLU A 270 26.87 -43.84 32.89
C GLU A 270 25.38 -43.77 33.14
N PHE A 271 24.56 -44.22 32.21
CA PHE A 271 23.11 -44.16 32.33
C PHE A 271 22.53 -45.56 32.20
N ASP A 272 21.47 -45.82 32.95
CA ASP A 272 20.85 -47.14 32.95
C ASP A 272 19.51 -47.17 32.24
N HIS A 273 18.94 -46.01 31.90
CA HIS A 273 17.68 -45.94 31.19
C HIS A 273 17.93 -45.46 29.77
N HIS A 274 17.27 -46.12 28.82
CA HIS A 274 17.56 -45.84 27.41
C HIS A 274 17.17 -44.41 27.03
N LEU A 275 16.16 -43.85 27.68
CA LEU A 275 15.80 -42.46 27.39
C LEU A 275 16.84 -41.49 27.89
N LEU A 276 17.51 -41.81 29.00
CA LEU A 276 18.55 -40.91 29.50
C LEU A 276 19.81 -41.02 28.64
N SER A 277 20.19 -42.24 28.25
CA SER A 277 21.28 -42.38 27.29
C SER A 277 20.98 -41.62 26.01
N ALA A 278 19.74 -41.71 25.52
CA ALA A 278 19.36 -40.96 24.33
C ALA A 278 19.48 -39.46 24.56
N ALA A 279 19.03 -38.97 25.71
CA ALA A 279 19.12 -37.54 25.99
C ALA A 279 20.56 -37.07 26.02
N GLU A 280 21.46 -37.85 26.62
CA GLU A 280 22.87 -37.50 26.65
C GLU A 280 23.48 -37.52 25.25
N ALA A 281 23.15 -38.55 24.47
CA ALA A 281 23.66 -38.62 23.10
C ALA A 281 23.21 -37.41 22.29
N CYS A 282 21.99 -36.93 22.52
CA CYS A 282 21.55 -35.71 21.84
C CYS A 282 22.31 -34.49 22.32
N LYS A 283 22.59 -34.41 23.62
CA LYS A 283 23.40 -33.30 24.10
C LYS A 283 24.75 -33.26 23.41
N LEU A 284 25.42 -34.40 23.31
CA LEU A 284 26.70 -34.47 22.63
C LEU A 284 26.55 -34.12 21.15
N ALA A 285 25.52 -34.64 20.50
CA ALA A 285 25.30 -34.36 19.09
C ALA A 285 25.11 -32.87 18.84
N ALA A 286 24.35 -32.19 19.70
CA ALA A 286 24.19 -30.75 19.56
C ALA A 286 25.48 -30.01 19.83
N ALA A 287 26.29 -30.50 20.77
CA ALA A 287 27.57 -29.86 21.05
C ALA A 287 28.50 -29.96 19.84
N PHE A 288 28.48 -31.10 19.16
CA PHE A 288 29.43 -31.34 18.08
C PHE A 288 29.07 -30.59 16.80
N SER A 289 27.86 -30.04 16.71
CA SER A 289 27.45 -29.20 15.58
C SER A 289 26.96 -27.85 16.07
N ALA A 290 27.70 -27.26 17.01
CA ALA A 290 27.26 -26.04 17.69
C ALA A 290 27.13 -24.85 16.76
N TYR A 291 27.66 -24.91 15.54
CA TYR A 291 27.61 -23.79 14.61
C TYR A 291 26.63 -24.01 13.47
N THR A 292 25.93 -25.15 13.45
CA THR A 292 24.86 -25.41 12.49
C THR A 292 23.54 -25.49 13.25
N PRO A 293 22.73 -24.42 13.25
CA PRO A 293 21.59 -24.36 14.18
C PRO A 293 20.53 -25.42 13.93
N LEU A 294 20.35 -25.87 12.70
CA LEU A 294 19.31 -26.85 12.41
C LEU A 294 19.55 -28.14 13.19
N PHE A 295 20.77 -28.67 13.09
CA PHE A 295 21.05 -29.95 13.74
C PHE A 295 21.08 -29.80 15.25
N VAL A 296 21.47 -28.63 15.74
CA VAL A 296 21.35 -28.36 17.17
C VAL A 296 19.89 -28.42 17.58
N LEU A 297 19.00 -27.84 16.77
CA LEU A 297 17.57 -27.81 17.06
C LEU A 297 16.96 -29.21 17.05
N THR A 298 17.30 -30.03 16.06
CA THR A 298 16.77 -31.40 16.02
C THR A 298 17.27 -32.19 17.21
N ALA A 299 18.56 -32.09 17.51
CA ALA A 299 19.12 -32.84 18.63
C ALA A 299 18.47 -32.45 19.94
N VAL A 300 18.33 -31.14 20.20
CA VAL A 300 17.75 -30.73 21.47
C VAL A 300 16.26 -31.02 21.50
N ASN A 301 15.60 -31.08 20.34
CA ASN A 301 14.20 -31.51 20.33
C ASN A 301 14.09 -32.94 20.81
N ILE A 302 14.91 -33.83 20.27
CA ILE A 302 14.86 -35.22 20.72
C ILE A 302 15.23 -35.33 22.20
N ARG A 303 16.20 -34.53 22.63
CA ARG A 303 16.58 -34.54 24.04
C ARG A 303 15.42 -34.14 24.93
N GLY A 304 14.76 -33.02 24.61
CA GLY A 304 13.63 -32.58 25.40
C GLY A 304 12.50 -33.59 25.42
N THR A 305 12.26 -34.25 24.29
CA THR A 305 11.25 -35.30 24.26
C THR A 305 11.62 -36.44 25.19
N CYS A 306 12.89 -36.86 25.18
CA CYS A 306 13.31 -37.94 26.06
C CYS A 306 13.16 -37.56 27.53
N LEU A 307 13.58 -36.35 27.89
CA LEU A 307 13.50 -35.94 29.27
C LEU A 307 12.05 -35.75 29.71
N LEU A 308 11.19 -35.25 28.81
CA LEU A 308 9.77 -35.17 29.10
C LEU A 308 9.18 -36.55 29.36
N SER A 309 9.52 -37.51 28.50
CA SER A 309 8.96 -38.85 28.63
C SER A 309 9.48 -39.54 29.88
N TYR A 310 10.76 -39.34 30.23
CA TYR A 310 11.31 -39.99 31.41
C TYR A 310 10.79 -39.35 32.69
N SER A 311 10.59 -38.03 32.67
CA SER A 311 10.13 -37.33 33.86
C SER A 311 8.76 -37.83 34.30
N SER A 312 7.89 -38.15 33.34
CA SER A 312 6.58 -38.69 33.66
C SER A 312 6.60 -40.19 33.92
N SER A 313 7.73 -40.85 33.71
CA SER A 313 7.79 -42.29 33.88
C SER A 313 7.81 -42.67 35.35
N ASN A 314 7.40 -43.89 35.63
CA ASN A 314 7.50 -44.44 36.96
C ASN A 314 8.93 -44.85 37.31
N ASP A 315 9.81 -44.91 36.32
CA ASP A 315 11.22 -45.19 36.56
C ASP A 315 11.99 -43.99 37.08
N CYS A 316 11.39 -42.80 37.07
CA CYS A 316 12.07 -41.59 37.51
C CYS A 316 11.84 -41.39 39.00
N PRO A 317 12.89 -41.31 39.81
CA PRO A 317 12.70 -41.00 41.23
C PRO A 317 12.11 -39.61 41.41
N PRO A 318 11.18 -39.45 42.34
CA PRO A 318 10.49 -38.15 42.47
C PRO A 318 11.42 -37.00 42.80
N GLU A 319 12.61 -37.28 43.34
CA GLU A 319 13.54 -36.20 43.65
C GLU A 319 14.08 -35.56 42.38
N LEU A 320 14.20 -36.34 41.31
CA LEU A 320 14.81 -35.87 40.07
C LEU A 320 13.79 -35.44 39.04
N LYS A 321 12.50 -35.65 39.27
CA LYS A 321 11.48 -35.29 38.30
C LYS A 321 11.61 -33.83 37.88
N ASN A 322 11.74 -32.94 38.87
CA ASN A 322 11.85 -31.53 38.55
C ASN A 322 13.15 -31.22 37.83
N LEU A 323 14.25 -31.89 38.21
CA LEU A 323 15.53 -31.66 37.54
C LEU A 323 15.45 -32.02 36.07
N HIS A 324 14.87 -33.19 35.76
CA HIS A 324 14.78 -33.62 34.38
C HIS A 324 13.79 -32.77 33.60
N LEU A 325 12.71 -32.31 34.24
CA LEU A 325 11.81 -31.38 33.58
C LEU A 325 12.51 -30.06 33.27
N CYS A 326 13.39 -29.62 34.16
CA CYS A 326 14.16 -28.41 33.90
C CYS A 326 15.16 -28.64 32.78
N GLU A 327 15.73 -29.84 32.70
CA GLU A 327 16.63 -30.16 31.60
C GLU A 327 15.90 -30.14 30.26
N ALA A 328 14.69 -30.71 30.22
CA ALA A 328 13.90 -30.64 29.01
C ALA A 328 13.57 -29.20 28.65
N LYS A 329 13.20 -28.40 29.66
CA LYS A 329 12.94 -26.98 29.44
C LYS A 329 14.14 -26.30 28.81
N GLU A 330 15.34 -26.55 29.36
CA GLU A 330 16.54 -25.98 28.77
C GLU A 330 16.71 -26.42 27.33
N ALA A 331 16.49 -27.70 27.05
CA ALA A 331 16.66 -28.21 25.68
C ALA A 331 15.76 -27.47 24.70
N PHE A 332 14.45 -27.44 24.98
CA PHE A 332 13.54 -26.75 24.08
C PHE A 332 13.86 -25.26 23.97
N GLU A 333 14.32 -24.65 25.06
CA GLU A 333 14.71 -23.25 25.00
C GLU A 333 15.86 -23.05 24.02
N ILE A 334 16.87 -23.92 24.09
CA ILE A 334 17.99 -23.86 23.14
C ILE A 334 17.47 -23.98 21.71
N GLY A 335 16.58 -24.95 21.49
CA GLY A 335 16.01 -25.11 20.16
C GLY A 335 15.36 -23.85 19.64
N LEU A 336 14.53 -23.22 20.47
CA LEU A 336 13.88 -21.98 20.05
C LEU A 336 14.88 -20.85 19.88
N LEU A 337 15.98 -20.88 20.62
CA LEU A 337 17.00 -19.84 20.50
C LEU A 337 17.90 -20.03 19.30
N THR A 338 17.80 -21.16 18.59
CA THR A 338 18.60 -21.34 17.38
C THR A 338 18.33 -20.27 16.32
N LYS A 339 17.16 -19.61 16.36
CA LYS A 339 16.84 -18.57 15.39
C LYS A 339 16.83 -17.23 16.11
N ARG A 340 17.69 -16.31 15.70
CA ARG A 340 17.86 -15.02 16.37
C ARG A 340 17.39 -13.87 15.52
N ASP A 341 16.76 -12.89 16.15
CA ASP A 341 16.12 -11.71 15.52
C ASP A 341 15.09 -12.25 14.54
N ASP A 342 15.08 -11.75 13.32
CA ASP A 342 14.11 -12.29 12.38
C ASP A 342 14.66 -12.69 11.02
N GLU A 343 15.48 -13.73 10.98
CA GLU A 343 15.94 -14.14 9.66
C GLU A 343 15.02 -15.24 9.11
N PRO A 344 14.75 -15.19 7.81
CA PRO A 344 13.84 -16.18 7.20
C PRO A 344 14.26 -17.61 7.53
N VAL A 345 13.27 -18.51 7.54
CA VAL A 345 13.49 -19.92 7.79
C VAL A 345 12.96 -20.67 6.57
N THR A 346 13.85 -21.39 5.90
CA THR A 346 13.51 -22.17 4.72
C THR A 346 13.52 -23.66 5.06
N GLY A 347 12.63 -24.40 4.40
CA GLY A 347 12.56 -25.84 4.59
C GLY A 347 11.52 -26.30 5.58
N LYS A 348 10.72 -27.29 5.16
CA LYS A 348 9.66 -27.81 6.01
C LYS A 348 10.23 -28.46 7.26
N GLN A 349 11.43 -29.04 7.19
CA GLN A 349 12.00 -29.72 8.34
C GLN A 349 12.35 -28.73 9.45
N GLU A 350 12.99 -27.62 9.10
CA GLU A 350 13.38 -26.64 10.11
C GLU A 350 12.15 -26.03 10.76
N LEU A 351 11.17 -25.65 9.96
CA LEU A 351 9.93 -25.10 10.48
C LEU A 351 9.24 -26.10 11.40
N HIS A 352 9.09 -27.33 10.94
CA HIS A 352 8.46 -28.38 11.74
C HIS A 352 9.19 -28.57 13.05
N SER A 353 10.52 -28.45 13.03
CA SER A 353 11.31 -28.58 14.24
C SER A 353 11.06 -27.43 15.20
N PHE A 354 10.86 -26.22 14.67
CA PHE A 354 10.55 -25.09 15.53
C PHE A 354 9.20 -25.27 16.22
N VAL A 355 8.17 -25.65 15.46
CA VAL A 355 6.89 -25.91 16.09
C VAL A 355 7.01 -27.05 17.10
N LYS A 356 7.83 -28.05 16.79
CA LYS A 356 8.05 -29.14 17.73
C LYS A 356 8.66 -28.62 19.02
N ALA A 357 9.59 -27.68 18.92
CA ALA A 357 10.19 -27.09 20.11
C ALA A 357 9.16 -26.31 20.91
N ALA A 358 8.26 -25.59 20.22
CA ALA A 358 7.23 -24.84 20.92
C ALA A 358 6.30 -25.79 21.69
N PHE A 359 5.80 -26.83 21.03
CA PHE A 359 4.96 -27.81 21.70
C PHE A 359 5.69 -28.44 22.88
N GLY A 360 6.98 -28.70 22.73
CA GLY A 360 7.72 -29.30 23.82
C GLY A 360 7.82 -28.39 25.03
N LEU A 361 8.16 -27.12 24.80
CA LEU A 361 8.28 -26.19 25.91
C LEU A 361 6.94 -25.96 26.59
N THR A 362 5.87 -25.80 25.81
CA THR A 362 4.54 -25.65 26.40
C THR A 362 4.17 -26.87 27.23
N THR A 363 4.47 -28.07 26.73
CA THR A 363 4.15 -29.27 27.48
C THR A 363 4.94 -29.30 28.79
N VAL A 364 6.21 -28.91 28.74
CA VAL A 364 7.03 -28.91 29.95
C VAL A 364 6.47 -27.94 30.96
N HIS A 365 6.07 -26.75 30.50
CA HIS A 365 5.47 -25.77 31.40
C HIS A 365 4.17 -26.29 32.00
N ARG A 366 3.38 -27.01 31.20
CA ARG A 366 2.19 -27.65 31.72
C ARG A 366 2.54 -28.68 32.79
N ARG A 367 3.68 -29.35 32.65
CA ARG A 367 4.08 -30.33 33.65
C ARG A 367 4.59 -29.66 34.91
N LEU A 368 5.12 -28.44 34.80
CA LEU A 368 5.68 -27.75 35.96
C LEU A 368 4.67 -26.88 36.68
N HIS A 369 3.78 -26.21 35.96
CA HIS A 369 2.87 -25.24 36.57
C HIS A 369 1.40 -25.56 36.28
N GLY A 370 1.10 -26.80 35.89
CA GLY A 370 -0.26 -27.16 35.59
C GLY A 370 -0.89 -26.27 34.52
N GLU A 371 -2.22 -26.32 34.46
CA GLU A 371 -2.98 -25.61 33.43
C GLU A 371 -3.15 -24.15 33.82
N THR A 372 -2.05 -23.40 33.72
CA THR A 372 -2.12 -21.97 33.95
C THR A 372 -2.69 -21.26 32.73
N GLY A 373 -2.80 -19.95 32.82
CA GLY A 373 -3.27 -19.17 31.68
C GLY A 373 -2.22 -19.08 30.59
N THR A 374 -0.96 -18.91 30.97
CA THR A 374 0.10 -18.81 29.97
C THR A 374 0.30 -20.14 29.23
N VAL A 375 -0.03 -21.25 29.88
CA VAL A 375 -0.01 -22.54 29.19
C VAL A 375 -1.13 -22.61 28.16
N HIS A 376 -2.28 -22.01 28.47
CA HIS A 376 -3.38 -21.99 27.51
C HIS A 376 -3.06 -21.08 26.33
N ALA A 377 -2.53 -19.88 26.60
CA ALA A 377 -2.15 -18.98 25.51
C ALA A 377 -1.07 -19.58 24.66
N ALA A 378 -0.02 -20.12 25.30
CA ALA A 378 1.04 -20.77 24.54
C ALA A 378 0.54 -21.96 23.76
N SER A 379 -0.44 -22.69 24.31
CA SER A 379 -1.04 -23.81 23.58
C SER A 379 -1.79 -23.32 22.35
N GLN A 380 -2.55 -22.24 22.49
CA GLN A 380 -3.25 -21.68 21.33
C GLN A 380 -2.27 -21.25 20.27
N LEU A 381 -1.21 -20.55 20.67
CA LEU A 381 -0.17 -20.16 19.73
C LEU A 381 0.46 -21.37 19.06
N CYS A 382 0.63 -22.45 19.82
CA CYS A 382 1.20 -23.68 19.25
C CYS A 382 0.28 -24.26 18.18
N LYS A 383 -1.02 -24.32 18.48
CA LYS A 383 -1.95 -24.88 17.50
C LYS A 383 -2.04 -24.00 16.26
N GLU A 384 -2.00 -22.68 16.44
CA GLU A 384 -1.94 -21.79 15.28
C GLU A 384 -0.71 -22.08 14.44
N ALA A 385 0.45 -22.16 15.08
CA ALA A 385 1.68 -22.43 14.35
C ALA A 385 1.62 -23.77 13.64
N MET A 386 0.96 -24.75 14.23
CA MET A 386 0.81 -26.04 13.56
C MET A 386 -0.08 -25.92 12.33
N GLY A 387 -1.18 -25.17 12.45
CA GLY A 387 -2.05 -24.95 11.31
C GLY A 387 -1.32 -24.30 10.15
N LYS A 388 -0.66 -23.17 10.42
CA LYS A 388 0.10 -22.52 9.36
C LYS A 388 1.23 -23.41 8.87
N LEU A 389 1.76 -24.28 9.72
CA LEU A 389 2.83 -25.18 9.31
C LEU A 389 2.33 -26.20 8.31
N TYR A 390 1.19 -26.85 8.60
CA TYR A 390 0.66 -27.82 7.66
C TYR A 390 0.14 -27.16 6.39
N ASN A 391 -0.39 -25.95 6.51
CA ASN A 391 -0.72 -25.17 5.31
C ASN A 391 0.52 -24.91 4.48
N PHE A 392 1.63 -24.59 5.12
CA PHE A 392 2.90 -24.42 4.43
C PHE A 392 3.32 -25.71 3.73
N SER A 393 3.25 -26.83 4.44
CA SER A 393 3.70 -28.10 3.90
C SER A 393 2.85 -28.51 2.70
N THR A 394 1.57 -28.18 2.72
CA THR A 394 0.67 -28.55 1.64
C THR A 394 0.64 -27.53 0.52
N SER A 395 1.06 -26.30 0.76
CA SER A 395 1.01 -25.28 -0.27
C SER A 395 2.07 -25.52 -1.34
N SER A 396 1.74 -25.15 -2.57
CA SER A 396 2.66 -25.25 -3.69
C SER A 396 3.06 -23.89 -4.24
N ARG A 397 2.49 -22.80 -3.73
CA ARG A 397 2.81 -21.45 -4.16
C ARG A 397 3.93 -20.89 -3.31
N SER A 398 5.04 -20.50 -3.96
CA SER A 398 6.23 -20.09 -3.23
C SER A 398 5.95 -18.91 -2.31
N GLN A 399 5.15 -17.95 -2.78
CA GLN A 399 4.87 -16.77 -1.97
C GLN A 399 4.06 -17.15 -0.72
N ASP A 400 3.08 -18.04 -0.85
CA ASP A 400 2.37 -18.53 0.32
C ASP A 400 3.30 -19.24 1.28
N ARG A 401 4.31 -19.94 0.76
CA ARG A 401 5.25 -20.63 1.65
C ARG A 401 6.14 -19.63 2.39
N GLU A 402 6.58 -18.57 1.72
CA GLU A 402 7.32 -17.52 2.38
C GLU A 402 6.47 -16.86 3.47
N ALA A 403 5.23 -16.50 3.12
CA ALA A 403 4.37 -15.82 4.07
C ALA A 403 4.07 -16.70 5.27
N LEU A 404 3.66 -17.95 5.02
CA LEU A 404 3.35 -18.85 6.13
C LEU A 404 4.58 -19.15 6.98
N SER A 405 5.77 -19.19 6.36
CA SER A 405 6.98 -19.37 7.13
C SER A 405 7.22 -18.17 8.04
N GLN A 406 7.11 -16.96 7.50
CA GLN A 406 7.29 -15.76 8.32
C GLN A 406 6.26 -15.68 9.44
N GLU A 407 5.01 -16.02 9.14
CA GLU A 407 3.97 -15.98 10.17
C GLU A 407 4.23 -17.03 11.23
N VAL A 408 4.62 -18.24 10.82
CA VAL A 408 4.87 -19.30 11.78
C VAL A 408 6.02 -18.92 12.69
N MET A 409 7.06 -18.29 12.14
CA MET A 409 8.17 -17.86 12.97
C MET A 409 7.76 -16.70 13.87
N SER A 410 6.85 -15.84 13.42
CA SER A 410 6.33 -14.80 14.29
C SER A 410 5.59 -15.41 15.47
N VAL A 411 4.79 -16.44 15.20
CA VAL A 411 4.11 -17.13 16.29
C VAL A 411 5.14 -17.73 17.24
N ILE A 412 6.16 -18.38 16.68
CA ILE A 412 7.23 -18.98 17.49
C ILE A 412 7.83 -17.92 18.42
N ALA A 413 8.15 -16.75 17.86
CA ALA A 413 8.66 -15.66 18.68
C ALA A 413 7.66 -15.27 19.76
N GLN A 414 6.37 -15.34 19.47
CA GLN A 414 5.37 -14.99 20.47
C GLN A 414 5.32 -16.01 21.60
N VAL A 415 5.44 -17.30 21.29
CA VAL A 415 5.55 -18.29 22.37
C VAL A 415 6.84 -18.08 23.14
N LYS A 416 7.90 -17.64 22.45
CA LYS A 416 9.15 -17.35 23.15
C LYS A 416 8.95 -16.22 24.15
N GLU A 417 8.17 -15.20 23.79
CA GLU A 417 7.93 -14.10 24.70
C GLU A 417 7.00 -14.50 25.85
N HIS A 418 5.91 -15.20 25.52
CA HIS A 418 4.93 -15.57 26.52
C HIS A 418 5.49 -16.58 27.52
N LEU A 419 6.58 -17.25 27.20
CA LEU A 419 7.14 -18.27 28.06
C LEU A 419 8.46 -17.87 28.67
N GLN A 420 8.93 -16.65 28.40
CA GLN A 420 10.16 -16.11 28.99
C GLN A 420 11.34 -17.04 28.77
N VAL A 421 11.74 -17.16 27.52
CA VAL A 421 12.99 -17.82 27.18
C VAL A 421 14.07 -16.78 27.12
N GLN A 422 15.09 -16.93 27.97
CA GLN A 422 16.15 -15.96 28.09
C GLN A 422 17.42 -16.52 27.47
N SER A 423 18.11 -15.67 26.72
CA SER A 423 19.33 -16.10 26.05
C SER A 423 20.34 -16.64 27.05
N PHE A 424 21.05 -17.69 26.66
CA PHE A 424 22.07 -18.27 27.52
C PHE A 424 23.39 -17.54 27.35
N SER A 425 24.26 -17.71 28.34
CA SER A 425 25.57 -17.07 28.34
C SER A 425 26.60 -18.00 27.71
N ASN A 426 27.34 -17.48 26.73
CA ASN A 426 28.44 -18.22 26.14
C ASN A 426 29.50 -17.24 25.64
N VAL A 427 30.75 -17.54 25.95
CA VAL A 427 31.86 -16.72 25.50
C VAL A 427 32.08 -16.83 24.01
N ASP A 428 31.36 -17.72 23.34
CA ASP A 428 31.43 -17.95 21.91
C ASP A 428 30.09 -17.53 21.34
N ASP A 429 30.02 -16.28 20.88
CA ASP A 429 28.75 -15.73 20.40
C ASP A 429 28.28 -16.40 19.12
N ARG A 430 29.15 -17.14 18.43
CA ARG A 430 28.78 -17.88 17.25
C ARG A 430 28.23 -19.25 17.55
N SER A 431 28.33 -19.71 18.79
CA SER A 431 27.85 -21.03 19.17
C SER A 431 26.37 -20.98 19.51
N TYR A 432 25.66 -22.05 19.16
CA TYR A 432 24.23 -22.16 19.43
C TYR A 432 23.92 -23.06 20.62
N VAL A 433 24.92 -23.41 21.42
CA VAL A 433 24.70 -24.25 22.59
C VAL A 433 25.26 -23.55 23.82
N PRO A 434 24.73 -23.82 25.01
CA PRO A 434 25.33 -23.25 26.22
C PRO A 434 26.68 -23.87 26.49
N GLU A 435 27.45 -23.19 27.33
CA GLU A 435 28.77 -23.70 27.69
C GLU A 435 28.68 -25.05 28.37
N SER A 436 27.56 -25.32 29.04
CA SER A 436 27.35 -26.63 29.65
C SER A 436 27.46 -27.75 28.63
N PHE A 437 27.12 -27.48 27.37
CA PHE A 437 27.22 -28.47 26.30
C PHE A 437 28.66 -28.49 25.80
N GLU A 438 29.53 -29.09 26.60
CA GLU A 438 30.95 -29.11 26.29
C GLU A 438 31.23 -30.02 25.09
N CYS A 439 31.94 -29.49 24.11
CA CYS A 439 32.32 -30.26 22.92
C CYS A 439 33.63 -30.99 23.23
N ARG A 440 33.51 -32.12 23.90
CA ARG A 440 34.66 -32.93 24.27
C ARG A 440 34.49 -34.31 23.64
N LEU A 441 35.38 -34.64 22.71
CA LEU A 441 35.33 -35.96 22.08
C LEU A 441 35.92 -37.03 22.98
N ASP A 442 36.76 -36.66 23.95
CA ASP A 442 37.38 -37.66 24.80
C ASP A 442 36.38 -38.24 25.80
N LYS A 443 35.38 -37.48 26.19
CA LYS A 443 34.40 -38.00 27.13
C LYS A 443 33.47 -39.03 26.49
N LEU A 444 33.43 -39.11 25.16
CA LEU A 444 32.65 -40.15 24.50
C LEU A 444 33.12 -41.55 24.84
N ILE A 445 34.39 -41.70 25.23
CA ILE A 445 35.01 -42.99 25.42
C ILE A 445 35.44 -43.14 26.87
N LEU A 446 35.19 -44.32 27.44
CA LEU A 446 35.73 -44.66 28.74
C LEU A 446 36.99 -45.50 28.61
N ASN B 2 -9.43 -28.09 8.13
CA ASN B 2 -10.36 -28.99 7.44
C ASN B 2 -10.18 -28.88 5.94
N ASN B 3 -8.96 -29.18 5.47
CA ASN B 3 -8.62 -29.15 4.07
C ASN B 3 -8.11 -30.52 3.66
N GLN B 4 -8.41 -30.89 2.41
CA GLN B 4 -8.11 -32.24 1.95
C GLN B 4 -6.64 -32.58 2.10
N LYS B 5 -5.76 -31.65 1.75
CA LYS B 5 -4.32 -31.91 1.81
C LYS B 5 -3.84 -32.10 3.24
N VAL B 6 -4.31 -31.25 4.16
CA VAL B 6 -3.94 -31.37 5.57
C VAL B 6 -4.41 -32.70 6.13
N VAL B 7 -5.69 -33.01 5.93
CA VAL B 7 -6.24 -34.25 6.49
C VAL B 7 -5.51 -35.45 5.89
N ALA B 8 -5.21 -35.39 4.59
CA ALA B 8 -4.48 -36.47 3.95
C ALA B 8 -3.12 -36.67 4.60
N VAL B 9 -2.39 -35.59 4.87
CA VAL B 9 -1.08 -35.73 5.48
C VAL B 9 -1.21 -36.28 6.90
N LEU B 10 -2.22 -35.82 7.65
CA LEU B 10 -2.41 -36.31 9.00
C LEU B 10 -2.71 -37.81 9.01
N LEU B 11 -3.52 -38.28 8.07
CA LEU B 11 -3.78 -39.71 7.97
C LEU B 11 -2.53 -40.47 7.56
N GLN B 12 -1.73 -39.90 6.67
CA GLN B 12 -0.46 -40.51 6.28
C GLN B 12 0.43 -40.68 7.51
N GLU B 13 0.51 -39.64 8.34
CA GLU B 13 1.31 -39.70 9.55
C GLU B 13 0.78 -40.76 10.51
N CYS B 14 -0.54 -40.88 10.64
CA CYS B 14 -1.09 -41.92 11.49
C CYS B 14 -0.69 -43.30 10.99
N LYS B 15 -0.76 -43.51 9.68
CA LYS B 15 -0.35 -44.80 9.12
C LYS B 15 1.13 -45.06 9.38
N GLN B 16 1.98 -44.05 9.21
CA GLN B 16 3.41 -44.24 9.49
C GLN B 16 3.64 -44.63 10.93
N VAL B 17 2.94 -43.96 11.86
CA VAL B 17 3.03 -44.32 13.27
C VAL B 17 2.62 -45.78 13.48
N LEU B 18 1.56 -46.22 12.80
CA LEU B 18 1.14 -47.61 12.94
C LEU B 18 2.22 -48.58 12.44
N ASP B 19 2.90 -48.22 11.33
CA ASP B 19 3.99 -49.06 10.85
C ASP B 19 5.12 -49.14 11.86
N GLN B 20 5.51 -48.00 12.42
CA GLN B 20 6.56 -48.00 13.43
C GLN B 20 6.16 -48.83 14.65
N LEU B 21 4.92 -48.66 15.13
CA LEU B 21 4.44 -49.48 16.23
C LEU B 21 4.47 -50.95 15.89
N LEU B 22 4.29 -51.28 14.61
CA LEU B 22 4.47 -52.65 14.17
C LEU B 22 5.91 -53.10 14.37
N LEU B 23 6.87 -52.19 14.17
CA LEU B 23 8.25 -52.56 14.42
C LEU B 23 8.62 -52.56 15.89
N GLU B 24 7.96 -51.75 16.71
CA GLU B 24 8.40 -51.62 18.08
C GLU B 24 7.66 -52.60 19.00
N ALA B 25 8.26 -52.86 20.14
CA ALA B 25 7.59 -53.63 21.16
C ALA B 25 6.65 -52.72 21.94
N PRO B 26 5.51 -53.23 22.39
CA PRO B 26 4.58 -52.40 23.15
C PRO B 26 5.24 -51.85 24.41
N ASP B 27 5.27 -50.51 24.51
CA ASP B 27 5.84 -49.84 25.66
C ASP B 27 5.16 -48.47 25.75
N VAL B 28 3.92 -48.49 26.22
CA VAL B 28 3.11 -47.27 26.31
C VAL B 28 3.52 -46.52 27.55
N SER B 29 4.10 -45.33 27.36
CA SER B 29 4.55 -44.54 28.49
C SER B 29 3.36 -43.89 29.19
N GLU B 30 3.62 -43.39 30.40
CA GLU B 30 2.60 -42.65 31.13
C GLU B 30 2.17 -41.41 30.37
N GLU B 31 3.11 -40.76 29.69
CA GLU B 31 2.78 -39.58 28.90
C GLU B 31 1.88 -39.93 27.73
N ASP B 32 2.04 -41.11 27.15
CA ASP B 32 1.12 -41.56 26.12
C ASP B 32 -0.30 -41.65 26.65
N LYS B 33 -0.47 -42.29 27.81
CA LYS B 33 -1.80 -42.42 28.40
C LYS B 33 -2.39 -41.07 28.74
N SER B 34 -1.59 -40.19 29.34
CA SER B 34 -2.08 -38.88 29.72
C SER B 34 -2.48 -38.06 28.50
N GLU B 35 -1.72 -38.18 27.42
CA GLU B 35 -2.09 -37.45 26.21
C GLU B 35 -3.33 -38.06 25.57
N ASP B 36 -3.54 -39.36 25.74
CA ASP B 36 -4.76 -39.97 25.21
C ASP B 36 -5.99 -39.46 25.97
N GLN B 37 -5.97 -39.60 27.30
CA GLN B 37 -7.08 -39.12 28.11
C GLN B 37 -7.30 -37.63 27.90
N ARG B 38 -6.20 -36.87 27.78
CA ARG B 38 -6.31 -35.44 27.55
C ARG B 38 -6.96 -35.13 26.21
N CYS B 39 -6.59 -35.86 25.16
CA CYS B 39 -7.13 -35.55 23.85
C CYS B 39 -8.60 -35.92 23.75
N ARG B 40 -9.00 -37.06 24.31
CA ARG B 40 -10.41 -37.38 24.25
C ARG B 40 -11.23 -36.49 25.20
N ALA B 41 -10.62 -36.05 26.29
CA ALA B 41 -11.35 -35.23 27.25
C ALA B 41 -11.66 -33.85 26.69
N LEU B 42 -10.79 -33.31 25.82
CA LEU B 42 -11.02 -31.98 25.27
C LEU B 42 -12.11 -31.97 24.21
N LEU B 43 -12.61 -33.13 23.80
CA LEU B 43 -13.68 -33.17 22.83
C LEU B 43 -15.00 -32.75 23.47
N PRO B 44 -15.89 -32.14 22.70
CA PRO B 44 -17.22 -31.82 23.24
C PRO B 44 -17.95 -33.10 23.64
N SER B 45 -18.89 -32.94 24.59
CA SER B 45 -19.55 -34.09 25.19
C SER B 45 -20.24 -34.95 24.15
N GLU B 46 -20.88 -34.33 23.16
CA GLU B 46 -21.60 -35.07 22.13
C GLU B 46 -20.66 -36.01 21.37
N LEU B 47 -19.48 -35.52 21.01
CA LEU B 47 -18.52 -36.34 20.28
C LEU B 47 -17.96 -37.45 21.17
N ARG B 48 -17.76 -37.17 22.46
CA ARG B 48 -17.29 -38.23 23.35
C ARG B 48 -18.33 -39.34 23.45
N THR B 49 -19.60 -38.96 23.54
CA THR B 49 -20.66 -39.95 23.58
C THR B 49 -20.70 -40.76 22.28
N LEU B 50 -20.59 -40.08 21.14
CA LEU B 50 -20.59 -40.81 19.88
C LEU B 50 -19.41 -41.76 19.78
N ILE B 51 -18.25 -41.33 20.27
CA ILE B 51 -17.07 -42.19 20.24
C ILE B 51 -17.29 -43.44 21.09
N GLN B 52 -17.84 -43.25 22.29
CA GLN B 52 -18.09 -44.40 23.15
C GLN B 52 -19.12 -45.34 22.54
N GLU B 53 -20.18 -44.79 21.94
CA GLU B 53 -21.20 -45.62 21.32
C GLU B 53 -20.65 -46.38 20.13
N ALA B 54 -19.79 -45.74 19.33
CA ALA B 54 -19.15 -46.43 18.22
C ALA B 54 -18.25 -47.54 18.71
N LYS B 55 -17.47 -47.28 19.76
CA LYS B 55 -16.62 -48.31 20.34
C LYS B 55 -17.43 -49.48 20.85
N GLU B 56 -18.64 -49.23 21.34
CA GLU B 56 -19.51 -50.28 21.84
C GLU B 56 -20.29 -50.95 20.73
N MET B 57 -20.07 -50.58 19.47
CA MET B 57 -20.70 -51.23 18.32
C MET B 57 -22.21 -51.13 18.40
N LYS B 58 -22.69 -49.94 18.74
CA LYS B 58 -24.12 -49.71 18.93
C LYS B 58 -24.89 -49.80 17.63
N TRP B 59 -24.28 -49.44 16.51
CA TRP B 59 -24.93 -49.50 15.21
C TRP B 59 -23.89 -49.75 14.14
N PRO B 60 -24.26 -50.35 13.01
CA PRO B 60 -23.30 -50.55 11.93
C PRO B 60 -22.99 -49.29 11.14
N PHE B 61 -23.86 -48.29 11.18
CA PHE B 61 -23.61 -46.99 10.57
C PHE B 61 -23.85 -45.93 11.63
N VAL B 62 -23.13 -44.82 11.53
CA VAL B 62 -23.40 -43.68 12.39
C VAL B 62 -24.72 -43.07 11.92
N PRO B 63 -25.74 -43.02 12.75
CA PRO B 63 -27.05 -42.55 12.30
C PRO B 63 -27.19 -41.04 12.43
N GLU B 64 -28.07 -40.50 11.61
CA GLU B 64 -28.49 -39.11 11.73
C GLU B 64 -29.70 -39.02 12.67
N LYS B 65 -29.80 -37.90 13.37
CA LYS B 65 -30.86 -37.74 14.37
C LYS B 65 -32.25 -37.73 13.75
N TRP B 66 -32.35 -37.35 12.48
CA TRP B 66 -33.61 -37.30 11.76
C TRP B 66 -33.91 -38.57 10.99
N GLN B 67 -33.04 -39.57 11.07
CA GLN B 67 -33.04 -40.65 10.09
C GLN B 67 -34.08 -41.72 10.40
N TYR B 68 -34.34 -41.97 11.68
CA TYR B 68 -35.19 -43.08 12.07
C TYR B 68 -36.45 -42.68 12.84
N LYS B 69 -36.50 -41.47 13.39
CA LYS B 69 -37.68 -40.98 14.10
C LYS B 69 -38.70 -40.45 13.11
N GLN B 70 -39.96 -40.84 13.29
CA GLN B 70 -41.04 -40.33 12.45
C GLN B 70 -41.59 -39.00 12.96
N ALA B 71 -41.75 -38.85 14.28
CA ALA B 71 -42.23 -37.60 14.86
C ALA B 71 -41.04 -36.72 15.20
N VAL B 72 -40.56 -36.02 14.18
CA VAL B 72 -39.31 -35.29 14.29
C VAL B 72 -39.55 -33.94 14.94
N GLY B 73 -38.65 -33.55 15.83
CA GLY B 73 -38.66 -32.24 16.43
C GLY B 73 -37.39 -31.48 16.11
N PRO B 74 -37.27 -30.26 16.65
CA PRO B 74 -36.09 -29.44 16.34
C PRO B 74 -34.78 -30.07 16.78
N GLU B 75 -34.80 -30.89 17.83
CA GLU B 75 -33.58 -31.56 18.25
C GLU B 75 -33.12 -32.61 17.25
N ASP B 76 -34.03 -33.12 16.42
CA ASP B 76 -33.70 -34.17 15.46
C ASP B 76 -33.19 -33.63 14.13
N LYS B 77 -33.42 -32.35 13.84
CA LYS B 77 -33.24 -31.81 12.50
C LYS B 77 -31.84 -31.25 12.27
N THR B 78 -30.83 -31.91 12.82
CA THR B 78 -29.44 -31.53 12.59
C THR B 78 -28.71 -32.67 11.90
N ASN B 79 -27.61 -32.33 11.24
CA ASN B 79 -26.77 -33.31 10.58
C ASN B 79 -25.41 -33.38 11.27
N LEU B 80 -24.83 -34.59 11.29
CA LEU B 80 -23.59 -34.76 12.01
C LEU B 80 -22.40 -34.13 11.30
N LYS B 81 -22.54 -33.80 10.02
CA LYS B 81 -21.46 -33.15 9.29
C LYS B 81 -21.01 -31.86 9.98
N ASP B 82 -21.92 -31.19 10.68
CA ASP B 82 -21.57 -29.93 11.33
C ASP B 82 -20.74 -30.16 12.59
N VAL B 83 -21.18 -31.06 13.46
CA VAL B 83 -20.45 -31.30 14.70
C VAL B 83 -19.12 -32.00 14.41
N ILE B 84 -19.13 -32.95 13.48
CA ILE B 84 -17.89 -33.63 13.11
C ILE B 84 -16.95 -32.69 12.39
N GLY B 85 -17.46 -31.90 11.45
CA GLY B 85 -16.62 -30.95 10.76
C GLY B 85 -16.03 -29.92 11.71
N ALA B 86 -16.78 -29.56 12.75
CA ALA B 86 -16.28 -28.57 13.70
C ALA B 86 -15.19 -29.16 14.57
N GLY B 87 -15.29 -30.44 14.93
CA GLY B 87 -14.28 -31.04 15.78
C GLY B 87 -13.35 -31.99 15.06
N LEU B 88 -13.21 -31.85 13.75
CA LEU B 88 -12.42 -32.79 12.98
C LEU B 88 -10.96 -32.79 13.42
N GLN B 89 -10.42 -31.60 13.68
CA GLN B 89 -9.01 -31.51 14.07
C GLN B 89 -8.77 -32.20 15.41
N GLN B 90 -9.60 -31.89 16.40
CA GLN B 90 -9.41 -32.53 17.70
C GLN B 90 -9.72 -34.02 17.63
N LEU B 91 -10.61 -34.43 16.72
CA LEU B 91 -10.86 -35.85 16.52
C LEU B 91 -9.64 -36.55 15.92
N LEU B 92 -8.95 -35.90 14.99
CA LEU B 92 -7.75 -36.51 14.43
C LEU B 92 -6.62 -36.55 15.44
N ALA B 93 -6.50 -35.49 16.25
CA ALA B 93 -5.52 -35.52 17.33
C ALA B 93 -5.81 -36.65 18.29
N SER B 94 -7.08 -36.86 18.64
CA SER B 94 -7.42 -37.95 19.53
C SER B 94 -7.19 -39.29 18.85
N LEU B 95 -7.34 -39.35 17.52
CA LEU B 95 -7.01 -40.57 16.80
C LEU B 95 -5.53 -40.90 16.95
N ARG B 96 -4.68 -39.89 16.73
CA ARG B 96 -3.25 -40.09 16.90
C ARG B 96 -2.92 -40.52 18.32
N ALA B 97 -3.50 -39.83 19.31
CA ALA B 97 -3.19 -40.16 20.70
C ALA B 97 -3.62 -41.58 21.04
N SER B 98 -4.78 -42.01 20.53
CA SER B 98 -5.22 -43.37 20.81
C SER B 98 -4.34 -44.39 20.10
N ILE B 99 -3.83 -44.05 18.92
CA ILE B 99 -2.90 -44.95 18.24
C ILE B 99 -1.62 -45.09 19.05
N LEU B 100 -1.05 -43.97 19.49
CA LEU B 100 0.16 -44.03 20.29
C LEU B 100 -0.06 -44.78 21.59
N ALA B 101 -1.26 -44.72 22.14
CA ALA B 101 -1.58 -45.48 23.35
C ALA B 101 -1.92 -46.94 23.05
N ARG B 102 -1.87 -47.34 21.79
CA ARG B 102 -2.21 -48.70 21.38
C ARG B 102 -3.64 -49.07 21.77
N ASP B 103 -4.53 -48.08 21.74
CA ASP B 103 -5.95 -48.31 21.92
C ASP B 103 -6.56 -48.37 20.52
N CYS B 104 -6.40 -49.52 19.88
CA CYS B 104 -6.83 -49.65 18.50
C CYS B 104 -8.35 -49.67 18.39
N ALA B 105 -9.03 -50.13 19.43
CA ALA B 105 -10.49 -50.13 19.44
C ALA B 105 -11.04 -48.70 19.40
N ALA B 106 -10.49 -47.83 20.25
CA ALA B 106 -10.91 -46.43 20.25
C ALA B 106 -10.56 -45.74 18.94
N ALA B 107 -9.36 -46.02 18.42
CA ALA B 107 -8.97 -45.45 17.14
C ALA B 107 -9.92 -45.88 16.03
N ALA B 108 -10.29 -47.15 16.01
CA ALA B 108 -11.27 -47.61 15.03
C ALA B 108 -12.62 -46.93 15.25
N ALA B 109 -12.98 -46.66 16.49
CA ALA B 109 -14.23 -45.92 16.74
C ALA B 109 -14.16 -44.52 16.14
N ILE B 110 -13.02 -43.84 16.28
CA ILE B 110 -12.88 -42.51 15.70
C ILE B 110 -12.89 -42.58 14.18
N VAL B 111 -12.21 -43.59 13.61
CA VAL B 111 -12.26 -43.77 12.16
C VAL B 111 -13.70 -43.91 11.69
N PHE B 112 -14.48 -44.74 12.39
CA PHE B 112 -15.90 -44.86 12.13
C PHE B 112 -16.58 -43.49 12.16
N LEU B 113 -16.27 -42.69 13.18
CA LEU B 113 -16.95 -41.40 13.32
C LEU B 113 -16.62 -40.45 12.18
N VAL B 114 -15.36 -40.41 11.72
CA VAL B 114 -14.99 -39.43 10.69
C VAL B 114 -15.17 -39.96 9.29
N ASP B 115 -15.56 -41.23 9.14
CA ASP B 115 -15.57 -41.88 7.82
C ASP B 115 -16.43 -41.11 6.81
N ARG B 116 -17.66 -40.77 7.17
CA ARG B 116 -18.57 -40.16 6.20
C ARG B 116 -18.06 -38.80 5.76
N PHE B 117 -17.66 -37.97 6.72
CA PHE B 117 -17.10 -36.67 6.39
C PHE B 117 -15.88 -36.80 5.49
N LEU B 118 -14.98 -37.72 5.81
CA LEU B 118 -13.77 -37.87 5.02
C LEU B 118 -14.05 -38.42 3.64
N TYR B 119 -15.11 -39.21 3.48
CA TYR B 119 -15.55 -39.57 2.15
C TYR B 119 -15.98 -38.34 1.37
N GLY B 120 -16.60 -37.38 2.07
CA GLY B 120 -16.88 -36.12 1.42
C GLY B 120 -15.65 -35.37 0.96
N LEU B 121 -14.50 -35.63 1.58
CA LEU B 121 -13.25 -34.95 1.25
C LEU B 121 -12.36 -35.72 0.29
N ASP B 122 -12.81 -36.87 -0.22
CA ASP B 122 -12.02 -37.69 -1.14
C ASP B 122 -10.69 -38.10 -0.51
N VAL B 123 -10.73 -38.53 0.75
CA VAL B 123 -9.53 -39.01 1.42
C VAL B 123 -9.85 -40.35 2.08
N SER B 124 -10.85 -41.05 1.57
CA SER B 124 -11.24 -42.32 2.17
C SER B 124 -10.15 -43.37 2.04
N GLY B 125 -9.33 -43.29 0.98
CA GLY B 125 -8.28 -44.30 0.80
C GLY B 125 -7.26 -44.29 1.93
N LYS B 126 -6.78 -43.10 2.29
CA LYS B 126 -5.81 -43.00 3.36
C LYS B 126 -6.43 -43.36 4.72
N LEU B 127 -7.66 -42.92 4.96
CA LEU B 127 -8.34 -43.33 6.18
C LEU B 127 -8.44 -44.84 6.26
N LEU B 128 -8.72 -45.49 5.13
CA LEU B 128 -8.75 -46.93 5.09
C LEU B 128 -7.37 -47.54 5.32
N GLN B 129 -6.31 -46.84 4.92
CA GLN B 129 -4.98 -47.30 5.27
C GLN B 129 -4.75 -47.26 6.77
N VAL B 130 -5.27 -46.23 7.44
CA VAL B 130 -5.22 -46.20 8.89
C VAL B 130 -6.00 -47.38 9.49
N ALA B 131 -7.16 -47.68 8.93
CA ALA B 131 -7.91 -48.83 9.41
C ALA B 131 -7.11 -50.13 9.26
N LYS B 132 -6.46 -50.30 8.12
CA LYS B 132 -5.65 -51.49 7.90
C LYS B 132 -4.49 -51.56 8.89
N GLY B 133 -3.85 -50.42 9.17
CA GLY B 133 -2.80 -50.43 10.18
C GLY B 133 -3.30 -50.83 11.55
N LEU B 134 -4.47 -50.32 11.93
CA LEU B 134 -5.09 -50.76 13.19
C LEU B 134 -5.31 -52.27 13.19
N HIS B 135 -5.83 -52.81 12.09
CA HIS B 135 -6.06 -54.25 12.05
C HIS B 135 -4.76 -55.04 12.16
N LYS B 136 -3.69 -54.53 11.56
CA LYS B 136 -2.42 -55.24 11.61
C LYS B 136 -1.83 -55.22 13.02
N LEU B 137 -2.00 -54.12 13.76
CA LEU B 137 -1.56 -54.11 15.15
C LEU B 137 -2.34 -55.10 15.99
N GLN B 138 -3.65 -54.93 16.05
CA GLN B 138 -4.52 -55.75 16.90
C GLN B 138 -5.64 -56.30 16.04
N PRO B 139 -5.51 -57.55 15.56
CA PRO B 139 -6.51 -58.08 14.61
C PRO B 139 -7.90 -58.19 15.19
N ALA B 140 -8.05 -58.19 16.51
CA ALA B 140 -9.38 -58.29 17.10
C ALA B 140 -10.14 -56.97 17.08
N THR B 141 -9.51 -55.88 16.66
CA THR B 141 -10.15 -54.57 16.64
C THR B 141 -11.38 -54.60 15.74
N PRO B 142 -12.57 -54.33 16.26
CA PRO B 142 -13.76 -54.36 15.42
C PRO B 142 -13.83 -53.13 14.53
N ILE B 143 -14.13 -53.36 13.25
CA ILE B 143 -14.22 -52.32 12.24
C ILE B 143 -15.65 -52.27 11.73
N ALA B 144 -16.21 -51.07 11.69
CA ALA B 144 -17.62 -50.89 11.37
C ALA B 144 -17.93 -51.37 9.97
N PRO B 145 -19.10 -51.97 9.75
CA PRO B 145 -19.50 -52.31 8.39
C PRO B 145 -19.52 -51.13 7.44
N GLN B 146 -19.81 -49.93 7.97
CA GLN B 146 -19.81 -48.73 7.14
C GLN B 146 -18.45 -48.51 6.48
N VAL B 147 -17.37 -48.87 7.17
CA VAL B 147 -16.02 -48.67 6.65
C VAL B 147 -15.68 -49.72 5.59
N VAL B 148 -16.06 -50.97 5.83
CA VAL B 148 -15.94 -52.02 4.82
C VAL B 148 -16.64 -51.61 3.54
N ILE B 149 -17.88 -51.14 3.67
CA ILE B 149 -18.61 -50.60 2.54
C ILE B 149 -17.90 -49.40 1.94
N ARG B 150 -17.17 -48.63 2.74
CA ARG B 150 -16.43 -47.52 2.16
C ARG B 150 -15.38 -48.03 1.17
N GLN B 151 -14.64 -49.08 1.56
CA GLN B 151 -13.71 -49.70 0.62
C GLN B 151 -14.43 -50.12 -0.65
N ALA B 152 -15.59 -50.76 -0.49
CA ALA B 152 -16.37 -51.12 -1.68
C ALA B 152 -16.72 -49.89 -2.52
N ARG B 153 -17.08 -48.78 -1.87
CA ARG B 153 -17.50 -47.59 -2.60
C ARG B 153 -16.37 -47.04 -3.45
N ILE B 154 -15.18 -46.90 -2.87
CA ILE B 154 -14.11 -46.35 -3.69
C ILE B 154 -13.74 -47.33 -4.78
N SER B 155 -13.89 -48.65 -4.53
CA SER B 155 -13.64 -49.60 -5.61
C SER B 155 -14.60 -49.39 -6.77
N VAL B 156 -15.87 -49.11 -6.49
CA VAL B 156 -16.78 -48.78 -7.59
C VAL B 156 -16.36 -47.50 -8.27
N ASN B 157 -15.97 -46.49 -7.50
CA ASN B 157 -15.57 -45.22 -8.10
C ASN B 157 -14.35 -45.37 -8.99
N SER B 158 -13.51 -46.38 -8.73
CA SER B 158 -12.31 -46.61 -9.52
C SER B 158 -12.53 -47.55 -10.70
N GLY B 159 -13.72 -48.14 -10.81
CA GLY B 159 -14.00 -49.10 -11.86
C GLY B 159 -13.62 -50.53 -11.54
N LYS B 160 -13.16 -50.81 -10.32
CA LYS B 160 -12.86 -52.18 -9.91
C LYS B 160 -14.15 -52.82 -9.40
N LEU B 161 -15.03 -53.13 -10.35
CA LEU B 161 -16.40 -53.52 -9.99
C LEU B 161 -16.43 -54.86 -9.30
N LEU B 162 -15.69 -55.83 -9.83
CA LEU B 162 -15.67 -57.17 -9.22
C LEU B 162 -15.04 -57.15 -7.83
N LYS B 163 -14.04 -56.29 -7.63
CA LYS B 163 -13.43 -56.17 -6.31
C LYS B 163 -14.45 -55.71 -5.28
N ALA B 164 -15.17 -54.62 -5.58
CA ALA B 164 -16.23 -54.15 -4.69
C ALA B 164 -17.31 -55.19 -4.52
N GLU B 165 -17.63 -55.92 -5.58
CA GLU B 165 -18.74 -56.88 -5.52
C GLU B 165 -18.39 -58.08 -4.66
N TYR B 166 -17.11 -58.42 -4.51
CA TYR B 166 -16.76 -59.46 -3.55
C TYR B 166 -17.05 -59.01 -2.12
N ILE B 167 -16.70 -57.77 -1.80
CA ILE B 167 -16.99 -57.22 -0.48
C ILE B 167 -18.50 -57.19 -0.24
N LEU B 168 -19.24 -56.56 -1.16
CA LEU B 168 -20.68 -56.45 -1.01
C LEU B 168 -21.34 -57.82 -0.92
N SER B 169 -20.95 -58.74 -1.80
CA SER B 169 -21.56 -60.08 -1.80
C SER B 169 -21.27 -60.81 -0.51
N SER B 170 -20.07 -60.64 0.05
CA SER B 170 -19.79 -61.27 1.34
C SER B 170 -20.70 -60.72 2.42
N LEU B 171 -20.94 -59.41 2.41
CA LEU B 171 -21.85 -58.84 3.41
C LEU B 171 -23.29 -59.31 3.18
N ILE B 172 -23.75 -59.31 1.93
CA ILE B 172 -25.14 -59.64 1.63
C ILE B 172 -25.42 -61.11 1.93
N SER B 173 -24.66 -62.00 1.30
CA SER B 173 -24.92 -63.43 1.39
C SER B 173 -24.57 -64.02 2.75
N ASN B 174 -23.92 -63.27 3.62
CA ASN B 174 -23.54 -63.76 4.95
C ASN B 174 -24.14 -62.89 6.04
N ASN B 175 -25.31 -62.31 5.77
CA ASN B 175 -26.10 -61.58 6.78
C ASN B 175 -25.28 -60.51 7.50
N GLY B 176 -24.51 -59.75 6.73
CA GLY B 176 -23.76 -58.62 7.27
C GLY B 176 -22.62 -58.97 8.18
N ALA B 177 -22.18 -60.22 8.19
CA ALA B 177 -21.07 -60.61 9.04
C ALA B 177 -19.74 -60.07 8.50
N THR B 178 -18.96 -59.43 9.36
CA THR B 178 -17.65 -58.92 8.96
C THR B 178 -16.72 -58.86 10.16
N GLY B 179 -15.54 -59.44 10.01
CA GLY B 179 -14.49 -59.31 11.02
C GLY B 179 -14.93 -59.74 12.40
N THR B 180 -14.65 -58.89 13.38
CA THR B 180 -15.04 -59.11 14.77
C THR B 180 -16.16 -58.17 15.19
N TRP B 181 -16.98 -57.75 14.25
CA TRP B 181 -18.04 -56.80 14.54
C TRP B 181 -19.27 -57.54 15.04
N LEU B 182 -19.88 -56.99 16.08
CA LEU B 182 -21.04 -57.60 16.72
C LEU B 182 -22.26 -56.71 16.50
N TYR B 183 -23.32 -57.30 15.97
CA TYR B 183 -24.59 -56.60 15.83
C TYR B 183 -25.40 -56.72 17.11
N ARG B 184 -25.93 -55.61 17.58
CA ARG B 184 -26.73 -55.63 18.79
C ARG B 184 -28.17 -56.05 18.52
N ASN B 185 -28.55 -56.18 17.27
CA ASN B 185 -29.88 -56.67 16.90
C ASN B 185 -29.81 -57.24 15.50
N GLU B 186 -30.84 -58.00 15.14
CA GLU B 186 -30.87 -58.67 13.86
C GLU B 186 -31.23 -57.76 12.69
N SER B 187 -31.86 -56.61 12.96
CA SER B 187 -32.31 -55.77 11.86
C SER B 187 -31.16 -54.97 11.24
N ASP B 188 -30.16 -54.61 12.05
CA ASP B 188 -29.02 -53.89 11.51
C ASP B 188 -28.29 -54.70 10.46
N LYS B 189 -28.37 -56.03 10.55
CA LYS B 189 -27.89 -56.88 9.47
C LYS B 189 -28.65 -56.61 8.18
N VAL B 190 -29.97 -56.51 8.27
CA VAL B 190 -30.78 -56.21 7.10
C VAL B 190 -30.45 -54.82 6.57
N LEU B 191 -30.11 -53.90 7.47
CA LEU B 191 -29.72 -52.56 7.05
C LEU B 191 -28.44 -52.60 6.22
N VAL B 192 -27.42 -53.27 6.73
CA VAL B 192 -26.17 -53.43 6.00
C VAL B 192 -26.43 -54.07 4.65
N GLN B 193 -27.25 -55.12 4.63
CA GLN B 193 -27.59 -55.78 3.38
C GLN B 193 -28.27 -54.83 2.42
N SER B 194 -29.09 -53.93 2.95
CA SER B 194 -29.85 -53.03 2.10
C SER B 194 -28.96 -51.99 1.45
N VAL B 195 -28.00 -51.42 2.20
CA VAL B 195 -27.04 -50.52 1.57
C VAL B 195 -26.21 -51.26 0.52
N CYS B 196 -25.77 -52.47 0.83
CA CYS B 196 -24.95 -53.20 -0.13
C CYS B 196 -25.74 -53.49 -1.40
N ILE B 197 -27.02 -53.81 -1.28
CA ILE B 197 -27.84 -54.05 -2.46
C ILE B 197 -28.02 -52.77 -3.25
N GLN B 198 -28.20 -51.65 -2.55
CA GLN B 198 -28.25 -50.34 -3.23
C GLN B 198 -27.00 -50.12 -4.07
N ILE B 199 -25.83 -50.44 -3.51
CA ILE B 199 -24.59 -50.25 -4.23
C ILE B 199 -24.46 -51.24 -5.39
N ARG B 200 -24.97 -52.46 -5.23
CA ARG B 200 -25.06 -53.36 -6.38
C ARG B 200 -25.86 -52.73 -7.49
N GLY B 201 -26.99 -52.10 -7.13
CA GLY B 201 -27.75 -51.36 -8.11
C GLY B 201 -26.91 -50.32 -8.81
N GLN B 202 -26.05 -49.63 -8.05
CA GLN B 202 -25.18 -48.64 -8.69
C GLN B 202 -24.17 -49.30 -9.62
N ILE B 203 -23.69 -50.50 -9.28
CA ILE B 203 -22.78 -51.22 -10.16
C ILE B 203 -23.47 -51.54 -11.48
N LEU B 204 -24.71 -52.03 -11.41
CA LEU B 204 -25.44 -52.31 -12.65
C LEU B 204 -25.78 -51.04 -13.40
N GLN B 205 -26.00 -49.94 -12.69
CA GLN B 205 -26.19 -48.65 -13.35
C GLN B 205 -24.95 -48.24 -14.13
N LYS B 206 -23.79 -48.40 -13.52
CA LYS B 206 -22.53 -48.08 -14.19
C LYS B 206 -22.31 -48.97 -15.42
N LEU B 207 -22.89 -50.16 -15.42
CA LEU B 207 -22.80 -51.08 -16.54
C LEU B 207 -23.92 -50.91 -17.55
N GLY B 208 -24.83 -49.96 -17.33
CA GLY B 208 -25.89 -49.72 -18.28
C GLY B 208 -26.97 -50.77 -18.35
N MET B 209 -27.02 -51.69 -17.38
CA MET B 209 -28.10 -52.67 -17.31
C MET B 209 -29.24 -52.06 -16.48
N TRP B 210 -30.03 -51.22 -17.13
CA TRP B 210 -30.93 -50.31 -16.42
C TRP B 210 -32.05 -51.05 -15.73
N TYR B 211 -32.65 -52.03 -16.40
CA TYR B 211 -33.77 -52.77 -15.80
C TYR B 211 -33.33 -53.44 -14.51
N GLU B 212 -32.24 -54.21 -14.57
CA GLU B 212 -31.76 -54.93 -13.42
C GLU B 212 -31.30 -53.98 -12.32
N ALA B 213 -30.72 -52.84 -12.70
CA ALA B 213 -30.36 -51.85 -11.71
C ALA B 213 -31.59 -51.34 -10.97
N ALA B 214 -32.65 -51.03 -11.71
CA ALA B 214 -33.90 -50.60 -11.07
C ALA B 214 -34.44 -51.68 -10.15
N GLU B 215 -34.32 -52.95 -10.55
CA GLU B 215 -34.78 -54.04 -9.68
C GLU B 215 -33.98 -54.09 -8.39
N LEU B 216 -32.66 -53.93 -8.48
CA LEU B 216 -31.85 -53.95 -7.26
C LEU B 216 -32.17 -52.77 -6.36
N ILE B 217 -32.38 -51.59 -6.95
CA ILE B 217 -32.71 -50.42 -6.15
C ILE B 217 -34.05 -50.62 -5.46
N TRP B 218 -35.02 -51.20 -6.16
CA TRP B 218 -36.30 -51.52 -5.53
C TRP B 218 -36.10 -52.48 -4.37
N ALA B 219 -35.28 -53.51 -4.56
CA ALA B 219 -34.99 -54.44 -3.47
C ALA B 219 -34.39 -53.71 -2.28
N SER B 220 -33.51 -52.74 -2.53
CA SER B 220 -32.94 -51.97 -1.43
C SER B 220 -34.00 -51.14 -0.73
N ILE B 221 -34.97 -50.61 -1.47
CA ILE B 221 -36.06 -49.85 -0.87
C ILE B 221 -36.89 -50.75 0.04
N VAL B 222 -37.24 -51.94 -0.44
CA VAL B 222 -37.94 -52.91 0.39
C VAL B 222 -37.15 -53.19 1.65
N GLY B 223 -35.84 -53.38 1.51
CA GLY B 223 -35.01 -53.65 2.68
C GLY B 223 -35.02 -52.49 3.67
N TYR B 224 -35.00 -51.25 3.17
CA TYR B 224 -35.07 -50.10 4.05
C TYR B 224 -36.38 -50.06 4.81
N LEU B 225 -37.48 -50.44 4.15
CA LEU B 225 -38.78 -50.42 4.81
C LEU B 225 -38.95 -51.55 5.82
N ALA B 226 -38.18 -52.62 5.70
CA ALA B 226 -38.30 -53.77 6.59
C ALA B 226 -37.66 -53.56 7.95
N LEU B 227 -37.16 -52.38 8.24
CA LEU B 227 -36.51 -52.20 9.54
C LEU B 227 -37.52 -51.75 10.60
N PRO B 228 -37.25 -52.05 11.87
CA PRO B 228 -38.12 -51.56 12.95
C PRO B 228 -38.40 -50.07 12.84
N GLN B 229 -37.36 -49.27 12.63
CA GLN B 229 -37.51 -47.89 12.17
C GLN B 229 -37.00 -47.84 10.74
N PRO B 230 -37.84 -47.53 9.76
CA PRO B 230 -37.36 -47.46 8.38
C PRO B 230 -36.31 -46.36 8.20
N ASP B 231 -35.36 -46.64 7.31
CA ASP B 231 -34.23 -45.75 7.03
C ASP B 231 -34.63 -44.71 5.99
N LYS B 232 -34.96 -43.51 6.46
CA LYS B 232 -35.36 -42.44 5.53
C LYS B 232 -34.20 -41.95 4.67
N LYS B 233 -32.97 -41.97 5.21
CA LYS B 233 -31.81 -41.58 4.42
C LYS B 233 -31.59 -42.54 3.26
N GLY B 234 -31.57 -43.84 3.55
CA GLY B 234 -31.44 -44.82 2.49
C GLY B 234 -32.56 -44.76 1.48
N LEU B 235 -33.79 -44.52 1.96
CA LEU B 235 -34.91 -44.39 1.03
C LEU B 235 -34.73 -43.19 0.11
N SER B 236 -34.26 -42.07 0.64
CA SER B 236 -33.99 -40.91 -0.18
C SER B 236 -32.94 -41.22 -1.24
N THR B 237 -31.83 -41.84 -0.82
CA THR B 237 -30.76 -42.19 -1.75
C THR B 237 -31.27 -43.09 -2.87
N SER B 238 -31.92 -44.19 -2.50
CA SER B 238 -32.41 -45.14 -3.49
C SER B 238 -33.43 -44.52 -4.42
N LEU B 239 -34.24 -43.60 -3.91
CA LEU B 239 -35.20 -42.93 -4.79
C LEU B 239 -34.49 -42.04 -5.81
N GLY B 240 -33.42 -41.35 -5.39
CA GLY B 240 -32.66 -40.56 -6.34
C GLY B 240 -31.98 -41.41 -7.41
N ILE B 241 -31.33 -42.49 -6.98
CA ILE B 241 -30.70 -43.37 -7.94
C ILE B 241 -31.74 -43.95 -8.89
N LEU B 242 -32.89 -44.34 -8.35
CA LEU B 242 -33.97 -44.85 -9.18
C LEU B 242 -34.41 -43.81 -10.20
N ALA B 243 -34.41 -42.54 -9.82
CA ALA B 243 -34.73 -41.49 -10.78
C ALA B 243 -33.70 -41.46 -11.91
N ASP B 244 -32.42 -41.48 -11.57
CA ASP B 244 -31.40 -41.47 -12.61
C ASP B 244 -31.56 -42.66 -13.55
N ILE B 245 -31.85 -43.85 -12.99
CA ILE B 245 -32.03 -45.02 -13.82
C ILE B 245 -33.22 -44.84 -14.76
N PHE B 246 -34.32 -44.31 -14.23
CA PHE B 246 -35.48 -44.05 -15.09
C PHE B 246 -35.13 -43.12 -16.23
N VAL B 247 -34.29 -42.11 -15.96
CA VAL B 247 -33.86 -41.21 -17.03
C VAL B 247 -33.03 -41.97 -18.08
N SER B 248 -32.12 -42.84 -17.63
CA SER B 248 -31.27 -43.55 -18.58
C SER B 248 -32.02 -44.64 -19.33
N MET B 249 -33.17 -45.07 -18.82
CA MET B 249 -33.90 -46.17 -19.43
C MET B 249 -34.46 -45.78 -20.78
N SER B 250 -34.62 -46.77 -21.65
CA SER B 250 -35.45 -46.60 -22.82
C SER B 250 -36.91 -46.77 -22.43
N LYS B 251 -37.80 -46.46 -23.38
CA LYS B 251 -39.23 -46.63 -23.11
C LYS B 251 -39.58 -48.10 -22.91
N ASN B 252 -38.95 -48.99 -23.66
CA ASN B 252 -39.21 -50.41 -23.48
C ASN B 252 -38.71 -50.90 -22.13
N ASP B 253 -37.57 -50.38 -21.68
CA ASP B 253 -37.09 -50.72 -20.35
C ASP B 253 -38.11 -50.33 -19.29
N TYR B 254 -38.60 -49.10 -19.36
CA TYR B 254 -39.55 -48.62 -18.36
C TYR B 254 -40.89 -49.33 -18.46
N GLU B 255 -41.31 -49.74 -19.66
CA GLU B 255 -42.53 -50.51 -19.81
C GLU B 255 -42.38 -51.89 -19.21
N LYS B 256 -41.22 -52.53 -19.43
CA LYS B 256 -40.96 -53.83 -18.83
C LYS B 256 -40.94 -53.73 -17.31
N PHE B 257 -40.38 -52.64 -16.78
CA PHE B 257 -40.32 -52.46 -15.33
C PHE B 257 -41.70 -52.15 -14.77
N LYS B 258 -42.50 -51.39 -15.51
CA LYS B 258 -43.81 -50.98 -15.04
C LYS B 258 -44.80 -52.13 -15.01
N ASN B 259 -44.67 -53.08 -15.93
CA ASN B 259 -45.56 -54.23 -16.00
C ASN B 259 -45.12 -55.38 -15.10
N ASN B 260 -44.13 -55.19 -14.24
CA ASN B 260 -43.75 -56.24 -13.30
C ASN B 260 -44.56 -56.09 -12.03
N PRO B 261 -45.54 -56.97 -11.77
CA PRO B 261 -46.44 -56.77 -10.64
C PRO B 261 -45.81 -56.98 -9.27
N GLN B 262 -44.62 -57.56 -9.20
CA GLN B 262 -43.96 -57.70 -7.91
C GLN B 262 -43.37 -56.39 -7.40
N ILE B 263 -43.40 -55.34 -8.21
CA ILE B 263 -42.86 -54.04 -7.83
C ILE B 263 -44.07 -53.16 -7.50
N ASN B 264 -44.32 -52.98 -6.20
CA ASN B 264 -45.52 -52.28 -5.73
C ASN B 264 -45.22 -50.80 -5.53
N LEU B 265 -44.79 -50.16 -6.60
CA LEU B 265 -44.49 -48.73 -6.60
C LEU B 265 -45.66 -47.95 -7.17
N SER B 266 -46.13 -46.96 -6.40
CA SER B 266 -47.22 -46.13 -6.88
C SER B 266 -46.84 -45.36 -8.14
N LEU B 267 -45.64 -44.78 -8.16
CA LEU B 267 -45.22 -44.02 -9.34
C LEU B 267 -45.14 -44.89 -10.56
N LEU B 268 -45.00 -46.20 -10.39
CA LEU B 268 -44.93 -47.09 -11.53
C LEU B 268 -46.29 -47.17 -12.23
N LYS B 269 -47.37 -47.22 -11.45
CA LYS B 269 -48.69 -47.39 -11.99
C LYS B 269 -49.40 -46.07 -12.24
N GLU B 270 -48.96 -44.99 -11.60
CA GLU B 270 -49.57 -43.69 -11.74
C GLU B 270 -49.04 -42.91 -12.93
N PHE B 271 -47.75 -43.01 -13.22
CA PHE B 271 -47.16 -42.34 -14.36
C PHE B 271 -46.80 -43.36 -15.43
N ASP B 272 -47.00 -42.98 -16.68
CA ASP B 272 -46.71 -43.85 -17.81
C ASP B 272 -45.48 -43.41 -18.59
N HIS B 273 -44.93 -42.25 -18.28
CA HIS B 273 -43.72 -41.76 -18.90
C HIS B 273 -42.59 -41.83 -17.89
N HIS B 274 -41.44 -42.34 -18.33
CA HIS B 274 -40.33 -42.56 -17.39
C HIS B 274 -39.79 -41.26 -16.81
N LEU B 275 -39.88 -40.16 -17.56
CA LEU B 275 -39.41 -38.89 -17.03
C LEU B 275 -40.31 -38.37 -15.93
N LEU B 276 -41.61 -38.64 -16.02
CA LEU B 276 -42.52 -38.21 -14.96
C LEU B 276 -42.37 -39.07 -13.72
N SER B 277 -42.22 -40.39 -13.90
CA SER B 277 -41.91 -41.24 -12.77
C SER B 277 -40.64 -40.79 -12.09
N ALA B 278 -39.62 -40.44 -12.87
CA ALA B 278 -38.37 -39.95 -12.30
C ALA B 278 -38.60 -38.66 -11.54
N ALA B 279 -39.37 -37.72 -12.11
CA ALA B 279 -39.61 -36.45 -11.44
C ALA B 279 -40.32 -36.64 -10.11
N GLU B 280 -41.30 -37.54 -10.07
CA GLU B 280 -41.99 -37.82 -8.81
C GLU B 280 -41.06 -38.47 -7.81
N ALA B 281 -40.26 -39.45 -8.25
CA ALA B 281 -39.29 -40.09 -7.37
C ALA B 281 -38.30 -39.08 -6.82
N CYS B 282 -37.93 -38.06 -7.59
CA CYS B 282 -37.08 -37.00 -7.06
C CYS B 282 -37.82 -36.20 -6.00
N LYS B 283 -39.10 -35.90 -6.24
CA LYS B 283 -39.89 -35.20 -5.23
C LYS B 283 -39.88 -35.96 -3.91
N LEU B 284 -40.12 -37.27 -3.97
CA LEU B 284 -40.09 -38.07 -2.74
C LEU B 284 -38.70 -38.10 -2.13
N ALA B 285 -37.66 -38.25 -2.96
CA ALA B 285 -36.30 -38.30 -2.44
C ALA B 285 -35.95 -37.01 -1.69
N ALA B 286 -36.32 -35.86 -2.25
CA ALA B 286 -36.10 -34.61 -1.55
C ALA B 286 -36.95 -34.51 -0.30
N ALA B 287 -38.14 -35.10 -0.32
CA ALA B 287 -39.00 -35.10 0.87
C ALA B 287 -38.36 -35.87 2.02
N PHE B 288 -37.72 -37.01 1.72
CA PHE B 288 -37.14 -37.81 2.78
C PHE B 288 -35.85 -37.25 3.35
N SER B 289 -35.23 -36.26 2.70
CA SER B 289 -34.06 -35.60 3.25
C SER B 289 -34.29 -34.11 3.39
N ALA B 290 -35.48 -33.73 3.86
CA ALA B 290 -35.90 -32.33 3.91
C ALA B 290 -35.04 -31.49 4.84
N TYR B 291 -34.22 -32.10 5.68
CA TYR B 291 -33.37 -31.38 6.60
C TYR B 291 -31.90 -31.41 6.19
N THR B 292 -31.58 -32.04 5.07
CA THR B 292 -30.22 -32.02 4.51
C THR B 292 -30.24 -31.31 3.17
N PRO B 293 -29.86 -30.02 3.11
CA PRO B 293 -30.12 -29.23 1.90
C PRO B 293 -29.38 -29.69 0.65
N LEU B 294 -28.20 -30.32 0.78
CA LEU B 294 -27.48 -30.76 -0.42
C LEU B 294 -28.30 -31.79 -1.19
N PHE B 295 -28.77 -32.83 -0.50
CA PHE B 295 -29.50 -33.88 -1.19
C PHE B 295 -30.86 -33.39 -1.69
N VAL B 296 -31.45 -32.43 -0.99
CA VAL B 296 -32.65 -31.79 -1.51
C VAL B 296 -32.34 -31.11 -2.84
N LEU B 297 -31.21 -30.40 -2.91
CA LEU B 297 -30.81 -29.70 -4.12
C LEU B 297 -30.54 -30.68 -5.27
N THR B 298 -29.87 -31.78 -4.98
CA THR B 298 -29.61 -32.78 -6.02
C THR B 298 -30.91 -33.34 -6.57
N ALA B 299 -31.81 -33.73 -5.68
CA ALA B 299 -33.08 -34.31 -6.11
C ALA B 299 -33.90 -33.32 -6.93
N VAL B 300 -34.03 -32.09 -6.46
CA VAL B 300 -34.87 -31.16 -7.21
C VAL B 300 -34.20 -30.78 -8.53
N ASN B 301 -32.86 -30.84 -8.58
CA ASN B 301 -32.18 -30.63 -9.85
C ASN B 301 -32.59 -31.68 -10.87
N ILE B 302 -32.51 -32.96 -10.49
CA ILE B 302 -32.90 -34.00 -11.43
C ILE B 302 -34.36 -33.86 -11.80
N ARG B 303 -35.20 -33.49 -10.83
CA ARG B 303 -36.62 -33.29 -11.09
C ARG B 303 -36.86 -32.21 -12.12
N GLY B 304 -36.27 -31.04 -11.92
CA GLY B 304 -36.44 -29.95 -12.86
C GLY B 304 -35.95 -30.31 -14.25
N THR B 305 -34.83 -31.03 -14.32
CA THR B 305 -34.33 -31.48 -15.62
C THR B 305 -35.34 -32.40 -16.31
N CYS B 306 -35.91 -33.34 -15.55
CA CYS B 306 -36.90 -34.26 -16.12
C CYS B 306 -38.10 -33.51 -16.65
N LEU B 307 -38.64 -32.57 -15.86
CA LEU B 307 -39.83 -31.86 -16.28
C LEU B 307 -39.54 -30.96 -17.47
N LEU B 308 -38.34 -30.37 -17.51
CA LEU B 308 -37.94 -29.58 -18.67
C LEU B 308 -37.91 -30.44 -19.92
N SER B 309 -37.31 -31.63 -19.83
CA SER B 309 -37.22 -32.47 -21.02
C SER B 309 -38.59 -32.96 -21.46
N TYR B 310 -39.47 -33.28 -20.50
CA TYR B 310 -40.79 -33.79 -20.85
C TYR B 310 -41.69 -32.70 -21.40
N SER B 311 -41.56 -31.47 -20.90
CA SER B 311 -42.41 -30.38 -21.36
C SER B 311 -42.18 -30.09 -22.85
N SER B 312 -40.94 -30.19 -23.31
CA SER B 312 -40.61 -29.96 -24.71
C SER B 312 -40.85 -31.19 -25.58
N SER B 313 -41.15 -32.33 -24.98
CA SER B 313 -41.35 -33.55 -25.73
C SER B 313 -42.67 -33.53 -26.48
N ASN B 314 -42.76 -34.31 -27.55
CA ASN B 314 -44.01 -34.48 -28.25
C ASN B 314 -44.98 -35.39 -27.51
N ASP B 315 -44.51 -36.11 -26.50
CA ASP B 315 -45.37 -36.93 -25.67
C ASP B 315 -46.18 -36.12 -24.67
N CYS B 316 -45.87 -34.84 -24.50
CA CYS B 316 -46.59 -34.01 -23.54
C CYS B 316 -47.76 -33.34 -24.23
N PRO B 317 -48.99 -33.53 -23.74
CA PRO B 317 -50.12 -32.80 -24.29
C PRO B 317 -49.95 -31.31 -24.05
N PRO B 318 -50.29 -30.48 -25.03
CA PRO B 318 -50.06 -29.03 -24.87
C PRO B 318 -50.84 -28.42 -23.73
N GLU B 319 -51.90 -29.08 -23.24
CA GLU B 319 -52.66 -28.53 -22.12
C GLU B 319 -51.84 -28.55 -20.84
N LEU B 320 -50.94 -29.53 -20.69
CA LEU B 320 -50.17 -29.69 -19.47
C LEU B 320 -48.76 -29.13 -19.60
N LYS B 321 -48.41 -28.58 -20.77
CA LYS B 321 -47.05 -28.09 -20.99
C LYS B 321 -46.69 -27.00 -19.98
N ASN B 322 -47.52 -25.96 -19.90
CA ASN B 322 -47.24 -24.88 -18.96
C ASN B 322 -47.18 -25.38 -17.53
N LEU B 323 -48.04 -26.33 -17.18
CA LEU B 323 -48.04 -26.87 -15.83
C LEU B 323 -46.71 -27.53 -15.51
N HIS B 324 -46.23 -28.38 -16.41
CA HIS B 324 -44.97 -29.05 -16.16
C HIS B 324 -43.80 -28.07 -16.15
N LEU B 325 -43.87 -27.03 -16.98
CA LEU B 325 -42.83 -26.00 -16.93
C LEU B 325 -42.85 -25.27 -15.58
N CYS B 326 -44.03 -25.03 -15.02
CA CYS B 326 -44.10 -24.40 -13.71
C CYS B 326 -43.58 -25.32 -12.63
N GLU B 327 -43.80 -26.62 -12.76
CA GLU B 327 -43.22 -27.57 -11.82
C GLU B 327 -41.70 -27.56 -11.88
N ALA B 328 -41.14 -27.53 -13.10
CA ALA B 328 -39.68 -27.44 -13.22
C ALA B 328 -39.16 -26.15 -12.60
N LYS B 329 -39.85 -25.04 -12.85
CA LYS B 329 -39.49 -23.76 -12.25
C LYS B 329 -39.46 -23.89 -10.73
N GLU B 330 -40.51 -24.48 -10.15
CA GLU B 330 -40.54 -24.65 -8.70
C GLU B 330 -39.37 -25.50 -8.22
N ALA B 331 -39.08 -26.60 -8.92
CA ALA B 331 -37.99 -27.49 -8.51
C ALA B 331 -36.66 -26.74 -8.46
N PHE B 332 -36.29 -26.08 -9.56
CA PHE B 332 -35.03 -25.34 -9.55
C PHE B 332 -35.03 -24.23 -8.50
N GLU B 333 -36.19 -23.59 -8.30
CA GLU B 333 -36.28 -22.55 -7.27
C GLU B 333 -36.00 -23.11 -5.88
N ILE B 334 -36.57 -24.27 -5.56
CA ILE B 334 -36.28 -24.92 -4.29
C ILE B 334 -34.79 -25.16 -4.15
N GLY B 335 -34.18 -25.70 -5.22
CA GLY B 335 -32.75 -25.93 -5.20
C GLY B 335 -31.96 -24.67 -4.89
N LEU B 336 -32.30 -23.56 -5.55
CA LEU B 336 -31.62 -22.30 -5.29
C LEU B 336 -31.91 -21.77 -3.89
N LEU B 337 -33.08 -22.10 -3.33
CA LEU B 337 -33.41 -21.63 -2.00
C LEU B 337 -32.74 -22.46 -0.92
N THR B 338 -32.08 -23.56 -1.28
CA THR B 338 -31.34 -24.32 -0.28
C THR B 338 -30.23 -23.50 0.39
N LYS B 339 -29.78 -22.41 -0.21
CA LYS B 339 -28.84 -21.52 0.45
C LYS B 339 -29.57 -20.28 0.93
N ARG B 340 -29.69 -20.15 2.23
CA ARG B 340 -30.41 -19.06 2.86
C ARG B 340 -29.37 -18.07 3.30
N ASP B 341 -29.59 -16.83 2.90
CA ASP B 341 -28.65 -15.72 3.11
C ASP B 341 -27.34 -16.10 2.39
N ASP B 342 -26.22 -15.99 3.09
CA ASP B 342 -24.91 -16.29 2.54
C ASP B 342 -24.03 -17.20 3.38
N GLU B 343 -24.32 -18.48 3.46
CA GLU B 343 -23.43 -19.39 4.17
C GLU B 343 -22.36 -19.92 3.21
N PRO B 344 -21.18 -20.28 3.72
CA PRO B 344 -20.13 -20.78 2.83
C PRO B 344 -20.50 -22.13 2.25
N VAL B 345 -19.99 -22.39 1.05
CA VAL B 345 -20.20 -23.65 0.34
C VAL B 345 -18.83 -24.24 0.02
N THR B 346 -18.56 -25.41 0.58
CA THR B 346 -17.32 -26.14 0.31
C THR B 346 -17.63 -27.36 -0.54
N GLY B 347 -16.68 -27.73 -1.39
CA GLY B 347 -16.86 -28.91 -2.22
C GLY B 347 -17.37 -28.60 -3.61
N LYS B 348 -16.74 -29.19 -4.62
CA LYS B 348 -17.10 -28.93 -6.00
C LYS B 348 -18.52 -29.39 -6.32
N GLN B 349 -19.00 -30.42 -5.62
CA GLN B 349 -20.28 -31.01 -5.99
C GLN B 349 -21.43 -30.07 -5.66
N GLU B 350 -21.43 -29.47 -4.47
CA GLU B 350 -22.50 -28.57 -4.08
C GLU B 350 -22.54 -27.35 -4.99
N LEU B 351 -21.37 -26.77 -5.25
CA LEU B 351 -21.27 -25.63 -6.14
C LEU B 351 -21.80 -25.97 -7.52
N HIS B 352 -21.37 -27.12 -8.06
CA HIS B 352 -21.85 -27.56 -9.35
C HIS B 352 -23.36 -27.71 -9.36
N SER B 353 -23.93 -28.17 -8.24
CA SER B 353 -25.38 -28.33 -8.16
C SER B 353 -26.09 -26.98 -8.14
N PHE B 354 -25.52 -25.98 -7.48
CA PHE B 354 -26.12 -24.65 -7.50
C PHE B 354 -26.08 -24.05 -8.90
N VAL B 355 -24.92 -24.15 -9.58
CA VAL B 355 -24.85 -23.64 -10.94
C VAL B 355 -25.82 -24.38 -11.85
N LYS B 356 -25.97 -25.69 -11.64
CA LYS B 356 -26.92 -26.45 -12.44
C LYS B 356 -28.35 -25.98 -12.19
N ALA B 357 -28.67 -25.64 -10.93
CA ALA B 357 -30.01 -25.11 -10.64
C ALA B 357 -30.21 -23.76 -11.33
N ALA B 358 -29.15 -22.93 -11.36
CA ALA B 358 -29.26 -21.63 -12.02
C ALA B 358 -29.50 -21.79 -13.51
N PHE B 359 -28.72 -22.66 -14.16
CA PHE B 359 -28.96 -22.96 -15.57
C PHE B 359 -30.36 -23.50 -15.78
N GLY B 360 -30.83 -24.36 -14.87
CA GLY B 360 -32.15 -24.93 -15.02
C GLY B 360 -33.26 -23.89 -14.96
N LEU B 361 -33.19 -23.01 -13.96
CA LEU B 361 -34.20 -21.97 -13.84
C LEU B 361 -34.16 -21.00 -15.00
N THR B 362 -32.95 -20.59 -15.42
CA THR B 362 -32.85 -19.74 -16.60
C THR B 362 -33.44 -20.41 -17.82
N THR B 363 -33.20 -21.70 -17.98
CA THR B 363 -33.76 -22.41 -19.12
C THR B 363 -35.27 -22.43 -19.06
N VAL B 364 -35.85 -22.64 -17.88
CA VAL B 364 -37.30 -22.66 -17.76
C VAL B 364 -37.87 -21.29 -18.10
N HIS B 365 -37.25 -20.22 -17.62
CA HIS B 365 -37.68 -18.89 -18.00
C HIS B 365 -37.55 -18.67 -19.51
N ARG B 366 -36.54 -19.25 -20.12
CA ARG B 366 -36.39 -19.16 -21.57
C ARG B 366 -37.52 -19.88 -22.28
N ARG B 367 -37.97 -21.01 -21.73
CA ARG B 367 -39.05 -21.75 -22.36
C ARG B 367 -40.40 -21.09 -22.15
N LEU B 368 -40.56 -20.30 -21.07
CA LEU B 368 -41.85 -19.67 -20.82
C LEU B 368 -41.97 -18.29 -21.45
N HIS B 369 -40.90 -17.49 -21.44
CA HIS B 369 -41.00 -16.11 -21.90
C HIS B 369 -39.97 -15.80 -22.98
N GLY B 370 -39.84 -16.69 -23.96
CA GLY B 370 -38.94 -16.46 -25.08
C GLY B 370 -37.53 -16.11 -24.67
N GLU B 371 -36.83 -15.40 -25.55
CA GLU B 371 -35.48 -14.91 -25.30
C GLU B 371 -35.50 -13.44 -24.91
N THR B 372 -36.16 -13.16 -23.78
CA THR B 372 -36.25 -11.80 -23.28
C THR B 372 -34.89 -11.34 -22.77
N GLY B 373 -34.85 -10.09 -22.28
CA GLY B 373 -33.63 -9.55 -21.74
C GLY B 373 -33.27 -10.14 -20.39
N THR B 374 -34.27 -10.42 -19.55
CA THR B 374 -33.99 -10.95 -18.23
C THR B 374 -33.37 -12.34 -18.32
N VAL B 375 -33.85 -13.19 -19.23
CA VAL B 375 -33.25 -14.50 -19.40
C VAL B 375 -31.87 -14.38 -20.02
N HIS B 376 -31.64 -13.34 -20.82
CA HIS B 376 -30.31 -13.14 -21.40
C HIS B 376 -29.31 -12.76 -20.33
N ALA B 377 -29.66 -11.78 -19.50
CA ALA B 377 -28.80 -11.41 -18.38
C ALA B 377 -28.54 -12.60 -17.47
N ALA B 378 -29.60 -13.35 -17.15
CA ALA B 378 -29.42 -14.54 -16.33
C ALA B 378 -28.50 -15.54 -17.00
N SER B 379 -28.57 -15.66 -18.32
CA SER B 379 -27.67 -16.57 -19.03
C SER B 379 -26.23 -16.12 -18.89
N GLN B 380 -25.98 -14.82 -19.04
CA GLN B 380 -24.63 -14.29 -18.87
C GLN B 380 -24.10 -14.58 -17.48
N LEU B 381 -24.90 -14.29 -16.45
CA LEU B 381 -24.49 -14.61 -15.09
C LEU B 381 -24.21 -16.10 -14.94
N CYS B 382 -24.98 -16.94 -15.63
CA CYS B 382 -24.73 -18.37 -15.57
C CYS B 382 -23.38 -18.72 -16.18
N LYS B 383 -23.05 -18.13 -17.32
CA LYS B 383 -21.73 -18.35 -17.91
C LYS B 383 -20.63 -17.96 -16.94
N GLU B 384 -20.78 -16.78 -16.31
CA GLU B 384 -19.80 -16.34 -15.32
C GLU B 384 -19.64 -17.36 -14.20
N ALA B 385 -20.77 -17.79 -13.63
CA ALA B 385 -20.72 -18.76 -12.52
C ALA B 385 -20.09 -20.07 -12.96
N MET B 386 -20.32 -20.49 -14.20
CA MET B 386 -19.71 -21.73 -14.67
C MET B 386 -18.21 -21.57 -14.79
N GLY B 387 -17.75 -20.45 -15.36
CA GLY B 387 -16.32 -20.21 -15.45
C GLY B 387 -15.66 -20.25 -14.10
N LYS B 388 -16.19 -19.47 -13.15
CA LYS B 388 -15.62 -19.48 -11.81
C LYS B 388 -15.75 -20.85 -11.15
N LEU B 389 -16.76 -21.63 -11.54
CA LEU B 389 -16.94 -22.96 -10.95
C LEU B 389 -15.84 -23.90 -11.39
N TYR B 390 -15.59 -23.98 -12.69
CA TYR B 390 -14.53 -24.87 -13.17
C TYR B 390 -13.16 -24.37 -12.75
N ASN B 391 -12.99 -23.05 -12.67
CA ASN B 391 -11.77 -22.50 -12.08
C ASN B 391 -11.61 -22.98 -10.64
N PHE B 392 -12.71 -23.00 -9.89
CA PHE B 392 -12.67 -23.53 -8.53
C PHE B 392 -12.26 -25.00 -8.53
N SER B 393 -12.86 -25.79 -9.43
CA SER B 393 -12.58 -27.22 -9.45
C SER B 393 -11.12 -27.51 -9.75
N THR B 394 -10.51 -26.68 -10.60
CA THR B 394 -9.12 -26.89 -10.96
C THR B 394 -8.15 -26.24 -9.99
N SER B 395 -8.61 -25.28 -9.20
CA SER B 395 -7.71 -24.59 -8.28
C SER B 395 -7.27 -25.50 -7.14
N SER B 396 -6.02 -25.29 -6.71
CA SER B 396 -5.47 -26.03 -5.58
C SER B 396 -5.17 -25.17 -4.37
N ARG B 397 -5.29 -23.85 -4.46
CA ARG B 397 -4.98 -22.97 -3.34
C ARG B 397 -6.25 -22.71 -2.55
N SER B 398 -6.22 -23.02 -1.25
CA SER B 398 -7.43 -23.01 -0.44
C SER B 398 -8.10 -21.64 -0.44
N GLN B 399 -7.31 -20.57 -0.35
CA GLN B 399 -7.90 -19.24 -0.33
C GLN B 399 -8.58 -18.93 -1.66
N ASP B 400 -7.96 -19.31 -2.76
CA ASP B 400 -8.61 -19.16 -4.06
C ASP B 400 -9.91 -19.94 -4.13
N ARG B 401 -9.93 -21.13 -3.52
CA ARG B 401 -11.16 -21.90 -3.44
C ARG B 401 -12.24 -21.12 -2.69
N GLU B 402 -11.87 -20.55 -1.54
CA GLU B 402 -12.83 -19.79 -0.74
C GLU B 402 -13.39 -18.60 -1.53
N ALA B 403 -12.51 -17.85 -2.17
CA ALA B 403 -12.94 -16.66 -2.92
C ALA B 403 -13.84 -17.06 -4.08
N LEU B 404 -13.41 -18.04 -4.87
CA LEU B 404 -14.22 -18.45 -6.02
C LEU B 404 -15.55 -19.03 -5.58
N SER B 405 -15.59 -19.69 -4.42
CA SER B 405 -16.86 -20.17 -3.90
C SER B 405 -17.77 -19.01 -3.56
N GLN B 406 -17.25 -18.02 -2.83
CA GLN B 406 -18.06 -16.86 -2.47
C GLN B 406 -18.56 -16.14 -3.70
N GLU B 407 -17.74 -16.08 -4.75
CA GLU B 407 -18.16 -15.36 -5.96
C GLU B 407 -19.23 -16.14 -6.71
N VAL B 408 -19.06 -17.47 -6.81
CA VAL B 408 -20.08 -18.28 -7.49
C VAL B 408 -21.41 -18.18 -6.74
N MET B 409 -21.38 -18.23 -5.42
CA MET B 409 -22.61 -18.13 -4.66
C MET B 409 -23.21 -16.73 -4.73
N SER B 410 -22.37 -15.70 -4.82
CA SER B 410 -22.90 -14.35 -5.03
C SER B 410 -23.63 -14.26 -6.36
N VAL B 411 -23.03 -14.81 -7.41
CA VAL B 411 -23.71 -14.83 -8.71
C VAL B 411 -25.02 -15.59 -8.60
N ILE B 412 -25.03 -16.67 -7.82
CA ILE B 412 -26.27 -17.42 -7.60
C ILE B 412 -27.33 -16.51 -6.98
N ALA B 413 -26.94 -15.74 -5.96
CA ALA B 413 -27.87 -14.81 -5.33
C ALA B 413 -28.41 -13.81 -6.36
N GLN B 414 -27.54 -13.26 -7.20
CA GLN B 414 -28.00 -12.33 -8.21
C GLN B 414 -29.00 -12.98 -9.16
N VAL B 415 -28.75 -14.24 -9.52
CA VAL B 415 -29.68 -14.97 -10.37
C VAL B 415 -31.03 -15.14 -9.66
N LYS B 416 -31.00 -15.39 -8.35
CA LYS B 416 -32.24 -15.56 -7.61
C LYS B 416 -33.06 -14.28 -7.59
N GLU B 417 -32.43 -13.15 -7.24
CA GLU B 417 -33.17 -11.90 -7.19
C GLU B 417 -33.64 -11.47 -8.57
N HIS B 418 -32.84 -11.73 -9.61
CA HIS B 418 -33.21 -11.27 -10.94
C HIS B 418 -34.25 -12.15 -11.60
N LEU B 419 -34.50 -13.34 -11.05
CA LEU B 419 -35.49 -14.26 -11.60
C LEU B 419 -36.70 -14.35 -10.69
N GLN B 420 -36.75 -13.53 -9.64
CA GLN B 420 -37.88 -13.45 -8.73
C GLN B 420 -38.14 -14.80 -8.08
N VAL B 421 -37.09 -15.34 -7.46
CA VAL B 421 -37.18 -16.57 -6.69
C VAL B 421 -37.63 -16.18 -5.29
N GLN B 422 -38.92 -16.31 -5.03
CA GLN B 422 -39.48 -15.99 -3.72
C GLN B 422 -39.47 -17.23 -2.83
N SER B 423 -39.16 -17.01 -1.55
CA SER B 423 -39.13 -18.11 -0.59
C SER B 423 -40.51 -18.75 -0.48
N PHE B 424 -40.51 -20.07 -0.27
CA PHE B 424 -41.76 -20.78 -0.09
C PHE B 424 -42.14 -20.75 1.38
N SER B 425 -43.44 -20.97 1.63
CA SER B 425 -44.01 -20.93 2.96
C SER B 425 -44.08 -22.35 3.52
N ASN B 426 -43.48 -22.56 4.68
CA ASN B 426 -43.66 -23.80 5.42
C ASN B 426 -43.48 -23.48 6.90
N VAL B 427 -44.42 -23.96 7.72
CA VAL B 427 -44.32 -23.73 9.15
C VAL B 427 -43.23 -24.58 9.78
N ASP B 428 -42.72 -25.56 9.04
CA ASP B 428 -41.58 -26.36 9.48
C ASP B 428 -40.35 -25.58 9.04
N ASP B 429 -40.01 -24.57 9.85
CA ASP B 429 -38.98 -23.61 9.45
C ASP B 429 -37.64 -24.27 9.19
N ARG B 430 -37.40 -25.44 9.77
CA ARG B 430 -36.14 -26.13 9.55
C ARG B 430 -36.11 -26.93 8.25
N SER B 431 -37.23 -27.04 7.55
CA SER B 431 -37.33 -27.87 6.36
C SER B 431 -36.96 -27.08 5.11
N TYR B 432 -36.30 -27.76 4.18
CA TYR B 432 -35.88 -27.15 2.92
C TYR B 432 -36.78 -27.51 1.76
N VAL B 433 -37.96 -28.09 2.02
CA VAL B 433 -38.89 -28.44 0.95
C VAL B 433 -40.23 -27.79 1.23
N PRO B 434 -41.05 -27.52 0.21
CA PRO B 434 -42.38 -26.97 0.45
C PRO B 434 -43.28 -28.00 1.12
N GLU B 435 -44.38 -27.50 1.68
CA GLU B 435 -45.34 -28.41 2.31
C GLU B 435 -45.92 -29.38 1.31
N SER B 436 -45.99 -28.99 0.03
CA SER B 436 -46.43 -29.89 -1.02
C SER B 436 -45.59 -31.16 -1.08
N PHE B 437 -44.31 -31.08 -0.72
CA PHE B 437 -43.44 -32.25 -0.68
C PHE B 437 -43.69 -33.00 0.61
N GLU B 438 -44.74 -33.81 0.61
CA GLU B 438 -45.15 -34.54 1.79
C GLU B 438 -44.41 -35.87 1.90
N CYS B 439 -43.93 -36.16 3.11
CA CYS B 439 -43.17 -37.37 3.40
C CYS B 439 -44.13 -38.53 3.67
N ARG B 440 -44.79 -38.97 2.60
CA ARG B 440 -45.80 -40.01 2.69
C ARG B 440 -45.29 -41.31 2.08
N LEU B 441 -45.82 -42.42 2.57
CA LEU B 441 -45.42 -43.75 2.15
C LEU B 441 -46.59 -44.66 1.84
N ASP B 442 -47.68 -44.58 2.61
CA ASP B 442 -48.82 -45.46 2.38
C ASP B 442 -49.42 -45.24 0.99
N LYS B 443 -49.29 -44.04 0.44
CA LYS B 443 -49.62 -43.84 -0.96
C LYS B 443 -48.56 -44.44 -1.86
N LEU B 444 -47.30 -44.51 -1.41
CA LEU B 444 -46.20 -44.89 -2.26
C LEU B 444 -46.13 -46.41 -2.47
N ILE B 445 -46.22 -47.18 -1.39
CA ILE B 445 -46.11 -48.62 -1.47
C ILE B 445 -47.52 -49.19 -1.59
N LEU B 446 -47.91 -49.59 -2.79
CA LEU B 446 -49.22 -50.17 -3.02
C LEU B 446 -49.34 -51.52 -2.33
N ASN C 2 -37.85 25.64 -26.79
CA ASN C 2 -36.55 25.10 -26.41
C ASN C 2 -35.62 26.23 -25.98
N ASN C 3 -36.05 26.99 -24.99
CA ASN C 3 -35.28 28.11 -24.47
C ASN C 3 -35.07 27.93 -22.97
N GLN C 4 -33.90 28.34 -22.47
CA GLN C 4 -33.58 28.13 -21.07
C GLN C 4 -34.61 28.81 -20.16
N LYS C 5 -34.97 30.06 -20.50
CA LYS C 5 -35.88 30.81 -19.64
C LYS C 5 -37.27 30.21 -19.67
N VAL C 6 -37.76 29.82 -20.86
CA VAL C 6 -39.07 29.21 -20.99
C VAL C 6 -39.13 27.90 -20.22
N VAL C 7 -38.15 27.03 -20.45
CA VAL C 7 -38.14 25.72 -19.79
C VAL C 7 -38.04 25.88 -18.28
N ALA C 8 -37.21 26.83 -17.83
CA ALA C 8 -37.12 27.08 -16.39
C ALA C 8 -38.46 27.50 -15.82
N VAL C 9 -39.17 28.38 -16.53
CA VAL C 9 -40.45 28.85 -16.02
C VAL C 9 -41.46 27.70 -15.99
N LEU C 10 -41.46 26.84 -17.02
CA LEU C 10 -42.37 25.71 -17.04
C LEU C 10 -42.07 24.74 -15.91
N LEU C 11 -40.79 24.50 -15.62
CA LEU C 11 -40.45 23.62 -14.52
C LEU C 11 -40.87 24.22 -13.18
N GLN C 12 -40.73 25.54 -13.02
CA GLN C 12 -41.26 26.18 -11.81
C GLN C 12 -42.76 25.97 -11.70
N GLU C 13 -43.49 26.12 -12.80
CA GLU C 13 -44.92 25.92 -12.78
C GLU C 13 -45.29 24.48 -12.38
N CYS C 14 -44.54 23.50 -12.90
CA CYS C 14 -44.77 22.12 -12.49
C CYS C 14 -44.55 21.94 -10.99
N LYS C 15 -43.48 22.54 -10.46
CA LYS C 15 -43.25 22.44 -9.03
C LYS C 15 -44.40 23.06 -8.24
N GLN C 16 -44.90 24.21 -8.69
CA GLN C 16 -46.01 24.85 -8.00
C GLN C 16 -47.25 23.98 -8.01
N VAL C 17 -47.55 23.35 -9.14
CA VAL C 17 -48.66 22.42 -9.21
C VAL C 17 -48.47 21.27 -8.23
N LEU C 18 -47.24 20.76 -8.11
CA LEU C 18 -46.99 19.69 -7.16
C LEU C 18 -47.25 20.14 -5.72
N ASP C 19 -46.86 21.36 -5.39
CA ASP C 19 -47.13 21.89 -4.05
C ASP C 19 -48.63 21.99 -3.80
N GLN C 20 -49.36 22.54 -4.78
CA GLN C 20 -50.81 22.65 -4.63
C GLN C 20 -51.44 21.28 -4.42
N LEU C 21 -51.03 20.29 -5.22
CA LEU C 21 -51.53 18.93 -5.04
C LEU C 21 -51.20 18.38 -3.66
N LEU C 22 -50.06 18.80 -3.10
CA LEU C 22 -49.75 18.42 -1.73
C LEU C 22 -50.75 19.03 -0.76
N LEU C 23 -51.24 20.23 -1.05
CA LEU C 23 -52.26 20.81 -0.18
C LEU C 23 -53.65 20.23 -0.43
N GLU C 24 -53.92 19.73 -1.63
CA GLU C 24 -55.24 19.24 -1.98
C GLU C 24 -55.36 17.74 -1.73
N ALA C 25 -56.61 17.30 -1.60
CA ALA C 25 -56.90 15.88 -1.52
C ALA C 25 -56.95 15.29 -2.93
N PRO C 26 -56.51 14.04 -3.09
CA PRO C 26 -56.53 13.43 -4.41
C PRO C 26 -57.95 13.35 -4.96
N ASP C 27 -58.13 13.95 -6.14
CA ASP C 27 -59.41 13.97 -6.84
C ASP C 27 -59.11 14.14 -8.33
N VAL C 28 -58.64 13.06 -8.95
CA VAL C 28 -58.27 13.10 -10.35
C VAL C 28 -59.53 12.94 -11.19
N SER C 29 -59.89 13.98 -11.93
CA SER C 29 -61.08 13.90 -12.77
C SER C 29 -60.79 13.08 -14.02
N GLU C 30 -61.87 12.71 -14.72
CA GLU C 30 -61.70 12.07 -16.02
C GLU C 30 -61.11 13.02 -17.03
N GLU C 31 -61.35 14.32 -16.87
CA GLU C 31 -60.72 15.31 -17.72
C GLU C 31 -59.20 15.25 -17.59
N ASP C 32 -58.71 15.15 -16.35
CA ASP C 32 -57.28 15.05 -16.12
C ASP C 32 -56.70 13.81 -16.82
N LYS C 33 -57.38 12.67 -16.66
CA LYS C 33 -56.91 11.44 -17.29
C LYS C 33 -56.91 11.56 -18.81
N SER C 34 -57.94 12.14 -19.39
CA SER C 34 -57.99 12.29 -20.84
C SER C 34 -56.88 13.21 -21.34
N GLU C 35 -56.58 14.27 -20.58
CA GLU C 35 -55.49 15.14 -21.01
C GLU C 35 -54.14 14.43 -20.88
N ASP C 36 -53.98 13.59 -19.86
CA ASP C 36 -52.77 12.79 -19.74
C ASP C 36 -52.60 11.87 -20.94
N GLN C 37 -53.63 11.07 -21.23
CA GLN C 37 -53.58 10.15 -22.35
C GLN C 37 -53.35 10.87 -23.68
N ARG C 38 -53.99 12.03 -23.86
CA ARG C 38 -53.85 12.73 -25.14
C ARG C 38 -52.47 13.33 -25.28
N CYS C 39 -52.00 14.03 -24.24
CA CYS C 39 -50.67 14.63 -24.31
C CYS C 39 -49.59 13.58 -24.54
N ARG C 40 -49.73 12.43 -23.90
CA ARG C 40 -48.74 11.37 -24.12
C ARG C 40 -48.92 10.72 -25.48
N ALA C 41 -50.16 10.64 -25.97
CA ALA C 41 -50.43 9.95 -27.23
C ALA C 41 -49.92 10.72 -28.43
N LEU C 42 -49.90 12.06 -28.36
CA LEU C 42 -49.46 12.87 -29.48
C LEU C 42 -47.96 12.83 -29.68
N LEU C 43 -47.21 12.21 -28.78
CA LEU C 43 -45.78 12.11 -28.94
C LEU C 43 -45.45 11.10 -30.05
N PRO C 44 -44.34 11.30 -30.76
CA PRO C 44 -43.93 10.32 -31.76
C PRO C 44 -43.70 8.96 -31.13
N SER C 45 -43.84 7.91 -31.95
CA SER C 45 -43.79 6.55 -31.45
C SER C 45 -42.50 6.28 -30.69
N GLU C 46 -41.39 6.83 -31.17
CA GLU C 46 -40.11 6.63 -30.51
C GLU C 46 -40.13 7.20 -29.09
N LEU C 47 -40.73 8.39 -28.92
CA LEU C 47 -40.78 9.00 -27.60
C LEU C 47 -41.75 8.26 -26.69
N ARG C 48 -42.88 7.81 -27.22
CA ARG C 48 -43.80 7.04 -26.39
C ARG C 48 -43.16 5.75 -25.91
N THR C 49 -42.44 5.07 -26.81
CA THR C 49 -41.72 3.86 -26.42
C THR C 49 -40.67 4.17 -25.37
N LEU C 50 -39.91 5.26 -25.55
CA LEU C 50 -38.89 5.60 -24.57
C LEU C 50 -39.51 5.91 -23.21
N ILE C 51 -40.67 6.57 -23.21
CA ILE C 51 -41.35 6.87 -21.95
C ILE C 51 -41.78 5.59 -21.25
N GLN C 52 -42.35 4.65 -22.01
CA GLN C 52 -42.76 3.39 -21.41
C GLN C 52 -41.55 2.62 -20.88
N GLU C 53 -40.45 2.62 -21.62
CA GLU C 53 -39.25 1.90 -21.19
C GLU C 53 -38.66 2.52 -19.94
N ALA C 54 -38.64 3.85 -19.86
CA ALA C 54 -38.17 4.51 -18.65
C ALA C 54 -39.07 4.21 -17.47
N LYS C 55 -40.39 4.26 -17.69
CA LYS C 55 -41.33 3.92 -16.64
C LYS C 55 -41.16 2.48 -16.18
N GLU C 56 -40.77 1.59 -17.08
CA GLU C 56 -40.52 0.20 -16.70
C GLU C 56 -39.12 -0.02 -16.14
N MET C 57 -38.34 1.04 -15.97
CA MET C 57 -37.01 0.98 -15.37
C MET C 57 -36.08 0.04 -16.15
N LYS C 58 -36.12 0.17 -17.48
CA LYS C 58 -35.35 -0.70 -18.35
C LYS C 58 -33.85 -0.48 -18.23
N TRP C 59 -33.42 0.68 -17.74
CA TRP C 59 -32.01 1.03 -17.73
C TRP C 59 -31.81 2.16 -16.72
N PRO C 60 -30.64 2.23 -16.08
CA PRO C 60 -30.39 3.34 -15.17
C PRO C 60 -30.06 4.66 -15.87
N PHE C 61 -29.63 4.61 -17.13
CA PHE C 61 -29.40 5.78 -17.95
C PHE C 61 -30.16 5.64 -19.25
N VAL C 62 -30.58 6.75 -19.82
CA VAL C 62 -31.17 6.70 -21.16
C VAL C 62 -30.03 6.43 -22.13
N PRO C 63 -30.08 5.33 -22.88
CA PRO C 63 -28.95 4.96 -23.74
C PRO C 63 -29.04 5.59 -25.12
N GLU C 64 -27.88 5.94 -25.65
CA GLU C 64 -27.78 6.35 -27.04
C GLU C 64 -27.84 5.12 -27.94
N LYS C 65 -28.34 5.32 -29.16
CA LYS C 65 -28.53 4.18 -30.06
C LYS C 65 -27.19 3.53 -30.43
N TRP C 66 -26.16 4.35 -30.66
CA TRP C 66 -24.83 3.86 -31.02
C TRP C 66 -24.05 3.33 -29.83
N GLN C 67 -24.43 3.70 -28.61
CA GLN C 67 -23.67 3.39 -27.41
C GLN C 67 -23.47 1.89 -27.21
N LEU C 80 -29.96 10.85 -29.83
CA LEU C 80 -31.28 10.97 -29.24
C LEU C 80 -31.54 12.39 -28.74
N LYS C 81 -30.49 13.21 -28.75
CA LYS C 81 -30.67 14.63 -28.46
C LYS C 81 -31.59 15.29 -29.47
N ASP C 82 -31.63 14.75 -30.69
CA ASP C 82 -32.44 15.35 -31.75
C ASP C 82 -33.93 15.13 -31.50
N VAL C 83 -34.31 13.89 -31.19
CA VAL C 83 -35.73 13.59 -31.01
C VAL C 83 -36.28 14.31 -29.78
N ILE C 84 -35.51 14.34 -28.69
CA ILE C 84 -35.96 15.05 -27.50
C ILE C 84 -36.03 16.54 -27.76
N GLY C 85 -34.99 17.10 -28.40
CA GLY C 85 -35.02 18.52 -28.70
C GLY C 85 -36.19 18.91 -29.59
N ALA C 86 -36.59 18.03 -30.50
CA ALA C 86 -37.70 18.35 -31.39
C ALA C 86 -39.04 18.32 -30.66
N GLY C 87 -39.21 17.37 -29.74
CA GLY C 87 -40.48 17.22 -29.05
C GLY C 87 -40.47 17.64 -27.60
N LEU C 88 -39.55 18.54 -27.24
CA LEU C 88 -39.41 18.92 -25.84
C LEU C 88 -40.67 19.60 -25.30
N GLN C 89 -41.29 20.44 -26.11
CA GLN C 89 -42.48 21.17 -25.66
C GLN C 89 -43.62 20.21 -25.35
N GLN C 90 -43.86 19.26 -26.26
CA GLN C 90 -44.89 18.26 -26.01
C GLN C 90 -44.53 17.38 -24.83
N LEU C 91 -43.24 17.12 -24.62
CA LEU C 91 -42.83 16.32 -23.46
C LEU C 91 -43.11 17.05 -22.17
N LEU C 92 -42.88 18.36 -22.14
CA LEU C 92 -43.16 19.13 -20.93
C LEU C 92 -44.67 19.23 -20.69
N ALA C 93 -45.44 19.43 -21.76
CA ALA C 93 -46.89 19.42 -21.62
C ALA C 93 -47.38 18.10 -21.06
N SER C 94 -46.85 16.99 -21.57
CA SER C 94 -47.24 15.67 -21.07
C SER C 94 -46.76 15.47 -19.63
N LEU C 95 -45.65 16.09 -19.25
CA LEU C 95 -45.21 16.04 -17.86
C LEU C 95 -46.21 16.74 -16.95
N ARG C 96 -46.70 17.91 -17.37
CA ARG C 96 -47.71 18.60 -16.60
C ARG C 96 -48.99 17.78 -16.51
N ALA C 97 -49.46 17.24 -17.65
CA ALA C 97 -50.67 16.43 -17.63
C ALA C 97 -50.52 15.22 -16.73
N SER C 98 -49.35 14.58 -16.73
CA SER C 98 -49.14 13.45 -15.84
C SER C 98 -49.09 13.86 -14.38
N ILE C 99 -48.58 15.06 -14.10
CA ILE C 99 -48.59 15.54 -12.71
C ILE C 99 -50.03 15.76 -12.25
N LEU C 100 -50.83 16.44 -13.07
CA LEU C 100 -52.23 16.68 -12.71
C LEU C 100 -53.01 15.38 -12.58
N ALA C 101 -52.61 14.34 -13.32
CA ALA C 101 -53.26 13.05 -13.18
C ALA C 101 -52.74 12.24 -12.00
N ARG C 102 -51.80 12.80 -11.24
CA ARG C 102 -51.18 12.12 -10.10
C ARG C 102 -50.55 10.79 -10.49
N ASP C 103 -50.06 10.71 -11.72
CA ASP C 103 -49.32 9.55 -12.19
C ASP C 103 -47.83 9.90 -12.06
N CYS C 104 -47.34 9.78 -10.83
CA CYS C 104 -45.98 10.22 -10.54
C CYS C 104 -44.94 9.31 -11.17
N ALA C 105 -45.28 8.05 -11.42
CA ALA C 105 -44.36 7.15 -12.09
C ALA C 105 -44.10 7.63 -13.52
N ALA C 106 -45.15 7.99 -14.24
CA ALA C 106 -44.99 8.49 -15.60
C ALA C 106 -44.26 9.83 -15.61
N ALA C 107 -44.62 10.72 -14.68
CA ALA C 107 -43.95 12.01 -14.59
C ALA C 107 -42.46 11.84 -14.34
N ALA C 108 -42.10 10.94 -13.42
CA ALA C 108 -40.70 10.63 -13.20
C ALA C 108 -40.06 10.02 -14.44
N ALA C 109 -40.82 9.27 -15.23
CA ALA C 109 -40.28 8.75 -16.48
C ALA C 109 -39.93 9.88 -17.45
N ILE C 110 -40.80 10.88 -17.56
CA ILE C 110 -40.51 12.00 -18.45
C ILE C 110 -39.35 12.82 -17.91
N VAL C 111 -39.29 13.02 -16.60
CA VAL C 111 -38.14 13.70 -16.01
C VAL C 111 -36.86 12.96 -16.38
N PHE C 112 -36.87 11.63 -16.24
CA PHE C 112 -35.75 10.81 -16.66
C PHE C 112 -35.40 11.07 -18.12
N LEU C 113 -36.40 11.09 -18.98
CA LEU C 113 -36.15 11.21 -20.41
C LEU C 113 -35.51 12.55 -20.75
N VAL C 114 -35.97 13.65 -20.12
CA VAL C 114 -35.49 14.97 -20.48
C VAL C 114 -34.29 15.40 -19.65
N ASP C 115 -33.85 14.57 -18.71
CA ASP C 115 -32.81 14.98 -17.77
C ASP C 115 -31.54 15.48 -18.47
N ARG C 116 -31.02 14.70 -19.41
CA ARG C 116 -29.75 15.02 -20.05
C ARG C 116 -29.85 16.30 -20.86
N PHE C 117 -30.89 16.39 -21.69
CA PHE C 117 -31.11 17.60 -22.48
C PHE C 117 -31.22 18.82 -21.59
N LEU C 118 -31.92 18.71 -20.47
CA LEU C 118 -32.07 19.86 -19.59
C LEU C 118 -30.77 20.19 -18.86
N TYR C 119 -29.91 19.19 -18.62
CA TYR C 119 -28.58 19.49 -18.10
C TYR C 119 -27.79 20.31 -19.10
N GLY C 120 -27.99 20.07 -20.40
CA GLY C 120 -27.38 20.94 -21.38
C GLY C 120 -27.82 22.39 -21.30
N LEU C 121 -29.00 22.65 -20.75
CA LEU C 121 -29.55 24.01 -20.66
C LEU C 121 -29.36 24.65 -19.30
N ASP C 122 -28.64 24.02 -18.37
CA ASP C 122 -28.43 24.55 -17.03
C ASP C 122 -29.75 24.80 -16.31
N VAL C 123 -30.66 23.83 -16.39
CA VAL C 123 -31.94 23.93 -15.68
C VAL C 123 -32.17 22.66 -14.87
N SER C 124 -31.09 21.97 -14.51
CA SER C 124 -31.23 20.75 -13.72
C SER C 124 -31.75 21.03 -12.32
N GLY C 125 -31.50 22.22 -11.79
CA GLY C 125 -31.97 22.54 -10.45
C GLY C 125 -33.49 22.51 -10.36
N LYS C 126 -34.16 23.18 -11.30
CA LYS C 126 -35.61 23.18 -11.31
C LYS C 126 -36.17 21.80 -11.63
N LEU C 127 -35.55 21.08 -12.55
CA LEU C 127 -35.98 19.71 -12.83
C LEU C 127 -35.91 18.84 -11.59
N LEU C 128 -34.84 18.98 -10.80
CA LEU C 128 -34.72 18.22 -9.57
C LEU C 128 -35.74 18.70 -8.53
N GLN C 129 -36.12 19.96 -8.58
CA GLN C 129 -37.21 20.41 -7.73
C GLN C 129 -38.51 19.70 -8.10
N VAL C 130 -38.75 19.53 -9.40
CA VAL C 130 -39.92 18.76 -9.82
C VAL C 130 -39.83 17.32 -9.33
N ALA C 131 -38.63 16.72 -9.42
CA ALA C 131 -38.47 15.36 -8.94
C ALA C 131 -38.74 15.27 -7.44
N LYS C 132 -38.24 16.22 -6.66
CA LYS C 132 -38.48 16.22 -5.23
C LYS C 132 -39.97 16.37 -4.92
N GLY C 133 -40.67 17.21 -5.68
CA GLY C 133 -42.10 17.30 -5.50
C GLY C 133 -42.83 16.02 -5.80
N LEU C 134 -42.42 15.32 -6.88
CA LEU C 134 -42.99 14.01 -7.17
C LEU C 134 -42.80 13.05 -6.00
N HIS C 135 -41.58 13.02 -5.44
CA HIS C 135 -41.35 12.14 -4.31
C HIS C 135 -42.20 12.52 -3.10
N LYS C 136 -42.39 13.83 -2.88
CA LYS C 136 -43.23 14.26 -1.77
C LYS C 136 -44.66 13.80 -1.94
N LEU C 137 -45.20 13.90 -3.16
CA LEU C 137 -46.55 13.40 -3.39
C LEU C 137 -46.64 11.89 -3.17
N GLN C 138 -45.86 11.13 -3.92
CA GLN C 138 -45.91 9.66 -3.85
C GLN C 138 -44.51 9.14 -3.57
N PRO C 139 -44.17 8.91 -2.31
CA PRO C 139 -42.77 8.56 -1.96
C PRO C 139 -42.28 7.26 -2.58
N ALA C 140 -43.16 6.38 -3.03
CA ALA C 140 -42.72 5.14 -3.66
C ALA C 140 -42.34 5.32 -5.12
N THR C 141 -42.52 6.51 -5.68
CA THR C 141 -42.20 6.75 -7.09
C THR C 141 -40.73 6.49 -7.38
N PRO C 142 -40.41 5.57 -8.28
CA PRO C 142 -38.99 5.30 -8.59
C PRO C 142 -38.38 6.42 -9.41
N ILE C 143 -37.18 6.83 -9.01
CA ILE C 143 -36.41 7.88 -9.68
C ILE C 143 -35.14 7.27 -10.22
N ALA C 144 -34.88 7.52 -11.50
CA ALA C 144 -33.74 6.90 -12.18
C ALA C 144 -32.43 7.31 -11.53
N PRO C 145 -31.44 6.40 -11.45
CA PRO C 145 -30.13 6.79 -10.91
C PRO C 145 -29.49 7.96 -11.64
N GLN C 146 -29.76 8.11 -12.94
CA GLN C 146 -29.21 9.24 -13.68
C GLN C 146 -29.62 10.56 -13.05
N VAL C 147 -30.82 10.64 -12.49
CA VAL C 147 -31.31 11.88 -11.90
C VAL C 147 -30.66 12.13 -10.55
N VAL C 148 -30.49 11.07 -9.76
CA VAL C 148 -29.75 11.17 -8.51
C VAL C 148 -28.34 11.71 -8.77
N ILE C 149 -27.65 11.08 -9.71
CA ILE C 149 -26.33 11.55 -10.09
C ILE C 149 -26.39 12.97 -10.62
N ARG C 150 -27.48 13.35 -11.30
CA ARG C 150 -27.59 14.73 -11.74
C ARG C 150 -27.54 15.69 -10.56
N GLN C 151 -28.23 15.34 -9.47
CA GLN C 151 -28.07 16.13 -8.25
C GLN C 151 -26.61 16.18 -7.81
N ALA C 152 -25.93 15.03 -7.85
CA ALA C 152 -24.51 15.04 -7.52
C ALA C 152 -23.71 15.98 -8.41
N ARG C 153 -24.01 15.98 -9.71
CA ARG C 153 -23.25 16.79 -10.67
C ARG C 153 -23.40 18.27 -10.37
N ILE C 154 -24.65 18.74 -10.22
CA ILE C 154 -24.79 20.17 -9.95
C ILE C 154 -24.19 20.50 -8.60
N SER C 155 -24.18 19.56 -7.67
CA SER C 155 -23.51 19.80 -6.40
C SER C 155 -22.01 20.03 -6.60
N VAL C 156 -21.36 19.24 -7.47
CA VAL C 156 -19.95 19.50 -7.74
C VAL C 156 -19.75 20.83 -8.45
N ASN C 157 -20.59 21.11 -9.46
CA ASN C 157 -20.43 22.36 -10.19
C ASN C 157 -20.55 23.57 -9.29
N SER C 158 -21.26 23.45 -8.17
CA SER C 158 -21.42 24.52 -7.20
C SER C 158 -20.35 24.50 -6.12
N GLY C 159 -19.49 23.50 -6.10
CA GLY C 159 -18.49 23.39 -5.05
C GLY C 159 -18.96 22.69 -3.80
N LYS C 160 -20.17 22.13 -3.80
CA LYS C 160 -20.66 21.37 -2.65
C LYS C 160 -20.16 19.93 -2.78
N LEU C 161 -18.86 19.79 -2.54
CA LEU C 161 -18.17 18.54 -2.85
C LEU C 161 -18.59 17.42 -1.89
N LEU C 162 -18.64 17.72 -0.60
CA LEU C 162 -19.03 16.71 0.37
C LEU C 162 -20.49 16.29 0.18
N LYS C 163 -21.33 17.25 -0.20
CA LYS C 163 -22.73 16.93 -0.48
C LYS C 163 -22.85 15.96 -1.64
N ALA C 164 -22.22 16.28 -2.77
CA ALA C 164 -22.22 15.36 -3.90
C ALA C 164 -21.63 14.01 -3.54
N GLU C 165 -20.60 14.01 -2.69
CA GLU C 165 -19.91 12.77 -2.35
C GLU C 165 -20.74 11.88 -1.44
N TYR C 166 -21.66 12.44 -0.64
CA TYR C 166 -22.56 11.57 0.11
C TYR C 166 -23.48 10.79 -0.83
N ILE C 167 -24.02 11.45 -1.85
CA ILE C 167 -24.84 10.77 -2.85
C ILE C 167 -24.01 9.72 -3.58
N LEU C 168 -22.88 10.14 -4.16
CA LEU C 168 -22.04 9.23 -4.93
C LEU C 168 -21.60 8.04 -4.09
N SER C 169 -21.15 8.30 -2.85
CA SER C 169 -20.68 7.23 -1.99
C SER C 169 -21.82 6.28 -1.64
N SER C 170 -23.03 6.80 -1.46
CA SER C 170 -24.16 5.92 -1.20
C SER C 170 -24.43 5.00 -2.38
N LEU C 171 -24.33 5.54 -3.60
CA LEU C 171 -24.54 4.67 -4.76
C LEU C 171 -23.42 3.65 -4.91
N ILE C 172 -22.17 4.07 -4.73
CA ILE C 172 -21.04 3.18 -4.96
C ILE C 172 -21.02 2.06 -3.93
N SER C 173 -21.06 2.42 -2.65
CA SER C 173 -20.91 1.44 -1.59
C SER C 173 -22.11 0.50 -1.45
N ASN C 174 -23.23 0.79 -2.12
CA ASN C 174 -24.41 -0.05 -1.99
C ASN C 174 -24.87 -0.57 -3.35
N ASN C 175 -23.92 -0.85 -4.24
CA ASN C 175 -24.22 -1.46 -5.54
C ASN C 175 -25.29 -0.67 -6.30
N GLY C 176 -25.20 0.65 -6.23
CA GLY C 176 -26.08 1.52 -6.98
C GLY C 176 -27.52 1.56 -6.51
N ALA C 177 -27.81 1.05 -5.31
CA ALA C 177 -29.19 1.05 -4.82
C ALA C 177 -29.62 2.44 -4.39
N THR C 178 -30.78 2.87 -4.88
CA THR C 178 -31.33 4.18 -4.56
C THR C 178 -32.85 4.10 -4.59
N GLY C 179 -33.47 4.59 -3.53
CA GLY C 179 -34.93 4.72 -3.50
C GLY C 179 -35.63 3.41 -3.77
N THR C 180 -36.60 3.46 -4.68
CA THR C 180 -37.36 2.29 -5.08
C THR C 180 -37.03 1.87 -6.51
N TRP C 181 -35.81 2.14 -6.96
CA TRP C 181 -35.43 1.83 -8.32
C TRP C 181 -34.94 0.38 -8.39
N LEU C 182 -35.37 -0.33 -9.42
CA LEU C 182 -35.08 -1.74 -9.58
C LEU C 182 -34.16 -1.96 -10.77
N TYR C 183 -33.06 -2.65 -10.52
CA TYR C 183 -32.12 -3.03 -11.58
C TYR C 183 -32.52 -4.36 -12.21
N ARG C 184 -32.63 -4.37 -13.53
CA ARG C 184 -32.94 -5.59 -14.27
C ARG C 184 -31.76 -6.54 -14.39
N ASN C 185 -30.56 -6.10 -14.02
CA ASN C 185 -29.35 -6.91 -14.16
C ASN C 185 -28.25 -6.26 -13.32
N GLU C 186 -27.17 -7.02 -13.12
CA GLU C 186 -26.05 -6.55 -12.33
C GLU C 186 -25.13 -5.61 -13.09
N SER C 187 -25.16 -5.66 -14.43
CA SER C 187 -24.25 -4.83 -15.21
C SER C 187 -24.66 -3.37 -15.17
N ASP C 188 -25.97 -3.10 -15.11
CA ASP C 188 -26.43 -1.73 -14.93
C ASP C 188 -25.97 -1.17 -13.59
N LYS C 189 -25.92 -2.02 -12.56
CA LYS C 189 -25.35 -1.60 -11.29
C LYS C 189 -23.88 -1.23 -11.44
N VAL C 190 -23.11 -2.09 -12.12
CA VAL C 190 -21.71 -1.78 -12.34
C VAL C 190 -21.56 -0.50 -13.13
N LEU C 191 -22.49 -0.24 -14.05
CA LEU C 191 -22.45 0.99 -14.83
C LEU C 191 -22.63 2.21 -13.94
N VAL C 192 -23.68 2.20 -13.10
CA VAL C 192 -23.90 3.30 -12.16
C VAL C 192 -22.68 3.53 -11.30
N GLN C 193 -22.09 2.44 -10.79
CA GLN C 193 -20.87 2.57 -9.99
C GLN C 193 -19.74 3.22 -10.80
N SER C 194 -19.66 2.90 -12.09
CA SER C 194 -18.56 3.43 -12.88
C SER C 194 -18.71 4.92 -13.11
N VAL C 195 -19.93 5.38 -13.45
CA VAL C 195 -20.14 6.82 -13.59
C VAL C 195 -19.87 7.54 -12.28
N CYS C 196 -20.30 6.95 -11.16
CA CYS C 196 -20.05 7.63 -9.88
C CYS C 196 -18.56 7.73 -9.60
N ILE C 197 -17.80 6.69 -9.94
CA ILE C 197 -16.35 6.72 -9.74
C ILE C 197 -15.72 7.78 -10.65
N GLN C 198 -16.21 7.88 -11.89
CA GLN C 198 -15.77 8.94 -12.78
C GLN C 198 -15.96 10.31 -12.14
N ILE C 199 -17.13 10.53 -11.55
CA ILE C 199 -17.40 11.82 -10.93
C ILE C 199 -16.55 12.04 -9.69
N ARG C 200 -16.27 10.98 -8.93
CA ARG C 200 -15.27 11.11 -7.87
C ARG C 200 -13.95 11.60 -8.45
N GLY C 201 -13.57 11.06 -9.61
CA GLY C 201 -12.38 11.56 -10.28
C GLY C 201 -12.48 13.04 -10.58
N GLN C 202 -13.64 13.49 -11.05
CA GLN C 202 -13.82 14.93 -11.30
C GLN C 202 -13.74 15.74 -10.01
N ILE C 203 -14.17 15.18 -8.89
CA ILE C 203 -14.05 15.88 -7.61
C ILE C 203 -12.59 16.06 -7.25
N LEU C 204 -11.79 14.99 -7.37
CA LEU C 204 -10.38 15.13 -7.06
C LEU C 204 -9.67 16.04 -8.06
N GLN C 205 -10.15 16.05 -9.30
CA GLN C 205 -9.64 16.98 -10.31
C GLN C 205 -9.88 18.42 -9.87
N LYS C 206 -11.09 18.71 -9.39
CA LYS C 206 -11.39 20.04 -8.89
C LYS C 206 -10.51 20.39 -7.70
N LEU C 207 -10.05 19.40 -6.96
CA LEU C 207 -9.15 19.61 -5.84
C LEU C 207 -7.68 19.53 -6.25
N GLY C 208 -7.38 19.31 -7.52
CA GLY C 208 -6.00 19.30 -7.94
C GLY C 208 -5.18 18.12 -7.47
N MET C 209 -5.81 17.06 -6.96
CA MET C 209 -5.10 15.84 -6.59
C MET C 209 -4.99 14.96 -7.83
N TRP C 210 -4.00 15.28 -8.66
CA TRP C 210 -3.94 14.77 -10.02
C TRP C 210 -3.72 13.26 -10.04
N TYR C 211 -2.83 12.77 -9.17
CA TYR C 211 -2.54 11.34 -9.14
C TYR C 211 -3.78 10.52 -8.77
N GLU C 212 -4.41 10.86 -7.64
CA GLU C 212 -5.58 10.11 -7.21
C GLU C 212 -6.74 10.30 -8.17
N ALA C 213 -6.87 11.48 -8.74
CA ALA C 213 -7.90 11.70 -9.74
C ALA C 213 -7.70 10.78 -10.93
N ALA C 214 -6.46 10.68 -11.42
CA ALA C 214 -6.17 9.78 -12.52
C ALA C 214 -6.47 8.34 -12.15
N GLU C 215 -6.18 7.96 -10.90
CA GLU C 215 -6.48 6.60 -10.47
C GLU C 215 -7.99 6.33 -10.51
N LEU C 216 -8.79 7.27 -10.02
CA LEU C 216 -10.23 7.09 -10.03
C LEU C 216 -10.77 7.05 -11.45
N ILE C 217 -10.25 7.89 -12.34
CA ILE C 217 -10.70 7.88 -13.72
C ILE C 217 -10.35 6.54 -14.37
N TRP C 218 -9.17 6.03 -14.08
CA TRP C 218 -8.77 4.71 -14.57
C TRP C 218 -9.71 3.64 -14.07
N ALA C 219 -10.06 3.69 -12.79
CA ALA C 219 -11.04 2.74 -12.25
C ALA C 219 -12.35 2.84 -13.01
N SER C 220 -12.78 4.05 -13.36
CA SER C 220 -14.01 4.19 -14.13
C SER C 220 -13.87 3.55 -15.50
N ILE C 221 -12.68 3.65 -16.10
CA ILE C 221 -12.45 3.01 -17.39
C ILE C 221 -12.53 1.50 -17.27
N VAL C 222 -11.89 0.93 -16.23
CA VAL C 222 -11.99 -0.51 -15.99
C VAL C 222 -13.45 -0.91 -15.85
N GLY C 223 -14.21 -0.16 -15.07
CA GLY C 223 -15.61 -0.48 -14.89
C GLY C 223 -16.41 -0.41 -16.18
N TYR C 224 -16.12 0.60 -17.00
CA TYR C 224 -16.78 0.70 -18.30
C TYR C 224 -16.44 -0.49 -19.19
N LEU C 225 -15.21 -0.97 -19.12
CA LEU C 225 -14.80 -2.13 -19.92
C LEU C 225 -15.33 -3.44 -19.35
N ALA C 226 -15.68 -3.48 -18.08
CA ALA C 226 -16.15 -4.71 -17.44
C ALA C 226 -17.59 -5.06 -17.80
N LEU C 227 -18.24 -4.28 -18.63
CA LEU C 227 -19.62 -4.54 -18.99
C LEU C 227 -19.69 -5.47 -20.19
N PRO C 228 -20.78 -6.21 -20.34
CA PRO C 228 -20.96 -7.06 -21.54
C PRO C 228 -20.69 -6.29 -22.82
N GLN C 229 -21.41 -5.20 -23.01
CA GLN C 229 -21.15 -4.27 -24.11
C GLN C 229 -20.59 -2.98 -23.53
N PRO C 230 -19.27 -2.79 -23.56
CA PRO C 230 -18.66 -1.62 -22.92
C PRO C 230 -19.31 -0.30 -23.32
N ASP C 231 -19.29 0.64 -22.39
CA ASP C 231 -19.91 1.95 -22.55
C ASP C 231 -18.96 2.85 -23.31
N LYS C 232 -19.18 2.97 -24.62
CA LYS C 232 -18.29 3.80 -25.42
C LYS C 232 -18.39 5.28 -25.06
N LYS C 233 -19.59 5.73 -24.68
CA LYS C 233 -19.76 7.11 -24.24
C LYS C 233 -18.99 7.38 -22.96
N GLY C 234 -19.15 6.52 -21.95
CA GLY C 234 -18.41 6.68 -20.72
C GLY C 234 -16.91 6.60 -20.93
N LEU C 235 -16.47 5.70 -21.81
CA LEU C 235 -15.05 5.61 -22.12
C LEU C 235 -14.54 6.90 -22.75
N SER C 236 -15.32 7.47 -23.67
CA SER C 236 -14.94 8.74 -24.29
C SER C 236 -14.81 9.83 -23.23
N THR C 237 -15.81 9.96 -22.35
CA THR C 237 -15.77 10.99 -21.31
C THR C 237 -14.57 10.81 -20.41
N SER C 238 -14.37 9.58 -19.90
CA SER C 238 -13.26 9.33 -18.99
C SER C 238 -11.92 9.55 -19.67
N LEU C 239 -11.84 9.28 -20.98
CA LEU C 239 -10.60 9.54 -21.70
C LEU C 239 -10.33 11.03 -21.81
N GLY C 240 -11.38 11.83 -22.04
CA GLY C 240 -11.19 13.27 -22.07
C GLY C 240 -10.74 13.82 -20.72
N ILE C 241 -11.41 13.40 -19.66
CA ILE C 241 -11.02 13.87 -18.33
C ILE C 241 -9.60 13.45 -18.02
N LEU C 242 -9.25 12.19 -18.31
CA LEU C 242 -7.89 11.71 -18.07
C LEU C 242 -6.87 12.51 -18.87
N ALA C 243 -7.22 12.90 -20.09
CA ALA C 243 -6.33 13.74 -20.87
C ALA C 243 -6.08 15.07 -20.18
N ASP C 244 -7.15 15.75 -19.77
CA ASP C 244 -6.98 17.01 -19.05
C ASP C 244 -6.17 16.83 -17.78
N ILE C 245 -6.39 15.73 -17.04
CA ILE C 245 -5.63 15.48 -15.84
C ILE C 245 -4.15 15.32 -16.16
N PHE C 246 -3.84 14.61 -17.24
CA PHE C 246 -2.45 14.47 -17.68
C PHE C 246 -1.84 15.83 -17.99
N VAL C 247 -2.62 16.70 -18.66
CA VAL C 247 -2.11 18.04 -18.97
C VAL C 247 -1.82 18.79 -17.69
N SER C 248 -2.69 18.65 -16.68
CA SER C 248 -2.51 19.32 -15.42
C SER C 248 -1.44 18.68 -14.56
N MET C 249 -1.07 17.43 -14.85
CA MET C 249 -0.08 16.73 -14.04
C MET C 249 1.30 17.33 -14.18
N SER C 250 2.10 17.18 -13.14
CA SER C 250 3.53 17.37 -13.28
C SER C 250 4.15 16.11 -13.88
N LYS C 251 5.37 16.24 -14.37
CA LYS C 251 6.04 15.08 -14.95
C LYS C 251 6.37 14.03 -13.90
N ASN C 252 6.57 14.45 -12.66
CA ASN C 252 6.75 13.47 -11.58
C ASN C 252 5.46 12.72 -11.29
N ASP C 253 4.32 13.42 -11.33
CA ASP C 253 3.03 12.76 -11.19
C ASP C 253 2.83 11.71 -12.28
N TYR C 254 3.08 12.09 -13.54
CA TYR C 254 2.91 11.17 -14.64
C TYR C 254 3.89 10.02 -14.55
N GLU C 255 5.08 10.27 -14.00
CA GLU C 255 6.04 9.20 -13.78
C GLU C 255 5.52 8.20 -12.75
N LYS C 256 5.10 8.69 -11.59
CA LYS C 256 4.57 7.81 -10.56
C LYS C 256 3.33 7.07 -11.04
N PHE C 257 2.54 7.69 -11.91
CA PHE C 257 1.34 7.04 -12.42
C PHE C 257 1.67 5.98 -13.47
N LYS C 258 2.64 6.24 -14.34
CA LYS C 258 2.95 5.25 -15.37
C LYS C 258 3.71 4.06 -14.81
N ASN C 259 4.51 4.28 -13.76
CA ASN C 259 5.32 3.20 -13.22
C ASN C 259 4.55 2.28 -12.30
N ASN C 260 3.23 2.44 -12.20
CA ASN C 260 2.39 1.50 -11.48
C ASN C 260 1.91 0.45 -12.47
N PRO C 261 2.40 -0.79 -12.40
CA PRO C 261 2.06 -1.75 -13.46
C PRO C 261 0.61 -2.20 -13.43
N GLN C 262 -0.11 -1.94 -12.34
CA GLN C 262 -1.51 -2.33 -12.26
C GLN C 262 -2.39 -1.58 -13.24
N ILE C 263 -1.94 -0.40 -13.70
CA ILE C 263 -2.70 0.40 -14.65
C ILE C 263 -2.28 -0.04 -16.04
N ASN C 264 -3.10 -0.87 -16.66
CA ASN C 264 -2.76 -1.52 -17.93
C ASN C 264 -3.32 -0.73 -19.11
N LEU C 265 -2.90 0.52 -19.22
CA LEU C 265 -3.31 1.37 -20.33
C LEU C 265 -2.25 1.35 -21.43
N SER C 266 -2.67 1.05 -22.65
CA SER C 266 -1.75 1.03 -23.78
C SER C 266 -1.13 2.41 -24.01
N LEU C 267 -1.95 3.46 -23.94
CA LEU C 267 -1.42 4.81 -24.12
C LEU C 267 -0.44 5.18 -23.02
N LEU C 268 -0.52 4.52 -21.87
CA LEU C 268 0.40 4.83 -20.77
C LEU C 268 1.81 4.34 -21.07
N LYS C 269 1.95 3.06 -21.39
CA LYS C 269 3.27 2.52 -21.71
C LYS C 269 3.77 3.04 -23.05
N GLU C 270 2.88 3.19 -24.02
CA GLU C 270 3.29 3.55 -25.37
C GLU C 270 3.93 4.92 -25.45
N PHE C 271 3.65 5.81 -24.50
CA PHE C 271 4.13 7.18 -24.54
C PHE C 271 4.83 7.52 -23.23
N ASP C 272 5.87 8.35 -23.33
CA ASP C 272 6.68 8.71 -22.17
C ASP C 272 6.46 10.14 -21.71
N HIS C 273 5.80 10.98 -22.50
CA HIS C 273 5.51 12.34 -22.09
C HIS C 273 4.01 12.51 -21.87
N HIS C 274 3.65 13.22 -20.81
CA HIS C 274 2.24 13.31 -20.43
C HIS C 274 1.41 14.00 -21.51
N LEU C 275 2.00 14.91 -22.27
CA LEU C 275 1.23 15.52 -23.37
C LEU C 275 0.96 14.51 -24.47
N LEU C 276 1.87 13.56 -24.68
CA LEU C 276 1.65 12.56 -25.72
C LEU C 276 0.62 11.52 -25.27
N SER C 277 0.71 11.07 -24.02
CA SER C 277 -0.35 10.23 -23.48
C SER C 277 -1.70 10.93 -23.55
N ALA C 278 -1.73 12.22 -23.21
CA ALA C 278 -2.97 12.97 -23.30
C ALA C 278 -3.48 13.03 -24.73
N ALA C 279 -2.59 13.28 -25.68
CA ALA C 279 -3.01 13.35 -27.08
C ALA C 279 -3.59 12.03 -27.55
N GLU C 280 -2.96 10.91 -27.16
CA GLU C 280 -3.51 9.61 -27.53
C GLU C 280 -4.86 9.38 -26.87
N ALA C 281 -4.99 9.71 -25.60
CA ALA C 281 -6.27 9.57 -24.91
C ALA C 281 -7.35 10.40 -25.60
N CYS C 282 -6.99 11.58 -26.11
CA CYS C 282 -7.95 12.38 -26.84
C CYS C 282 -8.31 11.74 -28.17
N LYS C 283 -7.33 11.18 -28.86
CA LYS C 283 -7.59 10.47 -30.11
C LYS C 283 -8.59 9.34 -29.90
N LEU C 284 -8.36 8.53 -28.86
CA LEU C 284 -9.28 7.46 -28.53
C LEU C 284 -10.65 8.01 -28.14
N ALA C 285 -10.66 9.07 -27.33
CA ALA C 285 -11.92 9.66 -26.89
C ALA C 285 -12.77 10.09 -28.08
N ALA C 286 -12.15 10.73 -29.07
CA ALA C 286 -12.89 11.08 -30.27
C ALA C 286 -13.29 9.85 -31.06
N ALA C 287 -12.46 8.79 -31.02
CA ALA C 287 -12.82 7.57 -31.73
C ALA C 287 -14.08 6.94 -31.17
N PHE C 288 -14.21 6.92 -29.84
CA PHE C 288 -15.36 6.28 -29.22
C PHE C 288 -16.63 7.10 -29.34
N SER C 289 -16.53 8.37 -29.74
CA SER C 289 -17.70 9.21 -29.95
C SER C 289 -17.76 9.72 -31.38
N ALA C 290 -17.45 8.85 -32.34
CA ALA C 290 -17.33 9.23 -33.73
C ALA C 290 -18.66 9.69 -34.33
N TYR C 291 -19.79 9.44 -33.68
CA TYR C 291 -21.08 9.84 -34.22
C TYR C 291 -21.68 11.04 -33.50
N THR C 292 -21.02 11.57 -32.48
CA THR C 292 -21.45 12.80 -31.83
C THR C 292 -20.41 13.89 -32.08
N PRO C 293 -20.64 14.78 -33.03
CA PRO C 293 -19.54 15.65 -33.49
C PRO C 293 -19.01 16.60 -32.43
N LEU C 294 -19.83 16.99 -31.46
CA LEU C 294 -19.38 17.95 -30.46
C LEU C 294 -18.21 17.42 -29.65
N PHE C 295 -18.34 16.20 -29.12
CA PHE C 295 -17.29 15.66 -28.28
C PHE C 295 -16.06 15.28 -29.08
N VAL C 296 -16.25 14.90 -30.35
CA VAL C 296 -15.11 14.73 -31.24
C VAL C 296 -14.36 16.04 -31.38
N LEU C 297 -15.10 17.14 -31.52
CA LEU C 297 -14.48 18.45 -31.68
C LEU C 297 -13.74 18.90 -30.42
N THR C 298 -14.35 18.73 -29.24
CA THR C 298 -13.65 19.12 -28.01
C THR C 298 -12.43 18.26 -27.77
N ALA C 299 -12.58 16.94 -27.89
CA ALA C 299 -11.48 16.02 -27.66
C ALA C 299 -10.33 16.29 -28.64
N VAL C 300 -10.67 16.44 -29.91
CA VAL C 300 -9.64 16.66 -30.92
C VAL C 300 -9.02 18.04 -30.76
N ASN C 301 -9.77 19.00 -30.20
CA ASN C 301 -9.22 20.31 -29.87
C ASN C 301 -8.14 20.18 -28.82
N ILE C 302 -8.44 19.45 -27.74
CA ILE C 302 -7.43 19.23 -26.70
C ILE C 302 -6.23 18.48 -27.28
N ARG C 303 -6.49 17.55 -28.20
CA ARG C 303 -5.39 16.81 -28.82
C ARG C 303 -4.47 17.76 -29.58
N GLY C 304 -5.05 18.60 -30.44
CA GLY C 304 -4.22 19.54 -31.19
C GLY C 304 -3.45 20.48 -30.28
N THR C 305 -4.08 20.90 -29.18
CA THR C 305 -3.36 21.72 -28.21
C THR C 305 -2.18 20.98 -27.61
N CYS C 306 -2.39 19.71 -27.26
CA CYS C 306 -1.31 18.92 -26.66
C CYS C 306 -0.15 18.73 -27.64
N LEU C 307 -0.45 18.36 -28.88
CA LEU C 307 0.61 18.12 -29.85
C LEU C 307 1.34 19.40 -30.19
N LEU C 308 0.61 20.51 -30.31
CA LEU C 308 1.25 21.80 -30.52
C LEU C 308 2.17 22.14 -29.36
N SER C 309 1.71 21.91 -28.13
CA SER C 309 2.52 22.23 -26.96
C SER C 309 3.77 21.36 -26.91
N TYR C 310 3.66 20.09 -27.33
CA TYR C 310 4.81 19.20 -27.29
C TYR C 310 5.81 19.53 -28.39
N SER C 311 5.33 19.94 -29.57
CA SER C 311 6.22 20.15 -30.70
C SER C 311 7.26 21.24 -30.42
N SER C 312 6.85 22.32 -29.76
CA SER C 312 7.81 23.37 -29.45
C SER C 312 8.61 23.07 -28.19
N SER C 313 8.33 21.97 -27.50
CA SER C 313 9.05 21.69 -26.28
C SER C 313 10.48 21.27 -26.59
N ASN C 314 11.37 21.49 -25.63
CA ASN C 314 12.73 21.01 -25.75
C ASN C 314 12.85 19.51 -25.54
N ASP C 315 11.82 18.88 -24.98
CA ASP C 315 11.79 17.43 -24.82
C ASP C 315 11.43 16.71 -26.11
N CYS C 316 11.01 17.45 -27.14
CA CYS C 316 10.63 16.83 -28.40
C CYS C 316 11.84 16.74 -29.31
N PRO C 317 12.21 15.55 -29.78
CA PRO C 317 13.27 15.43 -30.76
C PRO C 317 12.90 16.14 -32.06
N PRO C 318 13.84 16.87 -32.66
CA PRO C 318 13.50 17.67 -33.84
C PRO C 318 13.05 16.87 -35.04
N GLU C 319 13.29 15.55 -35.08
CA GLU C 319 12.87 14.77 -36.24
C GLU C 319 11.36 14.66 -36.34
N LEU C 320 10.66 14.61 -35.22
CA LEU C 320 9.22 14.36 -35.21
C LEU C 320 8.38 15.63 -35.06
N LYS C 321 9.02 16.79 -34.99
CA LYS C 321 8.24 18.02 -34.85
C LYS C 321 7.33 18.22 -36.05
N ASN C 322 7.84 17.99 -37.26
CA ASN C 322 7.05 18.21 -38.47
C ASN C 322 5.78 17.37 -38.45
N LEU C 323 5.95 16.08 -38.19
CA LEU C 323 4.85 15.13 -38.14
C LEU C 323 3.87 15.49 -37.03
N HIS C 324 4.39 15.81 -35.86
CA HIS C 324 3.50 16.17 -34.75
C HIS C 324 2.66 17.39 -35.09
N LEU C 325 3.24 18.36 -35.80
CA LEU C 325 2.43 19.47 -36.29
C LEU C 325 1.42 18.99 -37.33
N CYS C 326 1.78 18.00 -38.14
CA CYS C 326 0.81 17.46 -39.07
C CYS C 326 -0.31 16.73 -38.35
N GLU C 327 0.01 16.06 -37.24
CA GLU C 327 -1.03 15.43 -36.43
C GLU C 327 -1.98 16.46 -35.84
N ALA C 328 -1.42 17.55 -35.29
CA ALA C 328 -2.26 18.59 -34.72
C ALA C 328 -3.13 19.25 -35.78
N LYS C 329 -2.52 19.61 -36.92
CA LYS C 329 -3.28 20.19 -38.02
C LYS C 329 -4.39 19.25 -38.49
N GLU C 330 -4.12 17.94 -38.46
CA GLU C 330 -5.18 16.99 -38.80
C GLU C 330 -6.29 17.03 -37.76
N ALA C 331 -5.93 17.10 -36.48
CA ALA C 331 -6.92 17.19 -35.41
C ALA C 331 -7.83 18.38 -35.62
N PHE C 332 -7.25 19.57 -35.75
CA PHE C 332 -8.05 20.78 -35.93
C PHE C 332 -8.86 20.71 -37.21
N GLU C 333 -8.31 20.09 -38.27
CA GLU C 333 -9.09 19.93 -39.49
C GLU C 333 -10.32 19.08 -39.25
N ILE C 334 -10.18 17.97 -38.53
CA ILE C 334 -11.33 17.14 -38.20
C ILE C 334 -12.36 17.96 -37.43
N GLY C 335 -11.90 18.73 -36.44
CA GLY C 335 -12.80 19.57 -35.69
C GLY C 335 -13.58 20.52 -36.57
N LEU C 336 -12.90 21.20 -37.49
CA LEU C 336 -13.59 22.13 -38.38
C LEU C 336 -14.50 21.40 -39.35
N LEU C 337 -14.17 20.17 -39.71
CA LEU C 337 -14.98 19.37 -40.60
C LEU C 337 -16.17 18.72 -39.89
N THR C 338 -16.24 18.85 -38.56
CA THR C 338 -17.38 18.32 -37.82
C THR C 338 -18.71 18.92 -38.27
N LYS C 339 -18.70 20.06 -38.95
CA LYS C 339 -19.94 20.64 -39.46
C LYS C 339 -19.99 20.54 -40.99
N PRO C 344 -26.51 24.49 -38.74
CA PRO C 344 -26.70 25.45 -37.65
C PRO C 344 -26.00 25.00 -36.37
N VAL C 345 -25.57 25.95 -35.55
CA VAL C 345 -24.91 25.65 -34.28
C VAL C 345 -25.67 26.35 -33.16
N THR C 346 -26.16 25.57 -32.21
CA THR C 346 -26.83 26.10 -31.03
C THR C 346 -25.91 25.91 -29.83
N GLY C 347 -25.96 26.86 -28.91
CA GLY C 347 -25.11 26.72 -27.75
C GLY C 347 -23.78 27.44 -27.91
N LYS C 348 -23.24 27.90 -26.78
CA LYS C 348 -21.99 28.65 -26.80
C LYS C 348 -20.77 27.76 -26.66
N GLN C 349 -20.90 26.56 -26.08
CA GLN C 349 -19.74 25.68 -25.96
C GLN C 349 -19.28 25.19 -27.33
N GLU C 350 -20.23 24.78 -28.17
CA GLU C 350 -19.87 24.31 -29.51
C GLU C 350 -19.22 25.42 -30.32
N LEU C 351 -19.79 26.62 -30.26
CA LEU C 351 -19.22 27.76 -30.96
C LEU C 351 -17.80 28.04 -30.46
N HIS C 352 -17.64 28.09 -29.15
CA HIS C 352 -16.31 28.35 -28.57
C HIS C 352 -15.32 27.29 -29.00
N SER C 353 -15.74 26.03 -29.11
CA SER C 353 -14.85 24.98 -29.55
C SER C 353 -14.48 25.14 -31.02
N PHE C 354 -15.42 25.59 -31.84
CA PHE C 354 -15.10 25.84 -33.25
C PHE C 354 -14.06 26.94 -33.37
N VAL C 355 -14.27 28.05 -32.66
CA VAL C 355 -13.30 29.14 -32.70
C VAL C 355 -11.95 28.68 -32.17
N LYS C 356 -11.97 27.83 -31.13
CA LYS C 356 -10.71 27.31 -30.61
C LYS C 356 -10.00 26.46 -31.65
N ALA C 357 -10.74 25.67 -32.41
CA ALA C 357 -10.14 24.86 -33.47
C ALA C 357 -9.53 25.75 -34.55
N ALA C 358 -10.22 26.83 -34.91
CA ALA C 358 -9.69 27.74 -35.92
C ALA C 358 -8.39 28.37 -35.45
N PHE C 359 -8.40 28.94 -34.24
CA PHE C 359 -7.17 29.51 -33.69
C PHE C 359 -6.06 28.48 -33.62
N GLY C 360 -6.39 27.23 -33.29
CA GLY C 360 -5.39 26.20 -33.22
C GLY C 360 -4.76 25.91 -34.58
N LEU C 361 -5.59 25.78 -35.62
CA LEU C 361 -5.07 25.49 -36.95
C LEU C 361 -4.23 26.65 -37.48
N THR C 362 -4.68 27.88 -37.27
CA THR C 362 -3.87 29.02 -37.67
C THR C 362 -2.55 29.04 -36.92
N THR C 363 -2.58 28.74 -35.62
CA THR C 363 -1.36 28.74 -34.83
C THR C 363 -0.36 27.69 -35.33
N VAL C 364 -0.84 26.48 -35.61
CA VAL C 364 0.06 25.44 -36.09
C VAL C 364 0.61 25.79 -37.48
N HIS C 365 -0.25 26.34 -38.36
CA HIS C 365 0.22 26.76 -39.67
C HIS C 365 1.31 27.83 -39.56
N ARG C 366 1.18 28.75 -38.60
CA ARG C 366 2.21 29.77 -38.42
C ARG C 366 3.45 29.20 -37.75
N ARG C 367 3.56 27.87 -37.72
CA ARG C 367 4.78 27.18 -37.34
C ARG C 367 5.43 26.44 -38.49
N LEU C 368 4.66 26.04 -39.50
CA LEU C 368 5.18 25.29 -40.63
C LEU C 368 5.63 26.21 -41.77
N HIS C 369 4.85 27.29 -41.93
CA HIS C 369 4.95 28.40 -42.90
C HIS C 369 4.73 29.73 -42.16
N GLY C 370 5.11 30.88 -42.70
CA GLY C 370 4.93 32.07 -41.85
C GLY C 370 4.12 33.28 -42.21
N GLU C 371 2.94 33.38 -41.63
CA GLU C 371 1.99 34.47 -41.83
C GLU C 371 1.80 34.74 -43.30
N THR C 372 1.48 33.68 -44.03
CA THR C 372 1.27 33.77 -45.43
C THR C 372 0.04 34.61 -45.52
N GLY C 373 0.05 35.64 -46.34
CA GLY C 373 -1.14 36.47 -46.33
C GLY C 373 -2.39 35.72 -45.92
N THR C 374 -2.64 34.56 -46.53
CA THR C 374 -3.88 33.85 -46.29
C THR C 374 -4.04 33.46 -44.83
N VAL C 375 -2.94 33.13 -44.15
CA VAL C 375 -3.05 32.77 -42.74
C VAL C 375 -3.42 33.95 -41.87
N HIS C 376 -3.10 35.17 -42.31
CA HIS C 376 -3.45 36.33 -41.51
C HIS C 376 -4.79 36.94 -41.90
N ALA C 377 -5.23 36.74 -43.14
CA ALA C 377 -6.65 36.99 -43.44
C ALA C 377 -7.52 36.05 -42.63
N ALA C 378 -7.15 34.76 -42.61
CA ALA C 378 -7.88 33.80 -41.78
C ALA C 378 -7.75 34.15 -40.30
N SER C 379 -6.60 34.67 -39.89
CA SER C 379 -6.43 35.09 -38.51
C SER C 379 -7.35 36.26 -38.16
N GLN C 380 -7.46 37.20 -39.06
CA GLN C 380 -8.36 38.30 -38.83
C GLN C 380 -9.75 37.71 -38.81
N LEU C 381 -9.99 36.71 -39.65
CA LEU C 381 -11.29 36.08 -39.72
C LEU C 381 -11.62 35.46 -38.37
N CYS C 382 -10.57 35.04 -37.69
CA CYS C 382 -10.64 34.37 -36.39
C CYS C 382 -10.94 35.39 -35.28
N LYS C 383 -10.31 36.55 -35.34
CA LYS C 383 -10.62 37.58 -34.34
C LYS C 383 -12.06 38.07 -34.47
N GLU C 384 -12.52 38.16 -35.70
CA GLU C 384 -13.88 38.58 -35.99
C GLU C 384 -14.88 37.61 -35.38
N ALA C 385 -14.59 36.32 -35.51
CA ALA C 385 -15.47 35.33 -34.91
C ALA C 385 -15.40 35.42 -33.41
N MET C 386 -14.22 35.68 -32.87
CA MET C 386 -14.06 35.74 -31.44
C MET C 386 -14.95 36.83 -30.90
N GLY C 387 -14.91 38.00 -31.52
CA GLY C 387 -15.78 39.08 -31.10
C GLY C 387 -17.25 38.72 -31.19
N LYS C 388 -17.68 38.23 -32.36
CA LYS C 388 -19.08 37.82 -32.51
C LYS C 388 -19.42 36.67 -31.58
N LEU C 389 -18.43 35.85 -31.24
CA LEU C 389 -18.68 34.73 -30.33
C LEU C 389 -18.99 35.22 -28.92
N TYR C 390 -18.16 36.12 -28.40
CA TYR C 390 -18.43 36.63 -27.06
C TYR C 390 -19.66 37.53 -27.03
N ASN C 391 -19.92 38.25 -28.12
CA ASN C 391 -21.20 38.94 -28.22
C ASN C 391 -22.36 37.95 -28.15
N PHE C 392 -22.22 36.80 -28.81
CA PHE C 392 -23.24 35.76 -28.73
C PHE C 392 -23.43 35.28 -27.30
N SER C 393 -22.33 34.96 -26.60
CA SER C 393 -22.45 34.43 -25.25
C SER C 393 -23.05 35.47 -24.30
N THR C 394 -22.75 36.75 -24.52
CA THR C 394 -23.26 37.80 -23.65
C THR C 394 -24.66 38.26 -24.03
N SER C 395 -25.09 38.02 -25.27
CA SER C 395 -26.42 38.46 -25.69
C SER C 395 -27.47 37.59 -25.03
N SER C 396 -28.61 38.21 -24.71
CA SER C 396 -29.74 37.51 -24.13
C SER C 396 -30.94 37.42 -25.08
N ARG C 397 -30.87 38.07 -26.24
CA ARG C 397 -31.94 38.06 -27.21
C ARG C 397 -31.74 36.91 -28.18
N SER C 398 -32.74 36.03 -28.29
CA SER C 398 -32.59 34.81 -29.06
C SER C 398 -32.27 35.12 -30.53
N GLN C 399 -32.91 36.13 -31.09
CA GLN C 399 -32.70 36.47 -32.49
C GLN C 399 -31.27 36.97 -32.72
N ASP C 400 -30.75 37.78 -31.81
CA ASP C 400 -29.35 38.18 -31.91
C ASP C 400 -28.43 36.98 -31.86
N ARG C 401 -28.71 36.04 -30.95
CA ARG C 401 -27.89 34.84 -30.84
C ARG C 401 -27.91 34.04 -32.13
N GLU C 402 -29.08 33.94 -32.75
CA GLU C 402 -29.22 33.22 -34.01
C GLU C 402 -28.40 33.90 -35.11
N ALA C 403 -28.53 35.22 -35.23
CA ALA C 403 -27.82 35.93 -36.28
C ALA C 403 -26.32 35.83 -36.09
N LEU C 404 -25.84 36.09 -34.88
CA LEU C 404 -24.41 36.01 -34.61
C LEU C 404 -23.88 34.61 -34.78
N SER C 405 -24.69 33.59 -34.48
CA SER C 405 -24.27 32.21 -34.73
C SER C 405 -24.12 31.96 -36.22
N GLN C 406 -25.12 32.34 -37.02
CA GLN C 406 -25.03 32.17 -38.46
C GLN C 406 -23.81 32.90 -39.01
N GLU C 407 -23.50 34.08 -38.46
CA GLU C 407 -22.38 34.86 -38.95
C GLU C 407 -21.06 34.20 -38.59
N VAL C 408 -20.86 33.87 -37.30
CA VAL C 408 -19.62 33.23 -36.89
C VAL C 408 -19.40 31.95 -37.68
N MET C 409 -20.48 31.21 -37.96
CA MET C 409 -20.34 30.02 -38.79
C MET C 409 -19.98 30.39 -40.23
N SER C 410 -20.42 31.55 -40.70
CA SER C 410 -19.98 31.99 -42.02
C SER C 410 -18.48 32.24 -42.05
N VAL C 411 -17.95 32.95 -41.04
CA VAL C 411 -16.51 33.18 -41.02
C VAL C 411 -15.74 31.87 -40.87
N ILE C 412 -16.23 30.95 -40.05
CA ILE C 412 -15.49 29.69 -39.93
C ILE C 412 -15.56 28.91 -41.23
N ALA C 413 -16.67 29.05 -41.94
CA ALA C 413 -16.80 28.35 -43.20
C ALA C 413 -15.78 28.89 -44.16
N GLN C 414 -15.63 30.22 -44.22
CA GLN C 414 -14.64 30.79 -45.12
C GLN C 414 -13.21 30.45 -44.73
N VAL C 415 -12.90 30.54 -43.45
CA VAL C 415 -11.54 30.14 -43.04
C VAL C 415 -11.30 28.67 -43.32
N LYS C 416 -12.37 27.86 -43.39
CA LYS C 416 -12.22 26.49 -43.88
C LYS C 416 -11.86 26.49 -45.36
N GLU C 417 -12.31 27.48 -46.11
CA GLU C 417 -11.91 27.55 -47.52
C GLU C 417 -10.57 28.26 -47.69
N HIS C 418 -10.32 29.33 -46.93
CA HIS C 418 -9.06 30.05 -47.04
C HIS C 418 -7.86 29.20 -46.65
N LEU C 419 -8.04 28.17 -45.84
CA LEU C 419 -6.88 27.33 -45.53
C LEU C 419 -6.94 25.99 -46.24
N GLN C 420 -7.92 25.87 -47.13
CA GLN C 420 -8.13 24.71 -48.01
C GLN C 420 -8.30 23.34 -47.38
N VAL C 421 -9.05 23.24 -46.29
CA VAL C 421 -9.25 21.95 -45.62
C VAL C 421 -10.06 20.98 -46.50
N GLN C 422 -9.64 19.72 -46.56
CA GLN C 422 -10.32 18.76 -47.42
C GLN C 422 -10.91 17.64 -46.59
N SER C 423 -12.09 17.18 -46.99
CA SER C 423 -12.76 16.11 -46.27
C SER C 423 -11.92 14.85 -46.28
N PHE C 424 -11.71 14.27 -45.09
CA PHE C 424 -10.97 13.01 -44.99
C PHE C 424 -11.78 11.88 -45.61
N SER C 425 -11.08 10.80 -45.95
CA SER C 425 -11.68 9.67 -46.64
C SER C 425 -12.28 8.71 -45.61
N ASN C 426 -13.57 8.42 -45.72
CA ASN C 426 -14.22 7.43 -44.87
C ASN C 426 -15.49 6.89 -45.56
N ASP C 428 -18.21 5.52 -44.11
CA ASP C 428 -19.30 5.50 -43.17
C ASP C 428 -19.54 6.98 -43.00
N ASP C 429 -19.85 7.60 -44.12
CA ASP C 429 -20.04 9.05 -44.13
C ASP C 429 -20.64 9.57 -42.83
N ARG C 430 -21.32 8.72 -42.07
CA ARG C 430 -21.91 9.15 -40.81
C ARG C 430 -20.87 9.39 -39.73
N SER C 431 -19.67 8.81 -39.88
CA SER C 431 -18.63 9.01 -38.87
C SER C 431 -17.97 10.36 -39.06
N TYR C 432 -17.64 11.01 -37.93
CA TYR C 432 -16.98 12.30 -37.94
C TYR C 432 -15.48 12.18 -37.65
N VAL C 433 -14.94 10.97 -37.71
CA VAL C 433 -13.53 10.73 -37.44
C VAL C 433 -12.95 9.99 -38.65
N PRO C 434 -11.66 10.14 -38.95
CA PRO C 434 -11.09 9.38 -40.06
C PRO C 434 -10.94 7.91 -39.72
N GLU C 435 -10.81 7.10 -40.77
CA GLU C 435 -10.62 5.66 -40.58
C GLU C 435 -9.32 5.37 -39.83
N SER C 436 -8.34 6.26 -39.93
CA SER C 436 -7.09 6.09 -39.19
C SER C 436 -7.36 5.96 -37.68
N PHE C 437 -8.43 6.60 -37.20
CA PHE C 437 -8.81 6.48 -35.80
C PHE C 437 -9.62 5.19 -35.64
N GLU C 438 -8.89 4.08 -35.65
CA GLU C 438 -9.52 2.77 -35.55
C GLU C 438 -9.96 2.54 -34.11
N CYS C 439 -11.25 2.32 -33.91
CA CYS C 439 -11.82 2.21 -32.58
C CYS C 439 -11.78 0.75 -32.12
N ARG C 440 -10.61 0.36 -31.62
CA ARG C 440 -10.41 -0.98 -31.07
C ARG C 440 -10.63 -0.92 -29.57
N LEU C 441 -11.50 -1.80 -29.06
CA LEU C 441 -11.81 -1.82 -27.64
C LEU C 441 -10.77 -2.57 -26.83
N ASP C 442 -9.87 -3.32 -27.48
CA ASP C 442 -8.77 -3.98 -26.79
C ASP C 442 -7.47 -3.19 -26.83
N LYS C 443 -7.38 -2.17 -27.69
CA LYS C 443 -6.18 -1.33 -27.68
C LYS C 443 -6.11 -0.43 -26.45
N LEU C 444 -6.99 -0.63 -25.48
CA LEU C 444 -6.90 0.06 -24.20
C LEU C 444 -6.06 -0.71 -23.19
N ILE C 445 -6.06 -2.05 -23.27
CA ILE C 445 -5.30 -2.87 -22.35
C ILE C 445 -4.47 -3.89 -23.14
N ASN D 2 73.29 -3.54 20.39
CA ASN D 2 72.53 -4.59 21.06
C ASN D 2 73.20 -5.95 20.89
N ASN D 3 74.45 -6.04 21.32
CA ASN D 3 75.22 -7.26 21.26
C ASN D 3 75.74 -7.59 22.66
N GLN D 4 75.79 -8.88 22.98
CA GLN D 4 76.17 -9.30 24.33
C GLN D 4 77.57 -8.80 24.70
N LYS D 5 78.54 -8.93 23.79
CA LYS D 5 79.92 -8.56 24.12
C LYS D 5 80.06 -7.05 24.33
N VAL D 6 79.44 -6.26 23.45
CA VAL D 6 79.51 -4.82 23.58
C VAL D 6 78.86 -4.35 24.87
N VAL D 7 77.64 -4.80 25.14
CA VAL D 7 76.94 -4.37 26.35
C VAL D 7 77.71 -4.81 27.59
N ALA D 8 78.26 -6.03 27.57
CA ALA D 8 79.04 -6.50 28.71
C ALA D 8 80.24 -5.60 28.94
N VAL D 9 80.93 -5.20 27.87
CA VAL D 9 82.10 -4.34 28.05
C VAL D 9 81.67 -2.98 28.58
N LEU D 10 80.57 -2.44 28.08
CA LEU D 10 80.11 -1.13 28.56
C LEU D 10 79.76 -1.19 30.05
N LEU D 11 79.11 -2.27 30.47
CA LEU D 11 78.75 -2.41 31.88
C LEU D 11 80.00 -2.56 32.73
N GLN D 12 81.01 -3.29 32.23
CA GLN D 12 82.29 -3.35 32.95
C GLN D 12 82.89 -1.95 33.12
N GLU D 13 82.84 -1.15 32.06
CA GLU D 13 83.37 0.21 32.13
C GLU D 13 82.62 1.04 33.14
N CYS D 14 81.29 0.91 33.17
CA CYS D 14 80.50 1.63 34.17
C CYS D 14 80.90 1.23 35.58
N LYS D 15 81.08 -0.08 35.81
CA LYS D 15 81.49 -0.53 37.14
C LYS D 15 82.86 0.03 37.52
N GLN D 16 83.80 0.05 36.56
CA GLN D 16 85.11 0.62 36.85
C GLN D 16 85.01 2.10 37.20
N VAL D 17 84.19 2.84 36.46
CA VAL D 17 83.95 4.25 36.80
C VAL D 17 83.42 4.37 38.21
N LEU D 18 82.51 3.48 38.60
CA LEU D 18 81.98 3.50 39.96
C LEU D 18 83.08 3.25 40.99
N ASP D 19 84.03 2.36 40.67
CA ASP D 19 85.14 2.12 41.57
C ASP D 19 86.02 3.36 41.71
N GLN D 20 86.32 4.03 40.60
CA GLN D 20 87.09 5.27 40.67
C GLN D 20 86.35 6.31 41.51
N LEU D 21 85.05 6.48 41.28
CA LEU D 21 84.29 7.43 42.10
C LEU D 21 84.34 7.05 43.56
N LEU D 22 84.45 5.76 43.85
CA LEU D 22 84.66 5.34 45.23
C LEU D 22 86.01 5.81 45.75
N LEU D 23 87.02 5.80 44.88
CA LEU D 23 88.33 6.28 45.32
C LEU D 23 88.42 7.80 45.35
N GLU D 24 87.65 8.49 44.53
CA GLU D 24 87.75 9.94 44.41
C GLU D 24 86.75 10.64 45.32
N ALA D 25 87.04 11.91 45.60
CA ALA D 25 86.11 12.74 46.33
C ALA D 25 85.05 13.30 45.39
N PRO D 26 83.83 13.49 45.88
CA PRO D 26 82.76 14.02 45.03
C PRO D 26 83.12 15.41 44.53
N ASP D 27 83.14 15.56 43.20
CA ASP D 27 83.47 16.82 42.53
C ASP D 27 82.80 16.79 41.15
N VAL D 28 81.49 16.98 41.14
CA VAL D 28 80.71 16.92 39.90
C VAL D 28 80.84 18.26 39.18
N SER D 29 81.49 18.24 38.02
CA SER D 29 81.69 19.45 37.24
C SER D 29 80.42 19.84 36.50
N GLU D 30 80.47 21.02 35.88
CA GLU D 30 79.36 21.44 35.02
C GLU D 30 79.29 20.60 33.76
N GLU D 31 80.42 20.07 33.29
CA GLU D 31 80.40 19.19 32.14
C GLU D 31 79.74 17.86 32.48
N ASP D 32 79.81 17.44 33.73
CA ASP D 32 79.11 16.23 34.14
C ASP D 32 77.60 16.45 34.18
N LYS D 33 77.16 17.54 34.82
CA LYS D 33 75.72 17.81 34.89
C LYS D 33 75.14 18.05 33.49
N SER D 34 75.84 18.85 32.69
CA SER D 34 75.36 19.15 31.35
C SER D 34 75.38 17.91 30.47
N GLU D 35 76.43 17.10 30.58
CA GLU D 35 76.51 15.87 29.80
C GLU D 35 75.38 14.93 30.19
N ASP D 36 75.04 14.88 31.48
CA ASP D 36 73.93 14.07 31.94
C ASP D 36 72.61 14.55 31.34
N GLN D 37 72.32 15.84 31.48
CA GLN D 37 71.09 16.40 30.93
C GLN D 37 71.00 16.17 29.43
N ARG D 38 72.13 16.31 28.73
CA ARG D 38 72.13 16.13 27.28
C ARG D 38 71.85 14.67 26.92
N CYS D 39 72.51 13.74 27.61
CA CYS D 39 72.34 12.33 27.29
C CYS D 39 70.91 11.88 27.54
N ARG D 40 70.29 12.35 28.63
CA ARG D 40 68.91 11.97 28.88
C ARG D 40 67.96 12.67 27.93
N ALA D 41 68.30 13.89 27.50
CA ALA D 41 67.38 14.65 26.66
C ALA D 41 67.25 14.04 25.27
N LEU D 42 68.31 13.40 24.76
CA LEU D 42 68.27 12.83 23.43
C LEU D 42 67.41 11.57 23.34
N LEU D 43 66.95 11.04 24.47
CA LEU D 43 66.10 9.86 24.44
C LEU D 43 64.70 10.20 23.95
N PRO D 44 64.04 9.27 23.26
CA PRO D 44 62.65 9.50 22.85
C PRO D 44 61.74 9.69 24.06
N SER D 45 60.62 10.38 23.82
CA SER D 45 59.74 10.79 24.91
C SER D 45 59.27 9.61 25.73
N GLU D 46 58.96 8.48 25.09
CA GLU D 46 58.50 7.32 25.83
C GLU D 46 59.57 6.84 26.81
N LEU D 47 60.83 6.84 26.39
CA LEU D 47 61.90 6.39 27.26
C LEU D 47 62.16 7.39 28.39
N ARG D 48 62.05 8.68 28.10
CA ARG D 48 62.25 9.67 29.15
C ARG D 48 61.16 9.56 30.21
N THR D 49 59.90 9.39 29.76
CA THR D 49 58.81 9.19 30.71
C THR D 49 59.01 7.92 31.52
N LEU D 50 59.45 6.84 30.87
CA LEU D 50 59.70 5.61 31.60
C LEU D 50 60.82 5.79 32.62
N ILE D 51 61.85 6.56 32.27
CA ILE D 51 62.94 6.80 33.21
C ILE D 51 62.45 7.58 34.41
N GLN D 52 61.65 8.63 34.18
CA GLN D 52 61.14 9.41 35.30
C GLN D 52 60.22 8.57 36.18
N GLU D 53 59.36 7.76 35.56
CA GLU D 53 58.45 6.92 36.33
C GLU D 53 59.21 5.87 37.14
N ALA D 54 60.26 5.30 36.55
CA ALA D 54 61.09 4.36 37.30
C ALA D 54 61.79 5.04 38.45
N LYS D 55 62.38 6.21 38.19
CA LYS D 55 63.01 6.98 39.26
C LYS D 55 61.98 7.37 40.32
N GLU D 56 60.74 7.61 39.91
CA GLU D 56 59.67 7.91 40.85
C GLU D 56 59.05 6.66 41.46
N MET D 57 59.58 5.48 41.13
CA MET D 57 59.19 4.23 41.78
C MET D 57 57.71 3.94 41.59
N LYS D 58 57.24 4.12 40.35
CA LYS D 58 55.83 3.96 40.04
C LYS D 58 55.39 2.51 40.16
N TRP D 59 56.31 1.56 39.99
CA TRP D 59 55.94 0.15 39.93
C TRP D 59 57.15 -0.68 40.33
N PRO D 60 56.95 -1.90 40.85
CA PRO D 60 58.10 -2.76 41.17
C PRO D 60 58.65 -3.50 39.97
N PHE D 61 57.87 -3.67 38.90
CA PHE D 61 58.34 -4.22 37.65
C PHE D 61 57.96 -3.26 36.53
N VAL D 62 58.79 -3.22 35.50
CA VAL D 62 58.44 -2.46 34.30
C VAL D 62 57.33 -3.23 33.60
N PRO D 63 56.17 -2.63 33.40
CA PRO D 63 55.03 -3.38 32.85
C PRO D 63 55.02 -3.37 31.33
N GLU D 64 54.33 -4.36 30.78
CA GLU D 64 54.18 -4.51 29.34
C GLU D 64 52.90 -3.82 28.87
N LYS D 65 52.82 -3.64 27.57
CA LYS D 65 51.64 -3.07 27.00
C LYS D 65 50.42 -3.99 27.13
N TRP D 66 50.62 -5.27 26.90
CA TRP D 66 49.52 -6.23 26.93
C TRP D 66 49.37 -6.96 28.23
N GLN D 67 50.18 -6.60 29.20
CA GLN D 67 50.19 -7.29 30.48
C GLN D 67 48.89 -7.24 31.25
N TYR D 68 48.19 -6.13 31.16
CA TYR D 68 46.97 -5.96 31.92
C TYR D 68 45.81 -5.54 31.02
N LYS D 69 44.70 -5.11 31.63
CA LYS D 69 43.48 -4.77 30.91
C LYS D 69 42.97 -5.98 30.13
N LEU D 80 57.48 -3.18 24.83
CA LEU D 80 58.53 -2.28 25.29
C LEU D 80 59.90 -2.82 24.92
N LYS D 81 59.94 -4.10 24.55
CA LYS D 81 61.21 -4.68 24.11
C LYS D 81 61.73 -4.00 22.86
N ASP D 82 60.82 -3.53 22.00
CA ASP D 82 61.23 -2.84 20.79
C ASP D 82 61.84 -1.48 21.10
N VAL D 83 61.17 -0.68 21.94
CA VAL D 83 61.66 0.66 22.23
C VAL D 83 62.96 0.58 23.04
N ILE D 84 63.05 -0.36 23.97
CA ILE D 84 64.28 -0.52 24.74
C ILE D 84 65.40 -1.00 23.84
N GLY D 85 65.12 -1.97 22.98
CA GLY D 85 66.14 -2.42 22.05
C GLY D 85 66.61 -1.34 21.11
N ALA D 86 65.71 -0.43 20.72
CA ALA D 86 66.09 0.62 19.79
C ALA D 86 66.99 1.66 20.44
N GLY D 87 66.73 2.00 21.69
CA GLY D 87 67.52 3.03 22.34
C GLY D 87 68.48 2.53 23.39
N LEU D 88 68.89 1.27 23.29
CA LEU D 88 69.73 0.70 24.33
C LEU D 88 71.07 1.41 24.43
N GLN D 89 71.66 1.75 23.27
CA GLN D 89 72.95 2.44 23.27
C GLN D 89 72.87 3.77 24.01
N GLN D 90 71.85 4.56 23.72
CA GLN D 90 71.71 5.84 24.39
C GLN D 90 71.28 5.66 25.83
N LEU D 91 70.61 4.55 26.16
CA LEU D 91 70.29 4.29 27.56
C LEU D 91 71.54 4.00 28.36
N LEU D 92 72.48 3.26 27.79
CA LEU D 92 73.74 2.99 28.49
C LEU D 92 74.60 4.24 28.56
N ALA D 93 74.61 5.04 27.48
CA ALA D 93 75.31 6.32 27.53
C ALA D 93 74.74 7.21 28.64
N SER D 94 73.42 7.26 28.75
CA SER D 94 72.80 8.05 29.81
C SER D 94 73.09 7.46 31.18
N LEU D 95 73.24 6.14 31.27
CA LEU D 95 73.63 5.53 32.53
C LEU D 95 75.02 5.98 32.95
N ARG D 96 75.97 5.98 32.00
CA ARG D 96 77.32 6.43 32.30
C ARG D 96 77.33 7.91 32.68
N ALA D 97 76.62 8.74 31.91
CA ALA D 97 76.56 10.16 32.22
C ALA D 97 75.95 10.41 33.59
N SER D 98 74.92 9.64 33.93
CA SER D 98 74.30 9.78 35.24
C SER D 98 75.23 9.31 36.36
N ILE D 99 76.04 8.30 36.09
CA ILE D 99 77.02 7.84 37.07
C ILE D 99 78.07 8.92 37.31
N LEU D 100 78.62 9.49 36.22
CA LEU D 100 79.61 10.56 36.35
C LEU D 100 79.05 11.76 37.07
N ALA D 101 77.75 12.02 36.93
CA ALA D 101 77.12 13.10 37.68
C ALA D 101 76.75 12.68 39.10
N ARG D 102 77.06 11.45 39.49
CA ARG D 102 76.74 10.90 40.81
C ARG D 102 75.25 10.99 41.11
N ASP D 103 74.42 10.84 40.08
CA ASP D 103 72.97 10.76 40.26
C ASP D 103 72.61 9.28 40.28
N CYS D 104 72.83 8.67 41.45
CA CYS D 104 72.68 7.23 41.55
C CYS D 104 71.22 6.80 41.44
N ALA D 105 70.27 7.66 41.83
CA ALA D 105 68.87 7.32 41.68
C ALA D 105 68.50 7.20 40.21
N ALA D 106 68.93 8.15 39.38
CA ALA D 106 68.65 8.09 37.95
C ALA D 106 69.35 6.89 37.31
N ALA D 107 70.61 6.64 37.71
CA ALA D 107 71.31 5.48 37.19
C ALA D 107 70.58 4.20 37.53
N ALA D 108 70.14 4.08 38.79
CA ALA D 108 69.36 2.92 39.20
C ALA D 108 68.06 2.80 38.41
N ALA D 109 67.45 3.93 38.06
CA ALA D 109 66.27 3.89 37.22
C ALA D 109 66.58 3.32 35.84
N ILE D 110 67.72 3.70 35.27
CA ILE D 110 68.10 3.15 33.97
C ILE D 110 68.41 1.67 34.08
N VAL D 111 69.09 1.25 35.15
CA VAL D 111 69.32 -0.17 35.36
C VAL D 111 68.00 -0.92 35.41
N PHE D 112 67.03 -0.37 36.14
CA PHE D 112 65.68 -0.92 36.17
C PHE D 112 65.11 -1.06 34.76
N LEU D 113 65.27 -0.02 33.93
CA LEU D 113 64.68 -0.05 32.59
C LEU D 113 65.34 -1.10 31.70
N VAL D 114 66.66 -1.27 31.80
CA VAL D 114 67.35 -2.20 30.91
C VAL D 114 67.46 -3.60 31.49
N ASP D 115 66.97 -3.81 32.72
CA ASP D 115 67.16 -5.08 33.42
C ASP D 115 66.64 -6.27 32.61
N ARG D 116 65.39 -6.20 32.15
CA ARG D 116 64.78 -7.34 31.48
C ARG D 116 65.49 -7.65 30.17
N PHE D 117 65.69 -6.61 29.35
CA PHE D 117 66.37 -6.77 28.08
C PHE D 117 67.77 -7.36 28.26
N LEU D 118 68.49 -6.89 29.28
CA LEU D 118 69.84 -7.39 29.50
C LEU D 118 69.83 -8.81 30.03
N TYR D 119 68.77 -9.20 30.73
CA TYR D 119 68.62 -10.61 31.07
C TYR D 119 68.45 -11.44 29.81
N GLY D 120 67.74 -10.90 28.82
CA GLY D 120 67.67 -11.57 27.54
C GLY D 120 69.01 -11.75 26.85
N LEU D 121 69.99 -10.92 27.16
CA LEU D 121 71.32 -10.99 26.56
C LEU D 121 72.34 -11.71 27.42
N ASP D 122 71.92 -12.25 28.56
CA ASP D 122 72.81 -12.98 29.48
C ASP D 122 73.95 -12.10 29.97
N VAL D 123 73.62 -10.87 30.38
CA VAL D 123 74.59 -9.96 30.95
C VAL D 123 74.08 -9.37 32.25
N SER D 124 73.15 -10.08 32.91
CA SER D 124 72.57 -9.56 34.14
C SER D 124 73.60 -9.49 35.26
N GLY D 125 74.62 -10.34 35.24
CA GLY D 125 75.63 -10.30 36.28
C GLY D 125 76.39 -8.98 36.30
N LYS D 126 76.81 -8.53 35.11
CA LYS D 126 77.54 -7.26 35.03
C LYS D 126 76.64 -6.08 35.43
N LEU D 127 75.39 -6.10 34.96
CA LEU D 127 74.42 -5.08 35.36
C LEU D 127 74.25 -5.05 36.87
N LEU D 128 74.19 -6.22 37.51
CA LEU D 128 74.07 -6.27 38.96
C LEU D 128 75.34 -5.78 39.63
N GLN D 129 76.49 -5.93 38.97
CA GLN D 129 77.70 -5.30 39.48
C GLN D 129 77.57 -3.78 39.45
N VAL D 130 76.98 -3.24 38.39
CA VAL D 130 76.75 -1.80 38.33
C VAL D 130 75.83 -1.34 39.45
N ALA D 131 74.74 -2.08 39.67
CA ALA D 131 73.83 -1.73 40.76
C ALA D 131 74.54 -1.79 42.11
N LYS D 132 75.37 -2.81 42.31
CA LYS D 132 76.11 -2.92 43.56
C LYS D 132 77.04 -1.74 43.76
N GLY D 133 77.67 -1.28 42.66
CA GLY D 133 78.48 -0.08 42.76
C GLY D 133 77.67 1.14 43.14
N LEU D 134 76.48 1.29 42.55
CA LEU D 134 75.60 2.37 42.94
C LEU D 134 75.30 2.32 44.44
N HIS D 135 75.00 1.14 44.96
CA HIS D 135 74.73 1.06 46.39
C HIS D 135 75.97 1.39 47.22
N LYS D 136 77.16 1.03 46.72
CA LYS D 136 78.37 1.36 47.46
C LYS D 136 78.59 2.87 47.53
N LEU D 137 78.29 3.59 46.44
CA LEU D 137 78.44 5.04 46.48
C LEU D 137 77.41 5.68 47.39
N GLN D 138 76.13 5.47 47.10
CA GLN D 138 75.03 6.09 47.83
C GLN D 138 74.09 5.00 48.30
N PRO D 139 74.24 4.52 49.53
CA PRO D 139 73.45 3.38 49.99
C PRO D 139 71.96 3.62 50.06
N ALA D 140 71.51 4.88 50.09
CA ALA D 140 70.08 5.15 50.11
C ALA D 140 69.44 5.04 48.74
N THR D 141 70.22 4.79 47.70
CA THR D 141 69.71 4.67 46.35
C THR D 141 68.69 3.55 46.26
N PRO D 142 67.45 3.82 45.82
CA PRO D 142 66.45 2.77 45.73
C PRO D 142 66.71 1.86 44.52
N ILE D 143 66.60 0.55 44.75
CA ILE D 143 66.78 -0.46 43.71
C ILE D 143 65.48 -1.22 43.55
N ALA D 144 65.02 -1.35 42.31
CA ALA D 144 63.72 -1.95 42.06
C ALA D 144 63.68 -3.39 42.53
N PRO D 145 62.54 -3.86 43.06
CA PRO D 145 62.44 -5.28 43.43
C PRO D 145 62.72 -6.19 42.26
N GLN D 146 62.40 -5.77 41.05
CA GLN D 146 62.70 -6.58 39.86
C GLN D 146 64.19 -6.91 39.76
N VAL D 147 65.06 -5.98 40.17
CA VAL D 147 66.50 -6.18 40.06
C VAL D 147 67.01 -7.13 41.15
N VAL D 148 66.48 -6.98 42.36
CA VAL D 148 66.75 -7.94 43.44
C VAL D 148 66.36 -9.35 43.01
N ILE D 149 65.14 -9.50 42.49
CA ILE D 149 64.72 -10.78 41.95
C ILE D 149 65.62 -11.24 40.81
N ARG D 150 66.18 -10.31 40.04
CA ARG D 150 67.12 -10.72 39.00
C ARG D 150 68.34 -11.40 39.61
N GLN D 151 68.87 -10.83 40.70
CA GLN D 151 69.95 -11.52 41.40
C GLN D 151 69.52 -12.91 41.84
N ALA D 152 68.28 -13.03 42.36
CA ALA D 152 67.77 -14.35 42.71
C ALA D 152 67.76 -15.30 41.50
N ARG D 153 67.34 -14.78 40.33
CA ARG D 153 67.24 -15.62 39.15
C ARG D 153 68.60 -16.17 38.72
N ILE D 154 69.61 -15.29 38.60
CA ILE D 154 70.90 -15.80 38.17
C ILE D 154 71.49 -16.71 39.25
N SER D 155 71.14 -16.49 40.52
CA SER D 155 71.58 -17.41 41.56
C SER D 155 70.98 -18.81 41.35
N VAL D 156 69.70 -18.91 40.99
CA VAL D 156 69.16 -20.23 40.69
C VAL D 156 69.82 -20.84 39.46
N ASN D 157 69.99 -20.04 38.40
CA ASN D 157 70.58 -20.57 37.18
C ASN D 157 72.00 -21.10 37.42
N SER D 158 72.67 -20.62 38.44
CA SER D 158 74.02 -21.06 38.78
C SER D 158 74.03 -22.22 39.77
N GLY D 159 72.88 -22.64 40.27
CA GLY D 159 72.85 -23.67 41.27
C GLY D 159 73.03 -23.18 42.69
N LYS D 160 73.08 -21.87 42.90
CA LYS D 160 73.18 -21.30 44.25
C LYS D 160 71.77 -21.16 44.84
N LEU D 161 71.21 -22.30 45.22
CA LEU D 161 69.80 -22.33 45.59
C LEU D 161 69.53 -21.61 46.91
N LEU D 162 70.36 -21.85 47.93
CA LEU D 162 70.12 -21.20 49.21
C LEU D 162 70.31 -19.69 49.15
N LYS D 163 71.26 -19.23 48.34
CA LYS D 163 71.46 -17.79 48.19
C LYS D 163 70.23 -17.13 47.58
N ALA D 164 69.78 -17.65 46.44
CA ALA D 164 68.56 -17.14 45.82
C ALA D 164 67.39 -17.22 46.78
N GLU D 165 67.34 -18.29 47.58
CA GLU D 165 66.23 -18.45 48.50
C GLU D 165 66.32 -17.49 49.67
N TYR D 166 67.52 -17.05 50.04
CA TYR D 166 67.61 -16.00 51.04
C TYR D 166 67.03 -14.71 50.50
N ILE D 167 67.33 -14.39 49.24
CA ILE D 167 66.75 -13.18 48.64
C ILE D 167 65.23 -13.30 48.57
N LEU D 168 64.74 -14.36 47.92
CA LEU D 168 63.30 -14.55 47.74
C LEU D 168 62.57 -14.61 49.08
N SER D 169 63.09 -15.41 50.02
CA SER D 169 62.44 -15.56 51.31
C SER D 169 62.39 -14.24 52.06
N SER D 170 63.45 -13.43 51.93
CA SER D 170 63.39 -12.11 52.55
C SER D 170 62.28 -11.26 51.94
N LEU D 171 62.11 -11.33 50.62
CA LEU D 171 61.02 -10.56 50.01
C LEU D 171 59.65 -11.09 50.43
N ILE D 172 59.47 -12.42 50.42
CA ILE D 172 58.16 -13.00 50.68
C ILE D 172 57.75 -12.80 52.13
N SER D 173 58.61 -13.23 53.06
CA SER D 173 58.24 -13.21 54.47
C SER D 173 58.15 -11.81 55.04
N ASN D 174 58.58 -10.79 54.31
CA ASN D 174 58.55 -9.42 54.80
C ASN D 174 57.74 -8.52 53.88
N ASN D 175 56.68 -9.05 53.28
CA ASN D 175 55.72 -8.29 52.48
C ASN D 175 56.40 -7.47 51.38
N GLY D 176 57.39 -8.07 50.73
CA GLY D 176 58.04 -7.43 49.58
C GLY D 176 58.90 -6.23 49.90
N ALA D 177 59.23 -5.99 51.16
CA ALA D 177 60.06 -4.85 51.53
C ALA D 177 61.51 -5.11 51.14
N THR D 178 62.13 -4.13 50.48
CA THR D 178 63.53 -4.26 50.07
C THR D 178 64.19 -2.89 50.06
N GLY D 179 65.35 -2.81 50.71
CA GLY D 179 66.15 -1.60 50.65
C GLY D 179 65.37 -0.38 51.08
N THR D 180 65.43 0.65 50.24
CA THR D 180 64.70 1.88 50.45
C THR D 180 63.58 2.03 49.44
N TRP D 181 63.02 0.92 48.99
CA TRP D 181 62.00 0.96 47.97
C TRP D 181 60.62 1.16 48.60
N LEU D 182 59.82 2.01 47.97
CA LEU D 182 58.49 2.36 48.42
C LEU D 182 57.47 1.88 47.41
N TYR D 183 56.47 1.16 47.88
CA TYR D 183 55.36 0.73 47.05
C TYR D 183 54.29 1.82 47.01
N ARG D 184 53.63 1.94 45.86
CA ARG D 184 52.57 2.91 45.64
C ARG D 184 51.19 2.35 45.87
N ASN D 185 51.07 1.08 46.23
CA ASN D 185 49.79 0.44 46.52
C ASN D 185 50.11 -0.91 47.16
N GLU D 186 49.08 -1.51 47.76
CA GLU D 186 49.26 -2.78 48.46
C GLU D 186 49.31 -3.96 47.51
N SER D 187 48.79 -3.83 46.29
CA SER D 187 48.74 -4.97 45.39
C SER D 187 50.10 -5.26 44.76
N ASP D 188 50.93 -4.23 44.53
CA ASP D 188 52.27 -4.47 43.99
C ASP D 188 53.10 -5.34 44.92
N LYS D 189 52.87 -5.26 46.23
CA LYS D 189 53.57 -6.14 47.14
C LYS D 189 53.17 -7.59 46.90
N VAL D 190 51.87 -7.84 46.71
CA VAL D 190 51.39 -9.18 46.39
C VAL D 190 51.94 -9.64 45.06
N LEU D 191 52.14 -8.72 44.12
CA LEU D 191 52.73 -9.08 42.84
C LEU D 191 54.16 -9.59 43.02
N VAL D 192 54.98 -8.80 43.72
CA VAL D 192 56.36 -9.20 44.00
C VAL D 192 56.39 -10.55 44.72
N GLN D 193 55.52 -10.73 45.71
CA GLN D 193 55.44 -12.01 46.40
C GLN D 193 55.09 -13.13 45.44
N SER D 194 54.24 -12.83 44.45
CA SER D 194 53.82 -13.88 43.52
C SER D 194 54.97 -14.31 42.63
N VAL D 195 55.75 -13.35 42.11
CA VAL D 195 56.92 -13.72 41.34
C VAL D 195 57.91 -14.52 42.17
N CYS D 196 58.13 -14.12 43.43
CA CYS D 196 59.08 -14.86 44.25
C CYS D 196 58.61 -16.29 44.48
N ILE D 197 57.31 -16.48 44.70
CA ILE D 197 56.78 -17.82 44.90
C ILE D 197 56.91 -18.65 43.62
N GLN D 198 56.65 -18.03 42.47
CA GLN D 198 56.88 -18.70 41.19
C GLN D 198 58.32 -19.19 41.06
N ILE D 199 59.28 -18.35 41.45
CA ILE D 199 60.67 -18.76 41.32
C ILE D 199 60.99 -19.85 42.34
N ARG D 200 60.39 -19.81 43.53
CA ARG D 200 60.50 -20.95 44.43
C ARG D 200 60.02 -22.23 43.74
N GLY D 201 58.93 -22.13 43.00
CA GLY D 201 58.47 -23.25 42.22
C GLY D 201 59.53 -23.75 41.26
N GLN D 202 60.23 -22.83 40.60
CA GLN D 202 61.30 -23.25 39.70
C GLN D 202 62.45 -23.90 40.46
N ILE D 203 62.72 -23.46 41.68
CA ILE D 203 63.76 -24.09 42.48
C ILE D 203 63.40 -25.54 42.80
N LEU D 204 62.16 -25.77 43.23
CA LEU D 204 61.76 -27.14 43.52
C LEU D 204 61.70 -27.99 42.26
N GLN D 205 61.36 -27.37 41.12
CA GLN D 205 61.42 -28.09 39.85
C GLN D 205 62.84 -28.53 39.54
N LYS D 206 63.81 -27.64 39.77
CA LYS D 206 65.21 -27.98 39.56
C LYS D 206 65.63 -29.12 40.48
N LEU D 207 64.99 -29.25 41.63
CA LEU D 207 65.26 -30.34 42.55
C LEU D 207 64.40 -31.57 42.30
N GLY D 208 63.52 -31.53 41.32
CA GLY D 208 62.73 -32.69 41.02
C GLY D 208 61.64 -33.05 42.02
N MET D 209 61.32 -32.14 42.95
CA MET D 209 60.22 -32.33 43.89
C MET D 209 58.95 -31.81 43.24
N TRP D 210 58.37 -32.64 42.38
CA TRP D 210 57.37 -32.17 41.43
C TRP D 210 56.08 -31.72 42.11
N TYR D 211 55.60 -32.48 43.11
CA TYR D 211 54.35 -32.14 43.76
C TYR D 211 54.44 -30.77 44.43
N GLU D 212 55.46 -30.57 45.25
CA GLU D 212 55.61 -29.30 45.95
C GLU D 212 55.87 -28.15 44.99
N ALA D 213 56.60 -28.40 43.89
CA ALA D 213 56.80 -27.39 42.87
C ALA D 213 55.47 -26.97 42.25
N ALA D 214 54.64 -27.93 41.87
CA ALA D 214 53.32 -27.62 41.33
C ALA D 214 52.48 -26.85 42.34
N GLU D 215 52.59 -27.20 43.62
CA GLU D 215 51.85 -26.48 44.64
C GLU D 215 52.29 -25.02 44.70
N LEU D 216 53.60 -24.78 44.62
CA LEU D 216 54.11 -23.42 44.63
C LEU D 216 53.66 -22.64 43.41
N ILE D 217 53.68 -23.28 42.24
CA ILE D 217 53.24 -22.59 41.02
C ILE D 217 51.76 -22.24 41.12
N TRP D 218 50.96 -23.17 41.66
CA TRP D 218 49.55 -22.89 41.91
C TRP D 218 49.38 -21.69 42.84
N ALA D 219 50.18 -21.63 43.90
CA ALA D 219 50.12 -20.48 44.79
C ALA D 219 50.41 -19.19 44.04
N SER D 220 51.40 -19.22 43.14
CA SER D 220 51.71 -18.02 42.38
C SER D 220 50.54 -17.64 41.46
N ILE D 221 49.86 -18.64 40.90
CA ILE D 221 48.71 -18.36 40.05
C ILE D 221 47.60 -17.69 40.86
N VAL D 222 47.32 -18.23 42.04
CA VAL D 222 46.33 -17.61 42.91
C VAL D 222 46.70 -16.15 43.19
N GLY D 223 47.98 -15.91 43.51
CA GLY D 223 48.40 -14.55 43.77
C GLY D 223 48.23 -13.63 42.58
N TYR D 224 48.54 -14.13 41.38
CA TYR D 224 48.35 -13.32 40.18
C TYR D 224 46.87 -13.00 39.98
N LEU D 225 45.99 -13.96 40.26
CA LEU D 225 44.57 -13.71 40.09
C LEU D 225 44.02 -12.80 41.19
N ALA D 226 44.70 -12.70 42.32
CA ALA D 226 44.22 -11.86 43.41
C ALA D 226 44.50 -10.38 43.17
N LEU D 227 45.03 -10.02 42.05
CA LEU D 227 45.30 -8.60 41.85
C LEU D 227 44.09 -7.92 41.25
N PRO D 228 43.94 -6.61 41.48
CA PRO D 228 42.86 -5.85 40.84
C PRO D 228 42.81 -6.09 39.34
N GLN D 229 43.96 -6.02 38.69
CA GLN D 229 44.11 -6.47 37.32
C GLN D 229 45.04 -7.68 37.33
N PRO D 230 44.59 -8.86 36.90
CA PRO D 230 45.46 -10.03 36.95
C PRO D 230 46.62 -9.91 35.98
N ASP D 231 47.75 -10.47 36.37
CA ASP D 231 49.00 -10.40 35.60
C ASP D 231 48.96 -11.48 34.54
N LYS D 232 48.63 -11.11 33.31
CA LYS D 232 48.55 -12.09 32.24
C LYS D 232 49.92 -12.68 31.91
N LYS D 233 50.97 -11.87 32.00
CA LYS D 233 52.33 -12.36 31.75
C LYS D 233 52.75 -13.38 32.79
N GLY D 234 52.60 -13.03 34.08
CA GLY D 234 52.93 -13.97 35.13
C GLY D 234 52.09 -15.23 35.07
N LEU D 235 50.81 -15.09 34.73
CA LEU D 235 49.96 -16.26 34.59
C LEU D 235 50.45 -17.16 33.46
N SER D 236 50.85 -16.57 32.34
CA SER D 236 51.39 -17.35 31.24
C SER D 236 52.65 -18.12 31.67
N THR D 237 53.58 -17.41 32.31
CA THR D 237 54.80 -18.08 32.79
C THR D 237 54.50 -19.21 33.75
N SER D 238 53.66 -18.94 34.77
CA SER D 238 53.37 -19.97 35.75
C SER D 238 52.66 -21.17 35.12
N LEU D 239 51.80 -20.92 34.14
CA LEU D 239 51.12 -22.04 33.50
C LEU D 239 52.10 -22.89 32.69
N GLY D 240 53.07 -22.25 32.02
CA GLY D 240 54.09 -23.01 31.32
C GLY D 240 54.93 -23.85 32.26
N ILE D 241 55.36 -23.27 33.38
CA ILE D 241 56.14 -24.02 34.35
C ILE D 241 55.33 -25.18 34.88
N LEU D 242 54.06 -24.93 35.21
CA LEU D 242 53.18 -26.00 35.68
C LEU D 242 53.05 -27.10 34.65
N ALA D 243 53.04 -26.74 33.37
CA ALA D 243 53.00 -27.73 32.31
C ALA D 243 54.24 -28.62 32.36
N ASP D 244 55.43 -28.01 32.44
CA ASP D 244 56.64 -28.82 32.51
C ASP D 244 56.61 -29.75 33.73
N ILE D 245 56.16 -29.23 34.88
CA ILE D 245 56.10 -30.05 36.09
C ILE D 245 55.14 -31.22 35.90
N PHE D 246 53.99 -30.96 35.28
CA PHE D 246 53.05 -32.02 34.99
C PHE D 246 53.67 -33.10 34.10
N VAL D 247 54.49 -32.68 33.13
CA VAL D 247 55.16 -33.67 32.29
C VAL D 247 56.12 -34.51 33.11
N SER D 248 56.86 -33.88 34.03
CA SER D 248 57.84 -34.62 34.80
C SER D 248 57.24 -35.51 35.89
N MET D 249 55.98 -35.27 36.28
CA MET D 249 55.38 -35.99 37.39
C MET D 249 55.18 -37.47 37.11
N SER D 250 55.17 -38.27 38.18
CA SER D 250 54.64 -39.62 38.12
C SER D 250 53.11 -39.58 38.16
N LYS D 251 52.50 -40.73 37.87
CA LYS D 251 51.04 -40.80 37.97
C LYS D 251 50.59 -40.60 39.41
N ASN D 252 51.33 -41.13 40.38
CA ASN D 252 50.98 -40.92 41.78
C ASN D 252 51.05 -39.45 42.16
N ASP D 253 52.07 -38.74 41.66
CA ASP D 253 52.12 -37.30 41.90
C ASP D 253 50.88 -36.60 41.36
N TYR D 254 50.53 -36.90 40.11
CA TYR D 254 49.40 -36.19 39.51
C TYR D 254 48.08 -36.53 40.18
N GLU D 255 47.89 -37.80 40.57
CA GLU D 255 46.67 -38.17 41.29
C GLU D 255 46.60 -37.48 42.64
N LYS D 256 47.72 -37.48 43.38
CA LYS D 256 47.75 -36.82 44.68
C LYS D 256 47.51 -35.32 44.56
N PHE D 257 47.91 -34.73 43.45
CA PHE D 257 47.69 -33.30 43.23
C PHE D 257 46.25 -33.03 42.81
N LYS D 258 45.68 -33.92 42.00
CA LYS D 258 44.33 -33.74 41.48
C LYS D 258 43.28 -33.95 42.57
N ASN D 259 43.53 -34.84 43.52
CA ASN D 259 42.58 -35.12 44.59
C ASN D 259 42.71 -34.13 45.75
N ASN D 260 43.48 -33.07 45.60
CA ASN D 260 43.53 -32.03 46.61
C ASN D 260 42.49 -30.98 46.26
N PRO D 261 41.38 -30.90 47.00
CA PRO D 261 40.30 -29.98 46.59
C PRO D 261 40.64 -28.52 46.77
N GLN D 262 41.66 -28.20 47.56
CA GLN D 262 42.07 -26.81 47.71
C GLN D 262 42.54 -26.20 46.40
N ILE D 263 43.00 -27.02 45.45
CA ILE D 263 43.49 -26.54 44.18
C ILE D 263 42.33 -26.53 43.20
N ASN D 264 41.71 -25.36 43.02
CA ASN D 264 40.50 -25.23 42.21
C ASN D 264 40.85 -24.81 40.79
N LEU D 265 41.67 -25.62 40.13
CA LEU D 265 42.04 -25.37 38.75
C LEU D 265 41.16 -26.20 37.83
N SER D 266 40.54 -25.52 36.86
CA SER D 266 39.70 -26.23 35.89
C SER D 266 40.52 -27.28 35.13
N LEU D 267 41.74 -26.93 34.73
CA LEU D 267 42.56 -27.90 34.02
C LEU D 267 42.89 -29.11 34.88
N LEU D 268 42.88 -28.95 36.21
CA LEU D 268 43.10 -30.10 37.09
C LEU D 268 41.88 -31.01 37.11
N LYS D 269 40.76 -30.50 37.62
CA LYS D 269 39.58 -31.32 37.82
C LYS D 269 38.99 -31.82 36.51
N GLU D 270 39.26 -31.13 35.40
CA GLU D 270 38.63 -31.47 34.13
C GLU D 270 39.35 -32.59 33.39
N PHE D 271 40.58 -32.91 33.78
CA PHE D 271 41.39 -33.91 33.09
C PHE D 271 41.99 -34.87 34.09
N ASP D 272 42.13 -36.13 33.68
CA ASP D 272 42.62 -37.17 34.55
C ASP D 272 44.03 -37.64 34.24
N HIS D 273 44.61 -37.25 33.11
CA HIS D 273 45.97 -37.62 32.78
C HIS D 273 46.88 -36.40 32.86
N HIS D 274 48.07 -36.59 33.44
CA HIS D 274 48.94 -35.45 33.69
C HIS D 274 49.40 -34.80 32.39
N LEU D 275 49.52 -35.57 31.32
CA LEU D 275 49.87 -34.98 30.02
C LEU D 275 48.72 -34.15 29.47
N LEU D 276 47.48 -34.54 29.74
CA LEU D 276 46.35 -33.76 29.27
C LEU D 276 46.19 -32.47 30.08
N SER D 277 46.40 -32.56 31.40
CA SER D 277 46.47 -31.35 32.19
C SER D 277 47.58 -30.44 31.69
N ALA D 278 48.73 -31.01 31.35
CA ALA D 278 49.84 -30.21 30.83
C ALA D 278 49.45 -29.53 29.52
N ALA D 279 48.84 -30.27 28.61
CA ALA D 279 48.44 -29.69 27.33
C ALA D 279 47.44 -28.56 27.52
N GLU D 280 46.48 -28.74 28.42
CA GLU D 280 45.51 -27.67 28.67
C GLU D 280 46.19 -26.46 29.29
N ALA D 281 47.07 -26.68 30.26
CA ALA D 281 47.82 -25.58 30.85
C ALA D 281 48.64 -24.84 29.79
N CYS D 282 49.17 -25.55 28.81
CA CYS D 282 49.90 -24.91 27.72
C CYS D 282 48.97 -24.08 26.85
N LYS D 283 47.79 -24.60 26.56
CA LYS D 283 46.82 -23.83 25.78
C LYS D 283 46.48 -22.52 26.48
N LEU D 284 46.21 -22.59 27.78
CA LEU D 284 45.92 -21.36 28.52
C LEU D 284 47.14 -20.44 28.54
N ALA D 285 48.33 -21.01 28.74
CA ALA D 285 49.55 -20.20 28.77
C ALA D 285 49.74 -19.44 27.47
N ALA D 286 49.52 -20.09 26.34
CA ALA D 286 49.59 -19.39 25.07
C ALA D 286 48.47 -18.38 24.94
N ALA D 287 47.30 -18.65 25.54
CA ALA D 287 46.21 -17.70 25.50
C ALA D 287 46.57 -16.41 26.24
N PHE D 288 47.24 -16.53 27.38
CA PHE D 288 47.58 -15.37 28.20
C PHE D 288 48.71 -14.53 27.62
N SER D 289 49.43 -15.04 26.63
CA SER D 289 50.46 -14.27 25.95
C SER D 289 50.16 -14.21 24.46
N ALA D 290 48.88 -14.00 24.11
CA ALA D 290 48.44 -14.07 22.73
C ALA D 290 49.07 -12.99 21.85
N TYR D 291 49.67 -11.96 22.44
CA TYR D 291 50.31 -10.91 21.68
C TYR D 291 51.84 -10.98 21.74
N THR D 292 52.39 -11.96 22.45
CA THR D 292 53.83 -12.19 22.47
C THR D 292 54.10 -13.51 21.77
N PRO D 293 54.46 -13.50 20.49
CA PRO D 293 54.44 -14.75 19.72
C PRO D 293 55.44 -15.78 20.19
N LEU D 294 56.55 -15.35 20.80
CA LEU D 294 57.57 -16.32 21.21
C LEU D 294 57.02 -17.29 22.23
N PHE D 295 56.39 -16.77 23.28
CA PHE D 295 55.87 -17.63 24.33
C PHE D 295 54.65 -18.42 23.87
N VAL D 296 53.90 -17.89 22.91
CA VAL D 296 52.87 -18.71 22.30
C VAL D 296 53.50 -19.92 21.64
N LEU D 297 54.62 -19.71 20.93
CA LEU D 297 55.31 -20.79 20.26
C LEU D 297 55.87 -21.82 21.24
N THR D 298 56.48 -21.36 22.31
CA THR D 298 57.02 -22.28 23.30
C THR D 298 55.89 -23.10 23.96
N ALA D 299 54.82 -22.41 24.35
CA ALA D 299 53.69 -23.09 25.00
C ALA D 299 53.09 -24.14 24.10
N VAL D 300 52.79 -23.79 22.85
CA VAL D 300 52.16 -24.76 21.96
C VAL D 300 53.16 -25.85 21.58
N ASN D 301 54.47 -25.57 21.63
CA ASN D 301 55.45 -26.63 21.44
C ASN D 301 55.30 -27.69 22.52
N ILE D 302 55.25 -27.25 23.79
CA ILE D 302 55.08 -28.21 24.88
C ILE D 302 53.74 -28.92 24.75
N ARG D 303 52.70 -28.20 24.31
CA ARG D 303 51.39 -28.81 24.14
C ARG D 303 51.44 -29.93 23.12
N GLY D 304 52.01 -29.65 21.95
CA GLY D 304 52.12 -30.68 20.93
C GLY D 304 52.93 -31.86 21.40
N THR D 305 54.01 -31.61 22.14
CA THR D 305 54.79 -32.71 22.68
C THR D 305 53.96 -33.58 23.61
N CYS D 306 53.17 -32.94 24.49
CA CYS D 306 52.32 -33.69 25.41
C CYS D 306 51.30 -34.54 24.69
N LEU D 307 50.60 -33.95 23.72
CA LEU D 307 49.55 -34.68 23.03
C LEU D 307 50.13 -35.79 22.17
N LEU D 308 51.29 -35.55 21.57
CA LEU D 308 51.96 -36.61 20.83
C LEU D 308 52.33 -37.76 21.76
N SER D 309 52.88 -37.44 22.92
CA SER D 309 53.30 -38.49 23.85
C SER D 309 52.10 -39.28 24.36
N TYR D 310 50.98 -38.60 24.60
CA TYR D 310 49.80 -39.27 25.13
C TYR D 310 49.09 -40.11 24.07
N SER D 311 49.07 -39.65 22.83
CA SER D 311 48.31 -40.36 21.79
C SER D 311 48.86 -41.77 21.59
N SER D 312 50.17 -41.95 21.68
CA SER D 312 50.78 -43.26 21.55
C SER D 312 50.74 -44.06 22.85
N SER D 313 50.30 -43.46 23.95
CA SER D 313 50.37 -44.11 25.24
C SER D 313 49.34 -45.23 25.37
N ASN D 314 49.65 -46.17 26.26
CA ASN D 314 48.68 -47.21 26.58
C ASN D 314 47.54 -46.70 27.44
N ASP D 315 47.71 -45.53 28.06
CA ASP D 315 46.63 -44.91 28.80
C ASP D 315 45.60 -44.24 27.90
N CYS D 316 45.93 -44.03 26.63
CA CYS D 316 45.01 -43.40 25.70
C CYS D 316 44.24 -44.49 24.97
N PRO D 317 42.90 -44.48 25.02
CA PRO D 317 42.13 -45.45 24.24
C PRO D 317 42.37 -45.26 22.76
N PRO D 318 42.44 -46.35 22.00
CA PRO D 318 42.81 -46.24 20.58
C PRO D 318 41.85 -45.40 19.77
N GLU D 319 40.61 -45.22 20.24
CA GLU D 319 39.66 -44.39 19.51
C GLU D 319 40.04 -42.92 19.54
N LEU D 320 40.74 -42.47 20.58
CA LEU D 320 41.09 -41.07 20.77
C LEU D 320 42.49 -40.72 20.28
N LYS D 321 43.25 -41.71 19.80
CA LYS D 321 44.62 -41.48 19.37
C LYS D 321 44.70 -40.44 18.27
N ASN D 322 43.84 -40.55 17.25
CA ASN D 322 43.91 -39.60 16.16
C ASN D 322 43.35 -38.24 16.54
N LEU D 323 42.44 -38.19 17.50
CA LEU D 323 41.99 -36.90 18.02
C LEU D 323 43.15 -36.14 18.64
N HIS D 324 43.86 -36.80 19.56
CA HIS D 324 44.98 -36.12 20.22
C HIS D 324 46.13 -35.85 19.24
N LEU D 325 46.31 -36.72 18.25
CA LEU D 325 47.30 -36.43 17.21
C LEU D 325 46.90 -35.21 16.40
N CYS D 326 45.61 -35.03 16.17
CA CYS D 326 45.15 -33.84 15.46
C CYS D 326 45.36 -32.59 16.29
N GLU D 327 45.16 -32.70 17.60
CA GLU D 327 45.45 -31.57 18.48
C GLU D 327 46.93 -31.22 18.47
N ALA D 328 47.80 -32.24 18.49
CA ALA D 328 49.23 -31.99 18.40
C ALA D 328 49.59 -31.31 17.07
N LYS D 329 49.00 -31.79 15.97
CA LYS D 329 49.22 -31.15 14.68
C LYS D 329 48.85 -29.69 14.72
N GLU D 330 47.65 -29.37 15.23
CA GLU D 330 47.22 -27.98 15.26
C GLU D 330 48.11 -27.14 16.17
N ALA D 331 48.57 -27.73 17.28
CA ALA D 331 49.48 -27.00 18.17
C ALA D 331 50.74 -26.59 17.44
N PHE D 332 51.42 -27.54 16.80
CA PHE D 332 52.63 -27.19 16.07
C PHE D 332 52.33 -26.22 14.94
N GLU D 333 51.16 -26.36 14.30
CA GLU D 333 50.77 -25.43 13.25
C GLU D 333 50.68 -24.00 13.77
N ILE D 334 50.02 -23.80 14.92
CA ILE D 334 49.93 -22.48 15.53
C ILE D 334 51.33 -21.93 15.83
N GLY D 335 52.17 -22.78 16.42
CA GLY D 335 53.54 -22.36 16.69
C GLY D 335 54.26 -21.87 15.44
N LEU D 336 54.19 -22.65 14.36
CA LEU D 336 54.85 -22.25 13.12
C LEU D 336 54.22 -21.00 12.52
N LEU D 337 52.93 -20.78 12.77
CA LEU D 337 52.28 -19.58 12.26
C LEU D 337 52.61 -18.35 13.08
N THR D 338 53.29 -18.50 14.22
CA THR D 338 53.71 -17.32 14.97
C THR D 338 54.67 -16.41 14.20
N LYS D 339 55.18 -16.83 13.04
CA LYS D 339 56.10 -16.00 12.28
C LYS D 339 55.51 -15.77 10.89
N ARG D 340 55.05 -14.55 10.65
CA ARG D 340 54.42 -14.17 9.40
C ARG D 340 55.42 -13.42 8.52
N ASP D 342 58.65 -12.60 6.10
CA ASP D 342 60.08 -12.85 6.29
C ASP D 342 60.68 -11.88 7.29
N GLU D 343 60.23 -11.93 8.55
CA GLU D 343 60.92 -11.04 9.48
C GLU D 343 62.04 -11.78 10.19
N PRO D 344 63.20 -11.13 10.31
CA PRO D 344 64.37 -11.79 10.93
C PRO D 344 64.04 -12.37 12.29
N VAL D 345 64.78 -13.41 12.65
CA VAL D 345 64.66 -14.06 13.96
C VAL D 345 66.04 -14.02 14.61
N THR D 346 66.14 -13.33 15.73
CA THR D 346 67.36 -13.25 16.51
C THR D 346 67.21 -14.04 17.80
N GLY D 347 68.31 -14.61 18.26
CA GLY D 347 68.30 -15.40 19.48
C GLY D 347 68.13 -16.88 19.22
N LYS D 348 68.96 -17.71 19.84
CA LYS D 348 68.92 -19.13 19.55
C LYS D 348 67.71 -19.82 20.17
N GLN D 349 67.08 -19.20 21.16
CA GLN D 349 65.92 -19.83 21.78
C GLN D 349 64.74 -19.83 20.81
N GLU D 350 64.48 -18.70 20.17
CA GLU D 350 63.37 -18.61 19.22
C GLU D 350 63.60 -19.53 18.02
N LEU D 351 64.82 -19.49 17.47
CA LEU D 351 65.16 -20.35 16.35
C LEU D 351 65.00 -21.82 16.73
N HIS D 352 65.58 -22.20 17.87
CA HIS D 352 65.48 -23.59 18.33
C HIS D 352 64.03 -24.00 18.52
N SER D 353 63.18 -23.07 18.98
CA SER D 353 61.77 -23.38 19.14
C SER D 353 61.10 -23.59 17.79
N PHE D 354 61.51 -22.82 16.78
CA PHE D 354 60.96 -23.03 15.44
C PHE D 354 61.34 -24.39 14.89
N VAL D 355 62.62 -24.78 15.01
CA VAL D 355 63.00 -26.11 14.56
C VAL D 355 62.25 -27.18 15.34
N LYS D 356 62.04 -26.94 16.64
CA LYS D 356 61.28 -27.91 17.42
C LYS D 356 59.86 -28.05 16.91
N ALA D 357 59.23 -26.93 16.54
CA ALA D 357 57.89 -26.99 15.97
C ALA D 357 57.89 -27.75 14.65
N ALA D 358 58.91 -27.53 13.81
CA ALA D 358 58.99 -28.24 12.54
C ALA D 358 59.13 -29.74 12.74
N PHE D 359 60.07 -30.14 13.61
CA PHE D 359 60.23 -31.56 13.93
C PHE D 359 58.94 -32.15 14.50
N GLY D 360 58.25 -31.37 15.32
CA GLY D 360 57.01 -31.86 15.91
C GLY D 360 55.94 -32.08 14.87
N LEU D 361 55.77 -31.11 13.96
CA LEU D 361 54.74 -31.26 12.94
C LEU D 361 55.07 -32.42 12.00
N THR D 362 56.34 -32.54 11.61
CA THR D 362 56.75 -33.67 10.76
C THR D 362 56.51 -35.00 11.47
N THR D 363 56.82 -35.06 12.77
CA THR D 363 56.59 -36.28 13.53
C THR D 363 55.11 -36.61 13.59
N VAL D 364 54.28 -35.59 13.81
CA VAL D 364 52.84 -35.80 13.91
C VAL D 364 52.29 -36.29 12.59
N HIS D 365 52.73 -35.69 11.49
CA HIS D 365 52.31 -36.16 10.17
C HIS D 365 52.75 -37.60 9.95
N ARG D 366 53.96 -37.95 10.40
CA ARG D 366 54.38 -39.34 10.30
C ARG D 366 53.43 -40.26 11.06
N ARG D 367 53.00 -39.83 12.25
CA ARG D 367 52.10 -40.69 13.02
C ARG D 367 50.71 -40.78 12.39
N LEU D 368 50.30 -39.74 11.64
CA LEU D 368 48.98 -39.78 11.01
C LEU D 368 49.00 -40.44 9.65
N HIS D 369 50.08 -40.27 8.88
CA HIS D 369 50.13 -40.73 7.49
C HIS D 369 51.29 -41.67 7.21
N GLY D 370 51.94 -42.20 8.24
CA GLY D 370 53.09 -43.05 7.98
C GLY D 370 54.17 -42.32 7.17
N GLU D 371 55.03 -43.12 6.55
CA GLU D 371 56.22 -42.61 5.87
C GLU D 371 55.92 -42.30 4.40
N THR D 372 55.18 -41.20 4.21
CA THR D 372 54.91 -40.73 2.86
C THR D 372 56.13 -39.96 2.32
N GLY D 373 56.00 -39.51 1.08
CA GLY D 373 57.09 -38.74 0.48
C GLY D 373 57.21 -37.35 1.07
N THR D 374 56.07 -36.68 1.27
CA THR D 374 56.10 -35.36 1.89
C THR D 374 56.70 -35.43 3.28
N VAL D 375 56.38 -36.48 4.03
CA VAL D 375 56.94 -36.66 5.36
C VAL D 375 58.45 -36.80 5.29
N HIS D 376 58.94 -37.60 4.33
CA HIS D 376 60.38 -37.80 4.19
C HIS D 376 61.07 -36.49 3.83
N ALA D 377 60.52 -35.76 2.86
CA ALA D 377 61.10 -34.49 2.46
C ALA D 377 61.15 -33.53 3.63
N ALA D 378 60.04 -33.41 4.36
CA ALA D 378 60.00 -32.53 5.53
C ALA D 378 61.02 -32.96 6.58
N SER D 379 61.25 -34.27 6.72
CA SER D 379 62.27 -34.73 7.65
C SER D 379 63.66 -34.28 7.21
N GLN D 380 63.95 -34.38 5.91
CA GLN D 380 65.23 -33.90 5.40
C GLN D 380 65.40 -32.41 5.67
N LEU D 381 64.37 -31.62 5.36
CA LEU D 381 64.43 -30.19 5.64
C LEU D 381 64.67 -29.94 7.13
N CYS D 382 64.08 -30.77 7.99
CA CYS D 382 64.31 -30.63 9.42
C CYS D 382 65.76 -30.94 9.77
N LYS D 383 66.38 -31.88 9.07
CA LYS D 383 67.80 -32.15 9.27
C LYS D 383 68.65 -30.94 8.89
N GLU D 384 68.37 -30.34 7.73
CA GLU D 384 69.05 -29.11 7.36
C GLU D 384 68.92 -28.05 8.43
N ALA D 385 67.68 -27.80 8.87
CA ALA D 385 67.44 -26.77 9.86
C ALA D 385 68.14 -27.06 11.17
N MET D 386 68.27 -28.33 11.55
CA MET D 386 68.96 -28.64 12.78
C MET D 386 70.46 -28.35 12.66
N GLY D 387 71.07 -28.79 11.55
CA GLY D 387 72.48 -28.50 11.34
C GLY D 387 72.77 -27.01 11.33
N LYS D 388 72.05 -26.26 10.51
CA LYS D 388 72.26 -24.83 10.46
C LYS D 388 71.92 -24.15 11.78
N LEU D 389 71.00 -24.73 12.55
CA LEU D 389 70.63 -24.15 13.84
C LEU D 389 71.77 -24.25 14.83
N TYR D 390 72.34 -25.45 14.98
CA TYR D 390 73.45 -25.57 15.92
C TYR D 390 74.69 -24.85 15.43
N ASN D 391 74.87 -24.77 14.11
CA ASN D 391 75.91 -23.89 13.57
C ASN D 391 75.70 -22.45 14.01
N PHE D 392 74.43 -22.00 13.98
CA PHE D 392 74.10 -20.66 14.47
C PHE D 392 74.45 -20.51 15.93
N SER D 393 74.05 -21.48 16.75
CA SER D 393 74.26 -21.37 18.19
C SER D 393 75.74 -21.35 18.54
N THR D 394 76.57 -22.05 17.79
CA THR D 394 78.00 -22.08 18.09
C THR D 394 78.78 -20.92 17.50
N SER D 395 78.23 -20.24 16.49
CA SER D 395 78.93 -19.13 15.87
C SER D 395 78.93 -17.91 16.79
N SER D 396 80.02 -17.13 16.71
CA SER D 396 80.15 -15.89 17.46
C SER D 396 80.16 -14.65 16.57
N ARG D 397 80.16 -14.82 15.26
CA ARG D 397 80.18 -13.70 14.32
C ARG D 397 78.76 -13.32 13.93
N SER D 398 78.40 -12.05 14.15
CA SER D 398 77.02 -11.62 13.97
C SER D 398 76.54 -11.83 12.54
N GLN D 399 77.39 -11.58 11.55
CA GLN D 399 76.97 -11.70 10.15
C GLN D 399 76.66 -13.15 9.80
N ASP D 400 77.48 -14.08 10.26
CA ASP D 400 77.19 -15.49 10.06
C ASP D 400 75.86 -15.87 10.70
N ARG D 401 75.62 -15.41 11.92
CA ARG D 401 74.38 -15.74 12.60
C ARG D 401 73.17 -15.16 11.88
N GLU D 402 73.32 -13.97 11.30
CA GLU D 402 72.26 -13.41 10.47
C GLU D 402 71.98 -14.33 9.28
N ALA D 403 73.03 -14.75 8.59
CA ALA D 403 72.86 -15.59 7.41
C ALA D 403 72.21 -16.92 7.76
N LEU D 404 72.75 -17.61 8.77
CA LEU D 404 72.21 -18.90 9.18
C LEU D 404 70.79 -18.79 9.72
N SER D 405 70.47 -17.69 10.40
CA SER D 405 69.10 -17.51 10.86
C SER D 405 68.14 -17.37 9.69
N GLN D 406 68.51 -16.54 8.71
CA GLN D 406 67.67 -16.41 7.51
C GLN D 406 67.52 -17.74 6.80
N GLU D 407 68.60 -18.52 6.73
CA GLU D 407 68.53 -19.81 6.05
C GLU D 407 67.62 -20.78 6.78
N VAL D 408 67.74 -20.82 8.11
CA VAL D 408 66.95 -21.77 8.88
C VAL D 408 65.48 -21.40 8.80
N MET D 409 65.16 -20.10 8.85
CA MET D 409 63.76 -19.71 8.71
C MET D 409 63.24 -19.94 7.30
N SER D 410 64.10 -19.84 6.30
CA SER D 410 63.69 -20.20 4.95
C SER D 410 63.31 -21.67 4.89
N VAL D 411 64.12 -22.53 5.52
CA VAL D 411 63.78 -23.94 5.58
C VAL D 411 62.46 -24.12 6.30
N ILE D 412 62.28 -23.44 7.44
CA ILE D 412 61.04 -23.54 8.20
C ILE D 412 59.85 -23.23 7.32
N ALA D 413 59.95 -22.17 6.52
CA ALA D 413 58.89 -21.86 5.57
C ALA D 413 58.67 -23.00 4.59
N GLN D 414 59.77 -23.67 4.19
CA GLN D 414 59.61 -24.81 3.29
C GLN D 414 58.83 -25.94 3.94
N VAL D 415 59.10 -26.23 5.22
CA VAL D 415 58.33 -27.25 5.93
C VAL D 415 56.88 -26.83 6.07
N LYS D 416 56.64 -25.55 6.33
CA LYS D 416 55.27 -25.06 6.43
C LYS D 416 54.54 -25.28 5.12
N GLU D 417 55.22 -25.10 3.99
CA GLU D 417 54.57 -25.30 2.69
C GLU D 417 54.34 -26.77 2.42
N HIS D 418 55.37 -27.60 2.61
CA HIS D 418 55.25 -29.02 2.30
C HIS D 418 54.28 -29.75 3.22
N LEU D 419 53.89 -29.17 4.35
CA LEU D 419 52.99 -29.85 5.26
C LEU D 419 51.62 -29.21 5.29
N GLN D 420 51.36 -28.23 4.42
CA GLN D 420 50.05 -27.62 4.26
C GLN D 420 49.51 -27.09 5.58
N VAL D 421 50.34 -26.32 6.26
CA VAL D 421 49.92 -25.64 7.49
C VAL D 421 48.80 -24.67 7.15
N GLN D 422 47.57 -25.01 7.50
CA GLN D 422 46.44 -24.15 7.23
C GLN D 422 46.32 -23.10 8.31
N SER D 423 45.70 -21.97 7.98
CA SER D 423 45.63 -20.87 8.91
C SER D 423 44.48 -21.07 9.89
N PHE D 424 44.56 -20.34 11.00
CA PHE D 424 43.53 -20.30 12.02
C PHE D 424 42.96 -18.89 12.09
N SER D 425 41.82 -18.75 12.75
CA SER D 425 41.12 -17.48 12.78
C SER D 425 40.89 -17.02 14.22
N ASN D 426 40.61 -15.73 14.33
CA ASN D 426 40.43 -15.02 15.58
C ASN D 426 39.92 -13.63 15.25
N VAL D 427 38.95 -13.15 16.03
CA VAL D 427 38.38 -11.83 15.77
C VAL D 427 39.36 -10.71 16.01
N ASP D 428 40.52 -11.02 16.60
CA ASP D 428 41.58 -10.05 16.84
C ASP D 428 42.80 -10.53 16.05
N ASP D 429 42.99 -9.95 14.87
CA ASP D 429 44.09 -10.37 14.00
C ASP D 429 45.45 -10.11 14.62
N ARG D 430 45.52 -9.24 15.62
CA ARG D 430 46.76 -9.05 16.36
C ARG D 430 47.10 -10.23 17.27
N SER D 431 46.18 -11.18 17.43
CA SER D 431 46.38 -12.30 18.32
C SER D 431 47.02 -13.47 17.57
N TYR D 432 47.90 -14.19 18.26
CA TYR D 432 48.58 -15.34 17.67
C TYR D 432 47.96 -16.66 18.08
N VAL D 433 46.77 -16.64 18.66
CA VAL D 433 46.10 -17.88 19.07
C VAL D 433 44.72 -17.91 18.42
N PRO D 434 44.15 -19.08 18.18
CA PRO D 434 42.78 -19.14 17.64
C PRO D 434 41.78 -18.74 18.71
N GLU D 435 40.57 -18.42 18.25
CA GLU D 435 39.51 -18.00 19.17
C GLU D 435 39.18 -19.09 20.17
N SER D 436 39.38 -20.35 19.79
CA SER D 436 39.16 -21.46 20.72
C SER D 436 39.99 -21.30 21.99
N PHE D 437 41.15 -20.65 21.88
CA PHE D 437 41.98 -20.41 23.05
C PHE D 437 41.50 -19.19 23.81
N GLU D 438 40.26 -18.86 23.75
CA GLU D 438 39.87 -17.65 24.43
C GLU D 438 40.28 -17.84 25.85
N CYS D 439 40.54 -16.73 26.46
CA CYS D 439 41.01 -16.67 27.80
C CYS D 439 39.90 -16.20 28.70
N ARG D 440 39.67 -16.89 29.79
CA ARG D 440 38.67 -16.38 30.68
C ARG D 440 39.25 -16.31 32.07
N LEU D 441 39.38 -15.14 32.67
CA LEU D 441 39.99 -15.18 34.00
C LEU D 441 39.22 -16.11 34.94
N ASP D 442 37.90 -16.20 34.76
CA ASP D 442 37.09 -17.09 35.58
C ASP D 442 37.08 -18.51 35.06
N LYS D 443 37.59 -18.75 33.85
CA LYS D 443 37.73 -20.12 33.36
C LYS D 443 38.85 -20.88 34.07
N LEU D 444 39.70 -20.18 34.84
CA LEU D 444 40.79 -20.84 35.53
C LEU D 444 40.34 -21.52 36.81
N ILE D 445 39.37 -20.94 37.50
CA ILE D 445 38.89 -21.44 38.79
C ILE D 445 37.49 -22.00 38.60
N LEU D 446 37.25 -23.17 39.19
CA LEU D 446 35.92 -23.78 39.17
C LEU D 446 35.10 -23.33 40.37
N ASN E 2 -30.52 12.20 31.91
CA ASN E 2 -31.75 12.78 31.37
C ASN E 2 -31.68 14.30 31.33
N ASN E 3 -30.68 14.81 30.62
CA ASN E 3 -30.47 16.25 30.48
C ASN E 3 -30.44 16.63 29.01
N GLN E 4 -30.96 17.83 28.73
CA GLN E 4 -31.09 18.27 27.34
C GLN E 4 -29.76 18.26 26.61
N LYS E 5 -28.69 18.72 27.25
CA LYS E 5 -27.40 18.80 26.58
C LYS E 5 -26.87 17.41 26.24
N VAL E 6 -26.98 16.48 27.18
CA VAL E 6 -26.53 15.11 26.96
C VAL E 6 -27.29 14.47 25.80
N VAL E 7 -28.62 14.59 25.83
CA VAL E 7 -29.41 13.98 24.76
C VAL E 7 -29.05 14.61 23.42
N ALA E 8 -28.85 15.93 23.39
CA ALA E 8 -28.49 16.58 22.14
C ALA E 8 -27.16 16.08 21.58
N VAL E 9 -26.14 15.97 22.44
CA VAL E 9 -24.85 15.52 21.92
C VAL E 9 -24.94 14.07 21.49
N LEU E 10 -25.65 13.24 22.24
CA LEU E 10 -25.78 11.83 21.86
C LEU E 10 -26.51 11.68 20.53
N LEU E 11 -27.58 12.45 20.33
CA LEU E 11 -28.29 12.39 19.05
C LEU E 11 -27.41 12.88 17.91
N GLN E 12 -26.62 13.92 18.15
CA GLN E 12 -25.67 14.36 17.14
C GLN E 12 -24.69 13.24 16.79
N GLU E 13 -24.20 12.52 17.80
CA GLU E 13 -23.31 11.40 17.54
C GLU E 13 -23.99 10.32 16.70
N CYS E 14 -25.26 10.04 16.99
CA CYS E 14 -25.99 9.07 16.18
C CYS E 14 -26.09 9.53 14.73
N LYS E 15 -26.35 10.82 14.53
CA LYS E 15 -26.39 11.35 13.16
C LYS E 15 -25.04 11.19 12.46
N GLN E 16 -23.95 11.47 13.18
CA GLN E 16 -22.62 11.33 12.61
C GLN E 16 -22.34 9.87 12.22
N VAL E 17 -22.72 8.93 13.08
CA VAL E 17 -22.58 7.52 12.73
C VAL E 17 -23.37 7.21 11.46
N LEU E 18 -24.58 7.77 11.34
CA LEU E 18 -25.37 7.52 10.14
C LEU E 18 -24.70 8.08 8.90
N ASP E 19 -24.06 9.25 9.01
CA ASP E 19 -23.34 9.83 7.88
C ASP E 19 -22.16 8.95 7.48
N GLN E 20 -21.38 8.52 8.47
CA GLN E 20 -20.25 7.62 8.19
C GLN E 20 -20.74 6.35 7.50
N LEU E 21 -21.82 5.75 8.03
CA LEU E 21 -22.40 4.57 7.41
C LEU E 21 -22.85 4.86 5.98
N LEU E 22 -23.26 6.09 5.71
CA LEU E 22 -23.56 6.47 4.34
C LEU E 22 -22.30 6.43 3.48
N LEU E 23 -21.15 6.79 4.06
CA LEU E 23 -19.91 6.70 3.30
C LEU E 23 -19.38 5.27 3.21
N GLU E 24 -19.69 4.42 4.17
CA GLU E 24 -19.12 3.08 4.21
C GLU E 24 -20.03 2.08 3.51
N ALA E 25 -19.43 0.95 3.13
CA ALA E 25 -20.17 -0.17 2.57
C ALA E 25 -20.78 -1.02 3.69
N PRO E 26 -21.94 -1.63 3.44
CA PRO E 26 -22.56 -2.46 4.47
C PRO E 26 -21.68 -3.62 4.87
N ASP E 27 -21.33 -3.67 6.15
CA ASP E 27 -20.53 -4.75 6.69
C ASP E 27 -20.81 -4.88 8.18
N VAL E 28 -21.96 -5.46 8.50
CA VAL E 28 -22.39 -5.58 9.88
C VAL E 28 -21.69 -6.79 10.49
N SER E 29 -20.81 -6.54 11.44
CA SER E 29 -20.09 -7.61 12.10
C SER E 29 -20.99 -8.31 13.09
N GLU E 30 -20.60 -9.53 13.48
CA GLU E 30 -21.34 -10.25 14.50
C GLU E 30 -21.25 -9.54 15.84
N GLU E 31 -20.16 -8.82 16.11
CA GLU E 31 -20.05 -8.07 17.35
C GLU E 31 -21.10 -6.96 17.40
N ASP E 32 -21.34 -6.28 16.29
CA ASP E 32 -22.37 -5.26 16.23
C ASP E 32 -23.74 -5.86 16.57
N LYS E 33 -24.07 -6.99 15.96
CA LYS E 33 -25.35 -7.63 16.22
C LYS E 33 -25.47 -8.06 17.68
N SER E 34 -24.40 -8.63 18.23
CA SER E 34 -24.44 -9.10 19.61
C SER E 34 -24.60 -7.93 20.58
N GLU E 35 -23.93 -6.81 20.33
CA GLU E 35 -24.11 -5.66 21.21
C GLU E 35 -25.47 -5.01 21.00
N ASP E 36 -26.05 -5.15 19.82
CA ASP E 36 -27.40 -4.65 19.59
C ASP E 36 -28.42 -5.46 20.38
N GLN E 37 -28.41 -6.79 20.20
CA GLN E 37 -29.31 -7.63 20.97
C GLN E 37 -29.06 -7.50 22.45
N ARG E 38 -27.80 -7.34 22.85
CA ARG E 38 -27.48 -7.14 24.26
C ARG E 38 -28.08 -5.84 24.76
N CYS E 39 -28.00 -4.77 23.98
CA CYS E 39 -28.58 -3.50 24.41
C CYS E 39 -30.09 -3.59 24.53
N ARG E 40 -30.75 -4.31 23.62
CA ARG E 40 -32.20 -4.44 23.74
C ARG E 40 -32.59 -5.34 24.90
N ALA E 41 -31.76 -6.33 25.23
CA ALA E 41 -32.11 -7.29 26.26
C ALA E 41 -32.07 -6.67 27.66
N LEU E 42 -31.20 -5.69 27.88
CA LEU E 42 -31.08 -5.10 29.20
C LEU E 42 -32.25 -4.17 29.54
N LEU E 43 -33.11 -3.87 28.57
CA LEU E 43 -34.26 -3.04 28.85
C LEU E 43 -35.32 -3.84 29.61
N PRO E 44 -36.10 -3.18 30.46
CA PRO E 44 -37.21 -3.87 31.12
C PRO E 44 -38.21 -4.39 30.10
N SER E 45 -38.93 -5.44 30.50
CA SER E 45 -39.83 -6.13 29.57
C SER E 45 -40.87 -5.20 28.97
N GLU E 46 -41.30 -4.18 29.73
CA GLU E 46 -42.28 -3.24 29.20
C GLU E 46 -41.68 -2.43 28.06
N LEU E 47 -40.45 -1.95 28.22
CA LEU E 47 -39.79 -1.23 27.14
C LEU E 47 -39.55 -2.13 25.94
N ARG E 48 -39.21 -3.40 26.16
CA ARG E 48 -39.02 -4.30 25.03
C ARG E 48 -40.32 -4.51 24.27
N THR E 49 -41.41 -4.73 25.00
CA THR E 49 -42.72 -4.90 24.36
C THR E 49 -43.11 -3.64 23.59
N LEU E 50 -42.90 -2.48 24.18
CA LEU E 50 -43.22 -1.24 23.46
C LEU E 50 -42.36 -1.09 22.22
N ILE E 51 -41.10 -1.50 22.29
CA ILE E 51 -40.23 -1.41 21.12
C ILE E 51 -40.74 -2.32 20.00
N GLN E 52 -41.10 -3.56 20.35
CA GLN E 52 -41.60 -4.47 19.32
C GLN E 52 -42.94 -3.99 18.76
N GLU E 53 -43.83 -3.48 19.62
CA GLU E 53 -45.12 -3.01 19.15
C GLU E 53 -44.98 -1.80 18.25
N ALA E 54 -44.08 -0.88 18.59
CA ALA E 54 -43.82 0.25 17.71
C ALA E 54 -43.23 -0.22 16.40
N LYS E 55 -42.26 -1.14 16.47
CA LYS E 55 -41.68 -1.73 15.28
C LYS E 55 -42.72 -2.44 14.43
N GLU E 56 -43.72 -3.06 15.08
CA GLU E 56 -44.79 -3.70 14.34
C GLU E 56 -45.90 -2.74 13.94
N MET E 57 -45.75 -1.46 14.26
CA MET E 57 -46.66 -0.40 13.81
C MET E 57 -48.09 -0.66 14.28
N LYS E 58 -48.24 -1.01 15.55
CA LYS E 58 -49.60 -1.26 16.05
C LYS E 58 -50.40 0.03 16.14
N TRP E 59 -49.77 1.12 16.55
CA TRP E 59 -50.44 2.40 16.76
C TRP E 59 -49.64 3.54 16.15
N PRO E 60 -50.32 4.57 15.62
CA PRO E 60 -49.60 5.71 15.06
C PRO E 60 -49.01 6.64 16.11
N PHE E 61 -49.52 6.61 17.33
CA PHE E 61 -48.93 7.36 18.44
C PHE E 61 -48.68 6.38 19.57
N VAL E 62 -47.65 6.66 20.36
CA VAL E 62 -47.40 5.87 21.56
C VAL E 62 -48.48 6.22 22.59
N PRO E 63 -49.27 5.26 23.06
CA PRO E 63 -50.38 5.58 23.95
C PRO E 63 -49.95 5.66 25.40
N GLU E 64 -50.76 6.40 26.17
CA GLU E 64 -50.47 6.64 27.58
C GLU E 64 -51.21 5.66 28.48
N TRP E 66 -54.15 5.57 30.11
CA TRP E 66 -55.20 6.33 30.78
C TRP E 66 -56.01 7.16 29.79
N GLN E 67 -55.46 7.40 28.62
CA GLN E 67 -56.11 8.28 27.65
C GLN E 67 -57.25 7.62 26.89
N TYR E 68 -57.50 6.33 27.11
CA TYR E 68 -58.58 5.65 26.42
C TYR E 68 -59.43 4.81 27.39
N LEU E 80 -46.61 7.01 30.55
CA LEU E 80 -45.43 6.15 30.50
C LEU E 80 -44.16 7.00 30.57
N LYS E 81 -44.34 8.30 30.74
CA LYS E 81 -43.22 9.22 30.87
C LYS E 81 -42.24 8.75 31.95
N ASP E 82 -42.74 8.04 32.96
CA ASP E 82 -41.88 7.52 34.01
C ASP E 82 -40.97 6.43 33.49
N VAL E 83 -41.52 5.47 32.74
CA VAL E 83 -40.74 4.34 32.26
C VAL E 83 -39.70 4.80 31.23
N ILE E 84 -40.11 5.70 30.34
CA ILE E 84 -39.17 6.20 29.33
C ILE E 84 -38.10 7.06 29.99
N GLY E 85 -38.50 7.95 30.89
CA GLY E 85 -37.51 8.76 31.58
C GLY E 85 -36.52 7.95 32.40
N ALA E 86 -36.97 6.82 32.95
CA ALA E 86 -36.08 5.99 33.75
C ALA E 86 -35.08 5.26 32.88
N GLY E 87 -35.50 4.81 31.70
CA GLY E 87 -34.63 4.05 30.83
C GLY E 87 -34.17 4.82 29.61
N LEU E 88 -34.15 6.14 29.70
CA LEU E 88 -33.81 6.96 28.54
C LEU E 88 -32.40 6.67 28.06
N GLN E 89 -31.43 6.68 28.97
CA GLN E 89 -30.05 6.42 28.59
C GLN E 89 -29.92 5.06 27.93
N GLN E 90 -30.51 4.02 28.52
CA GLN E 90 -30.47 2.70 27.92
C GLN E 90 -31.15 2.68 26.57
N LEU E 91 -32.21 3.48 26.39
CA LEU E 91 -32.88 3.53 25.11
C LEU E 91 -31.99 4.18 24.05
N LEU E 92 -31.24 5.21 24.43
CA LEU E 92 -30.33 5.84 23.47
C LEU E 92 -29.19 4.90 23.12
N ALA E 93 -28.68 4.17 24.11
CA ALA E 93 -27.66 3.16 23.82
C ALA E 93 -28.18 2.11 22.85
N SER E 94 -29.41 1.64 23.06
CA SER E 94 -29.97 0.68 22.13
C SER E 94 -30.22 1.29 20.76
N LEU E 95 -30.51 2.60 20.71
CA LEU E 95 -30.66 3.27 19.43
C LEU E 95 -29.34 3.29 18.67
N ARG E 96 -28.26 3.67 19.33
CA ARG E 96 -26.96 3.72 18.67
C ARG E 96 -26.52 2.33 18.23
N ALA E 97 -26.55 1.35 19.15
CA ALA E 97 -26.19 -0.01 18.79
C ALA E 97 -27.04 -0.52 17.63
N SER E 98 -28.32 -0.18 17.63
CA SER E 98 -29.17 -0.61 16.53
C SER E 98 -28.80 0.07 15.23
N ILE E 99 -28.32 1.31 15.29
CA ILE E 99 -27.85 2.00 14.10
C ILE E 99 -26.60 1.31 13.55
N LEU E 100 -25.64 1.02 14.42
CA LEU E 100 -24.42 0.35 13.97
C LEU E 100 -24.70 -1.01 13.36
N ALA E 101 -25.76 -1.68 13.81
CA ALA E 101 -26.14 -2.95 13.22
C ALA E 101 -26.95 -2.76 11.95
N ARG E 102 -27.18 -1.53 11.53
CA ARG E 102 -27.96 -1.21 10.33
C ARG E 102 -29.37 -1.79 10.42
N ASP E 103 -29.94 -1.83 11.63
CA ASP E 103 -31.32 -2.22 11.82
C ASP E 103 -32.12 -0.92 11.92
N CYS E 104 -32.37 -0.32 10.75
CA CYS E 104 -32.98 1.00 10.73
C CYS E 104 -34.44 0.95 11.17
N ALA E 105 -35.12 -0.17 10.97
CA ALA E 105 -36.50 -0.30 11.44
C ALA E 105 -36.54 -0.23 12.96
N ALA E 106 -35.64 -0.95 13.63
CA ALA E 106 -35.59 -0.92 15.08
C ALA E 106 -35.20 0.46 15.58
N ALA E 107 -34.24 1.11 14.93
CA ALA E 107 -33.85 2.45 15.32
C ALA E 107 -35.01 3.42 15.21
N ALA E 108 -35.77 3.35 14.12
CA ALA E 108 -36.96 4.18 13.98
C ALA E 108 -37.99 3.87 15.06
N ALA E 109 -38.09 2.60 15.47
CA ALA E 109 -39.00 2.26 16.55
C ALA E 109 -38.58 2.94 17.85
N ILE E 110 -37.27 2.95 18.12
CA ILE E 110 -36.80 3.59 19.35
C ILE E 110 -37.00 5.10 19.30
N VAL E 111 -36.73 5.74 18.14
CA VAL E 111 -37.01 7.17 18.04
C VAL E 111 -38.50 7.43 18.27
N PHE E 112 -39.36 6.57 17.71
CA PHE E 112 -40.79 6.66 17.98
C PHE E 112 -41.05 6.64 19.48
N LEU E 113 -40.40 5.72 20.20
CA LEU E 113 -40.66 5.59 21.63
C LEU E 113 -40.21 6.82 22.40
N VAL E 114 -39.06 7.40 22.05
CA VAL E 114 -38.51 8.52 22.82
C VAL E 114 -38.98 9.87 22.31
N ASP E 115 -39.78 9.90 21.25
CA ASP E 115 -40.15 11.15 20.59
C ASP E 115 -40.79 12.14 21.56
N ARG E 116 -41.81 11.69 22.29
CA ARG E 116 -42.56 12.60 23.16
C ARG E 116 -41.69 13.13 24.29
N PHE E 117 -40.99 12.23 24.97
CA PHE E 117 -40.12 12.65 26.06
C PHE E 117 -39.08 13.65 25.57
N LEU E 118 -38.48 13.39 24.40
CA LEU E 118 -37.46 14.31 23.90
C LEU E 118 -38.06 15.62 23.42
N TYR E 119 -39.32 15.63 22.99
CA TYR E 119 -39.99 16.90 22.74
C TYR E 119 -40.12 17.70 24.01
N GLY E 120 -40.34 17.02 25.13
CA GLY E 120 -40.28 17.71 26.41
C GLY E 120 -38.92 18.32 26.71
N LEU E 121 -37.86 17.81 26.11
CA LEU E 121 -36.51 18.30 26.37
C LEU E 121 -36.00 19.28 25.32
N ASP E 122 -36.83 19.65 24.34
CA ASP E 122 -36.44 20.59 23.29
C ASP E 122 -35.23 20.08 22.51
N VAL E 123 -35.27 18.80 22.15
CA VAL E 123 -34.21 18.20 21.34
C VAL E 123 -34.84 17.46 20.17
N SER E 124 -36.04 17.86 19.77
CA SER E 124 -36.72 17.19 18.66
C SER E 124 -35.99 17.40 17.33
N GLY E 125 -35.27 18.50 17.19
CA GLY E 125 -34.57 18.76 15.94
C GLY E 125 -33.51 17.73 15.66
N LYS E 126 -32.67 17.43 16.65
CA LYS E 126 -31.63 16.42 16.46
C LYS E 126 -32.22 15.03 16.29
N LEU E 127 -33.26 14.70 17.05
CA LEU E 127 -33.92 13.41 16.88
C LEU E 127 -34.45 13.26 15.46
N LEU E 128 -35.02 14.33 14.91
CA LEU E 128 -35.49 14.28 13.54
C LEU E 128 -34.33 14.21 12.55
N GLN E 129 -33.17 14.76 12.90
CA GLN E 129 -31.99 14.56 12.06
C GLN E 129 -31.60 13.09 12.03
N VAL E 130 -31.68 12.41 13.18
CA VAL E 130 -31.40 10.98 13.21
C VAL E 130 -32.41 10.23 12.36
N ALA E 131 -33.68 10.61 12.43
CA ALA E 131 -34.68 9.96 11.58
C ALA E 131 -34.36 10.17 10.11
N LYS E 132 -33.95 11.39 9.74
CA LYS E 132 -33.59 11.66 8.35
C LYS E 132 -32.41 10.82 7.91
N GLY E 133 -31.42 10.64 8.79
CA GLY E 133 -30.31 9.75 8.46
C GLY E 133 -30.76 8.32 8.25
N LEU E 134 -31.66 7.83 9.11
CA LEU E 134 -32.22 6.51 8.93
C LEU E 134 -32.87 6.38 7.56
N HIS E 135 -33.67 7.38 7.17
CA HIS E 135 -34.29 7.33 5.86
C HIS E 135 -33.25 7.33 4.75
N LYS E 136 -32.15 8.08 4.94
CA LYS E 136 -31.11 8.15 3.92
C LYS E 136 -30.47 6.78 3.72
N LEU E 137 -30.14 6.10 4.81
CA LEU E 137 -29.56 4.76 4.70
C LEU E 137 -30.55 3.79 4.05
N GLN E 138 -31.72 3.61 4.67
CA GLN E 138 -32.71 2.64 4.19
C GLN E 138 -34.05 3.33 4.01
N PRO E 139 -34.36 3.77 2.79
CA PRO E 139 -35.57 4.59 2.59
C PRO E 139 -36.87 3.86 2.89
N ALA E 140 -36.88 2.55 2.91
CA ALA E 140 -38.10 1.82 3.21
C ALA E 140 -38.43 1.77 4.70
N THR E 141 -37.56 2.30 5.55
CA THR E 141 -37.80 2.29 6.98
C THR E 141 -39.08 3.06 7.32
N PRO E 142 -40.07 2.41 7.95
CA PRO E 142 -41.30 3.12 8.28
C PRO E 142 -41.10 4.04 9.48
N ILE E 143 -41.62 5.26 9.35
CA ILE E 143 -41.52 6.29 10.37
C ILE E 143 -42.93 6.62 10.86
N ALA E 144 -43.09 6.63 12.19
CA ALA E 144 -44.40 6.81 12.77
C ALA E 144 -44.97 8.18 12.42
N PRO E 145 -46.28 8.28 12.18
CA PRO E 145 -46.88 9.60 11.94
C PRO E 145 -46.60 10.59 13.04
N GLN E 146 -46.46 10.14 14.29
CA GLN E 146 -46.15 11.04 15.39
C GLN E 146 -44.86 11.81 15.16
N VAL E 147 -43.88 11.20 14.51
CA VAL E 147 -42.59 11.84 14.27
C VAL E 147 -42.69 12.86 13.14
N VAL E 148 -43.44 12.51 12.10
CA VAL E 148 -43.75 13.46 11.03
C VAL E 148 -44.44 14.69 11.60
N ILE E 149 -45.49 14.47 12.41
CA ILE E 149 -46.17 15.58 13.08
C ILE E 149 -45.21 16.32 14.00
N ARG E 150 -44.22 15.63 14.58
CA ARG E 150 -43.25 16.35 15.39
C ARG E 150 -42.49 17.38 14.55
N GLN E 151 -42.09 17.00 13.34
CA GLN E 151 -41.49 17.98 12.43
C GLN E 151 -42.44 19.16 12.20
N ALA E 152 -43.72 18.88 11.96
CA ALA E 152 -44.68 19.97 11.80
C ALA E 152 -44.71 20.86 13.05
N ARG E 153 -44.64 20.27 14.23
CA ARG E 153 -44.72 21.04 15.46
C ARG E 153 -43.54 22.01 15.57
N ILE E 154 -42.32 21.52 15.40
CA ILE E 154 -41.21 22.45 15.57
C ILE E 154 -41.20 23.49 14.45
N SER E 155 -41.69 23.12 13.26
CA SER E 155 -41.80 24.11 12.20
C SER E 155 -42.76 25.22 12.60
N VAL E 156 -43.87 24.88 13.25
CA VAL E 156 -44.78 25.90 13.75
C VAL E 156 -44.09 26.75 14.80
N ASN E 157 -43.40 26.10 15.74
CA ASN E 157 -42.74 26.84 16.82
C ASN E 157 -41.68 27.80 16.29
N SER E 158 -41.13 27.53 15.11
CA SER E 158 -40.12 28.39 14.51
C SER E 158 -40.71 29.45 13.60
N GLY E 159 -42.02 29.43 13.38
CA GLY E 159 -42.64 30.36 12.45
C GLY E 159 -42.66 29.91 11.02
N LYS E 160 -42.24 28.67 10.75
CA LYS E 160 -42.28 28.11 9.39
C LYS E 160 -43.67 27.51 9.17
N LEU E 161 -44.65 28.40 8.98
CA LEU E 161 -46.04 27.97 8.98
C LEU E 161 -46.40 27.18 7.72
N LEU E 162 -45.99 27.67 6.56
CA LEU E 162 -46.31 26.94 5.34
C LEU E 162 -45.59 25.60 5.29
N LYS E 163 -44.38 25.54 5.82
CA LYS E 163 -43.65 24.28 5.88
C LYS E 163 -44.40 23.24 6.70
N ALA E 164 -44.78 23.61 7.92
CA ALA E 164 -45.57 22.71 8.76
C ALA E 164 -46.88 22.34 8.08
N GLU E 165 -47.48 23.30 7.38
CA GLU E 165 -48.78 23.04 6.77
C GLU E 165 -48.68 22.11 5.57
N TYR E 166 -47.53 22.05 4.90
CA TYR E 166 -47.37 21.05 3.83
C TYR E 166 -47.43 19.65 4.40
N ILE E 167 -46.73 19.42 5.52
CA ILE E 167 -46.77 18.14 6.20
C ILE E 167 -48.20 17.82 6.65
N LEU E 168 -48.77 18.74 7.44
CA LEU E 168 -50.10 18.51 8.00
C LEU E 168 -51.13 18.25 6.90
N SER E 169 -51.13 19.09 5.87
CA SER E 169 -52.08 18.91 4.78
C SER E 169 -51.85 17.61 4.05
N SER E 170 -50.60 17.18 3.93
CA SER E 170 -50.32 15.89 3.32
C SER E 170 -50.95 14.77 4.12
N LEU E 171 -50.87 14.84 5.46
CA LEU E 171 -51.49 13.82 6.28
C LEU E 171 -53.02 13.90 6.22
N ILE E 172 -53.57 15.11 6.33
CA ILE E 172 -55.02 15.29 6.45
C ILE E 172 -55.70 14.91 5.15
N SER E 173 -55.29 15.53 4.05
CA SER E 173 -55.96 15.34 2.77
C SER E 173 -55.72 13.96 2.15
N ASN E 174 -54.82 13.15 2.73
CA ASN E 174 -54.53 11.82 2.20
C ASN E 174 -54.76 10.73 3.23
N ASN E 175 -55.76 10.91 4.10
CA ASN E 175 -56.17 9.88 5.07
C ASN E 175 -55.00 9.39 5.90
N GLY E 176 -54.12 10.30 6.31
CA GLY E 176 -53.03 9.96 7.20
C GLY E 176 -51.93 9.11 6.60
N ALA E 177 -51.90 8.96 5.27
CA ALA E 177 -50.86 8.14 4.64
C ALA E 177 -49.52 8.86 4.67
N THR E 178 -48.49 8.16 5.11
CA THR E 178 -47.15 8.74 5.16
C THR E 178 -46.11 7.64 5.01
N GLY E 179 -45.15 7.87 4.12
CA GLY E 179 -44.01 6.98 3.98
C GLY E 179 -44.42 5.55 3.70
N THR E 180 -43.83 4.63 4.47
CA THR E 180 -44.14 3.20 4.37
C THR E 180 -44.85 2.70 5.62
N TRP E 181 -45.64 3.56 6.26
CA TRP E 181 -46.33 3.20 7.49
C TRP E 181 -47.68 2.56 7.20
N LEU E 182 -48.00 1.51 7.93
CA LEU E 182 -49.23 0.75 7.73
C LEU E 182 -50.14 0.95 8.94
N TYR E 183 -51.38 1.33 8.68
CA TYR E 183 -52.39 1.46 9.73
C TYR E 183 -53.07 0.10 9.90
N ARG E 184 -53.23 -0.31 11.16
CA ARG E 184 -53.88 -1.58 11.48
C ARG E 184 -55.40 -1.47 11.53
N ASN E 185 -55.94 -0.25 11.48
CA ASN E 185 -57.37 -0.03 11.51
C ASN E 185 -57.65 1.35 10.93
N GLU E 186 -58.92 1.59 10.61
CA GLU E 186 -59.31 2.84 9.97
C GLU E 186 -59.41 4.00 10.95
N SER E 187 -59.60 3.74 12.25
CA SER E 187 -59.80 4.83 13.18
C SER E 187 -58.50 5.56 13.52
N ASP E 188 -57.38 4.84 13.52
CA ASP E 188 -56.09 5.50 13.76
C ASP E 188 -55.79 6.55 12.69
N LYS E 189 -56.31 6.35 11.47
CA LYS E 189 -56.18 7.38 10.45
C LYS E 189 -56.91 8.65 10.87
N VAL E 190 -58.17 8.49 11.30
CA VAL E 190 -58.96 9.62 11.79
C VAL E 190 -58.28 10.27 12.98
N LEU E 191 -57.61 9.48 13.81
CA LEU E 191 -56.89 10.03 14.95
C LEU E 191 -55.75 10.95 14.48
N VAL E 192 -54.91 10.44 13.57
CA VAL E 192 -53.83 11.26 13.02
C VAL E 192 -54.39 12.53 12.40
N GLN E 193 -55.47 12.40 11.64
CA GLN E 193 -56.12 13.56 11.04
C GLN E 193 -56.57 14.55 12.10
N SER E 194 -57.05 14.04 13.23
CA SER E 194 -57.58 14.91 14.27
C SER E 194 -56.47 15.71 14.94
N VAL E 195 -55.33 15.06 15.24
CA VAL E 195 -54.20 15.82 15.78
C VAL E 195 -53.72 16.87 14.78
N CYS E 196 -53.67 16.50 13.49
CA CYS E 196 -53.21 17.49 12.50
C CYS E 196 -54.16 18.69 12.44
N ILE E 197 -55.46 18.44 12.52
CA ILE E 197 -56.43 19.52 12.48
C ILE E 197 -56.30 20.39 13.73
N GLN E 198 -56.08 19.77 14.88
CA GLN E 198 -55.79 20.52 16.08
C GLN E 198 -54.61 21.46 15.87
N ILE E 199 -53.55 20.96 15.25
CA ILE E 199 -52.38 21.81 15.05
C ILE E 199 -52.68 22.92 14.05
N ARG E 200 -53.51 22.64 13.05
CA ARG E 200 -53.97 23.72 12.18
C ARG E 200 -54.65 24.81 12.99
N GLY E 201 -55.49 24.40 13.95
CA GLY E 201 -56.08 25.37 14.85
C GLY E 201 -55.05 26.19 15.59
N GLN E 202 -53.98 25.55 16.07
CA GLN E 202 -52.94 26.30 16.74
C GLN E 202 -52.23 27.27 15.79
N ILE E 203 -52.12 26.91 14.51
CA ILE E 203 -51.52 27.80 13.54
C ILE E 203 -52.39 29.04 13.36
N LEU E 204 -53.71 28.86 13.21
CA LEU E 204 -54.57 30.03 13.07
C LEU E 204 -54.59 30.85 14.36
N GLN E 205 -54.45 30.18 15.50
CA GLN E 205 -54.31 30.90 16.76
C GLN E 205 -53.06 31.76 16.75
N LYS E 206 -51.95 31.22 16.25
CA LYS E 206 -50.71 31.99 16.13
C LYS E 206 -50.90 33.17 15.19
N LEU E 207 -51.80 33.07 14.22
CA LEU E 207 -52.11 34.14 13.30
C LEU E 207 -53.24 35.04 13.78
N GLY E 208 -53.81 34.77 14.95
CA GLY E 208 -54.86 35.65 15.44
C GLY E 208 -56.18 35.56 14.70
N MET E 209 -56.38 34.54 13.88
CA MET E 209 -57.68 34.34 13.24
C MET E 209 -58.53 33.47 14.18
N TRP E 210 -59.11 34.14 15.18
CA TRP E 210 -59.67 33.43 16.32
C TRP E 210 -60.88 32.58 15.93
N TYR E 211 -61.78 33.11 15.10
CA TYR E 211 -62.99 32.37 14.76
C TYR E 211 -62.64 31.06 14.06
N GLU E 212 -61.84 31.14 12.99
CA GLU E 212 -61.48 29.94 12.24
C GLU E 212 -60.61 29.01 13.06
N ALA E 213 -59.77 29.54 13.94
CA ALA E 213 -59.02 28.67 14.84
C ALA E 213 -59.95 27.87 15.73
N ALA E 214 -60.94 28.53 16.32
CA ALA E 214 -61.93 27.83 17.15
C ALA E 214 -62.70 26.80 16.34
N GLU E 215 -63.02 27.11 15.08
CA GLU E 215 -63.70 26.13 14.24
C GLU E 215 -62.83 24.91 13.99
N LEU E 216 -61.53 25.12 13.72
CA LEU E 216 -60.64 23.98 13.52
C LEU E 216 -60.49 23.14 14.77
N ILE E 217 -60.41 23.79 15.93
CA ILE E 217 -60.31 23.05 17.19
C ILE E 217 -61.58 22.25 17.41
N TRP E 218 -62.73 22.84 17.09
CA TRP E 218 -63.99 22.11 17.16
C TRP E 218 -63.96 20.88 16.27
N ALA E 219 -63.42 21.02 15.05
CA ALA E 219 -63.28 19.86 14.17
C ALA E 219 -62.40 18.78 14.81
N SER E 220 -61.32 19.18 15.48
CA SER E 220 -60.49 18.18 16.13
C SER E 220 -61.24 17.48 17.24
N ILE E 221 -62.10 18.21 17.96
CA ILE E 221 -62.89 17.60 19.02
C ILE E 221 -63.87 16.59 18.43
N VAL E 222 -64.54 16.96 17.35
CA VAL E 222 -65.42 16.03 16.65
C VAL E 222 -64.66 14.77 16.27
N GLY E 223 -63.48 14.93 15.69
CA GLY E 223 -62.70 13.76 15.30
C GLY E 223 -62.29 12.89 16.46
N TYR E 224 -61.90 13.51 17.57
CA TYR E 224 -61.54 12.73 18.75
C TYR E 224 -62.75 11.95 19.28
N LEU E 225 -63.94 12.55 19.21
CA LEU E 225 -65.14 11.85 19.68
C LEU E 225 -65.58 10.78 18.71
N ALA E 226 -65.18 10.86 17.45
CA ALA E 226 -65.56 9.87 16.47
C ALA E 226 -64.78 8.57 16.60
N LEU E 227 -63.89 8.46 17.60
CA LEU E 227 -63.13 7.23 17.72
C LEU E 227 -63.90 6.21 18.56
N PRO E 228 -63.65 4.92 18.34
CA PRO E 228 -64.28 3.90 19.18
C PRO E 228 -64.16 4.19 20.66
N GLN E 229 -62.95 4.53 21.11
CA GLN E 229 -62.73 5.02 22.47
C GLN E 229 -62.13 6.41 22.35
N PRO E 230 -62.88 7.45 22.68
CA PRO E 230 -62.40 8.83 22.45
C PRO E 230 -61.07 9.11 23.12
N ASP E 231 -60.30 9.99 22.48
CA ASP E 231 -58.95 10.35 22.90
C ASP E 231 -59.09 11.43 23.97
N LYS E 232 -59.02 11.03 25.24
CA LYS E 232 -59.17 12.00 26.32
C LYS E 232 -58.01 12.99 26.36
N LYS E 233 -56.80 12.53 26.03
CA LYS E 233 -55.66 13.43 25.98
C LYS E 233 -55.85 14.50 24.91
N GLY E 234 -56.20 14.08 23.70
CA GLY E 234 -56.47 15.04 22.64
C GLY E 234 -57.62 15.97 22.97
N LEU E 235 -58.69 15.43 23.56
CA LEU E 235 -59.81 16.27 23.95
C LEU E 235 -59.41 17.31 24.98
N SER E 236 -58.60 16.90 25.96
CA SER E 236 -58.09 17.86 26.94
C SER E 236 -57.27 18.96 26.26
N THR E 237 -56.33 18.56 25.40
CA THR E 237 -55.48 19.53 24.72
C THR E 237 -56.31 20.53 23.90
N SER E 238 -57.21 20.01 23.05
CA SER E 238 -58.04 20.89 22.23
C SER E 238 -58.96 21.76 23.08
N LEU E 239 -59.43 21.27 24.22
CA LEU E 239 -60.29 22.10 25.06
C LEU E 239 -59.50 23.24 25.68
N GLY E 240 -58.25 22.98 26.08
CA GLY E 240 -57.43 24.07 26.58
C GLY E 240 -57.15 25.11 25.52
N ILE E 241 -56.79 24.64 24.31
CA ILE E 241 -56.52 25.56 23.22
C ILE E 241 -57.77 26.39 22.90
N LEU E 242 -58.92 25.73 22.84
CA LEU E 242 -60.18 26.42 22.59
C LEU E 242 -60.46 27.45 23.68
N ALA E 243 -60.08 27.15 24.92
CA ALA E 243 -60.24 28.12 25.98
C ALA E 243 -59.41 29.36 25.71
N ASP E 244 -58.12 29.18 25.38
CA ASP E 244 -57.26 30.33 25.07
C ASP E 244 -57.82 31.14 23.90
N ILE E 245 -58.31 30.47 22.86
CA ILE E 245 -58.89 31.16 21.73
C ILE E 245 -60.10 31.97 22.17
N PHE E 246 -60.95 31.39 23.02
CA PHE E 246 -62.10 32.10 23.57
C PHE E 246 -61.67 33.35 24.31
N VAL E 247 -60.58 33.26 25.07
CA VAL E 247 -60.09 34.45 25.78
C VAL E 247 -59.65 35.51 24.79
N SER E 248 -58.99 35.11 23.71
CA SER E 248 -58.49 36.08 22.74
C SER E 248 -59.57 36.64 21.82
N MET E 249 -60.72 35.99 21.73
CA MET E 249 -61.77 36.43 20.81
C MET E 249 -62.34 37.79 21.20
N SER E 250 -62.84 38.50 20.19
CA SER E 250 -63.73 39.62 20.43
C SER E 250 -65.14 39.08 20.65
N LYS E 251 -66.03 39.95 21.10
CA LYS E 251 -67.41 39.51 21.34
C LYS E 251 -68.18 39.32 20.05
N ASN E 252 -67.80 40.00 18.97
CA ASN E 252 -68.39 39.69 17.68
C ASN E 252 -67.96 38.30 17.22
N ASP E 253 -66.69 37.94 17.47
CA ASP E 253 -66.23 36.60 17.16
C ASP E 253 -67.01 35.55 17.94
N TYR E 254 -67.14 35.75 19.26
CA TYR E 254 -67.82 34.77 20.09
C TYR E 254 -69.30 34.68 19.74
N GLU E 255 -69.92 35.82 19.43
CA GLU E 255 -71.32 35.79 19.01
C GLU E 255 -71.50 35.01 17.71
N LYS E 256 -70.68 35.33 16.70
CA LYS E 256 -70.74 34.61 15.44
C LYS E 256 -70.49 33.13 15.64
N PHE E 257 -69.61 32.77 16.58
CA PHE E 257 -69.32 31.37 16.84
C PHE E 257 -70.48 30.70 17.54
N LYS E 258 -71.14 31.41 18.45
CA LYS E 258 -72.25 30.83 19.21
C LYS E 258 -73.49 30.65 18.34
N ASN E 259 -73.69 31.55 17.37
CA ASN E 259 -74.85 31.48 16.50
C ASN E 259 -74.67 30.52 15.34
N ASN E 260 -73.59 29.74 15.32
CA ASN E 260 -73.41 28.72 14.31
C ASN E 260 -74.00 27.42 14.85
N PRO E 261 -75.14 26.96 14.34
CA PRO E 261 -75.82 25.81 14.96
C PRO E 261 -75.10 24.50 14.75
N GLN E 262 -74.18 24.41 13.80
CA GLN E 262 -73.50 23.14 13.56
C GLN E 262 -72.47 22.83 14.63
N ILE E 263 -72.10 23.80 15.44
CA ILE E 263 -71.16 23.58 16.53
C ILE E 263 -71.99 23.18 17.76
N ASN E 264 -72.06 21.87 18.01
CA ASN E 264 -72.93 21.35 19.07
C ASN E 264 -72.14 21.15 20.35
N LEU E 265 -71.55 22.24 20.81
CA LEU E 265 -70.80 22.24 22.07
C LEU E 265 -71.71 22.75 23.17
N SER E 266 -71.82 21.97 24.24
CA SER E 266 -72.64 22.38 25.37
C SER E 266 -72.11 23.68 25.98
N LEU E 267 -70.79 23.79 26.11
CA LEU E 267 -70.21 25.01 26.67
C LEU E 267 -70.51 26.21 25.79
N LEU E 268 -70.72 26.00 24.50
CA LEU E 268 -71.06 27.11 23.61
C LEU E 268 -72.52 27.52 23.77
N LYS E 269 -73.42 26.55 23.89
CA LYS E 269 -74.85 26.84 23.91
C LYS E 269 -75.32 27.31 25.27
N GLU E 270 -74.65 26.94 26.35
CA GLU E 270 -75.13 27.20 27.70
C GLU E 270 -74.53 28.47 28.31
N PHE E 271 -73.78 29.25 27.54
CA PHE E 271 -73.16 30.47 28.03
C PHE E 271 -73.17 31.52 26.94
N ASP E 272 -73.28 32.79 27.36
CA ASP E 272 -73.35 33.92 26.45
C ASP E 272 -72.10 34.79 26.43
N HIS E 273 -71.17 34.59 27.35
CA HIS E 273 -69.92 35.33 27.39
C HIS E 273 -68.75 34.42 27.06
N HIS E 274 -67.81 34.94 26.26
CA HIS E 274 -66.70 34.12 25.80
C HIS E 274 -65.81 33.65 26.94
N LEU E 275 -65.69 34.46 28.00
CA LEU E 275 -64.88 34.03 29.13
C LEU E 275 -65.55 32.91 29.91
N LEU E 276 -66.88 32.86 29.91
CA LEU E 276 -67.57 31.77 30.59
C LEU E 276 -67.45 30.47 29.80
N SER E 277 -67.59 30.55 28.47
CA SER E 277 -67.28 29.41 27.64
C SER E 277 -65.84 28.95 27.84
N ALA E 278 -64.92 29.89 27.99
CA ALA E 278 -63.52 29.53 28.24
C ALA E 278 -63.37 28.81 29.56
N ALA E 279 -63.99 29.32 30.63
CA ALA E 279 -63.89 28.68 31.94
C ALA E 279 -64.48 27.28 31.91
N GLU E 280 -65.61 27.12 31.23
CA GLU E 280 -66.21 25.80 31.12
C GLU E 280 -65.33 24.86 30.32
N ALA E 281 -64.78 25.34 29.20
CA ALA E 281 -63.86 24.53 28.42
C ALA E 281 -62.66 24.09 29.24
N CYS E 282 -62.19 24.95 30.14
CA CYS E 282 -61.11 24.55 31.04
C CYS E 282 -61.57 23.50 32.02
N LYS E 283 -62.80 23.62 32.52
CA LYS E 283 -63.34 22.59 33.40
C LYS E 283 -63.32 21.23 32.72
N LEU E 284 -63.82 21.17 31.49
CA LEU E 284 -63.81 19.91 30.76
C LEU E 284 -62.40 19.44 30.45
N ALA E 285 -61.52 20.36 30.04
CA ALA E 285 -60.14 19.99 29.72
C ALA E 285 -59.45 19.37 30.91
N ALA E 286 -59.62 19.96 32.09
CA ALA E 286 -59.06 19.36 33.29
C ALA E 286 -59.75 18.05 33.63
N ALA E 287 -61.04 17.92 33.31
CA ALA E 287 -61.71 16.64 33.55
C ALA E 287 -61.11 15.53 32.71
N PHE E 288 -60.78 15.82 31.44
CA PHE E 288 -60.26 14.76 30.58
C PHE E 288 -58.82 14.38 30.89
N SER E 289 -58.10 15.14 31.70
CA SER E 289 -56.76 14.77 32.12
C SER E 289 -56.69 14.66 33.63
N ALA E 290 -57.73 14.06 34.22
CA ALA E 290 -57.87 14.02 35.67
C ALA E 290 -56.77 13.23 36.36
N TYR E 291 -56.03 12.41 35.63
CA TYR E 291 -54.95 11.63 36.21
C TYR E 291 -53.58 12.16 35.87
N THR E 292 -53.51 13.24 35.08
CA THR E 292 -52.26 13.92 34.75
C THR E 292 -52.29 15.28 35.39
N PRO E 293 -51.65 15.46 36.56
CA PRO E 293 -51.89 16.67 37.36
C PRO E 293 -51.43 17.97 36.72
N LEU E 294 -50.40 17.93 35.88
CA LEU E 294 -49.87 19.17 35.31
C LEU E 294 -50.90 19.88 34.45
N PHE E 295 -51.51 19.14 33.52
CA PHE E 295 -52.48 19.76 32.63
C PHE E 295 -53.78 20.10 33.35
N VAL E 296 -54.10 19.37 34.42
CA VAL E 296 -55.20 19.78 35.27
C VAL E 296 -54.90 21.15 35.86
N LEU E 297 -53.66 21.35 36.32
CA LEU E 297 -53.25 22.62 36.90
C LEU E 297 -53.28 23.75 35.87
N THR E 298 -52.77 23.50 34.65
CA THR E 298 -52.79 24.54 33.62
C THR E 298 -54.23 24.91 33.26
N ALA E 299 -55.08 23.90 33.07
CA ALA E 299 -56.47 24.15 32.72
C ALA E 299 -57.18 24.97 33.79
N VAL E 300 -57.04 24.57 35.06
CA VAL E 300 -57.73 25.29 36.11
C VAL E 300 -57.13 26.66 36.32
N ASN E 301 -55.85 26.84 36.00
CA ASN E 301 -55.27 28.19 36.02
C ASN E 301 -55.98 29.10 35.04
N ILE E 302 -56.15 28.64 33.79
CA ILE E 302 -56.86 29.46 32.83
C ILE E 302 -58.31 29.68 33.28
N ARG E 303 -58.92 28.66 33.88
CA ARG E 303 -60.28 28.81 34.37
C ARG E 303 -60.38 29.90 35.43
N GLY E 304 -59.51 29.84 36.44
CA GLY E 304 -59.52 30.85 37.47
C GLY E 304 -59.25 32.24 36.93
N THR E 305 -58.33 32.34 35.97
CA THR E 305 -58.07 33.65 35.36
C THR E 305 -59.30 34.18 34.65
N CYS E 306 -60.00 33.31 33.92
CA CYS E 306 -61.20 33.73 33.21
C CYS E 306 -62.27 34.20 34.18
N LEU E 307 -62.49 33.44 35.26
CA LEU E 307 -63.53 33.80 36.21
C LEU E 307 -63.17 35.06 36.98
N LEU E 308 -61.89 35.26 37.28
CA LEU E 308 -61.46 36.53 37.87
C LEU E 308 -61.74 37.69 36.93
N SER E 309 -61.40 37.53 35.67
CA SER E 309 -61.58 38.64 34.73
C SER E 309 -63.06 38.94 34.54
N TYR E 310 -63.90 37.92 34.50
CA TYR E 310 -65.31 38.16 34.27
C TYR E 310 -66.00 38.72 35.51
N SER E 311 -65.58 38.29 36.71
CA SER E 311 -66.24 38.77 37.92
C SER E 311 -66.11 40.27 38.08
N SER E 312 -64.95 40.83 37.72
CA SER E 312 -64.75 42.27 37.77
C SER E 312 -65.31 42.98 36.55
N SER E 313 -65.75 42.25 35.54
CA SER E 313 -66.17 42.86 34.29
C SER E 313 -67.51 43.58 34.44
N ASN E 314 -67.72 44.57 33.58
CA ASN E 314 -69.00 45.25 33.51
C ASN E 314 -70.06 44.43 32.81
N ASP E 315 -69.67 43.36 32.13
CA ASP E 315 -70.63 42.43 31.55
C ASP E 315 -71.21 41.49 32.59
N CYS E 316 -70.59 41.43 33.76
CA CYS E 316 -71.04 40.54 34.82
C CYS E 316 -72.03 41.27 35.71
N PRO E 317 -73.24 40.76 35.90
CA PRO E 317 -74.18 41.39 36.83
C PRO E 317 -73.61 41.38 38.23
N PRO E 318 -73.80 42.47 38.98
CA PRO E 318 -73.19 42.55 40.33
C PRO E 318 -73.68 41.47 41.28
N GLU E 319 -74.81 40.83 40.99
CA GLU E 319 -75.26 39.71 41.82
C GLU E 319 -74.38 38.47 41.65
N LEU E 320 -73.74 38.30 40.50
CA LEU E 320 -72.98 37.09 40.22
C LEU E 320 -71.49 37.24 40.48
N LYS E 321 -71.04 38.44 40.85
CA LYS E 321 -69.62 38.68 41.08
C LYS E 321 -69.06 37.73 42.14
N ASN E 322 -69.78 37.54 43.23
CA ASN E 322 -69.33 36.66 44.30
C ASN E 322 -69.31 35.20 43.85
N LEU E 323 -70.31 34.79 43.07
CA LEU E 323 -70.36 33.43 42.55
C LEU E 323 -69.11 33.14 41.72
N HIS E 324 -68.80 34.02 40.79
CA HIS E 324 -67.66 33.76 39.90
C HIS E 324 -66.34 33.92 40.62
N LEU E 325 -66.26 34.82 41.60
CA LEU E 325 -65.05 34.89 42.41
C LEU E 325 -64.85 33.60 43.19
N CYS E 326 -65.95 32.99 43.66
CA CYS E 326 -65.87 31.73 44.39
C CYS E 326 -65.46 30.58 43.48
N GLU E 327 -65.97 30.58 42.24
CA GLU E 327 -65.53 29.59 41.27
C GLU E 327 -64.05 29.73 40.95
N ALA E 328 -63.57 30.97 40.77
CA ALA E 328 -62.15 31.18 40.53
C ALA E 328 -61.32 30.71 41.72
N LYS E 329 -61.78 31.02 42.93
CA LYS E 329 -61.11 30.53 44.13
C LYS E 329 -60.97 29.02 44.10
N GLU E 330 -62.06 28.32 43.81
CA GLU E 330 -62.00 26.86 43.77
C GLU E 330 -61.05 26.37 42.68
N ALA E 331 -61.05 27.05 41.52
CA ALA E 331 -60.14 26.68 40.45
C ALA E 331 -58.69 26.73 40.90
N PHE E 332 -58.27 27.88 41.44
CA PHE E 332 -56.88 28.00 41.89
C PHE E 332 -56.59 27.03 43.03
N GLU E 333 -57.57 26.78 43.90
CA GLU E 333 -57.35 25.82 44.98
C GLU E 333 -57.04 24.43 44.42
N ILE E 334 -57.85 23.96 43.46
CA ILE E 334 -57.59 22.68 42.82
C ILE E 334 -56.19 22.66 42.21
N GLY E 335 -55.85 23.74 41.49
CA GLY E 335 -54.53 23.81 40.92
C GLY E 335 -53.42 23.62 41.94
N LEU E 336 -53.51 24.33 43.06
CA LEU E 336 -52.51 24.18 44.11
C LEU E 336 -52.57 22.80 44.75
N LEU E 337 -53.73 22.14 44.74
CA LEU E 337 -53.85 20.82 45.30
C LEU E 337 -53.31 19.73 44.38
N THR E 338 -52.95 20.08 43.14
CA THR E 338 -52.30 19.11 42.28
C THR E 338 -50.97 18.60 42.84
N LYS E 339 -50.44 19.22 43.89
CA LYS E 339 -49.17 18.81 44.49
C LYS E 339 -49.43 18.30 45.90
N ARG E 340 -49.44 16.98 46.05
CA ARG E 340 -49.45 16.36 47.36
C ARG E 340 -48.00 16.11 47.79
N ASP E 341 -47.84 15.57 49.00
CA ASP E 341 -46.53 15.28 49.60
C ASP E 341 -45.51 16.39 49.32
N ASP E 342 -44.29 16.00 48.95
CA ASP E 342 -43.24 16.94 48.60
C ASP E 342 -42.39 16.39 47.47
N GLU E 343 -43.05 15.89 46.43
CA GLU E 343 -42.32 15.42 45.26
C GLU E 343 -41.65 16.60 44.57
N PRO E 344 -40.38 16.49 44.20
CA PRO E 344 -39.72 17.58 43.48
C PRO E 344 -40.45 17.90 42.18
N VAL E 345 -40.29 19.14 41.73
CA VAL E 345 -40.91 19.61 40.50
C VAL E 345 -39.80 20.02 39.55
N THR E 346 -39.74 19.35 38.40
CA THR E 346 -38.78 19.64 37.35
C THR E 346 -39.49 20.29 36.18
N GLY E 347 -38.78 21.22 35.52
CA GLY E 347 -39.34 21.91 34.39
C GLY E 347 -39.93 23.23 34.80
N LYS E 348 -39.63 24.30 34.06
CA LYS E 348 -40.10 25.61 34.45
C LYS E 348 -41.58 25.84 34.12
N GLN E 349 -42.16 24.99 33.28
CA GLN E 349 -43.58 25.14 32.97
C GLN E 349 -44.44 24.79 34.19
N GLU E 350 -44.15 23.66 34.83
CA GLU E 350 -44.94 23.27 36.00
C GLU E 350 -44.74 24.27 37.13
N LEU E 351 -43.48 24.65 37.40
CA LEU E 351 -43.21 25.62 38.45
C LEU E 351 -43.94 26.93 38.18
N HIS E 352 -43.82 27.44 36.96
CA HIS E 352 -44.50 28.67 36.59
C HIS E 352 -46.01 28.53 36.79
N SER E 353 -46.56 27.35 36.53
CA SER E 353 -47.98 27.15 36.73
C SER E 353 -48.34 27.18 38.21
N PHE E 354 -47.47 26.64 39.07
CA PHE E 354 -47.75 26.70 40.51
C PHE E 354 -47.72 28.14 41.02
N VAL E 355 -46.70 28.91 40.66
CA VAL E 355 -46.68 30.31 41.08
C VAL E 355 -47.89 31.05 40.52
N LYS E 356 -48.29 30.73 39.28
CA LYS E 356 -49.46 31.37 38.70
C LYS E 356 -50.70 31.07 39.53
N ALA E 357 -50.85 29.82 39.98
CA ALA E 357 -51.99 29.46 40.82
C ALA E 357 -51.96 30.21 42.14
N ALA E 358 -50.77 30.36 42.73
CA ALA E 358 -50.67 31.10 43.98
C ALA E 358 -51.07 32.56 43.80
N PHE E 359 -50.53 33.22 42.77
CA PHE E 359 -50.94 34.59 42.47
C PHE E 359 -52.43 34.68 42.24
N GLY E 360 -53.01 33.69 41.57
CA GLY E 360 -54.43 33.72 41.30
C GLY E 360 -55.25 33.64 42.57
N LEU E 361 -54.88 32.71 43.45
CA LEU E 361 -55.63 32.54 44.70
C LEU E 361 -55.50 33.77 45.58
N THR E 362 -54.30 34.35 45.68
CA THR E 362 -54.13 35.57 46.45
C THR E 362 -54.95 36.71 45.88
N THR E 363 -54.99 36.83 44.55
CA THR E 363 -55.78 37.90 43.96
C THR E 363 -57.26 37.69 44.25
N VAL E 364 -57.74 36.45 44.16
CA VAL E 364 -59.15 36.17 44.40
C VAL E 364 -59.50 36.46 45.86
N HIS E 365 -58.64 36.06 46.79
CA HIS E 365 -58.88 36.37 48.20
C HIS E 365 -58.91 37.87 48.45
N ARG E 366 -58.00 38.62 47.79
CA ARG E 366 -58.03 40.07 47.93
C ARG E 366 -59.34 40.65 47.40
N ARG E 367 -59.84 40.12 46.29
CA ARG E 367 -61.13 40.58 45.78
C ARG E 367 -62.27 40.20 46.72
N LEU E 368 -62.12 39.13 47.48
CA LEU E 368 -63.21 38.70 48.35
C LEU E 368 -63.16 39.31 49.73
N HIS E 369 -61.98 39.46 50.31
CA HIS E 369 -61.88 39.92 51.69
C HIS E 369 -60.99 41.15 51.80
N GLY E 370 -61.14 42.11 50.90
CA GLY E 370 -60.33 43.30 50.96
C GLY E 370 -58.83 43.02 51.02
N GLU E 371 -58.05 43.98 51.52
CA GLU E 371 -56.62 43.80 51.74
C GLU E 371 -56.39 43.49 53.21
N THR E 372 -56.10 42.24 53.52
CA THR E 372 -55.85 41.80 54.89
C THR E 372 -54.38 41.48 55.08
N GLY E 373 -54.05 41.06 56.31
CA GLY E 373 -52.69 40.66 56.59
C GLY E 373 -52.34 39.32 55.98
N THR E 374 -53.32 38.40 55.93
CA THR E 374 -53.06 37.10 55.32
C THR E 374 -52.79 37.25 53.83
N VAL E 375 -53.59 38.06 53.13
CA VAL E 375 -53.32 38.29 51.71
C VAL E 375 -52.03 39.07 51.52
N HIS E 376 -51.62 39.84 52.53
CA HIS E 376 -50.33 40.53 52.47
C HIS E 376 -49.19 39.53 52.50
N ALA E 377 -49.17 38.68 53.54
CA ALA E 377 -48.16 37.63 53.62
C ALA E 377 -48.16 36.77 52.36
N ALA E 378 -49.35 36.40 51.89
CA ALA E 378 -49.43 35.60 50.67
C ALA E 378 -48.85 36.34 49.48
N SER E 379 -49.03 37.67 49.44
CA SER E 379 -48.43 38.45 48.36
C SER E 379 -46.91 38.42 48.45
N GLN E 380 -46.36 38.59 49.64
CA GLN E 380 -44.91 38.53 49.81
C GLN E 380 -44.36 37.17 49.38
N LEU E 381 -45.00 36.09 49.82
CA LEU E 381 -44.59 34.77 49.39
C LEU E 381 -44.68 34.63 47.88
N CYS E 382 -45.69 35.23 47.27
CA CYS E 382 -45.81 35.17 45.81
C CYS E 382 -44.65 35.88 45.14
N LYS E 383 -44.28 37.06 45.63
CA LYS E 383 -43.16 37.80 45.04
C LYS E 383 -41.87 37.00 45.17
N GLU E 384 -41.60 36.48 46.37
CA GLU E 384 -40.41 35.66 46.58
C GLU E 384 -40.39 34.49 45.61
N ALA E 385 -41.51 33.77 45.52
CA ALA E 385 -41.57 32.59 44.67
C ALA E 385 -41.35 32.95 43.21
N MET E 386 -41.85 34.12 42.77
CA MET E 386 -41.63 34.50 41.38
C MET E 386 -40.16 34.83 41.12
N GLY E 387 -39.54 35.58 42.03
CA GLY E 387 -38.12 35.87 41.87
C GLY E 387 -37.29 34.61 41.78
N LYS E 388 -37.47 33.70 42.74
CA LYS E 388 -36.74 32.43 42.69
C LYS E 388 -37.12 31.62 41.45
N LEU E 389 -38.33 31.81 40.93
CA LEU E 389 -38.75 31.10 39.74
C LEU E 389 -37.96 31.55 38.52
N TYR E 390 -37.85 32.86 38.31
CA TYR E 390 -37.08 33.34 37.17
C TYR E 390 -35.59 33.10 37.36
N ASN E 391 -35.11 33.13 38.60
CA ASN E 391 -33.73 32.68 38.85
C ASN E 391 -33.56 31.22 38.41
N PHE E 392 -34.55 30.39 38.69
CA PHE E 392 -34.52 29.00 38.23
C PHE E 392 -34.46 28.92 36.71
N SER E 393 -35.33 29.68 36.04
CA SER E 393 -35.41 29.60 34.59
C SER E 393 -34.13 30.07 33.92
N THR E 394 -33.45 31.06 34.50
CA THR E 394 -32.24 31.58 33.88
C THR E 394 -30.98 30.80 34.26
N SER E 395 -31.01 30.05 35.36
CA SER E 395 -29.83 29.30 35.75
C SER E 395 -29.61 28.12 34.80
N SER E 396 -28.34 27.77 34.57
CA SER E 396 -27.98 26.66 33.71
C SER E 396 -27.38 25.48 34.45
N ARG E 397 -27.12 25.62 35.74
CA ARG E 397 -26.56 24.54 36.55
C ARG E 397 -27.70 23.75 37.18
N SER E 398 -27.72 22.45 36.92
CA SER E 398 -28.86 21.62 37.32
C SER E 398 -29.07 21.63 38.83
N GLN E 399 -27.98 21.62 39.60
CA GLN E 399 -28.10 21.56 41.05
C GLN E 399 -28.76 22.82 41.59
N ASP E 400 -28.41 23.98 41.04
CA ASP E 400 -29.07 25.22 41.41
C ASP E 400 -30.56 25.15 41.13
N ARG E 401 -30.93 24.55 40.00
CA ARG E 401 -32.35 24.43 39.66
C ARG E 401 -33.07 23.49 40.63
N GLU E 402 -32.40 22.43 41.08
CA GLU E 402 -33.01 21.56 42.09
C GLU E 402 -33.28 22.33 43.37
N ALA E 403 -32.27 23.07 43.84
CA ALA E 403 -32.44 23.80 45.09
C ALA E 403 -33.53 24.87 44.97
N LEU E 404 -33.48 25.66 43.90
CA LEU E 404 -34.47 26.72 43.72
C LEU E 404 -35.87 26.15 43.54
N SER E 405 -35.99 24.98 42.91
CA SER E 405 -37.30 24.35 42.80
C SER E 405 -37.82 23.94 44.18
N GLN E 406 -36.96 23.32 45.00
CA GLN E 406 -37.36 22.99 46.36
C GLN E 406 -37.83 24.22 47.11
N GLU E 407 -37.10 25.34 46.98
CA GLU E 407 -37.48 26.56 47.67
C GLU E 407 -38.83 27.09 47.17
N VAL E 408 -39.02 27.10 45.85
CA VAL E 408 -40.25 27.64 45.28
C VAL E 408 -41.45 26.81 45.71
N MET E 409 -41.31 25.48 45.70
CA MET E 409 -42.42 24.65 46.13
C MET E 409 -42.67 24.76 47.62
N SER E 410 -41.61 24.98 48.41
CA SER E 410 -41.82 25.21 49.84
C SER E 410 -42.63 26.48 50.06
N VAL E 411 -42.28 27.55 49.33
CA VAL E 411 -43.05 28.78 49.44
C VAL E 411 -44.50 28.53 49.01
N ILE E 412 -44.70 27.81 47.90
CA ILE E 412 -46.04 27.49 47.43
C ILE E 412 -46.85 26.83 48.54
N ALA E 413 -46.23 25.87 49.23
CA ALA E 413 -46.91 25.23 50.36
C ALA E 413 -47.24 26.25 51.44
N GLN E 414 -46.34 27.22 51.67
CA GLN E 414 -46.62 28.23 52.68
C GLN E 414 -47.82 29.08 52.30
N VAL E 415 -47.98 29.40 51.01
CA VAL E 415 -49.20 30.10 50.59
C VAL E 415 -50.41 29.18 50.73
N LYS E 416 -50.23 27.88 50.51
CA LYS E 416 -51.36 26.96 50.64
C LYS E 416 -51.84 26.85 52.07
N GLU E 417 -50.95 27.01 53.05
CA GLU E 417 -51.41 26.99 54.43
C GLU E 417 -51.90 28.36 54.89
N HIS E 418 -51.20 29.43 54.50
CA HIS E 418 -51.64 30.76 54.88
C HIS E 418 -53.00 31.11 54.29
N LEU E 419 -53.38 30.45 53.21
CA LEU E 419 -54.66 30.67 52.55
C LEU E 419 -55.40 29.36 52.73
N GLN E 420 -56.31 29.30 53.70
CA GLN E 420 -56.86 28.01 54.13
C GLN E 420 -57.48 27.23 52.97
N VAL E 421 -56.62 26.65 52.13
CA VAL E 421 -57.06 25.74 51.09
C VAL E 421 -57.42 24.40 51.74
N GLN E 422 -58.61 23.90 51.47
CA GLN E 422 -59.02 22.61 51.96
C GLN E 422 -59.47 21.75 50.79
N SER E 423 -59.23 20.44 50.91
CA SER E 423 -59.34 19.54 49.77
C SER E 423 -60.78 19.43 49.29
N PHE E 424 -60.91 18.83 48.12
CA PHE E 424 -62.18 18.53 47.48
C PHE E 424 -62.39 17.02 47.53
N SER E 425 -63.44 16.55 46.86
CA SER E 425 -63.86 15.17 47.04
C SER E 425 -64.02 14.47 45.69
N ASN E 426 -63.70 13.18 45.70
CA ASN E 426 -63.94 12.29 44.57
C ASN E 426 -63.76 10.86 45.06
N VAL E 427 -64.64 9.96 44.59
CA VAL E 427 -64.57 8.56 44.98
C VAL E 427 -63.34 7.86 44.41
N ASP E 428 -62.61 8.52 43.52
CA ASP E 428 -61.38 8.01 42.92
C ASP E 428 -60.26 8.98 43.31
N ASP E 429 -59.56 8.67 44.41
CA ASP E 429 -58.52 9.57 44.87
C ASP E 429 -57.27 9.54 43.99
N ARG E 430 -57.26 8.72 42.94
CA ARG E 430 -56.24 8.88 41.90
C ARG E 430 -56.51 10.12 41.06
N SER E 431 -57.73 10.64 41.08
CA SER E 431 -58.11 11.79 40.27
C SER E 431 -57.74 13.09 40.97
N TYR E 432 -57.33 14.08 40.17
CA TYR E 432 -56.97 15.38 40.68
C TYR E 432 -58.06 16.43 40.50
N VAL E 433 -59.27 16.00 40.16
CA VAL E 433 -60.39 16.94 39.99
C VAL E 433 -61.54 16.50 40.89
N PRO E 434 -62.40 17.41 41.32
CA PRO E 434 -63.57 17.00 42.09
C PRO E 434 -64.53 16.24 41.20
N GLU E 435 -65.43 15.48 41.83
CA GLU E 435 -66.38 14.69 41.08
C GLU E 435 -67.27 15.57 40.21
N SER E 436 -67.49 16.81 40.63
CA SER E 436 -68.27 17.75 39.84
C SER E 436 -67.72 17.90 38.42
N PHE E 437 -66.41 17.72 38.24
CA PHE E 437 -65.81 17.75 36.91
C PHE E 437 -66.07 16.38 36.30
N GLU E 438 -67.34 16.14 36.00
CA GLU E 438 -67.86 14.78 35.84
C GLU E 438 -67.29 14.13 34.59
N CYS E 439 -67.28 12.82 34.67
CA CYS E 439 -66.85 12.02 33.58
C CYS E 439 -68.12 11.84 32.81
N ARG E 440 -68.20 12.51 31.68
CA ARG E 440 -69.42 12.38 30.88
C ARG E 440 -69.06 12.76 29.44
N LEU E 441 -68.86 11.74 28.60
CA LEU E 441 -68.53 11.96 27.20
C LEU E 441 -69.66 12.60 26.41
N ASP E 442 -70.87 12.64 26.96
CA ASP E 442 -72.02 13.18 26.26
C ASP E 442 -72.46 14.54 26.78
N LYS E 443 -71.95 14.98 27.94
CA LYS E 443 -72.37 16.26 28.50
C LYS E 443 -71.85 17.45 27.71
N LEU E 444 -70.99 17.24 26.71
CA LEU E 444 -70.47 18.32 25.88
C LEU E 444 -71.19 18.46 24.54
N ILE E 445 -71.99 17.47 24.16
CA ILE E 445 -72.79 17.53 22.94
C ILE E 445 -74.26 17.47 23.33
N LEU E 446 -75.06 18.33 22.74
CA LEU E 446 -76.50 18.33 23.00
C LEU E 446 -77.24 17.61 21.88
N ASN F 2 -10.15 -20.18 -21.06
CA ASN F 2 -9.08 -20.62 -21.95
C ASN F 2 -7.85 -21.00 -21.14
N ASN F 3 -8.02 -21.94 -20.22
CA ASN F 3 -6.94 -22.41 -19.36
C ASN F 3 -6.82 -23.92 -19.50
N GLN F 4 -5.57 -24.42 -19.43
CA GLN F 4 -5.32 -25.83 -19.74
C GLN F 4 -6.10 -26.78 -18.84
N LYS F 5 -6.11 -26.54 -17.54
CA LYS F 5 -6.77 -27.49 -16.65
C LYS F 5 -8.28 -27.48 -16.86
N VAL F 6 -8.87 -26.29 -17.04
CA VAL F 6 -10.29 -26.18 -17.30
C VAL F 6 -10.67 -26.88 -18.59
N VAL F 7 -9.94 -26.59 -19.67
CA VAL F 7 -10.25 -27.22 -20.96
C VAL F 7 -10.09 -28.73 -20.87
N ALA F 8 -9.05 -29.18 -20.17
CA ALA F 8 -8.84 -30.60 -19.99
C ALA F 8 -10.03 -31.24 -19.30
N VAL F 9 -10.54 -30.59 -18.25
CA VAL F 9 -11.68 -31.14 -17.51
C VAL F 9 -12.91 -31.18 -18.41
N LEU F 10 -13.10 -30.14 -19.21
CA LEU F 10 -14.25 -30.11 -20.11
C LEU F 10 -14.19 -31.22 -21.14
N LEU F 11 -13.01 -31.47 -21.70
CA LEU F 11 -12.86 -32.54 -22.67
C LEU F 11 -13.07 -33.90 -22.02
N GLN F 12 -12.59 -34.06 -20.78
CA GLN F 12 -12.85 -35.29 -20.04
C GLN F 12 -14.34 -35.52 -19.89
N GLU F 13 -15.09 -34.47 -19.54
CA GLU F 13 -16.53 -34.60 -19.40
C GLU F 13 -17.18 -34.97 -20.72
N CYS F 14 -16.72 -34.38 -21.83
CA CYS F 14 -17.27 -34.77 -23.13
C CYS F 14 -17.04 -36.25 -23.41
N LYS F 15 -15.84 -36.75 -23.10
CA LYS F 15 -15.57 -38.17 -23.32
C LYS F 15 -16.49 -39.04 -22.48
N GLN F 16 -16.68 -38.66 -21.21
CA GLN F 16 -17.59 -39.44 -20.36
C GLN F 16 -19.00 -39.43 -20.92
N VAL F 17 -19.46 -38.30 -21.43
CA VAL F 17 -20.76 -38.25 -22.08
C VAL F 17 -20.82 -39.22 -23.25
N LEU F 18 -19.76 -39.27 -24.05
CA LEU F 18 -19.76 -40.20 -25.19
C LEU F 18 -19.85 -41.64 -24.71
N ASP F 19 -19.17 -41.97 -23.61
CA ASP F 19 -19.24 -43.33 -23.07
C ASP F 19 -20.66 -43.65 -22.59
N GLN F 20 -21.27 -42.72 -21.84
CA GLN F 20 -22.64 -42.94 -21.39
C GLN F 20 -23.58 -43.13 -22.57
N LEU F 21 -23.44 -42.31 -23.61
CA LEU F 21 -24.24 -42.48 -24.82
C LEU F 21 -24.02 -43.85 -25.43
N LEU F 22 -22.82 -44.40 -25.31
CA LEU F 22 -22.59 -45.76 -25.76
C LEU F 22 -23.41 -46.75 -24.93
N LEU F 23 -23.56 -46.49 -23.63
CA LEU F 23 -24.37 -47.38 -22.81
C LEU F 23 -25.86 -47.17 -23.02
N GLU F 24 -26.28 -45.99 -23.43
CA GLU F 24 -27.70 -45.69 -23.58
C GLU F 24 -28.15 -45.92 -25.02
N ALA F 25 -29.45 -46.09 -25.19
CA ALA F 25 -30.04 -46.21 -26.50
C ALA F 25 -30.27 -44.82 -27.10
N PRO F 26 -30.18 -44.70 -28.43
CA PRO F 26 -30.39 -43.39 -29.06
C PRO F 26 -31.79 -42.87 -28.78
N ASP F 27 -31.84 -41.69 -28.18
CA ASP F 27 -33.11 -41.04 -27.86
C ASP F 27 -32.90 -39.54 -27.75
N VAL F 28 -32.76 -38.87 -28.88
CA VAL F 28 -32.46 -37.44 -28.89
C VAL F 28 -33.76 -36.70 -28.64
N SER F 29 -33.86 -36.04 -27.49
CA SER F 29 -35.05 -35.29 -27.14
C SER F 29 -35.09 -33.96 -27.89
N GLU F 30 -36.22 -33.27 -27.77
CA GLU F 30 -36.33 -31.94 -28.34
C GLU F 30 -35.49 -30.94 -27.56
N GLU F 31 -35.33 -31.15 -26.26
CA GLU F 31 -34.42 -30.32 -25.47
C GLU F 31 -33.02 -30.37 -26.05
N ASP F 32 -32.54 -31.57 -26.38
CA ASP F 32 -31.18 -31.75 -26.88
C ASP F 32 -30.97 -30.99 -28.18
N LYS F 33 -31.89 -31.17 -29.14
CA LYS F 33 -31.77 -30.47 -30.41
C LYS F 33 -31.86 -28.96 -30.22
N SER F 34 -32.77 -28.51 -29.35
CA SER F 34 -32.92 -27.07 -29.14
C SER F 34 -31.65 -26.46 -28.55
N GLU F 35 -31.05 -27.12 -27.56
CA GLU F 35 -29.81 -26.61 -27.00
C GLU F 35 -28.67 -26.68 -28.01
N ASP F 36 -28.69 -27.69 -28.88
CA ASP F 36 -27.70 -27.73 -29.96
C ASP F 36 -27.84 -26.52 -30.86
N GLN F 37 -29.04 -26.27 -31.37
CA GLN F 37 -29.28 -25.13 -32.25
C GLN F 37 -28.90 -23.82 -31.57
N ARG F 38 -29.27 -23.67 -30.29
CA ARG F 38 -28.97 -22.42 -29.60
C ARG F 38 -27.47 -22.26 -29.40
N CYS F 39 -26.76 -23.36 -29.12
CA CYS F 39 -25.32 -23.26 -28.93
C CYS F 39 -24.60 -22.93 -30.24
N ARG F 40 -25.05 -23.51 -31.35
CA ARG F 40 -24.42 -23.18 -32.61
C ARG F 40 -24.77 -21.78 -33.07
N ALA F 41 -26.00 -21.33 -32.79
CA ALA F 41 -26.47 -20.04 -33.30
C ALA F 41 -25.83 -18.86 -32.59
N LEU F 42 -25.52 -18.99 -31.31
CA LEU F 42 -24.95 -17.87 -30.57
C LEU F 42 -23.47 -17.66 -30.90
N LEU F 43 -22.86 -18.56 -31.65
CA LEU F 43 -21.48 -18.36 -32.07
C LEU F 43 -21.43 -17.26 -33.13
N PRO F 44 -20.34 -16.50 -33.19
CA PRO F 44 -20.22 -15.48 -34.23
C PRO F 44 -20.29 -16.08 -35.62
N SER F 45 -20.77 -15.25 -36.56
CA SER F 45 -21.01 -15.74 -37.93
C SER F 45 -19.75 -16.28 -38.57
N GLU F 46 -18.59 -15.73 -38.21
CA GLU F 46 -17.33 -16.24 -38.73
C GLU F 46 -17.08 -17.66 -38.24
N LEU F 47 -17.19 -17.88 -36.93
CA LEU F 47 -17.00 -19.22 -36.38
C LEU F 47 -18.02 -20.20 -36.91
N ARG F 48 -19.27 -19.75 -37.11
CA ARG F 48 -20.26 -20.64 -37.69
C ARG F 48 -19.90 -21.00 -39.13
N THR F 49 -19.44 -20.01 -39.91
CA THR F 49 -19.02 -20.31 -41.28
C THR F 49 -17.87 -21.31 -41.29
N LEU F 50 -16.89 -21.12 -40.40
CA LEU F 50 -15.78 -22.06 -40.33
C LEU F 50 -16.25 -23.44 -39.92
N ILE F 51 -17.20 -23.52 -39.00
CA ILE F 51 -17.72 -24.81 -38.56
C ILE F 51 -18.41 -25.52 -39.73
N GLN F 52 -19.23 -24.78 -40.47
CA GLN F 52 -19.93 -25.39 -41.60
C GLN F 52 -18.93 -25.85 -42.66
N GLU F 53 -17.90 -25.05 -42.91
CA GLU F 53 -16.89 -25.43 -43.90
C GLU F 53 -16.13 -26.68 -43.45
N ALA F 54 -15.80 -26.77 -42.16
CA ALA F 54 -15.14 -27.96 -41.65
C ALA F 54 -16.03 -29.18 -41.79
N LYS F 55 -17.32 -29.04 -41.46
CA LYS F 55 -18.25 -30.14 -41.64
C LYS F 55 -18.35 -30.55 -43.11
N GLU F 56 -18.19 -29.59 -44.01
CA GLU F 56 -18.22 -29.87 -45.44
C GLU F 56 -16.88 -30.33 -45.99
N MET F 57 -15.86 -30.48 -45.13
CA MET F 57 -14.56 -31.02 -45.50
C MET F 57 -13.91 -30.19 -46.62
N LYS F 58 -13.94 -28.88 -46.44
CA LYS F 58 -13.42 -27.97 -47.46
C LYS F 58 -11.91 -28.08 -47.60
N TRP F 59 -11.20 -28.38 -46.53
CA TRP F 59 -9.75 -28.48 -46.56
C TRP F 59 -9.30 -29.50 -45.53
N PRO F 60 -8.11 -30.09 -45.71
CA PRO F 60 -7.58 -31.02 -44.71
C PRO F 60 -6.98 -30.34 -43.50
N PHE F 61 -6.61 -29.05 -43.62
CA PHE F 61 -6.14 -28.26 -42.49
C PHE F 61 -6.97 -26.99 -42.43
N VAL F 62 -7.14 -26.46 -41.22
CA VAL F 62 -7.77 -25.16 -41.07
C VAL F 62 -6.78 -24.12 -41.57
N PRO F 63 -7.11 -23.35 -42.59
CA PRO F 63 -6.13 -22.44 -43.19
C PRO F 63 -6.10 -21.09 -42.50
N GLU F 64 -4.94 -20.45 -42.60
CA GLU F 64 -4.77 -19.08 -42.13
C GLU F 64 -4.99 -18.11 -43.28
N LYS F 65 -5.41 -16.89 -42.93
CA LYS F 65 -5.74 -15.90 -43.95
C LYS F 65 -4.51 -15.57 -44.81
N TRP F 66 -3.33 -15.54 -44.20
CA TRP F 66 -2.10 -15.15 -44.88
C TRP F 66 -1.34 -16.32 -45.48
N GLN F 67 -1.89 -17.53 -45.41
CA GLN F 67 -1.07 -18.71 -45.70
C GLN F 67 -0.87 -18.92 -47.20
N TYR F 68 -1.88 -18.62 -48.01
CA TYR F 68 -1.78 -18.88 -49.44
C TYR F 68 -2.06 -17.61 -50.26
N LEU F 80 -5.83 -16.99 -37.04
CA LEU F 80 -7.17 -17.12 -36.47
C LEU F 80 -7.09 -17.60 -35.03
N LYS F 81 -5.87 -17.63 -34.50
CA LYS F 81 -5.67 -17.94 -33.09
C LYS F 81 -6.52 -17.06 -32.19
N ASP F 82 -6.72 -15.79 -32.57
CA ASP F 82 -7.43 -14.85 -31.72
C ASP F 82 -8.92 -15.13 -31.70
N VAL F 83 -9.52 -15.32 -32.88
CA VAL F 83 -10.96 -15.51 -32.93
C VAL F 83 -11.36 -16.82 -32.26
N ILE F 84 -10.59 -17.88 -32.50
CA ILE F 84 -10.89 -19.15 -31.85
C ILE F 84 -10.63 -19.06 -30.35
N GLY F 85 -9.53 -18.44 -29.95
CA GLY F 85 -9.24 -18.30 -28.54
C GLY F 85 -10.29 -17.51 -27.78
N ALA F 86 -10.90 -16.52 -28.44
CA ALA F 86 -11.90 -15.70 -27.76
C ALA F 86 -13.20 -16.46 -27.56
N GLY F 87 -13.58 -17.30 -28.53
CA GLY F 87 -14.83 -18.01 -28.43
C GLY F 87 -14.67 -19.48 -28.10
N LEU F 88 -13.56 -19.83 -27.46
CA LEU F 88 -13.28 -21.24 -27.19
C LEU F 88 -14.31 -21.85 -26.25
N GLN F 89 -14.66 -21.13 -25.19
CA GLN F 89 -15.65 -21.66 -24.24
C GLN F 89 -16.96 -21.96 -24.94
N GLN F 90 -17.39 -21.07 -25.83
CA GLN F 90 -18.64 -21.30 -26.53
C GLN F 90 -18.53 -22.43 -27.54
N LEU F 91 -17.34 -22.60 -28.13
CA LEU F 91 -17.13 -23.71 -29.04
C LEU F 91 -17.18 -25.04 -28.29
N LEU F 92 -16.65 -25.08 -27.07
CA LEU F 92 -16.73 -26.30 -26.28
C LEU F 92 -18.16 -26.58 -25.83
N ALA F 93 -18.91 -25.54 -25.47
CA ALA F 93 -20.32 -25.73 -25.16
C ALA F 93 -21.07 -26.28 -26.36
N SER F 94 -20.82 -25.74 -27.55
CA SER F 94 -21.49 -26.26 -28.74
C SER F 94 -21.04 -27.68 -29.05
N LEU F 95 -19.80 -28.02 -28.71
CA LEU F 95 -19.34 -29.40 -28.86
C LEU F 95 -20.14 -30.35 -27.98
N ARG F 96 -20.27 -30.01 -26.70
CA ARG F 96 -21.05 -30.84 -25.78
C ARG F 96 -22.49 -30.95 -26.25
N ALA F 97 -23.09 -29.82 -26.62
CA ALA F 97 -24.48 -29.85 -27.06
C ALA F 97 -24.65 -30.72 -28.30
N SER F 98 -23.71 -30.66 -29.24
CA SER F 98 -23.79 -31.50 -30.42
C SER F 98 -23.60 -32.97 -30.09
N ILE F 99 -22.77 -33.27 -29.08
CA ILE F 99 -22.60 -34.65 -28.64
C ILE F 99 -23.91 -35.18 -28.07
N LEU F 100 -24.53 -34.42 -27.16
CA LEU F 100 -25.80 -34.85 -26.57
C LEU F 100 -26.88 -35.00 -27.64
N ALA F 101 -26.80 -34.22 -28.71
CA ALA F 101 -27.74 -34.36 -29.81
C ALA F 101 -27.36 -35.47 -30.77
N ARG F 102 -26.26 -36.18 -30.50
CA ARG F 102 -25.78 -37.26 -31.37
C ARG F 102 -25.49 -36.75 -32.79
N ASP F 103 -25.03 -35.50 -32.90
CA ASP F 103 -24.60 -34.94 -34.18
C ASP F 103 -23.08 -35.05 -34.23
N CYS F 104 -22.60 -36.25 -34.56
CA CYS F 104 -21.17 -36.51 -34.50
C CYS F 104 -20.39 -35.76 -35.57
N ALA F 105 -21.03 -35.49 -36.72
CA ALA F 105 -20.35 -34.72 -37.76
C ALA F 105 -20.06 -33.30 -37.29
N ALA F 106 -21.04 -32.64 -36.68
CA ALA F 106 -20.82 -31.28 -36.19
C ALA F 106 -19.80 -31.25 -35.07
N ALA F 107 -19.89 -32.20 -34.14
CA ALA F 107 -18.92 -32.28 -33.07
C ALA F 107 -17.52 -32.46 -33.62
N ALA F 108 -17.37 -33.34 -34.61
CA ALA F 108 -16.07 -33.55 -35.24
C ALA F 108 -15.57 -32.28 -35.92
N ALA F 109 -16.49 -31.52 -36.53
CA ALA F 109 -16.08 -30.25 -37.15
C ALA F 109 -15.54 -29.29 -36.10
N ILE F 110 -16.16 -29.24 -34.92
CA ILE F 110 -15.66 -28.37 -33.87
C ILE F 110 -14.30 -28.86 -33.39
N VAL F 111 -14.14 -30.18 -33.24
CA VAL F 111 -12.84 -30.72 -32.87
C VAL F 111 -11.77 -30.28 -33.86
N PHE F 112 -12.08 -30.39 -35.15
CA PHE F 112 -11.19 -29.88 -36.19
C PHE F 112 -10.85 -28.42 -35.95
N LEU F 113 -11.87 -27.60 -35.68
CA LEU F 113 -11.65 -26.17 -35.57
C LEU F 113 -10.76 -25.82 -34.38
N VAL F 114 -10.91 -26.52 -33.25
CA VAL F 114 -10.14 -26.17 -32.06
C VAL F 114 -8.84 -26.95 -31.95
N ASP F 115 -8.56 -27.86 -32.90
CA ASP F 115 -7.42 -28.76 -32.77
C ASP F 115 -6.10 -28.01 -32.57
N ARG F 116 -5.82 -27.01 -33.42
CA ARG F 116 -4.54 -26.33 -33.35
C ARG F 116 -4.37 -25.57 -32.04
N PHE F 117 -5.39 -24.79 -31.67
CA PHE F 117 -5.35 -24.05 -30.41
C PHE F 117 -5.15 -24.99 -29.23
N LEU F 118 -5.85 -26.13 -29.23
CA LEU F 118 -5.72 -27.05 -28.10
C LEU F 118 -4.37 -27.74 -28.10
N TYR F 119 -3.76 -27.93 -29.27
CA TYR F 119 -2.37 -28.41 -29.28
C TYR F 119 -1.45 -27.39 -28.64
N GLY F 120 -1.73 -26.10 -28.84
CA GLY F 120 -0.99 -25.08 -28.12
C GLY F 120 -1.13 -25.16 -26.60
N LEU F 121 -2.22 -25.73 -26.11
CA LEU F 121 -2.45 -25.85 -24.67
C LEU F 121 -2.07 -27.20 -24.10
N ASP F 122 -1.50 -28.09 -24.92
CA ASP F 122 -1.08 -29.42 -24.48
C ASP F 122 -2.25 -30.22 -23.90
N VAL F 123 -3.37 -30.18 -24.61
CA VAL F 123 -4.54 -30.97 -24.23
C VAL F 123 -5.01 -31.74 -25.44
N SER F 124 -4.10 -31.99 -26.38
CA SER F 124 -4.47 -32.72 -27.59
C SER F 124 -4.87 -34.15 -27.26
N GLY F 125 -4.33 -34.72 -26.18
CA GLY F 125 -4.68 -36.08 -25.83
C GLY F 125 -6.16 -36.24 -25.51
N LYS F 126 -6.69 -35.37 -24.65
CA LYS F 126 -8.10 -35.44 -24.33
C LYS F 126 -8.96 -35.13 -25.54
N LEU F 127 -8.56 -34.15 -26.34
CA LEU F 127 -9.30 -33.84 -27.56
C LEU F 127 -9.38 -35.06 -28.46
N LEU F 128 -8.28 -35.79 -28.60
CA LEU F 128 -8.29 -37.01 -29.40
C LEU F 128 -9.10 -38.11 -28.74
N GLN F 129 -9.19 -38.12 -27.41
CA GLN F 129 -10.11 -39.05 -26.76
C GLN F 129 -11.55 -38.72 -27.12
N VAL F 130 -11.90 -37.44 -27.20
CA VAL F 130 -13.22 -37.07 -27.65
C VAL F 130 -13.44 -37.53 -29.09
N ALA F 131 -12.44 -37.34 -29.95
CA ALA F 131 -12.55 -37.81 -31.33
C ALA F 131 -12.77 -39.31 -31.39
N LYS F 132 -12.05 -40.06 -30.55
CA LYS F 132 -12.22 -41.50 -30.49
C LYS F 132 -13.63 -41.87 -30.05
N GLY F 133 -14.17 -41.16 -29.06
CA GLY F 133 -15.54 -41.41 -28.65
C GLY F 133 -16.54 -41.15 -29.77
N LEU F 134 -16.35 -40.04 -30.49
CA LEU F 134 -17.19 -39.75 -31.64
C LEU F 134 -17.15 -40.91 -32.63
N HIS F 135 -15.96 -41.39 -32.95
CA HIS F 135 -15.85 -42.48 -33.91
C HIS F 135 -16.53 -43.75 -33.39
N LYS F 136 -16.39 -44.03 -32.09
CA LYS F 136 -17.03 -45.20 -31.52
C LYS F 136 -18.54 -45.10 -31.62
N LEU F 137 -19.10 -43.91 -31.44
CA LEU F 137 -20.54 -43.75 -31.64
C LEU F 137 -20.92 -43.97 -33.09
N GLN F 138 -20.37 -43.16 -34.00
CA GLN F 138 -20.70 -43.24 -35.42
C GLN F 138 -19.42 -43.36 -36.22
N PRO F 139 -19.02 -44.59 -36.59
CA PRO F 139 -17.72 -44.77 -37.26
C PRO F 139 -17.61 -44.10 -38.62
N ALA F 140 -18.72 -43.75 -39.26
CA ALA F 140 -18.64 -43.08 -40.55
C ALA F 140 -18.32 -41.60 -40.44
N THR F 141 -18.26 -41.07 -39.23
CA THR F 141 -17.99 -39.65 -39.01
C THR F 141 -16.62 -39.29 -39.58
N PRO F 142 -16.54 -38.33 -40.51
CA PRO F 142 -15.25 -37.96 -41.07
C PRO F 142 -14.40 -37.17 -40.08
N ILE F 143 -13.12 -37.53 -40.02
CA ILE F 143 -12.15 -36.89 -39.14
C ILE F 143 -11.09 -36.25 -40.01
N ALA F 144 -10.79 -34.99 -39.73
CA ALA F 144 -9.86 -34.23 -40.57
C ALA F 144 -8.47 -34.85 -40.53
N PRO F 145 -7.73 -34.85 -41.64
CA PRO F 145 -6.34 -35.33 -41.61
C PRO F 145 -5.50 -34.62 -40.59
N GLN F 146 -5.78 -33.34 -40.34
CA GLN F 146 -5.02 -32.59 -39.35
C GLN F 146 -5.07 -33.24 -37.98
N VAL F 147 -6.21 -33.83 -37.64
CA VAL F 147 -6.37 -34.43 -36.31
C VAL F 147 -5.64 -35.76 -36.22
N VAL F 148 -5.74 -36.58 -37.27
CA VAL F 148 -4.97 -37.81 -37.35
C VAL F 148 -3.48 -37.49 -37.18
N ILE F 149 -3.00 -36.50 -37.96
CA ILE F 149 -1.62 -36.06 -37.84
C ILE F 149 -1.34 -35.56 -36.43
N ARG F 150 -2.33 -34.99 -35.76
CA ARG F 150 -2.14 -34.57 -34.37
C ARG F 150 -1.80 -35.76 -33.48
N GLN F 151 -2.52 -36.87 -33.67
CA GLN F 151 -2.14 -38.10 -32.96
C GLN F 151 -0.70 -38.49 -33.28
N ALA F 152 -0.31 -38.43 -34.55
CA ALA F 152 1.09 -38.69 -34.86
C ALA F 152 2.03 -37.76 -34.10
N ARG F 153 1.66 -36.48 -33.99
CA ARG F 153 2.54 -35.51 -33.35
C ARG F 153 2.76 -35.85 -31.88
N ILE F 154 1.68 -36.11 -31.14
CA ILE F 154 1.91 -36.42 -29.74
C ILE F 154 2.65 -37.76 -29.61
N SER F 155 2.46 -38.66 -30.57
CA SER F 155 3.24 -39.89 -30.54
C SER F 155 4.73 -39.62 -30.65
N VAL F 156 5.14 -38.71 -31.55
CA VAL F 156 6.55 -38.36 -31.61
C VAL F 156 6.97 -37.66 -30.33
N ASN F 157 6.16 -36.72 -29.83
CA ASN F 157 6.54 -36.01 -28.62
C ASN F 157 6.68 -36.96 -27.44
N SER F 158 6.00 -38.11 -27.46
CA SER F 158 6.08 -39.09 -26.39
C SER F 158 7.17 -40.13 -26.62
N GLY F 159 7.82 -40.13 -27.78
CA GLY F 159 8.81 -41.11 -28.11
C GLY F 159 8.30 -42.39 -28.74
N LYS F 160 7.01 -42.47 -29.04
CA LYS F 160 6.44 -43.64 -29.72
C LYS F 160 6.57 -43.44 -31.23
N LEU F 161 7.81 -43.63 -31.70
CA LEU F 161 8.14 -43.26 -33.08
C LEU F 161 7.48 -44.20 -34.08
N LEU F 162 7.51 -45.50 -33.82
CA LEU F 162 6.89 -46.45 -34.73
C LEU F 162 5.39 -46.25 -34.77
N LYS F 163 4.80 -45.90 -33.63
CA LYS F 163 3.37 -45.62 -33.58
C LYS F 163 3.00 -44.45 -34.47
N ALA F 164 3.71 -43.32 -34.31
CA ALA F 164 3.49 -42.18 -35.19
C ALA F 164 3.73 -42.54 -36.64
N GLU F 165 4.74 -43.38 -36.90
CA GLU F 165 5.11 -43.69 -38.26
C GLU F 165 4.07 -44.56 -38.96
N TYR F 166 3.31 -45.36 -38.21
CA TYR F 166 2.22 -46.10 -38.84
C TYR F 166 1.18 -45.13 -39.40
N ILE F 167 0.86 -44.09 -38.63
CA ILE F 167 -0.07 -43.06 -39.08
C ILE F 167 0.49 -42.34 -40.31
N LEU F 168 1.69 -41.77 -40.16
CA LEU F 168 2.29 -41.00 -41.24
C LEU F 168 2.43 -41.83 -42.51
N SER F 169 2.96 -43.05 -42.37
CA SER F 169 3.15 -43.90 -43.53
C SER F 169 1.83 -44.29 -44.16
N SER F 170 0.80 -44.49 -43.34
CA SER F 170 -0.51 -44.79 -43.90
C SER F 170 -1.02 -43.62 -44.73
N LEU F 171 -0.81 -42.40 -44.26
CA LEU F 171 -1.24 -41.24 -45.05
C LEU F 171 -0.39 -41.07 -46.31
N ILE F 172 0.93 -41.22 -46.19
CA ILE F 172 1.81 -40.94 -47.32
C ILE F 172 1.63 -41.98 -48.42
N SER F 173 1.75 -43.27 -48.08
CA SER F 173 1.74 -44.31 -49.08
C SER F 173 0.37 -44.53 -49.72
N ASN F 174 -0.69 -43.91 -49.20
CA ASN F 174 -2.03 -44.08 -49.74
C ASN F 174 -2.66 -42.76 -50.16
N ASN F 175 -1.83 -41.81 -50.63
CA ASN F 175 -2.31 -40.54 -51.17
C ASN F 175 -3.24 -39.82 -50.19
N GLY F 176 -2.88 -39.85 -48.91
CA GLY F 176 -3.62 -39.13 -47.89
C GLY F 176 -5.00 -39.67 -47.61
N ALA F 177 -5.33 -40.86 -48.08
CA ALA F 177 -6.66 -41.42 -47.82
C ALA F 177 -6.75 -41.84 -46.36
N THR F 178 -7.80 -41.40 -45.68
CA THR F 178 -7.98 -41.73 -44.28
C THR F 178 -9.45 -41.74 -43.92
N GLY F 179 -9.89 -42.83 -43.28
CA GLY F 179 -11.25 -42.89 -42.77
C GLY F 179 -12.29 -42.63 -43.83
N THR F 180 -13.24 -41.75 -43.51
CA THR F 180 -14.29 -41.37 -44.44
C THR F 180 -14.16 -39.91 -44.87
N TRP F 181 -12.93 -39.40 -44.91
CA TRP F 181 -12.69 -38.01 -45.28
C TRP F 181 -12.57 -37.89 -46.79
N LEU F 182 -13.18 -36.84 -47.34
CA LEU F 182 -13.19 -36.61 -48.78
C LEU F 182 -12.38 -35.37 -49.11
N TYR F 183 -11.45 -35.51 -50.05
CA TYR F 183 -10.69 -34.39 -50.56
C TYR F 183 -11.42 -33.70 -51.70
N ARG F 184 -11.23 -32.39 -51.81
CA ARG F 184 -11.84 -31.62 -52.88
C ARG F 184 -10.91 -31.38 -54.05
N ASN F 185 -9.60 -31.49 -53.85
CA ASN F 185 -8.64 -31.37 -54.92
C ASN F 185 -7.42 -32.23 -54.58
N GLU F 186 -6.58 -32.48 -55.59
CA GLU F 186 -5.42 -33.33 -55.38
C GLU F 186 -4.28 -32.59 -54.69
N SER F 187 -4.27 -31.26 -54.75
CA SER F 187 -3.18 -30.52 -54.14
C SER F 187 -3.29 -30.56 -52.63
N ASP F 188 -4.50 -30.64 -52.10
CA ASP F 188 -4.67 -30.84 -50.67
C ASP F 188 -4.06 -32.17 -50.22
N LYS F 189 -4.24 -33.22 -51.04
CA LYS F 189 -3.58 -34.49 -50.79
C LYS F 189 -2.07 -34.31 -50.75
N VAL F 190 -1.52 -33.60 -51.74
CA VAL F 190 -0.08 -33.33 -51.72
C VAL F 190 0.31 -32.57 -50.47
N LEU F 191 -0.58 -31.70 -49.97
CA LEU F 191 -0.29 -30.96 -48.75
C LEU F 191 -0.16 -31.90 -47.56
N VAL F 192 -1.14 -32.79 -47.37
CA VAL F 192 -1.04 -33.77 -46.28
C VAL F 192 0.24 -34.59 -46.39
N GLN F 193 0.56 -35.05 -47.60
CA GLN F 193 1.81 -35.78 -47.77
C GLN F 193 3.02 -34.94 -47.37
N SER F 194 2.96 -33.64 -47.66
CA SER F 194 4.11 -32.78 -47.36
C SER F 194 4.28 -32.61 -45.86
N VAL F 195 3.20 -32.35 -45.13
CA VAL F 195 3.31 -32.27 -43.67
C VAL F 195 3.79 -33.58 -43.09
N CYS F 196 3.29 -34.71 -43.59
CA CYS F 196 3.72 -36.00 -43.07
C CYS F 196 5.22 -36.21 -43.30
N ILE F 197 5.71 -35.81 -44.47
CA ILE F 197 7.14 -35.93 -44.73
C ILE F 197 7.94 -35.02 -43.80
N GLN F 198 7.42 -33.81 -43.56
CA GLN F 198 8.05 -32.92 -42.59
C GLN F 198 8.16 -33.58 -41.22
N ILE F 199 7.11 -34.25 -40.79
CA ILE F 199 7.15 -34.88 -39.47
C ILE F 199 8.12 -36.06 -39.47
N ARG F 200 8.19 -36.81 -40.58
CA ARG F 200 9.23 -37.83 -40.70
C ARG F 200 10.61 -37.22 -40.51
N GLY F 201 10.83 -36.05 -41.12
CA GLY F 201 12.08 -35.35 -40.88
C GLY F 201 12.31 -35.07 -39.42
N GLN F 202 11.26 -34.66 -38.70
CA GLN F 202 11.41 -34.44 -37.26
C GLN F 202 11.71 -35.74 -36.51
N ILE F 203 11.20 -36.86 -36.98
CA ILE F 203 11.50 -38.15 -36.37
C ILE F 203 12.98 -38.46 -36.51
N LEU F 204 13.51 -38.28 -37.72
CA LEU F 204 14.95 -38.53 -37.90
C LEU F 204 15.79 -37.51 -37.14
N GLN F 205 15.27 -36.29 -36.98
CA GLN F 205 15.94 -35.30 -36.14
C GLN F 205 16.02 -35.76 -34.70
N LYS F 206 14.93 -36.29 -34.17
CA LYS F 206 14.95 -36.83 -32.81
C LYS F 206 15.93 -37.98 -32.68
N LEU F 207 16.19 -38.69 -33.78
CA LEU F 207 17.15 -39.79 -33.78
C LEU F 207 18.57 -39.33 -34.12
N GLY F 208 18.79 -38.05 -34.38
CA GLY F 208 20.14 -37.61 -34.67
C GLY F 208 20.67 -38.05 -36.01
N MET F 209 19.82 -38.54 -36.90
CA MET F 209 20.22 -38.89 -38.26
C MET F 209 20.12 -37.65 -39.12
N TRP F 210 21.14 -36.79 -38.98
CA TRP F 210 21.02 -35.42 -39.48
C TRP F 210 20.90 -35.36 -40.99
N TYR F 211 21.71 -36.12 -41.71
CA TYR F 211 21.67 -36.06 -43.18
C TYR F 211 20.30 -36.45 -43.70
N GLU F 212 19.81 -37.62 -43.30
CA GLU F 212 18.53 -38.10 -43.79
C GLU F 212 17.38 -37.22 -43.32
N ALA F 213 17.47 -36.70 -42.10
CA ALA F 213 16.48 -35.74 -41.62
C ALA F 213 16.42 -34.52 -42.53
N ALA F 214 17.59 -33.97 -42.88
CA ALA F 214 17.64 -32.84 -43.79
C ALA F 214 17.05 -33.19 -45.14
N GLU F 215 17.30 -34.42 -45.63
CA GLU F 215 16.71 -34.81 -46.90
C GLU F 215 15.20 -34.82 -46.82
N LEU F 216 14.64 -35.34 -45.73
CA LEU F 216 13.18 -35.36 -45.59
C LEU F 216 12.62 -33.96 -45.53
N ILE F 217 13.28 -33.06 -44.80
CA ILE F 217 12.79 -31.68 -44.71
C ILE F 217 12.83 -31.02 -46.08
N TRP F 218 13.89 -31.27 -46.85
CA TRP F 218 13.98 -30.78 -48.22
C TRP F 218 12.83 -31.29 -49.07
N ALA F 219 12.53 -32.58 -48.98
CA ALA F 219 11.39 -33.12 -49.70
C ALA F 219 10.09 -32.42 -49.31
N SER F 220 9.93 -32.12 -48.03
CA SER F 220 8.73 -31.40 -47.60
C SER F 220 8.68 -30.00 -48.20
N ILE F 221 9.84 -29.35 -48.31
CA ILE F 221 9.89 -28.03 -48.95
C ILE F 221 9.49 -28.12 -50.41
N VAL F 222 10.02 -29.12 -51.11
CA VAL F 222 9.63 -29.36 -52.50
C VAL F 222 8.12 -29.53 -52.60
N GLY F 223 7.55 -30.33 -51.71
CA GLY F 223 6.11 -30.55 -51.73
C GLY F 223 5.31 -29.29 -51.47
N TYR F 224 5.76 -28.48 -50.52
CA TYR F 224 5.07 -27.22 -50.26
C TYR F 224 5.13 -26.31 -51.48
N LEU F 225 6.26 -26.29 -52.17
CA LEU F 225 6.40 -25.45 -53.36
C LEU F 225 5.64 -26.00 -54.55
N ALA F 226 5.35 -27.29 -54.57
CA ALA F 226 4.67 -27.90 -55.69
C ALA F 226 3.17 -27.63 -55.70
N LEU F 227 2.66 -26.84 -54.74
CA LEU F 227 1.23 -26.57 -54.69
C LEU F 227 0.88 -25.36 -55.54
N PRO F 228 -0.36 -25.29 -56.03
CA PRO F 228 -0.79 -24.10 -56.79
C PRO F 228 -0.46 -22.80 -56.10
N GLN F 229 -0.71 -22.73 -54.80
CA GLN F 229 -0.26 -21.61 -53.98
C GLN F 229 0.57 -22.18 -52.85
N PRO F 230 1.90 -22.03 -52.89
CA PRO F 230 2.76 -22.68 -51.89
C PRO F 230 2.38 -22.34 -50.46
N ASP F 231 2.62 -23.30 -49.57
CA ASP F 231 2.28 -23.22 -48.16
C ASP F 231 3.37 -22.44 -47.45
N LYS F 232 3.13 -21.15 -47.22
CA LYS F 232 4.13 -20.32 -46.58
C LYS F 232 4.36 -20.74 -45.13
N LYS F 233 3.31 -21.19 -44.46
CA LYS F 233 3.45 -21.66 -43.07
C LYS F 233 4.33 -22.90 -43.01
N GLY F 234 4.01 -23.90 -43.84
CA GLY F 234 4.82 -25.10 -43.89
C GLY F 234 6.25 -24.82 -44.31
N LEU F 235 6.43 -23.89 -45.25
CA LEU F 235 7.78 -23.52 -45.65
C LEU F 235 8.55 -22.91 -44.49
N SER F 236 7.90 -22.03 -43.72
CA SER F 236 8.54 -21.44 -42.55
C SER F 236 8.95 -22.51 -41.54
N THR F 237 8.02 -23.42 -41.23
CA THR F 237 8.31 -24.49 -40.29
C THR F 237 9.48 -25.36 -40.77
N SER F 238 9.41 -25.81 -42.01
CA SER F 238 10.47 -26.65 -42.53
C SER F 238 11.81 -25.93 -42.57
N LEU F 239 11.79 -24.62 -42.84
CA LEU F 239 13.04 -23.86 -42.83
C LEU F 239 13.62 -23.76 -41.43
N GLY F 240 12.76 -23.58 -40.42
CA GLY F 240 13.27 -23.57 -39.06
C GLY F 240 13.86 -24.90 -38.65
N ILE F 241 13.15 -25.99 -38.94
CA ILE F 241 13.66 -27.32 -38.61
C ILE F 241 14.98 -27.60 -39.33
N LEU F 242 15.03 -27.26 -40.61
CA LEU F 242 16.26 -27.43 -41.37
C LEU F 242 17.40 -26.62 -40.79
N ALA F 243 17.10 -25.43 -40.27
CA ALA F 243 18.14 -24.64 -39.62
C ALA F 243 18.68 -25.36 -38.39
N ASP F 244 17.79 -25.84 -37.52
CA ASP F 244 18.24 -26.58 -36.34
C ASP F 244 19.09 -27.79 -36.72
N ILE F 245 18.69 -28.50 -37.77
CA ILE F 245 19.47 -29.64 -38.24
C ILE F 245 20.84 -29.20 -38.71
N PHE F 246 20.90 -28.11 -39.49
CA PHE F 246 22.18 -27.60 -39.94
C PHE F 246 23.08 -27.25 -38.77
N VAL F 247 22.50 -26.71 -37.69
CA VAL F 247 23.29 -26.44 -36.50
C VAL F 247 23.81 -27.75 -35.89
N SER F 248 22.97 -28.78 -35.84
CA SER F 248 23.40 -30.03 -35.22
C SER F 248 24.38 -30.82 -36.07
N MET F 249 24.44 -30.55 -37.37
CA MET F 249 25.30 -31.30 -38.27
C MET F 249 26.78 -31.07 -37.96
N SER F 250 27.59 -32.06 -38.31
CA SER F 250 29.02 -31.86 -38.42
C SER F 250 29.35 -31.17 -39.73
N LYS F 251 30.60 -30.72 -39.85
CA LYS F 251 31.06 -30.19 -41.12
C LYS F 251 30.94 -31.25 -42.22
N ASN F 252 31.25 -32.50 -41.89
CA ASN F 252 31.15 -33.59 -42.86
C ASN F 252 29.71 -33.77 -43.34
N ASP F 253 28.75 -33.81 -42.41
CA ASP F 253 27.36 -34.01 -42.80
C ASP F 253 26.88 -32.91 -43.72
N TYR F 254 27.12 -31.66 -43.35
CA TYR F 254 26.69 -30.54 -44.18
C TYR F 254 27.43 -30.53 -45.51
N GLU F 255 28.71 -30.90 -45.51
CA GLU F 255 29.48 -30.99 -46.75
C GLU F 255 28.84 -32.00 -47.69
N LYS F 256 28.50 -33.17 -47.17
CA LYS F 256 27.89 -34.21 -48.00
C LYS F 256 26.51 -33.78 -48.49
N PHE F 257 25.74 -33.09 -47.63
CA PHE F 257 24.43 -32.63 -48.03
C PHE F 257 24.52 -31.54 -49.10
N LYS F 258 25.52 -30.67 -48.98
CA LYS F 258 25.64 -29.55 -49.91
C LYS F 258 26.06 -29.99 -51.30
N ASN F 259 26.88 -31.04 -51.39
CA ASN F 259 27.40 -31.51 -52.67
C ASN F 259 26.45 -32.44 -53.41
N ASN F 260 25.21 -32.60 -52.94
CA ASN F 260 24.24 -33.40 -53.67
C ASN F 260 23.51 -32.50 -54.66
N PRO F 261 23.77 -32.63 -55.96
CA PRO F 261 23.18 -31.68 -56.92
C PRO F 261 21.69 -31.87 -57.11
N GLN F 262 21.08 -32.92 -56.57
CA GLN F 262 19.64 -33.05 -56.64
C GLN F 262 18.94 -32.02 -55.77
N ILE F 263 19.60 -31.50 -54.75
CA ILE F 263 19.00 -30.60 -53.78
C ILE F 263 19.36 -29.18 -54.19
N ASN F 264 18.42 -28.51 -54.86
CA ASN F 264 18.66 -27.19 -55.45
C ASN F 264 18.19 -26.08 -54.53
N LEU F 265 18.76 -26.02 -53.34
CA LEU F 265 18.44 -24.96 -52.39
C LEU F 265 19.43 -23.83 -52.52
N SER F 266 18.92 -22.61 -52.72
CA SER F 266 19.80 -21.46 -52.83
C SER F 266 20.64 -21.30 -51.59
N LEU F 267 20.04 -21.46 -50.41
CA LEU F 267 20.80 -21.35 -49.18
C LEU F 267 21.87 -22.43 -49.09
N LEU F 268 21.69 -23.55 -49.79
CA LEU F 268 22.70 -24.59 -49.77
C LEU F 268 23.91 -24.20 -50.61
N LYS F 269 23.69 -23.79 -51.86
CA LYS F 269 24.79 -23.53 -52.77
C LYS F 269 25.48 -22.21 -52.48
N GLU F 270 24.76 -21.23 -51.92
CA GLU F 270 25.35 -19.92 -51.73
C GLU F 270 26.21 -19.83 -50.47
N PHE F 271 26.08 -20.77 -49.53
CA PHE F 271 26.85 -20.72 -48.30
C PHE F 271 27.59 -22.03 -48.11
N ASP F 272 28.81 -21.95 -47.57
CA ASP F 272 29.64 -23.12 -47.37
C ASP F 272 29.80 -23.53 -45.92
N HIS F 273 29.34 -22.72 -44.97
CA HIS F 273 29.40 -23.06 -43.57
C HIS F 273 27.99 -23.37 -43.08
N HIS F 274 27.87 -24.44 -42.28
CA HIS F 274 26.55 -24.90 -41.88
C HIS F 274 25.82 -23.87 -41.03
N LEU F 275 26.56 -23.09 -40.23
CA LEU F 275 25.93 -22.06 -39.42
C LEU F 275 25.39 -20.91 -40.27
N LEU F 276 26.07 -20.59 -41.37
CA LEU F 276 25.60 -19.52 -42.25
C LEU F 276 24.41 -19.96 -43.08
N SER F 277 24.46 -21.18 -43.61
CA SER F 277 23.26 -21.73 -44.25
C SER F 277 22.10 -21.74 -43.28
N ALA F 278 22.37 -22.11 -42.03
CA ALA F 278 21.32 -22.12 -41.02
C ALA F 278 20.76 -20.72 -40.79
N ALA F 279 21.64 -19.73 -40.67
CA ALA F 279 21.20 -18.35 -40.46
C ALA F 279 20.35 -17.88 -41.63
N GLU F 280 20.73 -18.23 -42.85
CA GLU F 280 19.93 -17.84 -43.99
C GLU F 280 18.56 -18.51 -43.96
N ALA F 281 18.54 -19.81 -43.64
CA ALA F 281 17.26 -20.51 -43.53
C ALA F 281 16.37 -19.87 -42.49
N CYS F 282 16.96 -19.38 -41.39
CA CYS F 282 16.18 -18.67 -40.39
C CYS F 282 15.65 -17.36 -40.93
N LYS F 283 16.48 -16.62 -41.68
CA LYS F 283 16.02 -15.38 -42.29
C LYS F 283 14.81 -15.63 -43.17
N LEU F 284 14.88 -16.64 -44.03
CA LEU F 284 13.75 -16.95 -44.90
C LEU F 284 12.55 -17.41 -44.08
N ALA F 285 12.78 -18.25 -43.07
CA ALA F 285 11.68 -18.73 -42.23
C ALA F 285 10.94 -17.58 -41.58
N ALA F 286 11.69 -16.60 -41.06
CA ALA F 286 11.07 -15.42 -40.48
C ALA F 286 10.36 -14.59 -41.54
N ALA F 287 10.88 -14.56 -42.76
CA ALA F 287 10.21 -13.82 -43.82
C ALA F 287 8.85 -14.42 -44.14
N PHE F 288 8.76 -15.75 -44.19
CA PHE F 288 7.52 -16.41 -44.55
C PHE F 288 6.46 -16.41 -43.46
N SER F 289 6.81 -16.04 -42.23
CA SER F 289 5.84 -15.90 -41.15
C SER F 289 5.85 -14.48 -40.60
N ALA F 290 5.94 -13.51 -41.51
CA ALA F 290 6.12 -12.12 -41.12
C ALA F 290 4.93 -11.56 -40.35
N TYR F 291 3.77 -12.23 -40.38
CA TYR F 291 2.59 -11.75 -39.68
C TYR F 291 2.30 -12.55 -38.43
N THR F 292 3.12 -13.55 -38.12
CA THR F 292 3.00 -14.29 -36.86
C THR F 292 4.23 -14.03 -36.01
N PRO F 293 4.16 -13.11 -35.05
CA PRO F 293 5.40 -12.64 -34.40
C PRO F 293 6.14 -13.71 -33.62
N LEU F 294 5.44 -14.72 -33.11
CA LEU F 294 6.11 -15.74 -32.30
C LEU F 294 7.13 -16.51 -33.13
N PHE F 295 6.72 -17.01 -34.29
CA PHE F 295 7.62 -17.79 -35.11
C PHE F 295 8.72 -16.94 -35.71
N VAL F 296 8.42 -15.67 -35.98
CA VAL F 296 9.46 -14.74 -36.39
C VAL F 296 10.52 -14.62 -35.29
N LEU F 297 10.06 -14.53 -34.05
CA LEU F 297 10.97 -14.40 -32.91
C LEU F 297 11.83 -15.65 -32.72
N THR F 298 11.24 -16.84 -32.82
CA THR F 298 12.03 -18.06 -32.69
C THR F 298 13.06 -18.15 -33.80
N ALA F 299 12.64 -17.86 -35.03
CA ALA F 299 13.53 -17.91 -36.16
C ALA F 299 14.71 -16.97 -35.99
N VAL F 300 14.44 -15.71 -35.61
CA VAL F 300 15.55 -14.77 -35.51
C VAL F 300 16.43 -15.11 -34.31
N ASN F 301 15.86 -15.77 -33.30
CA ASN F 301 16.70 -16.25 -32.21
C ASN F 301 17.72 -17.27 -32.72
N ILE F 302 17.26 -18.24 -33.51
CA ILE F 302 18.20 -19.22 -34.03
C ILE F 302 19.23 -18.54 -34.95
N ARG F 303 18.78 -17.57 -35.75
CA ARG F 303 19.68 -16.85 -36.63
C ARG F 303 20.77 -16.12 -35.84
N GLY F 304 20.37 -15.36 -34.84
CA GLY F 304 21.34 -14.63 -34.04
C GLY F 304 22.29 -15.56 -33.31
N THR F 305 21.78 -16.70 -32.83
CA THR F 305 22.65 -17.68 -32.19
C THR F 305 23.68 -18.21 -33.17
N CYS F 306 23.27 -18.51 -34.40
CA CYS F 306 24.19 -18.99 -35.42
C CYS F 306 25.26 -17.94 -35.72
N LEU F 307 24.84 -16.68 -35.91
CA LEU F 307 25.80 -15.65 -36.29
C LEU F 307 26.77 -15.35 -35.15
N LEU F 308 26.27 -15.40 -33.91
CA LEU F 308 27.17 -15.27 -32.76
C LEU F 308 28.19 -16.38 -32.73
N SER F 309 27.75 -17.62 -32.94
CA SER F 309 28.68 -18.74 -32.87
C SER F 309 29.71 -18.66 -34.01
N TYR F 310 29.29 -18.23 -35.19
CA TYR F 310 30.19 -18.17 -36.33
C TYR F 310 31.18 -17.01 -36.21
N SER F 311 30.74 -15.88 -35.65
CA SER F 311 31.62 -14.71 -35.58
C SER F 311 32.85 -14.99 -34.74
N SER F 312 32.70 -15.75 -33.66
CA SER F 312 33.84 -16.11 -32.82
C SER F 312 34.62 -17.30 -33.34
N SER F 313 34.14 -17.94 -34.40
CA SER F 313 34.75 -19.16 -34.91
C SER F 313 36.04 -18.85 -35.66
N ASN F 314 36.91 -19.85 -35.73
CA ASN F 314 38.11 -19.76 -36.55
C ASN F 314 37.81 -19.91 -38.02
N ASP F 315 36.62 -20.36 -38.39
CA ASP F 315 36.23 -20.40 -39.78
C ASP F 315 35.83 -19.03 -40.31
N CYS F 316 35.63 -18.06 -39.42
CA CYS F 316 35.24 -16.72 -39.83
C CYS F 316 36.48 -15.86 -39.98
N PRO F 317 36.70 -15.25 -41.14
CA PRO F 317 37.81 -14.30 -41.28
C PRO F 317 37.60 -13.12 -40.37
N PRO F 318 38.65 -12.64 -39.70
CA PRO F 318 38.46 -11.56 -38.74
C PRO F 318 37.91 -10.28 -39.35
N GLU F 319 38.00 -10.13 -40.66
CA GLU F 319 37.44 -8.95 -41.31
C GLU F 319 35.92 -8.96 -41.27
N LEU F 320 35.30 -10.14 -41.27
CA LEU F 320 33.85 -10.24 -41.27
C LEU F 320 33.27 -10.52 -39.89
N LYS F 321 34.12 -10.64 -38.87
CA LYS F 321 33.65 -10.90 -37.51
C LYS F 321 32.66 -9.83 -37.07
N ASN F 322 33.05 -8.56 -37.17
CA ASN F 322 32.18 -7.46 -36.75
C ASN F 322 30.89 -7.43 -37.58
N LEU F 323 30.99 -7.75 -38.87
CA LEU F 323 29.81 -7.77 -39.72
C LEU F 323 28.80 -8.81 -39.23
N HIS F 324 29.28 -10.03 -39.01
CA HIS F 324 28.39 -11.09 -38.54
C HIS F 324 27.85 -10.77 -37.15
N LEU F 325 28.63 -10.10 -36.31
CA LEU F 325 28.12 -9.64 -35.03
C LEU F 325 26.99 -8.63 -35.23
N CYS F 326 27.12 -7.78 -36.26
CA CYS F 326 26.05 -6.82 -36.52
C CYS F 326 24.79 -7.51 -37.03
N GLU F 327 24.96 -8.56 -37.83
CA GLU F 327 23.82 -9.33 -38.29
C GLU F 327 23.10 -9.99 -37.12
N ALA F 328 23.86 -10.57 -36.19
CA ALA F 328 23.25 -11.15 -35.01
C ALA F 328 22.51 -10.10 -34.20
N LYS F 329 23.14 -8.93 -34.01
CA LYS F 329 22.48 -7.83 -33.31
C LYS F 329 21.15 -7.48 -33.96
N GLU F 330 21.13 -7.39 -35.29
CA GLU F 330 19.86 -7.15 -35.98
C GLU F 330 18.85 -8.26 -35.68
N ALA F 331 19.30 -9.52 -35.68
CA ALA F 331 18.38 -10.63 -35.48
C ALA F 331 17.71 -10.55 -34.12
N PHE F 332 18.52 -10.45 -33.06
CA PHE F 332 17.94 -10.36 -31.72
C PHE F 332 17.10 -9.11 -31.58
N GLU F 333 17.50 -8.01 -32.22
CA GLU F 333 16.70 -6.80 -32.15
C GLU F 333 15.30 -7.02 -32.73
N ILE F 334 15.22 -7.66 -33.89
CA ILE F 334 13.92 -7.98 -34.47
C ILE F 334 13.11 -8.83 -33.51
N GLY F 335 13.75 -9.84 -32.91
CA GLY F 335 13.05 -10.67 -31.95
C GLY F 335 12.44 -9.87 -30.82
N LEU F 336 13.22 -8.97 -30.22
CA LEU F 336 12.71 -8.15 -29.13
C LEU F 336 11.64 -7.18 -29.62
N LEU F 337 11.70 -6.77 -30.88
CA LEU F 337 10.70 -5.86 -31.43
C LEU F 337 9.42 -6.57 -31.85
N THR F 338 9.38 -7.90 -31.80
CA THR F 338 8.15 -8.61 -32.15
C THR F 338 6.96 -8.21 -31.28
N LYS F 339 7.19 -7.85 -30.03
CA LYS F 339 6.09 -7.48 -29.13
C LYS F 339 6.02 -5.96 -29.04
N ARG F 340 5.32 -5.36 -29.98
CA ARG F 340 5.10 -3.92 -29.95
C ARG F 340 4.27 -3.55 -28.72
N ASP F 341 4.59 -2.39 -28.16
CA ASP F 341 3.93 -1.90 -26.94
C ASP F 341 4.18 -2.91 -25.83
N ASP F 342 3.21 -3.10 -24.93
CA ASP F 342 3.30 -4.08 -23.86
C ASP F 342 2.05 -4.98 -23.88
N GLU F 343 1.90 -5.73 -24.97
CA GLU F 343 0.79 -6.66 -25.07
C GLU F 343 1.02 -7.83 -24.11
N PRO F 344 -0.06 -8.47 -23.66
CA PRO F 344 0.10 -9.70 -22.88
C PRO F 344 0.89 -10.73 -23.67
N VAL F 345 1.61 -11.58 -22.94
CA VAL F 345 2.37 -12.68 -23.52
C VAL F 345 1.89 -13.96 -22.84
N THR F 346 1.33 -14.86 -23.63
CA THR F 346 0.87 -16.15 -23.13
C THR F 346 1.79 -17.26 -23.59
N GLY F 347 1.94 -18.27 -22.74
CA GLY F 347 2.77 -19.41 -23.07
C GLY F 347 4.17 -19.32 -22.53
N LYS F 348 4.74 -20.46 -22.12
CA LYS F 348 6.13 -20.50 -21.70
C LYS F 348 7.06 -20.26 -22.87
N GLN F 349 6.63 -20.63 -24.08
CA GLN F 349 7.53 -20.64 -25.23
C GLN F 349 7.90 -19.23 -25.66
N GLU F 350 6.89 -18.34 -25.80
CA GLU F 350 7.17 -16.98 -26.21
C GLU F 350 8.01 -16.26 -25.16
N LEU F 351 7.68 -16.44 -23.90
CA LEU F 351 8.43 -15.82 -22.82
C LEU F 351 9.89 -16.26 -22.87
N HIS F 352 10.11 -17.58 -22.93
CA HIS F 352 11.47 -18.11 -22.99
C HIS F 352 12.20 -17.57 -24.20
N SER F 353 11.49 -17.38 -25.32
CA SER F 353 12.12 -16.83 -26.51
C SER F 353 12.54 -15.38 -26.29
N PHE F 354 11.73 -14.61 -25.57
CA PHE F 354 12.11 -13.23 -25.28
C PHE F 354 13.34 -13.15 -24.40
N VAL F 355 13.39 -13.96 -23.33
CA VAL F 355 14.60 -13.96 -22.51
C VAL F 355 15.80 -14.42 -23.33
N LYS F 356 15.59 -15.37 -24.23
CA LYS F 356 16.69 -15.82 -25.08
C LYS F 356 17.19 -14.70 -25.97
N ALA F 357 16.28 -13.91 -26.53
CA ALA F 357 16.68 -12.79 -27.37
C ALA F 357 17.42 -11.74 -26.55
N ALA F 358 16.97 -11.48 -25.33
CA ALA F 358 17.66 -10.51 -24.47
C ALA F 358 19.07 -10.96 -24.17
N PHE F 359 19.23 -12.21 -23.74
CA PHE F 359 20.56 -12.76 -23.51
C PHE F 359 21.40 -12.68 -24.77
N GLY F 360 20.79 -12.90 -25.93
CA GLY F 360 21.53 -12.85 -27.18
C GLY F 360 22.06 -11.47 -27.47
N LEU F 361 21.20 -10.45 -27.33
CA LEU F 361 21.64 -9.08 -27.60
C LEU F 361 22.69 -8.64 -26.58
N THR F 362 22.51 -8.98 -25.31
CA THR F 362 23.52 -8.65 -24.32
C THR F 362 24.84 -9.31 -24.67
N THR F 363 24.79 -10.57 -25.13
CA THR F 363 26.02 -11.26 -25.48
C THR F 363 26.70 -10.60 -26.67
N VAL F 364 25.95 -10.25 -27.70
CA VAL F 364 26.56 -9.64 -28.87
C VAL F 364 27.16 -8.29 -28.53
N HIS F 365 26.48 -7.51 -27.68
CA HIS F 365 27.07 -6.24 -27.23
C HIS F 365 28.36 -6.49 -26.46
N ARG F 366 28.38 -7.52 -25.62
CA ARG F 366 29.61 -7.84 -24.90
C ARG F 366 30.73 -8.20 -25.87
N ARG F 367 30.41 -8.90 -26.96
CA ARG F 367 31.44 -9.17 -27.96
C ARG F 367 31.85 -7.91 -28.69
N LEU F 368 30.94 -6.93 -28.79
CA LEU F 368 31.22 -5.72 -29.53
C LEU F 368 31.84 -4.63 -28.68
N HIS F 369 31.40 -4.49 -27.42
CA HIS F 369 31.84 -3.38 -26.61
C HIS F 369 32.48 -3.84 -25.30
N GLY F 370 33.36 -4.82 -25.38
CA GLY F 370 34.04 -5.30 -24.18
C GLY F 370 33.07 -5.65 -23.08
N GLU F 371 33.48 -5.36 -21.84
CA GLU F 371 32.63 -5.56 -20.67
C GLU F 371 32.29 -4.22 -20.02
N THR F 372 31.59 -3.36 -20.75
CA THR F 372 31.25 -2.03 -20.24
C THR F 372 30.21 -2.13 -19.13
N GLY F 373 29.85 -0.98 -18.58
CA GLY F 373 28.83 -0.95 -17.55
C GLY F 373 27.44 -1.21 -18.09
N THR F 374 27.17 -0.75 -19.31
CA THR F 374 25.89 -1.06 -19.96
C THR F 374 25.71 -2.56 -20.09
N VAL F 375 26.77 -3.27 -20.48
CA VAL F 375 26.69 -4.72 -20.62
C VAL F 375 26.43 -5.37 -19.27
N HIS F 376 27.02 -4.84 -18.20
CA HIS F 376 26.76 -5.39 -16.88
C HIS F 376 25.31 -5.18 -16.47
N ALA F 377 24.77 -3.99 -16.71
CA ALA F 377 23.39 -3.72 -16.34
C ALA F 377 22.43 -4.62 -17.11
N ALA F 378 22.65 -4.73 -18.43
CA ALA F 378 21.80 -5.61 -19.23
C ALA F 378 21.93 -7.06 -18.79
N SER F 379 23.14 -7.47 -18.38
CA SER F 379 23.31 -8.84 -17.90
C SER F 379 22.53 -9.08 -16.63
N GLN F 380 22.58 -8.13 -15.69
CA GLN F 380 21.83 -8.26 -14.45
C GLN F 380 20.33 -8.35 -14.73
N LEU F 381 19.84 -7.46 -15.59
CA LEU F 381 18.43 -7.53 -15.98
C LEU F 381 18.10 -8.87 -16.60
N CYS F 382 19.04 -9.44 -17.37
CA CYS F 382 18.81 -10.73 -17.98
C CYS F 382 18.66 -11.83 -16.93
N LYS F 383 19.57 -11.86 -15.96
CA LYS F 383 19.49 -12.90 -14.94
C LYS F 383 18.22 -12.78 -14.12
N GLU F 384 17.87 -11.55 -13.72
CA GLU F 384 16.60 -11.33 -13.04
C GLU F 384 15.44 -11.87 -13.87
N ALA F 385 15.42 -11.51 -15.15
CA ALA F 385 14.35 -11.95 -16.04
C ALA F 385 14.30 -13.47 -16.16
N MET F 386 15.46 -14.14 -16.11
CA MET F 386 15.45 -15.60 -16.19
C MET F 386 14.86 -16.21 -14.93
N GLY F 387 15.25 -15.70 -13.75
CA GLY F 387 14.65 -16.19 -12.52
C GLY F 387 13.14 -16.04 -12.52
N LYS F 388 12.66 -14.83 -12.84
CA LYS F 388 11.22 -14.62 -12.90
C LYS F 388 10.58 -15.49 -13.98
N LEU F 389 11.33 -15.79 -15.04
CA LEU F 389 10.79 -16.62 -16.12
C LEU F 389 10.54 -18.04 -15.63
N TYR F 390 11.52 -18.64 -14.96
CA TYR F 390 11.34 -19.99 -14.47
C TYR F 390 10.31 -20.05 -13.36
N ASN F 391 10.21 -19.00 -12.55
CA ASN F 391 9.08 -18.94 -11.62
C ASN F 391 7.76 -18.98 -12.38
N PHE F 392 7.67 -18.27 -13.50
CA PHE F 392 6.48 -18.33 -14.33
C PHE F 392 6.23 -19.76 -14.82
N SER F 393 7.28 -20.42 -15.32
CA SER F 393 7.12 -21.74 -15.92
C SER F 393 6.67 -22.77 -14.89
N THR F 394 7.13 -22.63 -13.64
CA THR F 394 6.79 -23.59 -12.61
C THR F 394 5.47 -23.27 -11.90
N SER F 395 5.00 -22.03 -11.98
CA SER F 395 3.75 -21.67 -11.32
C SER F 395 2.55 -22.27 -12.04
N SER F 396 1.54 -22.65 -11.26
CA SER F 396 0.30 -23.18 -11.80
C SER F 396 -0.90 -22.28 -11.58
N ARG F 397 -0.75 -21.19 -10.84
CA ARG F 397 -1.86 -20.27 -10.56
C ARG F 397 -1.86 -19.18 -11.61
N SER F 398 -2.99 -19.02 -12.29
CA SER F 398 -3.06 -18.15 -13.46
C SER F 398 -2.65 -16.71 -13.15
N GLN F 399 -3.07 -16.20 -11.98
CA GLN F 399 -2.75 -14.82 -11.64
C GLN F 399 -1.25 -14.63 -11.47
N ASP F 400 -0.58 -15.60 -10.84
CA ASP F 400 0.87 -15.57 -10.73
C ASP F 400 1.51 -15.55 -12.11
N ARG F 401 0.99 -16.34 -13.04
CA ARG F 401 1.57 -16.39 -14.38
C ARG F 401 1.41 -15.05 -15.09
N GLU F 402 0.23 -14.45 -15.00
CA GLU F 402 0.02 -13.14 -15.63
C GLU F 402 0.97 -12.11 -15.04
N ALA F 403 1.08 -12.07 -13.71
CA ALA F 403 1.93 -11.08 -13.07
C ALA F 403 3.40 -11.28 -13.45
N LEU F 404 3.90 -12.52 -13.32
CA LEU F 404 5.30 -12.78 -13.64
C LEU F 404 5.60 -12.54 -15.11
N SER F 405 4.65 -12.81 -15.99
CA SER F 405 4.85 -12.49 -17.39
C SER F 405 4.96 -10.98 -17.58
N GLN F 406 4.11 -10.22 -16.88
CA GLN F 406 4.17 -8.77 -16.97
C GLN F 406 5.53 -8.26 -16.50
N GLU F 407 5.99 -8.74 -15.35
CA GLU F 407 7.30 -8.31 -14.84
C GLU F 407 8.41 -8.68 -15.80
N VAL F 408 8.38 -9.91 -16.30
CA VAL F 408 9.45 -10.38 -17.18
C VAL F 408 9.50 -9.54 -18.44
N MET F 409 8.33 -9.22 -19.00
CA MET F 409 8.32 -8.37 -20.20
C MET F 409 8.74 -6.95 -19.87
N SER F 410 8.46 -6.48 -18.66
CA SER F 410 8.96 -5.17 -18.25
C SER F 410 10.47 -5.16 -18.24
N VAL F 411 11.08 -6.19 -17.67
CA VAL F 411 12.54 -6.29 -17.69
C VAL F 411 13.04 -6.36 -19.13
N ILE F 412 12.31 -7.10 -19.98
CA ILE F 412 12.61 -7.10 -21.41
C ILE F 412 12.68 -5.68 -21.93
N ALA F 413 11.66 -4.87 -21.60
CA ALA F 413 11.66 -3.48 -22.04
C ALA F 413 12.87 -2.73 -21.49
N GLN F 414 13.29 -3.05 -20.26
CA GLN F 414 14.46 -2.39 -19.70
C GLN F 414 15.72 -2.71 -20.50
N VAL F 415 15.88 -3.96 -20.92
CA VAL F 415 17.02 -4.27 -21.79
C VAL F 415 16.87 -3.57 -23.13
N LYS F 416 15.66 -3.54 -23.69
CA LYS F 416 15.46 -2.88 -24.97
C LYS F 416 15.84 -1.41 -24.90
N GLU F 417 15.66 -0.77 -23.75
CA GLU F 417 16.08 0.62 -23.62
C GLU F 417 17.57 0.72 -23.36
N HIS F 418 18.09 0.00 -22.37
CA HIS F 418 19.51 0.05 -22.05
C HIS F 418 20.39 -0.33 -23.23
N LEU F 419 19.84 -0.97 -24.25
CA LEU F 419 20.64 -1.43 -25.36
C LEU F 419 20.32 -0.67 -26.64
N GLN F 420 19.41 0.29 -26.58
CA GLN F 420 19.07 1.16 -27.71
C GLN F 420 18.62 0.34 -28.93
N VAL F 421 17.46 -0.28 -28.76
CA VAL F 421 16.83 -1.04 -29.84
C VAL F 421 15.88 -0.09 -30.55
N GLN F 422 16.19 0.26 -31.78
CA GLN F 422 15.38 1.18 -32.57
C GLN F 422 14.42 0.40 -33.45
N SER F 423 13.24 0.98 -33.68
CA SER F 423 12.23 0.34 -34.52
C SER F 423 12.67 0.35 -35.99
N PHE F 424 12.32 -0.71 -36.69
CA PHE F 424 12.68 -0.83 -38.09
C PHE F 424 11.60 -0.22 -38.98
N SER F 425 11.98 0.05 -40.22
CA SER F 425 11.10 0.66 -41.20
C SER F 425 10.46 -0.42 -42.07
N ASN F 426 9.16 -0.27 -42.33
CA ASN F 426 8.48 -1.21 -43.22
C ASN F 426 7.20 -0.57 -43.73
N VAL F 427 6.95 -0.72 -45.03
CA VAL F 427 5.73 -0.20 -45.65
C VAL F 427 4.51 -0.98 -45.22
N ASP F 428 4.70 -2.09 -44.52
CA ASP F 428 3.60 -2.93 -44.04
C ASP F 428 3.66 -2.93 -42.52
N ASP F 429 2.81 -2.11 -41.89
CA ASP F 429 2.76 -2.01 -40.44
C ASP F 429 2.29 -3.30 -39.78
N ARG F 430 1.78 -4.25 -40.56
CA ARG F 430 1.41 -5.56 -40.01
C ARG F 430 2.62 -6.49 -39.92
N SER F 431 3.57 -6.36 -40.84
CA SER F 431 4.71 -7.26 -40.87
C SER F 431 5.65 -6.98 -39.71
N TYR F 432 6.21 -8.06 -39.16
CA TYR F 432 7.15 -7.97 -38.05
C TYR F 432 8.61 -8.12 -38.47
N VAL F 433 8.90 -8.04 -39.77
CA VAL F 433 10.27 -8.17 -40.25
C VAL F 433 10.62 -6.94 -41.08
N PRO F 434 11.88 -6.55 -41.15
CA PRO F 434 12.26 -5.42 -42.01
C PRO F 434 12.12 -5.78 -43.48
N GLU F 435 12.11 -4.74 -44.31
CA GLU F 435 11.99 -4.95 -45.75
C GLU F 435 13.19 -5.72 -46.30
N SER F 436 14.35 -5.62 -45.64
CA SER F 436 15.51 -6.40 -46.06
C SER F 436 15.19 -7.89 -46.10
N PHE F 437 14.31 -8.36 -45.22
CA PHE F 437 13.87 -9.75 -45.22
C PHE F 437 12.76 -9.90 -46.25
N GLU F 438 13.12 -10.30 -47.46
CA GLU F 438 12.12 -10.61 -48.47
C GLU F 438 12.10 -12.11 -48.73
N CYS F 439 11.06 -12.57 -49.41
CA CYS F 439 10.86 -13.99 -49.67
C CYS F 439 10.39 -14.16 -51.11
N ARG F 440 11.34 -14.13 -52.05
CA ARG F 440 11.05 -14.47 -53.44
C ARG F 440 10.96 -15.99 -53.53
N LEU F 441 9.73 -16.51 -53.54
CA LEU F 441 9.52 -17.95 -53.49
C LEU F 441 10.22 -18.67 -54.64
N ASP F 442 10.39 -17.99 -55.77
CA ASP F 442 11.13 -18.61 -56.87
C ASP F 442 12.61 -18.73 -56.54
N LYS F 443 13.13 -17.86 -55.68
CA LYS F 443 14.55 -17.86 -55.35
C LYS F 443 14.93 -18.91 -54.33
N LEU F 444 14.04 -19.85 -54.01
CA LEU F 444 14.38 -20.96 -53.14
C LEU F 444 14.96 -22.14 -53.90
N ILE F 445 14.49 -22.39 -55.12
CA ILE F 445 14.97 -23.49 -55.93
C ILE F 445 16.21 -23.07 -56.72
N ASN G 2 22.75 28.02 -57.25
CA ASN G 2 23.73 26.95 -57.36
C ASN G 2 24.81 27.24 -58.40
N ASN G 3 25.52 28.35 -58.24
CA ASN G 3 26.60 28.70 -59.15
C ASN G 3 27.88 28.92 -58.36
N GLN G 4 29.00 28.48 -58.94
CA GLN G 4 30.29 28.51 -58.24
C GLN G 4 30.70 29.93 -57.90
N LYS G 5 30.52 30.87 -58.82
CA LYS G 5 30.99 32.24 -58.62
C LYS G 5 30.26 32.91 -57.46
N VAL G 6 28.94 32.73 -57.39
CA VAL G 6 28.15 33.30 -56.31
C VAL G 6 28.60 32.75 -54.97
N VAL G 7 28.75 31.43 -54.87
CA VAL G 7 29.14 30.83 -53.61
C VAL G 7 30.52 31.33 -53.19
N ALA G 8 31.44 31.44 -54.15
CA ALA G 8 32.77 31.95 -53.84
C ALA G 8 32.71 33.38 -53.30
N VAL G 9 31.90 34.23 -53.93
CA VAL G 9 31.80 35.61 -53.49
C VAL G 9 31.18 35.69 -52.09
N LEU G 10 30.14 34.89 -51.84
CA LEU G 10 29.51 34.89 -50.52
C LEU G 10 30.45 34.41 -49.44
N LEU G 11 31.23 33.37 -49.72
CA LEU G 11 32.18 32.87 -48.72
C LEU G 11 33.27 33.90 -48.46
N GLN G 12 33.72 34.59 -49.51
CA GLN G 12 34.68 35.68 -49.30
C GLN G 12 34.08 36.78 -48.42
N GLU G 13 32.82 37.14 -48.66
CA GLU G 13 32.18 38.15 -47.85
C GLU G 13 32.10 37.71 -46.39
N CYS G 14 31.77 36.44 -46.15
CA CYS G 14 31.75 35.91 -44.79
C CYS G 14 33.14 36.00 -44.16
N LYS G 15 34.18 35.66 -44.91
CA LYS G 15 35.54 35.74 -44.39
C LYS G 15 35.92 37.18 -44.02
N GLN G 16 35.56 38.15 -44.88
CA GLN G 16 35.84 39.54 -44.57
C GLN G 16 35.12 39.97 -43.31
N VAL G 17 33.84 39.59 -43.18
CA VAL G 17 33.09 39.92 -41.98
C VAL G 17 33.77 39.34 -40.74
N LEU G 18 34.25 38.11 -40.83
CA LEU G 18 34.94 37.51 -39.69
C LEU G 18 36.21 38.29 -39.36
N ASP G 19 36.93 38.77 -40.38
CA ASP G 19 38.13 39.55 -40.13
C ASP G 19 37.80 40.85 -39.40
N GLN G 20 36.79 41.57 -39.89
CA GLN G 20 36.38 42.79 -39.22
C GLN G 20 35.98 42.52 -37.78
N LEU G 21 35.18 41.46 -37.56
CA LEU G 21 34.82 41.09 -36.20
C LEU G 21 36.04 40.81 -35.34
N LEU G 22 37.11 40.28 -35.95
CA LEU G 22 38.34 40.13 -35.21
C LEU G 22 38.92 41.48 -34.82
N LEU G 23 38.75 42.49 -35.67
CA LEU G 23 39.24 43.82 -35.29
C LEU G 23 38.34 44.51 -34.28
N GLU G 24 37.06 44.18 -34.26
CA GLU G 24 36.11 44.88 -33.40
C GLU G 24 35.95 44.17 -32.07
N ALA G 25 35.43 44.92 -31.10
CA ALA G 25 35.06 44.39 -29.80
C ALA G 25 33.69 43.73 -29.88
N PRO G 26 33.46 42.69 -29.09
CA PRO G 26 32.15 41.99 -29.12
C PRO G 26 31.02 42.92 -28.72
N ASP G 27 30.04 43.06 -29.62
CA ASP G 27 28.86 43.87 -29.35
C ASP G 27 27.70 43.38 -30.21
N VAL G 28 27.13 42.24 -29.82
CA VAL G 28 26.08 41.61 -30.60
C VAL G 28 24.75 42.31 -30.29
N SER G 29 24.18 42.98 -31.28
CA SER G 29 22.92 43.67 -31.10
C SER G 29 21.76 42.68 -31.08
N GLU G 30 20.58 43.20 -30.72
CA GLU G 30 19.38 42.38 -30.73
C GLU G 30 18.88 42.10 -32.15
N GLU G 31 19.22 42.96 -33.11
CA GLU G 31 18.88 42.67 -34.50
C GLU G 31 19.76 41.57 -35.06
N ASP G 32 20.98 41.42 -34.53
CA ASP G 32 21.79 40.28 -34.88
C ASP G 32 21.08 38.99 -34.52
N LYS G 33 20.58 38.92 -33.28
CA LYS G 33 19.84 37.75 -32.82
C LYS G 33 18.54 37.59 -33.59
N SER G 34 17.83 38.68 -33.84
CA SER G 34 16.55 38.61 -34.54
C SER G 34 16.73 38.09 -35.96
N GLU G 35 17.75 38.56 -36.66
CA GLU G 35 17.98 38.09 -38.03
C GLU G 35 18.58 36.70 -38.04
N ASP G 36 19.34 36.31 -37.01
CA ASP G 36 19.83 34.94 -36.96
C ASP G 36 18.69 33.96 -36.75
N GLN G 37 17.89 34.18 -35.70
CA GLN G 37 16.74 33.32 -35.46
C GLN G 37 15.77 33.35 -36.63
N ARG G 38 15.64 34.50 -37.29
CA ARG G 38 14.76 34.57 -38.45
C ARG G 38 15.32 33.74 -39.60
N CYS G 39 16.64 33.78 -39.81
CA CYS G 39 17.24 32.99 -40.88
C CYS G 39 17.09 31.50 -40.62
N ARG G 40 17.28 31.08 -39.36
CA ARG G 40 17.17 29.66 -39.06
C ARG G 40 15.72 29.19 -39.07
N ALA G 41 14.77 30.06 -38.70
CA ALA G 41 13.38 29.63 -38.63
C ALA G 41 12.76 29.42 -40.01
N LEU G 42 13.17 30.22 -41.00
CA LEU G 42 12.59 30.11 -42.33
C LEU G 42 13.12 28.93 -43.12
N LEU G 43 14.13 28.23 -42.61
CA LEU G 43 14.65 27.06 -43.30
C LEU G 43 13.66 25.91 -43.19
N PRO G 44 13.63 25.03 -44.19
CA PRO G 44 12.78 23.84 -44.09
C PRO G 44 13.16 23.00 -42.88
N SER G 45 12.18 22.23 -42.39
CA SER G 45 12.33 21.52 -41.13
C SER G 45 13.54 20.60 -41.15
N GLU G 46 13.71 19.83 -42.22
CA GLU G 46 14.84 18.91 -42.27
C GLU G 46 16.17 19.64 -42.19
N LEU G 47 16.25 20.84 -42.78
CA LEU G 47 17.49 21.61 -42.69
C LEU G 47 17.74 22.10 -41.28
N ARG G 48 16.69 22.49 -40.56
CA ARG G 48 16.84 22.89 -39.17
C ARG G 48 17.29 21.71 -38.32
N THR G 49 16.71 20.53 -38.57
CA THR G 49 17.11 19.32 -37.87
C THR G 49 18.57 19.01 -38.12
N LEU G 50 19.00 19.11 -39.39
CA LEU G 50 20.39 18.85 -39.72
C LEU G 50 21.31 19.86 -39.06
N ILE G 51 20.88 21.12 -38.98
CA ILE G 51 21.71 22.14 -38.35
C ILE G 51 21.89 21.84 -36.86
N GLN G 52 20.79 21.50 -36.18
CA GLN G 52 20.90 21.19 -34.76
C GLN G 52 21.72 19.94 -34.52
N GLU G 53 21.51 18.90 -35.34
CA GLU G 53 22.26 17.65 -35.15
C GLU G 53 23.73 17.85 -35.41
N ALA G 54 24.08 18.63 -36.44
CA ALA G 54 25.49 18.94 -36.70
C ALA G 54 26.07 19.77 -35.57
N LYS G 55 25.34 20.77 -35.11
CA LYS G 55 25.80 21.60 -33.99
C LYS G 55 26.02 20.76 -32.75
N GLU G 56 25.22 19.72 -32.57
CA GLU G 56 25.39 18.81 -31.44
C GLU G 56 26.40 17.71 -31.72
N MET G 57 27.05 17.74 -32.89
CA MET G 57 28.13 16.81 -33.22
C MET G 57 27.64 15.36 -33.19
N LYS G 58 26.49 15.14 -33.83
CA LYS G 58 25.88 13.82 -33.84
C LYS G 58 26.70 12.80 -34.65
N TRP G 59 27.52 13.27 -35.60
CA TRP G 59 28.23 12.38 -36.49
C TRP G 59 29.45 13.12 -37.04
N PRO G 60 30.55 12.42 -37.31
CA PRO G 60 31.71 13.08 -37.93
C PRO G 60 31.52 13.36 -39.40
N PHE G 61 30.62 12.67 -40.07
CA PHE G 61 30.28 12.95 -41.46
C PHE G 61 28.77 13.12 -41.59
N VAL G 62 28.38 14.00 -42.51
CA VAL G 62 26.97 14.19 -42.85
C VAL G 62 26.51 12.96 -43.63
N PRO G 63 25.49 12.24 -43.17
CA PRO G 63 25.11 10.99 -43.84
C PRO G 63 24.13 11.22 -44.98
N GLU G 64 23.46 10.15 -45.41
CA GLU G 64 22.52 10.20 -46.51
C GLU G 64 21.14 9.70 -46.10
N LEU G 80 20.59 13.75 -49.76
CA LEU G 80 21.15 14.89 -49.04
C LEU G 80 21.49 16.02 -49.97
N LYS G 81 22.14 15.70 -51.09
CA LYS G 81 22.46 16.71 -52.09
C LYS G 81 21.22 17.48 -52.53
N ASP G 82 20.05 16.84 -52.48
CA ASP G 82 18.84 17.48 -52.95
C ASP G 82 18.37 18.56 -51.99
N VAL G 83 18.32 18.25 -50.69
CA VAL G 83 17.84 19.22 -49.72
C VAL G 83 18.83 20.37 -49.58
N ILE G 84 20.13 20.06 -49.57
CA ILE G 84 21.14 21.11 -49.44
C ILE G 84 21.15 21.98 -50.70
N GLY G 85 21.11 21.35 -51.87
CA GLY G 85 21.05 22.12 -53.10
C GLY G 85 19.81 22.97 -53.20
N ALA G 86 18.69 22.49 -52.65
CA ALA G 86 17.46 23.27 -52.71
C ALA G 86 17.52 24.46 -51.77
N GLY G 87 18.15 24.31 -50.61
CA GLY G 87 18.21 25.38 -49.65
C GLY G 87 19.57 26.02 -49.48
N LEU G 88 20.42 25.94 -50.51
CA LEU G 88 21.79 26.41 -50.36
C LEU G 88 21.83 27.91 -50.09
N GLN G 89 21.03 28.70 -50.81
CA GLN G 89 21.07 30.14 -50.65
C GLN G 89 20.66 30.55 -49.25
N GLN G 90 19.53 30.00 -48.78
CA GLN G 90 19.04 30.32 -47.44
C GLN G 90 20.02 29.85 -46.38
N LEU G 91 20.67 28.71 -46.62
CA LEU G 91 21.71 28.25 -45.70
C LEU G 91 22.87 29.22 -45.64
N LEU G 92 23.25 29.80 -46.77
CA LEU G 92 24.35 30.78 -46.77
C LEU G 92 23.93 32.06 -46.07
N ALA G 93 22.70 32.51 -46.29
CA ALA G 93 22.19 33.66 -45.56
C ALA G 93 22.22 33.40 -44.06
N SER G 94 21.83 32.20 -43.65
CA SER G 94 21.89 31.84 -42.23
C SER G 94 23.32 31.76 -41.74
N LEU G 95 24.26 31.37 -42.61
CA LEU G 95 25.66 31.36 -42.23
C LEU G 95 26.16 32.76 -41.92
N ARG G 96 25.84 33.72 -42.81
CA ARG G 96 26.20 35.10 -42.55
C ARG G 96 25.56 35.61 -41.27
N ALA G 97 24.24 35.41 -41.13
CA ALA G 97 23.54 35.90 -39.94
C ALA G 97 24.12 35.29 -38.67
N SER G 98 24.47 34.01 -38.70
CA SER G 98 25.08 33.39 -37.54
C SER G 98 26.46 33.96 -37.24
N ILE G 99 27.20 34.31 -38.28
CA ILE G 99 28.50 34.94 -38.09
C ILE G 99 28.34 36.31 -37.43
N LEU G 100 27.42 37.12 -37.95
CA LEU G 100 27.19 38.43 -37.38
C LEU G 100 26.74 38.35 -35.93
N ALA G 101 26.04 37.28 -35.57
CA ALA G 101 25.64 37.06 -34.19
C ALA G 101 26.75 36.45 -33.35
N ARG G 102 27.93 36.23 -33.94
CA ARG G 102 29.06 35.62 -33.25
C ARG G 102 28.70 34.26 -32.66
N ASP G 103 27.83 33.53 -33.35
CA ASP G 103 27.47 32.16 -33.01
C ASP G 103 28.34 31.24 -33.86
N CYS G 104 29.58 31.04 -33.40
CA CYS G 104 30.55 30.30 -34.21
C CYS G 104 30.21 28.83 -34.29
N ALA G 105 29.56 28.27 -33.27
CA ALA G 105 29.16 26.87 -33.32
C ALA G 105 28.12 26.64 -34.42
N ALA G 106 27.12 27.51 -34.50
CA ALA G 106 26.10 27.36 -35.53
C ALA G 106 26.68 27.57 -36.92
N ALA G 107 27.54 28.58 -37.08
CA ALA G 107 28.18 28.81 -38.37
C ALA G 107 29.03 27.62 -38.78
N ALA G 108 29.82 27.07 -37.85
CA ALA G 108 30.58 25.88 -38.13
C ALA G 108 29.68 24.71 -38.50
N ALA G 109 28.49 24.65 -37.89
CA ALA G 109 27.53 23.61 -38.26
C ALA G 109 27.06 23.79 -39.70
N ILE G 110 26.80 25.04 -40.10
CA ILE G 110 26.33 25.26 -41.47
C ILE G 110 27.43 24.94 -42.48
N VAL G 111 28.67 25.35 -42.20
CA VAL G 111 29.76 24.97 -43.08
C VAL G 111 29.88 23.45 -43.15
N PHE G 112 29.74 22.77 -42.01
CA PHE G 112 29.71 21.32 -42.02
C PHE G 112 28.64 20.80 -42.97
N LEU G 113 27.46 21.41 -42.93
CA LEU G 113 26.36 20.93 -43.75
C LEU G 113 26.66 21.12 -45.24
N VAL G 114 27.24 22.26 -45.61
CA VAL G 114 27.45 22.55 -47.03
C VAL G 114 28.78 22.05 -47.56
N ASP G 115 29.63 21.46 -46.70
CA ASP G 115 30.99 21.12 -47.10
C ASP G 115 31.02 20.23 -48.34
N ARG G 116 30.25 19.14 -48.34
CA ARG G 116 30.31 18.18 -49.44
C ARG G 116 29.83 18.79 -50.74
N PHE G 117 28.68 19.47 -50.71
CA PHE G 117 28.16 20.13 -51.89
C PHE G 117 29.17 21.14 -52.44
N LEU G 118 29.81 21.90 -51.54
CA LEU G 118 30.75 22.91 -51.98
C LEU G 118 32.02 22.28 -52.53
N TYR G 119 32.40 21.11 -52.03
CA TYR G 119 33.47 20.36 -52.67
C TYR G 119 33.07 19.96 -54.07
N GLY G 120 31.80 19.59 -54.24
CA GLY G 120 31.28 19.39 -55.58
C GLY G 120 31.36 20.64 -56.44
N LEU G 121 31.36 21.82 -55.82
CA LEU G 121 31.45 23.07 -56.56
C LEU G 121 32.85 23.66 -56.63
N ASP G 122 33.86 22.95 -56.10
CA ASP G 122 35.25 23.40 -56.13
C ASP G 122 35.41 24.76 -55.45
N VAL G 123 34.81 24.91 -54.28
CA VAL G 123 34.95 26.15 -53.53
C VAL G 123 35.33 25.83 -52.09
N SER G 124 35.94 24.66 -51.89
CA SER G 124 36.30 24.25 -50.54
C SER G 124 37.36 25.15 -49.93
N GLY G 125 38.19 25.78 -50.76
CA GLY G 125 39.23 26.65 -50.22
C GLY G 125 38.67 27.84 -49.47
N LYS G 126 37.70 28.54 -50.08
CA LYS G 126 37.09 29.67 -49.41
C LYS G 126 36.32 29.23 -48.18
N LEU G 127 35.58 28.13 -48.28
CA LEU G 127 34.85 27.61 -47.13
C LEU G 127 35.80 27.32 -45.97
N LEU G 128 36.96 26.75 -46.27
CA LEU G 128 37.96 26.51 -45.23
C LEU G 128 38.55 27.80 -44.71
N GLN G 129 38.59 28.85 -45.53
CA GLN G 129 38.96 30.16 -45.00
C GLN G 129 37.93 30.64 -43.99
N VAL G 130 36.65 30.42 -44.28
CA VAL G 130 35.60 30.76 -43.33
C VAL G 130 35.78 29.97 -42.04
N ALA G 131 36.12 28.69 -42.17
CA ALA G 131 36.37 27.89 -40.98
C ALA G 131 37.54 28.44 -40.18
N LYS G 132 38.62 28.82 -40.86
CA LYS G 132 39.79 29.37 -40.16
C LYS G 132 39.43 30.66 -39.45
N GLY G 133 38.61 31.50 -40.07
CA GLY G 133 38.15 32.71 -39.40
C GLY G 133 37.32 32.41 -38.17
N LEU G 134 36.40 31.44 -38.29
CA LEU G 134 35.64 31.01 -37.12
C LEU G 134 36.57 30.56 -36.00
N HIS G 135 37.57 29.75 -36.33
CA HIS G 135 38.52 29.31 -35.32
C HIS G 135 39.33 30.47 -34.78
N LYS G 136 39.48 31.56 -35.54
CA LYS G 136 40.21 32.71 -35.03
C LYS G 136 39.38 33.48 -34.03
N LEU G 137 38.10 33.72 -34.32
CA LEU G 137 37.23 34.41 -33.38
C LEU G 137 37.13 33.65 -32.06
N GLN G 138 36.67 32.40 -32.12
CA GLN G 138 36.48 31.58 -30.93
C GLN G 138 37.22 30.27 -31.12
N PRO G 139 38.44 30.15 -30.60
CA PRO G 139 39.26 28.96 -30.88
C PRO G 139 38.66 27.66 -30.36
N ALA G 140 37.72 27.71 -29.42
CA ALA G 140 37.10 26.49 -28.92
C ALA G 140 36.02 25.94 -29.84
N THR G 141 35.71 26.64 -30.93
CA THR G 141 34.67 26.20 -31.83
C THR G 141 35.02 24.83 -32.42
N PRO G 142 34.17 23.83 -32.25
CA PRO G 142 34.48 22.50 -32.79
C PRO G 142 34.33 22.45 -34.31
N ILE G 143 35.29 21.80 -34.95
CA ILE G 143 35.31 21.67 -36.40
C ILE G 143 35.13 20.19 -36.74
N ALA G 144 34.18 19.91 -37.64
CA ALA G 144 33.88 18.53 -37.96
C ALA G 144 35.10 17.86 -38.59
N PRO G 145 35.34 16.59 -38.28
CA PRO G 145 36.45 15.89 -38.96
C PRO G 145 36.32 15.92 -40.47
N GLN G 146 35.10 15.90 -41.00
CA GLN G 146 34.89 15.96 -42.44
C GLN G 146 35.55 17.20 -43.05
N VAL G 147 35.57 18.30 -42.31
CA VAL G 147 36.14 19.55 -42.82
C VAL G 147 37.67 19.50 -42.78
N VAL G 148 38.23 18.96 -41.69
CA VAL G 148 39.67 18.74 -41.61
C VAL G 148 40.14 17.88 -42.78
N ILE G 149 39.47 16.74 -42.96
CA ILE G 149 39.79 15.87 -44.09
C ILE G 149 39.58 16.59 -45.41
N ARG G 150 38.64 17.52 -45.50
CA ARG G 150 38.49 18.28 -46.73
C ARG G 150 39.75 19.11 -47.02
N GLN G 151 40.29 19.77 -45.98
CA GLN G 151 41.56 20.46 -46.14
C GLN G 151 42.64 19.51 -46.63
N ALA G 152 42.73 18.32 -46.04
CA ALA G 152 43.68 17.33 -46.53
C ALA G 152 43.44 17.02 -48.00
N ARG G 153 42.18 16.91 -48.41
CA ARG G 153 41.85 16.55 -49.78
C ARG G 153 42.36 17.59 -50.75
N ILE G 154 42.08 18.87 -50.50
CA ILE G 154 42.56 19.87 -51.45
C ILE G 154 44.07 19.91 -51.41
N SER G 155 44.69 19.59 -50.27
CA SER G 155 46.14 19.51 -50.24
C SER G 155 46.66 18.42 -51.18
N VAL G 156 45.99 17.27 -51.23
CA VAL G 156 46.40 16.26 -52.21
C VAL G 156 46.17 16.74 -53.63
N ASN G 157 45.03 17.35 -53.90
CA ASN G 157 44.76 17.80 -55.25
C ASN G 157 45.75 18.87 -55.72
N SER G 158 46.37 19.60 -54.80
CA SER G 158 47.35 20.62 -55.14
C SER G 158 48.78 20.11 -55.16
N GLY G 159 49.01 18.85 -54.79
CA GLY G 159 50.35 18.34 -54.73
C GLY G 159 51.07 18.59 -53.44
N LYS G 160 50.40 19.16 -52.44
CA LYS G 160 51.01 19.38 -51.12
C LYS G 160 50.86 18.10 -50.30
N LEU G 161 51.68 17.12 -50.66
CA LEU G 161 51.50 15.77 -50.11
C LEU G 161 51.88 15.72 -48.64
N LEU G 162 53.01 16.32 -48.27
CA LEU G 162 53.41 16.30 -46.87
C LEU G 162 52.44 17.09 -45.99
N LYS G 163 51.87 18.17 -46.52
CA LYS G 163 50.88 18.93 -45.76
C LYS G 163 49.66 18.07 -45.45
N ALA G 164 49.06 17.48 -46.49
CA ALA G 164 47.93 16.59 -46.28
C ALA G 164 48.31 15.44 -45.36
N GLU G 165 49.54 14.96 -45.48
CA GLU G 165 49.97 13.85 -44.64
C GLU G 165 50.17 14.28 -43.20
N TYR G 166 50.48 15.54 -42.97
CA TYR G 166 50.49 16.05 -41.60
C TYR G 166 49.10 16.05 -41.01
N ILE G 167 48.10 16.47 -41.80
CA ILE G 167 46.73 16.42 -41.31
C ILE G 167 46.31 14.98 -41.03
N LEU G 168 46.38 14.12 -42.05
CA LEU G 168 45.92 12.75 -41.93
C LEU G 168 46.69 12.00 -40.84
N SER G 169 48.02 12.10 -40.86
CA SER G 169 48.83 11.41 -39.87
C SER G 169 48.56 11.96 -38.48
N SER G 170 48.27 13.25 -38.37
CA SER G 170 47.89 13.80 -37.06
C SER G 170 46.61 13.15 -36.55
N LEU G 171 45.63 12.94 -37.43
CA LEU G 171 44.40 12.29 -36.99
C LEU G 171 44.63 10.83 -36.66
N ILE G 172 45.33 10.10 -37.54
CA ILE G 172 45.48 8.66 -37.39
C ILE G 172 46.38 8.33 -36.20
N SER G 173 47.59 8.87 -36.19
CA SER G 173 48.58 8.52 -35.17
C SER G 173 48.25 9.08 -33.80
N ASN G 174 47.26 9.96 -33.68
CA ASN G 174 46.86 10.53 -32.41
C ASN G 174 45.39 10.24 -32.12
N ASN G 175 44.92 9.09 -32.59
CA ASN G 175 43.58 8.59 -32.31
C ASN G 175 42.49 9.61 -32.63
N GLY G 176 42.64 10.29 -33.77
CA GLY G 176 41.58 11.16 -34.25
C GLY G 176 41.34 12.40 -33.45
N ALA G 177 42.27 12.79 -32.58
CA ALA G 177 42.07 13.99 -31.79
C ALA G 177 42.24 15.22 -32.67
N THR G 178 41.25 16.10 -32.65
CA THR G 178 41.31 17.33 -33.45
C THR G 178 40.47 18.40 -32.77
N GLY G 179 41.09 19.56 -32.56
CA GLY G 179 40.36 20.72 -32.06
C GLY G 179 39.59 20.42 -30.80
N THR G 180 38.33 20.86 -30.78
CA THR G 180 37.42 20.66 -29.67
C THR G 180 36.25 19.75 -30.04
N TRP G 181 36.44 18.82 -30.96
CA TRP G 181 35.38 17.93 -31.40
C TRP G 181 35.32 16.68 -30.52
N LEU G 182 34.10 16.29 -30.15
CA LEU G 182 33.87 15.13 -29.32
C LEU G 182 33.09 14.08 -30.10
N TYR G 183 33.57 12.85 -30.09
CA TYR G 183 32.86 11.75 -30.75
C TYR G 183 31.84 11.15 -29.79
N ARG G 184 30.68 10.78 -30.34
CA ARG G 184 29.64 10.16 -29.52
C ARG G 184 29.96 8.71 -29.20
N ASN G 185 30.41 7.95 -30.20
CA ASN G 185 30.70 6.54 -30.07
C ASN G 185 32.10 6.25 -30.57
N GLU G 186 32.62 5.06 -30.25
CA GLU G 186 33.96 4.68 -30.63
C GLU G 186 34.07 4.26 -32.10
N SER G 187 32.96 3.88 -32.73
CA SER G 187 33.03 3.42 -34.12
C SER G 187 33.21 4.56 -35.10
N ASP G 188 32.67 5.74 -34.79
CA ASP G 188 32.87 6.90 -35.67
C ASP G 188 34.35 7.24 -35.79
N LYS G 189 35.09 7.10 -34.69
CA LYS G 189 36.54 7.23 -34.73
C LYS G 189 37.14 6.32 -35.79
N VAL G 190 36.71 5.05 -35.81
CA VAL G 190 37.19 4.12 -36.82
C VAL G 190 36.78 4.59 -38.21
N LEU G 191 35.62 5.25 -38.33
CA LEU G 191 35.19 5.74 -39.63
C LEU G 191 36.15 6.81 -40.17
N VAL G 192 36.45 7.82 -39.35
CA VAL G 192 37.41 8.84 -39.77
C VAL G 192 38.76 8.21 -40.09
N GLN G 193 39.17 7.21 -39.29
CA GLN G 193 40.41 6.50 -39.59
C GLN G 193 40.34 5.87 -40.98
N SER G 194 39.19 5.33 -41.35
CA SER G 194 39.07 4.64 -42.63
C SER G 194 39.13 5.62 -43.78
N VAL G 195 38.46 6.76 -43.67
CA VAL G 195 38.55 7.77 -44.71
C VAL G 195 39.98 8.26 -44.85
N CYS G 196 40.66 8.52 -43.73
CA CYS G 196 42.03 9.01 -43.81
C CYS G 196 42.97 7.99 -44.43
N ILE G 197 42.80 6.71 -44.08
CA ILE G 197 43.64 5.68 -44.66
C ILE G 197 43.38 5.54 -46.15
N GLN G 198 42.11 5.64 -46.55
CA GLN G 198 41.77 5.66 -47.97
C GLN G 198 42.50 6.80 -48.68
N ILE G 199 42.54 7.99 -48.07
CA ILE G 199 43.19 9.10 -48.72
C ILE G 199 44.69 8.92 -48.77
N ARG G 200 45.28 8.28 -47.74
CA ARG G 200 46.68 7.89 -47.87
C ARG G 200 46.88 6.98 -49.08
N GLY G 201 45.95 6.05 -49.29
CA GLY G 201 45.99 5.23 -50.48
C GLY G 201 45.97 6.04 -51.76
N GLN G 202 45.15 7.09 -51.81
CA GLN G 202 45.16 7.96 -52.99
C GLN G 202 46.48 8.70 -53.12
N ILE G 203 47.12 9.03 -52.00
CA ILE G 203 48.41 9.68 -52.04
C ILE G 203 49.45 8.76 -52.67
N LEU G 204 49.48 7.50 -52.25
CA LEU G 204 50.43 6.57 -52.86
C LEU G 204 50.09 6.26 -54.30
N GLN G 205 48.79 6.28 -54.65
CA GLN G 205 48.39 6.15 -56.04
C GLN G 205 48.94 7.29 -56.89
N LYS G 206 48.82 8.52 -56.39
CA LYS G 206 49.34 9.68 -57.11
C LYS G 206 50.84 9.58 -57.35
N LEU G 207 51.55 8.86 -56.47
CA LEU G 207 52.98 8.66 -56.61
C LEU G 207 53.33 7.41 -57.41
N GLY G 208 52.34 6.69 -57.92
CA GLY G 208 52.60 5.52 -58.73
C GLY G 208 53.16 4.32 -57.99
N MET G 209 53.13 4.32 -56.66
CA MET G 209 53.54 3.15 -55.88
C MET G 209 52.31 2.26 -55.70
N TRP G 210 52.05 1.47 -56.74
CA TRP G 210 50.75 0.82 -56.89
C TRP G 210 50.50 -0.21 -55.80
N TYR G 211 51.53 -1.01 -55.46
CA TYR G 211 51.35 -2.07 -54.47
C TYR G 211 50.93 -1.52 -53.12
N GLU G 212 51.69 -0.55 -52.59
CA GLU G 212 51.38 0.01 -51.28
C GLU G 212 50.05 0.74 -51.30
N ALA G 213 49.73 1.38 -52.42
CA ALA G 213 48.41 2.02 -52.55
C ALA G 213 47.30 1.00 -52.44
N ALA G 214 47.44 -0.14 -53.13
CA ALA G 214 46.44 -1.19 -53.03
C ALA G 214 46.33 -1.72 -51.60
N GLU G 215 47.48 -1.82 -50.89
CA GLU G 215 47.42 -2.26 -49.50
C GLU G 215 46.64 -1.28 -48.64
N LEU G 216 46.89 0.02 -48.82
CA LEU G 216 46.17 1.02 -48.02
C LEU G 216 44.68 1.02 -48.32
N ILE G 217 44.32 0.88 -49.60
CA ILE G 217 42.90 0.80 -49.95
C ILE G 217 42.27 -0.43 -49.32
N TRP G 218 43.01 -1.54 -49.29
CA TRP G 218 42.54 -2.73 -48.63
C TRP G 218 42.25 -2.45 -47.16
N ALA G 219 43.18 -1.77 -46.47
CA ALA G 219 42.94 -1.40 -45.09
C ALA G 219 41.70 -0.52 -44.94
N SER G 220 41.49 0.39 -45.89
CA SER G 220 40.31 1.25 -45.81
C SER G 220 39.03 0.43 -45.94
N ILE G 221 39.05 -0.60 -46.79
CA ILE G 221 37.89 -1.47 -46.94
C ILE G 221 37.64 -2.23 -45.64
N VAL G 222 38.70 -2.78 -45.05
CA VAL G 222 38.59 -3.45 -43.75
C VAL G 222 37.94 -2.52 -42.74
N GLY G 223 38.41 -1.28 -42.67
CA GLY G 223 37.84 -0.33 -41.73
C GLY G 223 36.38 -0.03 -42.00
N TYR G 224 36.00 0.08 -43.27
CA TYR G 224 34.60 0.33 -43.62
C TYR G 224 33.72 -0.83 -43.16
N LEU G 225 34.21 -2.07 -43.25
CA LEU G 225 33.40 -3.21 -42.82
C LEU G 225 33.28 -3.32 -41.30
N ALA G 226 34.19 -2.71 -40.54
CA ALA G 226 34.20 -2.82 -39.08
C ALA G 226 33.17 -1.94 -38.39
N LEU G 227 32.32 -1.24 -39.13
CA LEU G 227 31.36 -0.33 -38.53
C LEU G 227 30.04 -1.03 -38.24
N PRO G 228 29.27 -0.50 -37.27
CA PRO G 228 27.93 -1.06 -36.99
C PRO G 228 27.09 -1.20 -38.24
N GLN G 229 26.93 -0.14 -39.01
CA GLN G 229 26.42 -0.29 -40.37
C GLN G 229 27.58 -0.02 -41.33
N PRO G 230 28.12 -1.04 -41.99
CA PRO G 230 29.27 -0.83 -42.87
C PRO G 230 28.99 0.28 -43.87
N ASP G 231 30.03 1.03 -44.21
CA ASP G 231 29.91 2.19 -45.07
C ASP G 231 29.99 1.74 -46.52
N LYS G 232 28.82 1.53 -47.15
CA LYS G 232 28.80 1.08 -48.53
C LYS G 232 29.30 2.17 -49.48
N LYS G 233 29.08 3.45 -49.13
CA LYS G 233 29.62 4.54 -49.94
C LYS G 233 31.15 4.49 -49.94
N GLY G 234 31.75 4.42 -48.75
CA GLY G 234 33.19 4.30 -48.68
C GLY G 234 33.71 3.04 -49.35
N LEU G 235 32.98 1.94 -49.21
CA LEU G 235 33.37 0.70 -49.88
C LEU G 235 33.37 0.88 -51.39
N SER G 236 32.35 1.55 -51.92
CA SER G 236 32.31 1.82 -53.36
C SER G 236 33.49 2.67 -53.79
N THR G 237 33.78 3.75 -53.07
CA THR G 237 34.90 4.62 -53.43
C THR G 237 36.21 3.83 -53.43
N SER G 238 36.49 3.11 -52.34
CA SER G 238 37.73 2.35 -52.25
C SER G 238 37.80 1.28 -53.33
N LEU G 239 36.66 0.72 -53.72
CA LEU G 239 36.66 -0.27 -54.79
C LEU G 239 37.01 0.37 -56.13
N GLY G 240 36.49 1.56 -56.39
CA GLY G 240 36.87 2.25 -57.62
C GLY G 240 38.34 2.59 -57.66
N ILE G 241 38.85 3.14 -56.55
CA ILE G 241 40.27 3.48 -56.48
C ILE G 241 41.12 2.23 -56.64
N LEU G 242 40.75 1.14 -55.97
CA LEU G 242 41.49 -0.11 -56.10
C LEU G 242 41.46 -0.63 -57.52
N ALA G 243 40.33 -0.47 -58.21
CA ALA G 243 40.25 -0.87 -59.61
C ALA G 243 41.25 -0.08 -60.45
N ASP G 244 41.25 1.25 -60.29
CA ASP G 244 42.22 2.06 -61.04
C ASP G 244 43.66 1.63 -60.74
N ILE G 245 43.96 1.36 -59.46
CA ILE G 245 45.31 0.92 -59.11
C ILE G 245 45.66 -0.37 -59.81
N PHE G 246 44.72 -1.32 -59.82
CA PHE G 246 44.96 -2.57 -60.52
C PHE G 246 45.22 -2.35 -62.00
N VAL G 247 44.49 -1.41 -62.62
CA VAL G 247 44.74 -1.13 -64.03
C VAL G 247 46.14 -0.58 -64.22
N SER G 248 46.58 0.32 -63.33
CA SER G 248 47.89 0.92 -63.47
C SER G 248 49.03 -0.05 -63.14
N MET G 249 48.73 -1.14 -62.44
CA MET G 249 49.76 -2.07 -62.03
C MET G 249 50.37 -2.79 -63.22
N SER G 250 51.61 -3.23 -63.06
CA SER G 250 52.17 -4.22 -63.96
C SER G 250 51.68 -5.61 -63.55
N LYS G 251 51.94 -6.60 -64.41
CA LYS G 251 51.59 -7.97 -64.04
C LYS G 251 52.43 -8.46 -62.88
N ASN G 252 53.68 -8.00 -62.78
CA ASN G 252 54.49 -8.32 -61.61
C ASN G 252 53.88 -7.71 -60.35
N ASP G 253 53.41 -6.47 -60.45
CA ASP G 253 52.73 -5.85 -59.31
C ASP G 253 51.51 -6.65 -58.89
N TYR G 254 50.66 -7.01 -59.86
CA TYR G 254 49.42 -7.71 -59.53
C TYR G 254 49.69 -9.09 -58.97
N GLU G 255 50.70 -9.78 -59.50
CA GLU G 255 51.02 -11.11 -58.96
C GLU G 255 51.61 -11.00 -57.57
N LYS G 256 52.42 -9.97 -57.32
CA LYS G 256 52.97 -9.78 -55.97
C LYS G 256 51.86 -9.47 -54.98
N PHE G 257 50.88 -8.67 -55.39
CA PHE G 257 49.80 -8.29 -54.48
C PHE G 257 48.85 -9.45 -54.25
N LYS G 258 48.58 -10.24 -55.29
CA LYS G 258 47.65 -11.36 -55.14
C LYS G 258 48.27 -12.48 -54.32
N ASN G 259 49.59 -12.64 -54.37
CA ASN G 259 50.28 -13.68 -53.62
C ASN G 259 50.54 -13.31 -52.17
N ASN G 260 50.00 -12.19 -51.69
CA ASN G 260 50.13 -11.81 -50.28
C ASN G 260 48.96 -12.41 -49.51
N PRO G 261 49.19 -13.41 -48.66
CA PRO G 261 48.06 -14.10 -48.02
C PRO G 261 47.33 -13.24 -47.01
N GLN G 262 47.91 -12.13 -46.56
CA GLN G 262 47.23 -11.24 -45.65
C GLN G 262 46.19 -10.37 -46.33
N ILE G 263 45.82 -10.67 -47.57
CA ILE G 263 44.83 -9.90 -48.30
C ILE G 263 43.76 -10.89 -48.75
N ASN G 264 42.67 -10.96 -48.01
CA ASN G 264 41.62 -11.95 -48.25
C ASN G 264 40.50 -11.36 -49.10
N LEU G 265 40.85 -10.92 -50.30
CA LEU G 265 39.88 -10.37 -51.23
C LEU G 265 39.40 -11.45 -52.19
N SER G 266 38.08 -11.60 -52.28
CA SER G 266 37.51 -12.60 -53.17
C SER G 266 37.91 -12.36 -54.62
N LEU G 267 37.83 -11.10 -55.07
CA LEU G 267 38.22 -10.81 -56.45
C LEU G 267 39.70 -11.04 -56.67
N LEU G 268 40.51 -10.92 -55.62
CA LEU G 268 41.94 -11.12 -55.76
C LEU G 268 42.31 -12.59 -55.91
N LYS G 269 41.43 -13.51 -55.50
CA LYS G 269 41.71 -14.93 -55.58
C LYS G 269 40.96 -15.62 -56.71
N GLU G 270 39.72 -15.18 -56.98
CA GLU G 270 38.96 -15.77 -58.08
C GLU G 270 39.58 -15.47 -59.44
N PHE G 271 40.35 -14.39 -59.55
CA PHE G 271 40.86 -13.92 -60.83
C PHE G 271 42.37 -13.86 -60.79
N ASP G 272 43.01 -14.16 -61.93
CA ASP G 272 44.45 -14.16 -62.05
C ASP G 272 45.00 -13.04 -62.92
N HIS G 273 44.13 -12.30 -63.61
CA HIS G 273 44.53 -11.17 -64.43
C HIS G 273 44.09 -9.88 -63.77
N HIS G 274 44.97 -8.88 -63.76
CA HIS G 274 44.70 -7.65 -63.02
C HIS G 274 43.49 -6.91 -63.58
N LEU G 275 43.27 -7.01 -64.90
CA LEU G 275 42.12 -6.36 -65.49
C LEU G 275 40.82 -7.01 -65.05
N LEU G 276 40.85 -8.32 -64.80
CA LEU G 276 39.65 -9.00 -64.32
C LEU G 276 39.35 -8.64 -62.88
N SER G 277 40.39 -8.57 -62.05
CA SER G 277 40.21 -8.07 -60.70
C SER G 277 39.63 -6.66 -60.71
N ALA G 278 40.13 -5.81 -61.61
CA ALA G 278 39.60 -4.45 -61.69
C ALA G 278 38.13 -4.47 -62.10
N ALA G 279 37.77 -5.28 -63.10
CA ALA G 279 36.38 -5.33 -63.53
C ALA G 279 35.47 -5.81 -62.41
N GLU G 280 35.92 -6.81 -61.65
CA GLU G 280 35.12 -7.30 -60.53
C GLU G 280 34.97 -6.23 -59.46
N ALA G 281 36.06 -5.55 -59.12
CA ALA G 281 36.00 -4.47 -58.13
C ALA G 281 35.04 -3.38 -58.59
N CYS G 282 34.99 -3.11 -59.88
CA CYS G 282 34.01 -2.14 -60.37
C CYS G 282 32.59 -2.67 -60.24
N LYS G 283 32.38 -3.96 -60.51
CA LYS G 283 31.05 -4.54 -60.31
C LYS G 283 30.60 -4.36 -58.87
N LEU G 284 31.47 -4.69 -57.92
CA LEU G 284 31.13 -4.52 -56.51
C LEU G 284 30.90 -3.06 -56.16
N ALA G 285 31.76 -2.17 -56.68
CA ALA G 285 31.63 -0.75 -56.39
C ALA G 285 30.28 -0.22 -56.86
N ALA G 286 29.86 -0.61 -58.06
CA ALA G 286 28.55 -0.21 -58.55
C ALA G 286 27.42 -0.84 -57.73
N ALA G 287 27.62 -2.06 -57.24
CA ALA G 287 26.59 -2.67 -56.41
C ALA G 287 26.42 -1.91 -55.11
N PHE G 288 27.52 -1.49 -54.49
CA PHE G 288 27.48 -0.81 -53.20
C PHE G 288 27.01 0.64 -53.32
N SER G 289 26.91 1.17 -54.52
CA SER G 289 26.38 2.51 -54.74
C SER G 289 25.18 2.45 -55.67
N ALA G 290 24.32 1.45 -55.46
CA ALA G 290 23.22 1.19 -56.38
C ALA G 290 22.19 2.30 -56.41
N TYR G 291 22.21 3.20 -55.43
CA TYR G 291 21.25 4.30 -55.39
C TYR G 291 21.85 5.65 -55.75
N THR G 292 23.14 5.71 -56.05
CA THR G 292 23.77 6.94 -56.55
C THR G 292 24.18 6.71 -57.98
N PRO G 293 23.38 7.12 -58.97
CA PRO G 293 23.62 6.68 -60.35
C PRO G 293 24.92 7.17 -60.93
N LEU G 294 25.43 8.31 -60.46
CA LEU G 294 26.66 8.86 -61.01
C LEU G 294 27.84 7.93 -60.78
N PHE G 295 28.06 7.53 -59.53
CA PHE G 295 29.19 6.67 -59.21
C PHE G 295 28.99 5.26 -59.75
N VAL G 296 27.73 4.82 -59.86
CA VAL G 296 27.47 3.58 -60.56
C VAL G 296 27.94 3.70 -62.00
N LEU G 297 27.68 4.85 -62.62
CA LEU G 297 28.08 5.08 -64.01
C LEU G 297 29.59 5.06 -64.16
N THR G 298 30.30 5.71 -63.25
CA THR G 298 31.76 5.67 -63.34
C THR G 298 32.27 4.24 -63.17
N ALA G 299 31.71 3.51 -62.19
CA ALA G 299 32.15 2.14 -61.95
C ALA G 299 31.95 1.27 -63.18
N VAL G 300 30.76 1.32 -63.79
CA VAL G 300 30.53 0.46 -64.94
C VAL G 300 31.35 0.94 -66.13
N ASN G 301 31.69 2.23 -66.18
CA ASN G 301 32.58 2.70 -67.22
C ASN G 301 33.95 2.02 -67.11
N ILE G 302 34.54 2.05 -65.92
CA ILE G 302 35.85 1.42 -65.74
C ILE G 302 35.75 -0.08 -65.99
N ARG G 303 34.66 -0.71 -65.56
CA ARG G 303 34.48 -2.14 -65.79
C ARG G 303 34.44 -2.46 -67.27
N GLY G 304 33.62 -1.74 -68.04
CA GLY G 304 33.57 -1.98 -69.47
C GLY G 304 34.91 -1.73 -70.15
N THR G 305 35.65 -0.71 -69.70
CA THR G 305 36.98 -0.49 -70.26
C THR G 305 37.90 -1.68 -69.99
N CYS G 306 37.88 -2.19 -68.76
CA CYS G 306 38.72 -3.33 -68.43
C CYS G 306 38.34 -4.55 -69.25
N LEU G 307 37.05 -4.83 -69.37
CA LEU G 307 36.61 -6.00 -70.11
C LEU G 307 36.92 -5.85 -71.60
N LEU G 308 36.84 -4.64 -72.13
CA LEU G 308 37.24 -4.42 -73.51
C LEU G 308 38.73 -4.70 -73.69
N SER G 309 39.56 -4.19 -72.78
CA SER G 309 41.00 -4.38 -72.94
C SER G 309 41.39 -5.84 -72.78
N TYR G 310 40.77 -6.55 -71.83
CA TYR G 310 41.11 -7.95 -71.63
C TYR G 310 40.54 -8.80 -72.75
N SER G 311 39.37 -8.42 -73.26
CA SER G 311 38.71 -9.18 -74.31
C SER G 311 39.56 -9.20 -75.57
N SER G 312 40.19 -8.08 -75.91
CA SER G 312 41.06 -8.03 -77.07
C SER G 312 42.45 -8.58 -76.78
N SER G 313 42.76 -8.88 -75.53
CA SER G 313 44.08 -9.32 -75.17
C SER G 313 44.32 -10.75 -75.64
N ASN G 314 45.58 -11.09 -75.81
CA ASN G 314 45.97 -12.46 -76.11
C ASN G 314 45.88 -13.35 -74.89
N ASP G 315 45.75 -12.77 -73.70
CA ASP G 315 45.55 -13.54 -72.48
C ASP G 315 44.13 -14.08 -72.35
N CYS G 316 43.22 -13.61 -73.19
CA CYS G 316 41.84 -14.07 -73.14
C CYS G 316 41.66 -15.26 -74.07
N PRO G 317 41.20 -16.41 -73.56
CA PRO G 317 40.89 -17.54 -74.44
C PRO G 317 39.76 -17.19 -75.39
N PRO G 318 39.85 -17.60 -76.65
CA PRO G 318 38.84 -17.18 -77.64
C PRO G 318 37.43 -17.66 -77.33
N GLU G 319 37.26 -18.70 -76.53
CA GLU G 319 35.91 -19.15 -76.21
C GLU G 319 35.20 -18.13 -75.31
N LEU G 320 35.97 -17.39 -74.50
CA LEU G 320 35.41 -16.45 -73.54
C LEU G 320 35.39 -15.02 -74.07
N LYS G 321 35.94 -14.76 -75.25
CA LYS G 321 35.98 -13.41 -75.77
C LYS G 321 34.59 -12.82 -75.89
N ASN G 322 33.65 -13.57 -76.46
CA ASN G 322 32.30 -13.06 -76.61
C ASN G 322 31.61 -12.93 -75.26
N LEU G 323 31.97 -13.77 -74.30
CA LEU G 323 31.44 -13.64 -72.95
C LEU G 323 31.85 -12.31 -72.33
N HIS G 324 33.15 -12.02 -72.35
CA HIS G 324 33.63 -10.77 -71.76
C HIS G 324 33.16 -9.56 -72.56
N LEU G 325 33.02 -9.69 -73.87
CA LEU G 325 32.45 -8.60 -74.66
C LEU G 325 31.01 -8.34 -74.26
N CYS G 326 30.26 -9.40 -73.97
CA CYS G 326 28.89 -9.21 -73.49
C CYS G 326 28.87 -8.60 -72.10
N GLU G 327 29.84 -8.95 -71.25
CA GLU G 327 29.92 -8.31 -69.95
C GLU G 327 30.20 -6.82 -70.07
N ALA G 328 31.15 -6.45 -70.95
CA ALA G 328 31.43 -5.03 -71.17
C ALA G 328 30.22 -4.31 -71.75
N LYS G 329 29.56 -4.92 -72.73
CA LYS G 329 28.34 -4.36 -73.28
C LYS G 329 27.31 -4.13 -72.19
N GLU G 330 27.16 -5.11 -71.30
CA GLU G 330 26.26 -4.96 -70.16
C GLU G 330 26.65 -3.77 -69.31
N ALA G 331 27.94 -3.63 -69.03
CA ALA G 331 28.40 -2.52 -68.18
C ALA G 331 28.05 -1.17 -68.79
N PHE G 332 28.45 -0.94 -70.03
CA PHE G 332 28.14 0.33 -70.66
C PHE G 332 26.64 0.55 -70.78
N GLU G 333 25.88 -0.52 -71.01
CA GLU G 333 24.42 -0.39 -71.05
C GLU G 333 23.87 0.10 -69.72
N ILE G 334 24.35 -0.48 -68.61
CA ILE G 334 23.94 -0.01 -67.29
C ILE G 334 24.27 1.46 -67.13
N GLY G 335 25.51 1.83 -67.50
CA GLY G 335 25.91 3.22 -67.39
C GLY G 335 24.98 4.16 -68.14
N LEU G 336 24.64 3.80 -69.37
CA LEU G 336 23.73 4.65 -70.14
C LEU G 336 22.32 4.66 -69.54
N LEU G 337 21.94 3.57 -68.88
CA LEU G 337 20.63 3.53 -68.23
C LEU G 337 20.60 4.22 -66.88
N THR G 338 21.75 4.67 -66.37
CA THR G 338 21.79 5.39 -65.10
C THR G 338 20.96 6.67 -65.11
N LYS G 339 20.53 7.16 -66.26
CA LYS G 339 19.71 8.37 -66.32
C LYS G 339 18.47 8.09 -67.16
N ARG G 340 17.31 8.24 -66.55
CA ARG G 340 16.04 8.01 -67.20
C ARG G 340 15.29 9.33 -67.36
N ASP G 342 14.11 12.88 -68.92
CA ASP G 342 14.94 14.01 -69.32
C ASP G 342 15.35 14.83 -68.10
N GLU G 343 15.90 14.15 -67.10
CA GLU G 343 16.37 14.85 -65.92
C GLU G 343 17.59 15.71 -66.26
N PRO G 344 17.65 16.96 -65.82
CA PRO G 344 18.83 17.78 -66.04
C PRO G 344 20.10 17.08 -65.56
N VAL G 345 21.21 17.41 -66.20
CA VAL G 345 22.52 16.87 -65.84
C VAL G 345 23.44 18.04 -65.50
N THR G 346 23.89 18.10 -64.26
CA THR G 346 24.80 19.12 -63.80
C THR G 346 26.19 18.53 -63.57
N GLY G 347 27.21 19.33 -63.84
CA GLY G 347 28.58 18.88 -63.63
C GLY G 347 29.24 18.33 -64.88
N LYS G 348 30.52 18.65 -65.05
CA LYS G 348 31.27 18.16 -66.20
C LYS G 348 31.53 16.66 -66.11
N GLN G 349 31.80 16.17 -64.89
CA GLN G 349 32.14 14.78 -64.71
C GLN G 349 31.03 13.85 -65.19
N GLU G 350 29.77 14.17 -64.86
CA GLU G 350 28.66 13.33 -65.25
C GLU G 350 28.53 13.25 -66.77
N LEU G 351 28.60 14.40 -67.45
CA LEU G 351 28.52 14.43 -68.90
C LEU G 351 29.66 13.63 -69.52
N HIS G 352 30.89 13.86 -69.06
CA HIS G 352 32.03 13.13 -69.59
C HIS G 352 31.87 11.62 -69.38
N SER G 353 31.31 11.22 -68.24
CA SER G 353 31.11 9.80 -68.00
C SER G 353 30.05 9.22 -68.93
N PHE G 354 29.00 10.00 -69.22
CA PHE G 354 27.97 9.51 -70.13
C PHE G 354 28.50 9.36 -71.55
N VAL G 355 29.19 10.38 -72.07
CA VAL G 355 29.76 10.25 -73.41
C VAL G 355 30.80 9.13 -73.43
N LYS G 356 31.53 8.96 -72.34
CA LYS G 356 32.48 7.85 -72.25
C LYS G 356 31.75 6.51 -72.34
N ALA G 357 30.59 6.40 -71.70
CA ALA G 357 29.81 5.18 -71.80
C ALA G 357 29.33 4.96 -73.24
N ALA G 358 28.96 6.04 -73.93
CA ALA G 358 28.55 5.91 -75.32
C ALA G 358 29.69 5.40 -76.17
N PHE G 359 30.88 5.98 -76.01
CA PHE G 359 32.05 5.49 -76.73
C PHE G 359 32.34 4.03 -76.41
N GLY G 360 32.12 3.63 -75.15
CA GLY G 360 32.36 2.24 -74.79
C GLY G 360 31.39 1.30 -75.48
N LEU G 361 30.09 1.61 -75.45
CA LEU G 361 29.13 0.73 -76.08
C LEU G 361 29.31 0.69 -77.60
N THR G 362 29.54 1.84 -78.21
CA THR G 362 29.79 1.82 -79.65
C THR G 362 31.05 1.02 -79.96
N THR G 363 32.07 1.10 -79.11
CA THR G 363 33.28 0.33 -79.33
C THR G 363 33.02 -1.17 -79.25
N VAL G 364 32.27 -1.61 -78.23
CA VAL G 364 32.00 -3.04 -78.11
C VAL G 364 31.14 -3.51 -79.28
N HIS G 365 30.16 -2.71 -79.70
CA HIS G 365 29.37 -3.07 -80.87
C HIS G 365 30.27 -3.16 -82.11
N ARG G 366 31.28 -2.29 -82.19
CA ARG G 366 32.24 -2.38 -83.29
C ARG G 366 33.01 -3.69 -83.22
N ARG G 367 33.42 -4.10 -82.02
CA ARG G 367 34.16 -5.35 -81.88
C ARG G 367 33.26 -6.56 -82.17
N LEU G 368 31.95 -6.41 -81.98
CA LEU G 368 31.01 -7.51 -82.18
C LEU G 368 30.45 -7.57 -83.59
N HIS G 369 30.19 -6.43 -84.22
CA HIS G 369 29.50 -6.45 -85.50
C HIS G 369 30.30 -5.76 -86.60
N GLY G 370 31.57 -6.11 -86.74
CA GLY G 370 32.41 -5.52 -87.77
C GLY G 370 32.38 -4.00 -87.74
N GLU G 371 31.59 -3.41 -88.64
CA GLU G 371 31.35 -1.97 -88.62
C GLU G 371 30.13 -1.64 -89.47
N THR G 372 28.94 -1.80 -88.89
CA THR G 372 27.70 -1.55 -89.61
C THR G 372 27.47 -0.06 -89.76
N GLY G 373 26.37 0.29 -90.44
CA GLY G 373 26.01 1.69 -90.56
C GLY G 373 25.47 2.23 -89.25
N THR G 374 24.91 1.35 -88.42
CA THR G 374 24.44 1.75 -87.10
C THR G 374 25.61 2.17 -86.21
N VAL G 375 26.74 1.47 -86.31
CA VAL G 375 27.90 1.86 -85.51
C VAL G 375 28.60 3.07 -86.11
N HIS G 376 28.43 3.34 -87.40
CA HIS G 376 28.91 4.59 -87.96
C HIS G 376 28.09 5.76 -87.44
N ALA G 377 26.76 5.63 -87.48
CA ALA G 377 25.89 6.65 -86.90
C ALA G 377 26.22 6.87 -85.43
N ALA G 378 26.39 5.77 -84.68
CA ALA G 378 26.74 5.88 -83.27
C ALA G 378 28.09 6.57 -83.08
N SER G 379 29.05 6.32 -83.98
CA SER G 379 30.33 6.98 -83.89
C SER G 379 30.20 8.48 -84.13
N GLN G 380 29.44 8.88 -85.15
CA GLN G 380 29.24 10.30 -85.41
C GLN G 380 28.54 10.98 -84.24
N LEU G 381 27.48 10.36 -83.73
CA LEU G 381 26.81 10.91 -82.56
C LEU G 381 27.76 11.02 -81.37
N CYS G 382 28.67 10.05 -81.23
CA CYS G 382 29.63 10.11 -80.15
C CYS G 382 30.57 11.31 -80.32
N LYS G 383 31.08 11.52 -81.53
CA LYS G 383 31.95 12.65 -81.78
C LYS G 383 31.24 13.96 -81.49
N GLU G 384 30.03 14.13 -82.05
CA GLU G 384 29.26 15.34 -81.79
C GLU G 384 29.08 15.55 -80.29
N ALA G 385 28.68 14.51 -79.57
CA ALA G 385 28.45 14.64 -78.15
C ALA G 385 29.73 15.03 -77.42
N MET G 386 30.88 14.54 -77.87
CA MET G 386 32.13 14.91 -77.24
C MET G 386 32.46 16.37 -77.50
N GLY G 387 32.29 16.82 -78.74
CA GLY G 387 32.52 18.23 -79.05
C GLY G 387 31.66 19.14 -78.21
N LYS G 388 30.34 18.88 -78.19
CA LYS G 388 29.46 19.67 -77.36
C LYS G 388 29.81 19.56 -75.88
N LEU G 389 30.40 18.43 -75.49
CA LEU G 389 30.80 18.24 -74.10
C LEU G 389 31.94 19.19 -73.72
N TYR G 390 32.99 19.22 -74.54
CA TYR G 390 34.10 20.10 -74.23
C TYR G 390 33.72 21.56 -74.41
N ASN G 391 32.81 21.85 -75.35
CA ASN G 391 32.22 23.18 -75.41
C ASN G 391 31.53 23.52 -74.09
N PHE G 392 30.85 22.53 -73.50
CA PHE G 392 30.24 22.73 -72.19
C PHE G 392 31.29 23.04 -71.14
N SER G 393 32.37 22.24 -71.12
CA SER G 393 33.38 22.41 -70.09
C SER G 393 34.07 23.76 -70.18
N THR G 394 34.26 24.28 -71.40
CA THR G 394 34.95 25.55 -71.54
C THR G 394 34.03 26.75 -71.39
N SER G 395 32.73 26.57 -71.54
CA SER G 395 31.79 27.67 -71.41
C SER G 395 31.65 28.12 -69.97
N SER G 396 31.44 29.42 -69.79
CA SER G 396 31.21 30.00 -68.46
C SER G 396 29.81 30.54 -68.27
N ARG G 397 28.98 30.56 -69.31
CA ARG G 397 27.61 31.07 -69.22
C ARG G 397 26.67 29.93 -68.89
N SER G 398 25.94 30.05 -67.78
CA SER G 398 25.12 28.96 -67.27
C SER G 398 24.05 28.54 -68.27
N GLN G 399 23.43 29.51 -68.94
CA GLN G 399 22.35 29.17 -69.88
C GLN G 399 22.88 28.36 -71.05
N ASP G 400 24.05 28.72 -71.57
CA ASP G 400 24.68 27.92 -72.62
C ASP G 400 24.93 26.50 -72.13
N ARG G 401 25.60 26.37 -70.98
CA ARG G 401 25.86 25.06 -70.41
C ARG G 401 24.59 24.22 -70.31
N GLU G 402 23.50 24.86 -69.91
CA GLU G 402 22.23 24.15 -69.80
C GLU G 402 21.74 23.68 -71.17
N ALA G 403 21.74 24.57 -72.15
CA ALA G 403 21.19 24.22 -73.46
C ALA G 403 22.00 23.12 -74.14
N LEU G 404 23.31 23.33 -74.29
CA LEU G 404 24.12 22.30 -74.94
C LEU G 404 24.19 21.03 -74.10
N SER G 405 24.08 21.14 -72.78
CA SER G 405 24.04 19.93 -71.95
C SER G 405 22.81 19.10 -72.28
N GLN G 406 21.66 19.74 -72.38
CA GLN G 406 20.48 19.03 -72.86
C GLN G 406 20.68 18.49 -74.26
N GLU G 407 21.45 19.20 -75.10
CA GLU G 407 21.74 18.69 -76.43
C GLU G 407 22.58 17.42 -76.37
N VAL G 408 23.54 17.37 -75.44
CA VAL G 408 24.39 16.19 -75.31
C VAL G 408 23.59 15.01 -74.80
N MET G 409 22.70 15.25 -73.83
CA MET G 409 21.89 14.13 -73.34
C MET G 409 20.91 13.68 -74.40
N SER G 410 20.43 14.60 -75.24
CA SER G 410 19.57 14.20 -76.36
C SER G 410 20.33 13.29 -77.32
N VAL G 411 21.57 13.67 -77.67
CA VAL G 411 22.36 12.83 -78.55
C VAL G 411 22.59 11.48 -77.92
N ILE G 412 22.92 11.45 -76.63
CA ILE G 412 23.15 10.18 -75.94
C ILE G 412 21.91 9.30 -76.00
N ALA G 413 20.74 9.90 -75.76
CA ALA G 413 19.50 9.14 -75.92
C ALA G 413 19.37 8.61 -77.34
N GLN G 414 19.84 9.36 -78.33
CA GLN G 414 19.82 8.87 -79.71
C GLN G 414 20.70 7.63 -79.85
N VAL G 415 21.86 7.62 -79.20
CA VAL G 415 22.70 6.43 -79.25
C VAL G 415 22.02 5.26 -78.56
N LYS G 416 21.38 5.52 -77.42
CA LYS G 416 20.70 4.44 -76.70
C LYS G 416 19.62 3.80 -77.56
N GLU G 417 18.74 4.63 -78.13
CA GLU G 417 17.68 4.10 -78.98
C GLU G 417 18.24 3.46 -80.24
N HIS G 418 19.39 3.93 -80.72
CA HIS G 418 19.94 3.45 -81.98
C HIS G 418 20.81 2.21 -81.82
N LEU G 419 21.22 1.87 -80.61
CA LEU G 419 22.08 0.70 -80.36
C LEU G 419 21.36 -0.41 -79.60
N GLN G 420 20.04 -0.41 -79.61
CA GLN G 420 19.24 -1.46 -78.96
C GLN G 420 19.59 -1.60 -77.49
N VAL G 421 19.38 -0.51 -76.75
CA VAL G 421 19.64 -0.48 -75.32
C VAL G 421 18.32 -0.67 -74.59
N GLN G 422 18.13 -1.83 -73.99
CA GLN G 422 16.89 -2.20 -73.36
C GLN G 422 16.95 -1.99 -71.84
N SER G 423 15.81 -1.61 -71.27
CA SER G 423 15.74 -1.42 -69.83
C SER G 423 15.73 -2.77 -69.12
N PHE G 424 16.62 -2.94 -68.15
CA PHE G 424 16.73 -4.20 -67.43
C PHE G 424 15.68 -4.25 -66.32
N SER G 425 15.04 -5.41 -66.19
CA SER G 425 14.03 -5.60 -65.15
C SER G 425 14.69 -5.69 -63.79
N ASN G 426 14.03 -5.14 -62.77
CA ASN G 426 14.51 -5.27 -61.40
C ASN G 426 13.35 -5.05 -60.44
N VAL G 427 13.27 -5.92 -59.43
CA VAL G 427 12.23 -5.81 -58.41
C VAL G 427 12.44 -4.63 -57.49
N ASP G 428 13.60 -3.97 -57.57
CA ASP G 428 13.92 -2.79 -56.77
C ASP G 428 14.13 -1.64 -57.75
N ASP G 429 13.03 -1.05 -58.21
CA ASP G 429 13.08 -0.01 -59.21
C ASP G 429 13.82 1.24 -58.73
N ARG G 430 14.01 1.37 -57.42
CA ARG G 430 14.84 2.46 -56.91
C ARG G 430 16.31 2.20 -57.12
N SER G 431 16.69 1.00 -57.55
CA SER G 431 18.08 0.64 -57.78
C SER G 431 18.45 0.84 -59.25
N TYR G 432 19.67 1.28 -59.48
CA TYR G 432 20.21 1.50 -60.81
C TYR G 432 21.15 0.39 -61.26
N VAL G 433 21.15 -0.73 -60.56
CA VAL G 433 22.02 -1.86 -60.91
C VAL G 433 21.18 -3.11 -61.11
N PRO G 434 21.59 -4.04 -61.96
CA PRO G 434 20.82 -5.28 -62.13
C PRO G 434 20.95 -6.21 -60.93
N GLU G 435 20.02 -7.15 -60.86
CA GLU G 435 20.02 -8.12 -59.76
C GLU G 435 21.28 -8.97 -59.77
N SER G 436 21.86 -9.20 -60.93
CA SER G 436 23.12 -9.93 -61.00
C SER G 436 24.19 -9.26 -60.14
N PHE G 437 24.10 -7.95 -59.97
CA PHE G 437 25.01 -7.21 -59.10
C PHE G 437 24.50 -7.36 -57.65
N GLU G 438 24.77 -8.53 -57.14
CA GLU G 438 24.37 -8.93 -55.82
C GLU G 438 25.18 -8.22 -54.80
N CYS G 439 24.49 -7.64 -53.85
CA CYS G 439 25.09 -6.81 -52.84
C CYS G 439 25.53 -7.46 -51.52
N ARG G 440 25.50 -8.78 -51.38
CA ARG G 440 25.90 -9.36 -50.09
C ARG G 440 27.36 -9.02 -49.81
N LEU G 441 27.58 -8.45 -48.64
CA LEU G 441 28.87 -7.97 -48.20
C LEU G 441 29.87 -9.07 -47.89
N ASP G 442 29.39 -10.28 -47.58
CA ASP G 442 30.31 -11.37 -47.29
C ASP G 442 31.13 -11.76 -48.51
N LYS G 443 30.64 -11.44 -49.71
CA LYS G 443 31.27 -11.86 -50.95
C LYS G 443 32.59 -11.12 -51.19
N LEU G 444 32.99 -10.31 -50.22
CA LEU G 444 34.24 -9.57 -50.32
C LEU G 444 35.43 -10.37 -49.83
N ILE G 445 35.23 -11.42 -49.04
CA ILE G 445 36.33 -12.26 -48.61
C ILE G 445 36.19 -13.67 -49.17
N ASN H 2 -5.83 29.11 32.22
CA ASN H 2 -5.75 28.12 31.15
C ASN H 2 -7.12 27.54 30.82
N ASN H 3 -8.04 28.42 30.44
CA ASN H 3 -9.40 28.06 30.07
C ASN H 3 -9.68 28.60 28.66
N GLN H 4 -10.51 27.88 27.92
CA GLN H 4 -10.78 28.25 26.53
C GLN H 4 -11.34 29.66 26.43
N LYS H 5 -12.29 30.01 27.30
CA LYS H 5 -12.98 31.29 27.15
C LYS H 5 -12.05 32.47 27.41
N VAL H 6 -11.24 32.39 28.47
CA VAL H 6 -10.33 33.49 28.78
C VAL H 6 -9.33 33.68 27.64
N VAL H 7 -8.71 32.59 27.18
CA VAL H 7 -7.72 32.70 26.11
C VAL H 7 -8.36 33.27 24.86
N ALA H 8 -9.59 32.82 24.55
CA ALA H 8 -10.29 33.35 23.38
C ALA H 8 -10.50 34.86 23.51
N VAL H 9 -10.90 35.31 24.70
CA VAL H 9 -11.13 36.74 24.91
C VAL H 9 -9.82 37.51 24.76
N LEU H 10 -8.72 36.93 25.27
CA LEU H 10 -7.42 37.59 25.15
C LEU H 10 -6.99 37.71 23.70
N LEU H 11 -7.20 36.65 22.91
CA LEU H 11 -6.84 36.73 21.50
C LEU H 11 -7.71 37.75 20.77
N GLN H 12 -9.00 37.80 21.10
CA GLN H 12 -9.86 38.83 20.51
C GLN H 12 -9.36 40.23 20.85
N GLU H 13 -8.99 40.46 22.12
CA GLU H 13 -8.48 41.77 22.51
C GLU H 13 -7.21 42.10 21.75
N CYS H 14 -6.32 41.12 21.59
CA CYS H 14 -5.11 41.34 20.83
C CYS H 14 -5.42 41.72 19.39
N LYS H 15 -6.40 41.05 18.77
CA LYS H 15 -6.77 41.40 17.41
C LYS H 15 -7.33 42.82 17.34
N GLN H 16 -8.15 43.21 18.32
CA GLN H 16 -8.67 44.57 18.34
C GLN H 16 -7.55 45.59 18.44
N VAL H 17 -6.58 45.31 19.31
CA VAL H 17 -5.41 46.19 19.41
C VAL H 17 -4.69 46.26 18.07
N LEU H 18 -4.62 45.14 17.37
CA LEU H 18 -3.97 45.13 16.06
C LEU H 18 -4.70 46.02 15.06
N ASP H 19 -6.04 45.99 15.08
CA ASP H 19 -6.81 46.84 14.17
C ASP H 19 -6.65 48.32 14.52
N GLN H 20 -6.81 48.67 15.78
CA GLN H 20 -6.64 50.08 16.17
C GLN H 20 -5.23 50.56 15.84
N LEU H 21 -4.22 49.75 16.16
CA LEU H 21 -2.86 50.09 15.80
C LEU H 21 -2.69 50.23 14.29
N LEU H 22 -3.47 49.48 13.52
CA LEU H 22 -3.50 49.69 12.08
C LEU H 22 -4.05 51.06 11.73
N LEU H 23 -5.01 51.55 12.51
CA LEU H 23 -5.54 52.89 12.26
C LEU H 23 -4.61 53.99 12.75
N GLU H 24 -3.77 53.70 13.74
CA GLU H 24 -2.92 54.72 14.35
C GLU H 24 -1.56 54.77 13.66
N ALA H 25 -0.88 55.90 13.85
CA ALA H 25 0.49 56.09 13.38
C ALA H 25 1.49 55.47 14.37
N PRO H 26 2.60 54.96 13.87
CA PRO H 26 3.60 54.34 14.75
C PRO H 26 4.19 55.31 15.76
N ASP H 27 4.03 54.97 17.05
CA ASP H 27 4.62 55.75 18.12
C ASP H 27 4.79 54.87 19.35
N VAL H 28 5.77 53.98 19.30
CA VAL H 28 6.01 53.03 20.40
C VAL H 28 6.86 53.73 21.46
N SER H 29 6.29 53.95 22.64
CA SER H 29 7.02 54.58 23.71
C SER H 29 7.97 53.58 24.38
N GLU H 30 8.99 54.11 25.04
CA GLU H 30 9.89 53.28 25.84
C GLU H 30 9.19 52.67 27.04
N GLU H 31 8.01 53.18 27.41
CA GLU H 31 7.16 52.46 28.35
C GLU H 31 6.70 51.14 27.73
N ASP H 32 6.32 51.18 26.45
CA ASP H 32 5.90 49.97 25.75
C ASP H 32 7.07 49.01 25.59
N LYS H 33 8.22 49.52 25.15
CA LYS H 33 9.39 48.67 24.97
C LYS H 33 9.85 48.07 26.29
N SER H 34 9.89 48.89 27.35
CA SER H 34 10.29 48.39 28.65
C SER H 34 9.31 47.36 29.18
N GLU H 35 8.02 47.55 28.90
CA GLU H 35 7.05 46.53 29.27
C GLU H 35 7.23 45.26 28.46
N ASP H 36 7.71 45.37 27.23
CA ASP H 36 7.98 44.20 26.41
C ASP H 36 9.15 43.40 26.99
N GLN H 37 10.28 44.07 27.21
CA GLN H 37 11.42 43.39 27.80
C GLN H 37 11.07 42.83 29.17
N ARG H 38 10.30 43.57 29.95
CA ARG H 38 9.91 43.10 31.28
C ARG H 38 9.03 41.87 31.20
N CYS H 39 8.09 41.85 30.25
CA CYS H 39 7.24 40.67 30.07
C CYS H 39 8.04 39.47 29.60
N ARG H 40 9.03 39.70 28.73
CA ARG H 40 9.86 38.59 28.25
C ARG H 40 10.80 38.08 29.34
N ALA H 41 11.22 38.94 30.27
CA ALA H 41 12.21 38.53 31.26
C ALA H 41 11.69 37.51 32.25
N LEU H 42 10.39 37.57 32.60
CA LEU H 42 9.87 36.63 33.58
C LEU H 42 9.64 35.23 33.03
N LEU H 43 9.77 35.03 31.73
CA LEU H 43 9.59 33.70 31.18
C LEU H 43 10.79 32.81 31.53
N PRO H 44 10.57 31.51 31.73
CA PRO H 44 11.69 30.61 31.97
C PRO H 44 12.65 30.59 30.78
N SER H 45 13.93 30.29 31.09
CA SER H 45 14.97 30.35 30.07
C SER H 45 14.67 29.43 28.90
N GLU H 46 14.03 28.28 29.15
CA GLU H 46 13.68 27.37 28.07
C GLU H 46 12.70 28.04 27.11
N LEU H 47 11.65 28.66 27.65
CA LEU H 47 10.69 29.35 26.81
C LEU H 47 11.36 30.49 26.05
N ARG H 48 12.32 31.17 26.66
CA ARG H 48 13.04 32.23 25.97
C ARG H 48 13.85 31.67 24.80
N THR H 49 14.54 30.55 25.02
CA THR H 49 15.31 29.93 23.96
C THR H 49 14.42 29.48 22.81
N LEU H 50 13.29 28.86 23.12
CA LEU H 50 12.38 28.45 22.05
C LEU H 50 11.81 29.65 21.31
N ILE H 51 11.55 30.74 22.04
CA ILE H 51 11.04 31.95 21.39
C ILE H 51 12.07 32.50 20.42
N GLN H 52 13.33 32.56 20.85
CA GLN H 52 14.38 33.05 19.95
C GLN H 52 14.57 32.12 18.76
N GLU H 53 14.52 30.80 19.00
CA GLU H 53 14.72 29.85 17.92
C GLU H 53 13.62 29.98 16.88
N ALA H 54 12.37 30.17 17.32
CA ALA H 54 11.29 30.43 16.39
C ALA H 54 11.50 31.76 15.68
N LYS H 55 11.90 32.79 16.45
CA LYS H 55 12.21 34.08 15.86
C LYS H 55 13.37 33.96 14.88
N GLU H 56 14.32 33.07 15.16
CA GLU H 56 15.42 32.80 14.24
C GLU H 56 15.05 31.80 13.16
N MET H 57 13.79 31.35 13.13
CA MET H 57 13.29 30.48 12.06
C MET H 57 14.07 29.17 12.00
N LYS H 58 14.28 28.57 13.18
CA LYS H 58 15.08 27.36 13.26
C LYS H 58 14.39 26.18 12.59
N TRP H 59 13.10 26.01 12.82
CA TRP H 59 12.34 24.90 12.24
C TRP H 59 10.97 25.40 11.80
N PRO H 60 10.32 24.68 10.88
CA PRO H 60 8.93 25.03 10.55
C PRO H 60 7.92 24.51 11.55
N PHE H 61 8.26 23.50 12.34
CA PHE H 61 7.41 23.02 13.42
C PHE H 61 8.22 22.98 14.71
N VAL H 62 7.53 23.20 15.83
CA VAL H 62 8.14 23.03 17.14
C VAL H 62 8.31 21.54 17.41
N PRO H 63 9.55 21.05 17.57
CA PRO H 63 9.75 19.61 17.74
C PRO H 63 9.69 19.17 19.18
N GLU H 64 9.92 17.88 19.42
CA GLU H 64 10.00 17.34 20.79
C GLU H 64 11.12 16.32 20.89
N LEU H 80 5.88 18.68 25.10
CA LEU H 80 6.52 19.87 25.65
C LEU H 80 5.48 20.92 26.03
N LYS H 81 4.22 20.50 26.12
CA LYS H 81 3.15 21.41 26.46
C LYS H 81 2.91 21.53 27.95
N ASP H 82 3.69 20.84 28.77
CA ASP H 82 3.65 21.10 30.21
C ASP H 82 4.24 22.46 30.53
N VAL H 83 5.41 22.75 29.97
CA VAL H 83 6.06 24.03 30.24
C VAL H 83 5.27 25.16 29.59
N ILE H 84 4.76 24.94 28.38
CA ILE H 84 3.97 25.97 27.72
C ILE H 84 2.66 26.20 28.46
N GLY H 85 1.98 25.11 28.84
CA GLY H 85 0.74 25.24 29.59
C GLY H 85 0.92 25.90 30.94
N ALA H 86 2.06 25.67 31.58
CA ALA H 86 2.31 26.27 32.89
C ALA H 86 2.57 27.76 32.77
N GLY H 87 3.25 28.17 31.70
CA GLY H 87 3.59 29.57 31.51
C GLY H 87 2.75 30.21 30.43
N LEU H 88 1.54 29.68 30.22
CA LEU H 88 0.68 30.14 29.14
C LEU H 88 0.31 31.61 29.32
N GLN H 89 -0.14 31.98 30.52
CA GLN H 89 -0.58 33.35 30.73
C GLN H 89 0.57 34.34 30.60
N GLN H 90 1.77 33.96 31.05
CA GLN H 90 2.93 34.82 30.86
C GLN H 90 3.29 34.93 29.39
N LEU H 91 3.14 33.83 28.64
CA LEU H 91 3.41 33.87 27.21
C LEU H 91 2.43 34.79 26.49
N LEU H 92 1.17 34.77 26.91
CA LEU H 92 0.16 35.64 26.30
C LEU H 92 0.40 37.09 26.69
N ALA H 93 0.78 37.34 27.95
CA ALA H 93 1.12 38.69 28.36
C ALA H 93 2.30 39.22 27.55
N SER H 94 3.32 38.40 27.34
CA SER H 94 4.44 38.82 26.52
C SER H 94 4.03 39.00 25.06
N LEU H 95 3.04 38.24 24.62
CA LEU H 95 2.50 38.44 23.27
C LEU H 95 1.86 39.81 23.13
N ARG H 96 0.99 40.16 24.08
CA ARG H 96 0.34 41.47 24.03
C ARG H 96 1.37 42.59 24.14
N ALA H 97 2.30 42.48 25.09
CA ALA H 97 3.33 43.49 25.24
C ALA H 97 4.17 43.63 23.97
N SER H 98 4.46 42.50 23.31
CA SER H 98 5.22 42.55 22.07
C SER H 98 4.41 43.20 20.96
N ILE H 99 3.09 43.01 20.96
CA ILE H 99 2.24 43.68 20.00
C ILE H 99 2.26 45.20 20.23
N LEU H 100 2.10 45.61 21.48
CA LEU H 100 2.13 47.03 21.83
C LEU H 100 3.47 47.66 21.47
N ALA H 101 4.54 46.88 21.50
CA ALA H 101 5.86 47.35 21.12
C ALA H 101 6.08 47.35 19.61
N ARG H 102 5.07 46.97 18.83
CA ARG H 102 5.17 46.89 17.36
C ARG H 102 6.29 45.96 16.93
N ASP H 103 6.54 44.92 17.73
CA ASP H 103 7.51 43.87 17.40
C ASP H 103 6.75 42.67 16.85
N CYS H 104 6.41 42.75 15.56
CA CYS H 104 5.56 41.72 14.96
C CYS H 104 6.28 40.38 14.82
N ALA H 105 7.61 40.40 14.67
CA ALA H 105 8.36 39.15 14.57
C ALA H 105 8.26 38.35 15.86
N ALA H 106 8.45 39.01 17.00
CA ALA H 106 8.37 38.30 18.28
C ALA H 106 6.96 37.79 18.53
N ALA H 107 5.95 38.59 18.20
CA ALA H 107 4.57 38.15 18.35
C ALA H 107 4.30 36.92 17.49
N ALA H 108 4.76 36.93 16.24
CA ALA H 108 4.59 35.76 15.38
C ALA H 108 5.31 34.55 15.95
N ALA H 109 6.46 34.76 16.59
CA ALA H 109 7.15 33.64 17.22
C ALA H 109 6.33 33.07 18.37
N ILE H 110 5.72 33.94 19.18
CA ILE H 110 4.91 33.46 20.30
C ILE H 110 3.69 32.71 19.78
N VAL H 111 3.08 33.23 18.71
CA VAL H 111 1.98 32.51 18.07
C VAL H 111 2.44 31.14 17.63
N PHE H 112 3.63 31.04 17.04
CA PHE H 112 4.20 29.75 16.69
C PHE H 112 4.27 28.85 17.92
N LEU H 113 4.76 29.37 19.03
CA LEU H 113 4.95 28.54 20.21
C LEU H 113 3.63 28.02 20.77
N VAL H 114 2.60 28.87 20.80
CA VAL H 114 1.33 28.47 21.41
C VAL H 114 0.37 27.85 20.42
N ASP H 115 0.73 27.76 19.14
CA ASP H 115 -0.21 27.31 18.13
C ASP H 115 -0.78 25.93 18.45
N ARG H 116 0.10 24.97 18.74
CA ARG H 116 -0.35 23.60 18.95
C ARG H 116 -1.25 23.49 20.19
N PHE H 117 -0.82 24.09 21.30
CA PHE H 117 -1.62 24.06 22.52
C PHE H 117 -2.98 24.69 22.29
N LEU H 118 -3.02 25.83 21.59
CA LEU H 118 -4.30 26.49 21.36
C LEU H 118 -5.18 25.70 20.40
N TYR H 119 -4.57 24.95 19.48
CA TYR H 119 -5.35 24.00 18.69
C TYR H 119 -5.93 22.93 19.60
N GLY H 120 -5.18 22.51 20.61
CA GLY H 120 -5.72 21.63 21.62
C GLY H 120 -6.87 22.25 22.39
N LEU H 121 -6.92 23.58 22.45
CA LEU H 121 -7.99 24.27 23.15
C LEU H 121 -9.11 24.76 22.24
N ASP H 122 -9.04 24.46 20.94
CA ASP H 122 -10.05 24.87 19.97
C ASP H 122 -10.19 26.40 19.92
N VAL H 123 -9.06 27.10 19.88
CA VAL H 123 -9.05 28.55 19.77
C VAL H 123 -8.13 28.96 18.63
N SER H 124 -7.92 28.05 17.68
CA SER H 124 -7.01 28.33 16.58
C SER H 124 -7.54 29.44 15.68
N GLY H 125 -8.85 29.61 15.59
CA GLY H 125 -9.41 30.65 14.74
C GLY H 125 -9.01 32.04 15.20
N LYS H 126 -9.13 32.29 16.51
CA LYS H 126 -8.79 33.60 17.03
C LYS H 126 -7.31 33.88 16.87
N LEU H 127 -6.47 32.88 17.17
CA LEU H 127 -5.03 33.01 17.01
C LEU H 127 -4.66 33.32 15.57
N LEU H 128 -5.30 32.64 14.61
CA LEU H 128 -5.02 32.91 13.22
C LEU H 128 -5.53 34.28 12.80
N GLN H 129 -6.59 34.77 13.45
CA GLN H 129 -7.00 36.15 13.23
C GLN H 129 -5.90 37.10 13.69
N VAL H 130 -5.26 36.78 14.82
CA VAL H 130 -4.11 37.57 15.25
C VAL H 130 -2.98 37.51 14.23
N ALA H 131 -2.70 36.33 13.69
CA ALA H 131 -1.63 36.21 12.70
C ALA H 131 -1.92 37.04 11.46
N LYS H 132 -3.15 36.94 10.93
CA LYS H 132 -3.48 37.72 9.74
C LYS H 132 -3.43 39.22 10.04
N GLY H 133 -3.85 39.61 11.24
CA GLY H 133 -3.72 41.01 11.62
C GLY H 133 -2.27 41.47 11.63
N LEU H 134 -1.38 40.64 12.17
CA LEU H 134 0.05 40.94 12.10
C LEU H 134 0.49 41.13 10.66
N HIS H 135 0.06 40.24 9.76
CA HIS H 135 0.45 40.40 8.37
C HIS H 135 -0.12 41.68 7.78
N LYS H 136 -1.28 42.14 8.26
CA LYS H 136 -1.81 43.42 7.82
C LYS H 136 -0.95 44.57 8.32
N LEU H 137 -0.40 44.44 9.53
CA LEU H 137 0.48 45.48 10.05
C LEU H 137 1.78 45.55 9.27
N GLN H 138 2.55 44.45 9.28
CA GLN H 138 3.85 44.39 8.63
C GLN H 138 3.87 43.18 7.71
N PRO H 139 3.60 43.36 6.42
CA PRO H 139 3.46 42.19 5.53
C PRO H 139 4.73 41.36 5.40
N ALA H 140 5.89 41.91 5.74
CA ALA H 140 7.13 41.14 5.67
C ALA H 140 7.33 40.22 6.87
N THR H 141 6.46 40.28 7.86
CA THR H 141 6.61 39.46 9.06
C THR H 141 6.59 37.98 8.71
N PRO H 142 7.64 37.22 9.02
CA PRO H 142 7.61 35.78 8.71
C PRO H 142 6.69 35.04 9.66
N ILE H 143 5.86 34.17 9.10
CA ILE H 143 4.90 33.38 9.86
C ILE H 143 5.22 31.91 9.66
N ALA H 144 5.26 31.16 10.75
CA ALA H 144 5.69 29.77 10.69
C ALA H 144 4.74 28.94 9.83
N PRO H 145 5.24 27.99 9.06
CA PRO H 145 4.36 27.11 8.29
C PRO H 145 3.38 26.32 9.14
N GLN H 146 3.73 25.98 10.37
CA GLN H 146 2.82 25.23 11.23
C GLN H 146 1.50 25.96 11.41
N VAL H 147 1.52 27.29 11.45
CA VAL H 147 0.27 28.02 11.63
C VAL H 147 -0.50 28.05 10.31
N VAL H 148 0.19 28.16 9.18
CA VAL H 148 -0.47 28.08 7.88
C VAL H 148 -1.22 26.76 7.75
N ILE H 149 -0.52 25.64 8.00
CA ILE H 149 -1.18 24.35 7.97
C ILE H 149 -2.27 24.28 9.02
N ARG H 150 -2.11 25.01 10.14
CA ARG H 150 -3.19 25.06 11.12
C ARG H 150 -4.45 25.66 10.52
N GLN H 151 -4.31 26.75 9.77
CA GLN H 151 -5.42 27.32 9.03
C GLN H 151 -6.03 26.28 8.11
N ALA H 152 -5.19 25.52 7.41
CA ALA H 152 -5.71 24.45 6.58
C ALA H 152 -6.52 23.46 7.42
N ARG H 153 -6.02 23.14 8.63
CA ARG H 153 -6.68 22.15 9.47
C ARG H 153 -8.07 22.59 9.84
N ILE H 154 -8.22 23.84 10.33
CA ILE H 154 -9.56 24.27 10.70
C ILE H 154 -10.43 24.35 9.46
N SER H 155 -9.83 24.62 8.29
CA SER H 155 -10.62 24.60 7.07
C SER H 155 -11.19 23.22 6.80
N VAL H 156 -10.40 22.16 7.01
CA VAL H 156 -10.96 20.82 6.86
C VAL H 156 -12.02 20.54 7.90
N ASN H 157 -11.73 20.91 9.17
CA ASN H 157 -12.71 20.65 10.23
C ASN H 157 -14.02 21.36 10.00
N SER H 158 -14.02 22.45 9.24
CA SER H 158 -15.23 23.19 8.92
C SER H 158 -15.87 22.73 7.61
N GLY H 159 -15.25 21.80 6.90
CA GLY H 159 -15.78 21.35 5.62
C GLY H 159 -15.36 22.20 4.45
N LYS H 160 -14.48 23.17 4.64
CA LYS H 160 -13.97 24.00 3.54
C LYS H 160 -12.80 23.29 2.87
N LEU H 161 -13.14 22.26 2.11
CA LEU H 161 -12.13 21.37 1.56
C LEU H 161 -11.29 22.06 0.49
N LEU H 162 -11.95 22.79 -0.41
CA LEU H 162 -11.21 23.46 -1.48
C LEU H 162 -10.30 24.56 -0.95
N LYS H 163 -10.72 25.26 0.11
CA LYS H 163 -9.87 26.28 0.70
C LYS H 163 -8.61 25.67 1.30
N ALA H 164 -8.78 24.66 2.16
CA ALA H 164 -7.63 23.97 2.72
C ALA H 164 -6.75 23.40 1.62
N GLU H 165 -7.37 22.95 0.53
CA GLU H 165 -6.62 22.37 -0.57
C GLU H 165 -5.86 23.44 -1.34
N TYR H 166 -6.36 24.68 -1.33
CA TYR H 166 -5.60 25.78 -1.90
C TYR H 166 -4.36 26.05 -1.07
N ILE H 167 -4.50 26.07 0.26
CA ILE H 167 -3.33 26.26 1.12
C ILE H 167 -2.32 25.14 0.93
N LEU H 168 -2.77 23.90 1.18
CA LEU H 168 -1.87 22.75 1.11
C LEU H 168 -1.27 22.61 -0.28
N SER H 169 -2.10 22.71 -1.31
CA SER H 169 -1.61 22.57 -2.68
C SER H 169 -0.63 23.69 -3.03
N SER H 170 -0.85 24.89 -2.50
CA SER H 170 0.11 25.97 -2.72
C SER H 170 1.45 25.61 -2.10
N LEU H 171 1.45 25.02 -0.91
CA LEU H 171 2.71 24.63 -0.30
C LEU H 171 3.37 23.48 -1.07
N ILE H 172 2.60 22.47 -1.44
CA ILE H 172 3.16 21.28 -2.07
C ILE H 172 3.70 21.61 -3.45
N SER H 173 2.86 22.20 -4.31
CA SER H 173 3.26 22.46 -5.70
C SER H 173 4.32 23.53 -5.80
N ASN H 174 4.63 24.24 -4.72
CA ASN H 174 5.63 25.30 -4.72
C ASN H 174 6.71 25.00 -3.69
N ASN H 175 7.00 23.71 -3.47
CA ASN H 175 8.10 23.24 -2.63
C ASN H 175 8.09 23.91 -1.25
N GLY H 176 6.89 24.02 -0.68
CA GLY H 176 6.73 24.57 0.65
C GLY H 176 7.00 26.05 0.78
N ALA H 177 7.06 26.77 -0.33
CA ALA H 177 7.28 28.21 -0.28
C ALA H 177 6.02 28.92 0.19
N THR H 178 6.17 29.78 1.19
CA THR H 178 5.03 30.54 1.71
C THR H 178 5.53 31.86 2.28
N GLY H 179 4.89 32.95 1.86
CA GLY H 179 5.18 34.25 2.45
C GLY H 179 6.66 34.59 2.37
N THR H 180 7.21 35.00 3.51
CA THR H 180 8.62 35.33 3.63
C THR H 180 9.37 34.33 4.49
N TRP H 181 8.92 33.08 4.53
CA TRP H 181 9.57 32.08 5.36
C TRP H 181 10.72 31.42 4.62
N LEU H 182 11.84 31.25 5.32
CA LEU H 182 13.05 30.66 4.77
C LEU H 182 13.34 29.36 5.52
N TYR H 183 13.45 28.27 4.79
CA TYR H 183 13.71 26.98 5.39
C TYR H 183 15.22 26.85 5.45
N ARG H 184 15.77 26.46 6.58
CA ARG H 184 17.21 26.36 6.68
C ARG H 184 17.74 25.37 5.70
N ASN H 185 17.10 24.21 5.70
CA ASN H 185 17.60 23.08 4.92
C ASN H 185 16.53 22.67 3.93
N GLU H 186 16.91 21.87 2.95
CA GLU H 186 15.97 21.41 1.94
C GLU H 186 15.06 20.29 2.44
N SER H 187 15.47 19.57 3.49
CA SER H 187 14.67 18.45 3.96
C SER H 187 13.42 18.88 4.73
N ASP H 188 13.49 20.00 5.44
CA ASP H 188 12.30 20.50 6.14
C ASP H 188 11.19 20.82 5.16
N LYS H 189 11.53 21.24 3.94
CA LYS H 189 10.52 21.40 2.91
C LYS H 189 9.83 20.08 2.62
N VAL H 190 10.60 18.99 2.60
CA VAL H 190 9.99 17.67 2.44
C VAL H 190 9.12 17.34 3.64
N LEU H 191 9.49 17.82 4.84
CA LEU H 191 8.67 17.57 6.02
C LEU H 191 7.32 18.25 5.92
N VAL H 192 7.31 19.56 5.65
CA VAL H 192 6.05 20.27 5.49
C VAL H 192 5.23 19.65 4.35
N GLN H 193 5.88 19.28 3.25
CA GLN H 193 5.15 18.61 2.19
C GLN H 193 4.53 17.31 2.70
N SER H 194 5.22 16.60 3.58
CA SER H 194 4.71 15.32 4.06
C SER H 194 3.50 15.51 4.96
N VAL H 195 3.56 16.47 5.89
CA VAL H 195 2.38 16.74 6.72
C VAL H 195 1.22 17.19 5.85
N CYS H 196 1.49 18.03 4.84
CA CYS H 196 0.43 18.49 3.97
C CYS H 196 -0.21 17.32 3.22
N ILE H 197 0.61 16.37 2.78
CA ILE H 197 0.08 15.20 2.09
C ILE H 197 -0.75 14.35 3.05
N GLN H 198 -0.30 14.21 4.29
CA GLN H 198 -1.09 13.52 5.30
C GLN H 198 -2.45 14.16 5.48
N ILE H 199 -2.50 15.49 5.57
CA ILE H 199 -3.77 16.17 5.79
C ILE H 199 -4.66 16.05 4.56
N ARG H 200 -4.07 16.08 3.36
CA ARG H 200 -4.85 15.79 2.17
C ARG H 200 -5.43 14.38 2.25
N GLY H 201 -4.65 13.43 2.74
CA GLY H 201 -5.18 12.11 3.00
C GLY H 201 -6.38 12.16 3.92
N GLN H 202 -6.33 13.01 4.95
CA GLN H 202 -7.48 13.19 5.82
C GLN H 202 -8.65 13.78 5.08
N ILE H 203 -8.38 14.64 4.10
CA ILE H 203 -9.46 15.21 3.29
C ILE H 203 -10.17 14.09 2.53
N LEU H 204 -9.39 13.20 1.92
CA LEU H 204 -10.00 12.09 1.21
C LEU H 204 -10.70 11.13 2.18
N GLN H 205 -10.18 11.02 3.41
CA GLN H 205 -10.86 10.22 4.42
C GLN H 205 -12.23 10.78 4.73
N LYS H 206 -12.32 12.10 4.92
CA LYS H 206 -13.60 12.74 5.17
C LYS H 206 -14.56 12.54 4.01
N LEU H 207 -14.03 12.34 2.80
CA LEU H 207 -14.84 12.10 1.62
C LEU H 207 -15.16 10.63 1.40
N GLY H 208 -14.71 9.74 2.30
CA GLY H 208 -15.02 8.33 2.15
C GLY H 208 -14.32 7.63 1.01
N MET H 209 -13.32 8.28 0.40
CA MET H 209 -12.52 7.65 -0.66
C MET H 209 -11.37 6.91 0.01
N TRP H 210 -11.68 5.71 0.50
CA TRP H 210 -10.79 5.02 1.42
C TRP H 210 -9.47 4.63 0.76
N TYR H 211 -9.54 4.11 -0.48
CA TYR H 211 -8.34 3.66 -1.17
C TYR H 211 -7.35 4.80 -1.36
N GLU H 212 -7.80 5.89 -1.98
CA GLU H 212 -6.92 7.01 -2.26
C GLU H 212 -6.44 7.68 -0.98
N ALA H 213 -7.28 7.73 0.05
CA ALA H 213 -6.85 8.24 1.34
C ALA H 213 -5.70 7.41 1.90
N ALA H 214 -5.84 6.09 1.83
CA ALA H 214 -4.77 5.20 2.26
C ALA H 214 -3.50 5.43 1.45
N GLU H 215 -3.64 5.69 0.15
CA GLU H 215 -2.47 5.98 -0.67
C GLU H 215 -1.77 7.23 -0.22
N LEU H 216 -2.52 8.30 0.06
CA LEU H 216 -1.91 9.54 0.51
C LEU H 216 -1.24 9.36 1.86
N ILE H 217 -1.86 8.60 2.76
CA ILE H 217 -1.23 8.35 4.06
C ILE H 217 0.06 7.57 3.87
N TRP H 218 0.05 6.59 2.97
CA TRP H 218 1.28 5.86 2.63
C TRP H 218 2.35 6.82 2.14
N ALA H 219 1.97 7.74 1.25
CA ALA H 219 2.91 8.75 0.77
C ALA H 219 3.45 9.59 1.92
N SER H 220 2.60 9.94 2.89
CA SER H 220 3.06 10.72 4.03
C SER H 220 4.06 9.95 4.86
N ILE H 221 3.86 8.64 4.99
CA ILE H 221 4.81 7.81 5.72
C ILE H 221 6.14 7.76 4.98
N VAL H 222 6.10 7.56 3.66
CA VAL H 222 7.33 7.58 2.86
C VAL H 222 8.05 8.91 3.06
N GLY H 223 7.30 10.02 3.01
CA GLY H 223 7.92 11.32 3.18
C GLY H 223 8.54 11.48 4.55
N TYR H 224 7.87 10.98 5.59
CA TYR H 224 8.45 11.03 6.93
C TYR H 224 9.74 10.23 7.00
N LEU H 225 9.78 9.10 6.31
CA LEU H 225 10.98 8.28 6.34
C LEU H 225 12.11 8.81 5.46
N ALA H 226 11.81 9.61 4.44
CA ALA H 226 12.85 10.04 3.51
C ALA H 226 13.72 11.19 4.02
N LEU H 227 13.42 11.76 5.18
CA LEU H 227 14.29 12.81 5.66
C LEU H 227 15.32 12.22 6.62
N PRO H 228 16.44 12.93 6.86
CA PRO H 228 17.49 12.40 7.76
C PRO H 228 17.01 11.77 9.06
N GLN H 229 16.22 12.45 9.87
CA GLN H 229 15.68 11.85 11.10
C GLN H 229 14.18 11.72 11.00
N PRO H 230 13.65 10.55 10.67
CA PRO H 230 12.22 10.39 10.48
C PRO H 230 11.39 10.87 11.67
N ASP H 231 10.21 11.39 11.37
CA ASP H 231 9.31 11.99 12.35
C ASP H 231 8.49 10.87 12.99
N LYS H 232 8.89 10.45 14.19
CA LYS H 232 8.16 9.39 14.87
C LYS H 232 6.76 9.84 15.24
N LYS H 233 6.58 11.11 15.58
CA LYS H 233 5.24 11.64 15.86
C LYS H 233 4.37 11.59 14.62
N GLY H 234 4.87 12.13 13.51
CA GLY H 234 4.10 12.10 12.28
C GLY H 234 3.82 10.68 11.82
N LEU H 235 4.78 9.78 12.00
CA LEU H 235 4.55 8.38 11.66
C LEU H 235 3.44 7.79 12.52
N SER H 236 3.42 8.12 13.82
CA SER H 236 2.34 7.65 14.68
C SER H 236 1.00 8.15 14.18
N THR H 237 0.91 9.44 13.85
CA THR H 237 -0.34 10.00 13.35
C THR H 237 -0.79 9.28 12.09
N SER H 238 0.12 9.15 11.12
CA SER H 238 -0.24 8.52 9.85
C SER H 238 -0.64 7.07 10.06
N LEU H 239 -0.03 6.37 11.03
CA LEU H 239 -0.43 5.01 11.30
C LEU H 239 -1.83 4.95 11.90
N GLY H 240 -2.16 5.89 12.79
CA GLY H 240 -3.51 5.93 13.32
C GLY H 240 -4.55 6.19 12.25
N ILE H 241 -4.28 7.19 11.40
CA ILE H 241 -5.21 7.51 10.32
C ILE H 241 -5.36 6.31 9.38
N LEU H 242 -4.24 5.69 9.03
CA LEU H 242 -4.30 4.51 8.17
C LEU H 242 -5.11 3.40 8.81
N ALA H 243 -5.00 3.24 10.12
CA ALA H 243 -5.80 2.24 10.82
C ALA H 243 -7.28 2.55 10.69
N ASP H 244 -7.67 3.80 10.98
CA ASP H 244 -9.07 4.18 10.83
C ASP H 244 -9.57 3.93 9.42
N ILE H 245 -8.75 4.24 8.42
CA ILE H 245 -9.12 4.01 7.03
C ILE H 245 -9.33 2.51 6.79
N PHE H 246 -8.43 1.69 7.34
CA PHE H 246 -8.57 0.24 7.20
C PHE H 246 -9.88 -0.24 7.81
N VAL H 247 -10.27 0.32 8.96
CA VAL H 247 -11.54 -0.05 9.56
C VAL H 247 -12.70 0.33 8.65
N SER H 248 -12.63 1.53 8.07
CA SER H 248 -13.71 1.99 7.21
C SER H 248 -13.73 1.31 5.86
N MET H 249 -12.61 0.70 5.45
CA MET H 249 -12.53 0.08 4.13
C MET H 249 -13.45 -1.13 4.02
N SER H 250 -13.87 -1.41 2.79
CA SER H 250 -14.44 -2.70 2.49
C SER H 250 -13.31 -3.72 2.29
N LYS H 251 -13.70 -4.98 2.12
CA LYS H 251 -12.69 -6.01 1.89
C LYS H 251 -12.08 -5.89 0.50
N ASN H 252 -12.86 -5.48 -0.49
CA ASN H 252 -12.31 -5.27 -1.82
C ASN H 252 -11.34 -4.09 -1.83
N ASP H 253 -11.64 -3.04 -1.06
CA ASP H 253 -10.73 -1.91 -0.95
C ASP H 253 -9.40 -2.34 -0.35
N TYR H 254 -9.45 -3.07 0.77
CA TYR H 254 -8.23 -3.51 1.41
C TYR H 254 -7.48 -4.53 0.57
N GLU H 255 -8.19 -5.26 -0.28
CA GLU H 255 -7.52 -6.21 -1.17
C GLU H 255 -6.78 -5.49 -2.28
N LYS H 256 -7.45 -4.54 -2.94
CA LYS H 256 -6.80 -3.78 -3.99
C LYS H 256 -5.64 -2.96 -3.44
N PHE H 257 -5.74 -2.52 -2.19
CA PHE H 257 -4.63 -1.80 -1.58
C PHE H 257 -3.49 -2.73 -1.22
N LYS H 258 -3.81 -3.93 -0.72
CA LYS H 258 -2.76 -4.85 -0.31
C LYS H 258 -2.04 -5.44 -1.50
N ASN H 259 -2.76 -5.68 -2.60
CA ASN H 259 -2.18 -6.29 -3.78
C ASN H 259 -1.47 -5.27 -4.66
N ASN H 260 -1.30 -4.05 -4.19
CA ASN H 260 -0.56 -3.04 -4.91
C ASN H 260 0.89 -3.14 -4.48
N PRO H 261 1.81 -3.58 -5.34
CA PRO H 261 3.19 -3.85 -4.88
C PRO H 261 3.95 -2.58 -4.52
N GLN H 262 3.43 -1.40 -4.86
CA GLN H 262 4.05 -0.16 -4.45
C GLN H 262 3.97 0.08 -2.95
N ILE H 263 3.26 -0.77 -2.21
CA ILE H 263 3.01 -0.56 -0.79
C ILE H 263 3.86 -1.56 -0.03
N ASN H 264 5.02 -1.11 0.46
CA ASN H 264 5.98 -1.99 1.12
C ASN H 264 5.85 -1.90 2.64
N LEU H 265 4.64 -2.19 3.13
CA LEU H 265 4.37 -2.21 4.56
C LEU H 265 4.46 -3.64 5.10
N SER H 266 5.24 -3.82 6.16
CA SER H 266 5.33 -5.13 6.79
C SER H 266 3.96 -5.57 7.29
N LEU H 267 3.22 -4.66 7.91
CA LEU H 267 1.87 -4.97 8.38
C LEU H 267 0.92 -5.30 7.24
N LEU H 268 1.21 -4.82 6.04
CA LEU H 268 0.32 -5.08 4.91
C LEU H 268 0.38 -6.55 4.48
N LYS H 269 1.55 -6.99 3.99
CA LYS H 269 1.67 -8.38 3.59
C LYS H 269 1.62 -9.33 4.79
N GLU H 270 1.97 -8.84 5.98
CA GLU H 270 2.01 -9.71 7.16
C GLU H 270 0.62 -10.22 7.52
N PHE H 271 -0.41 -9.38 7.37
CA PHE H 271 -1.77 -9.72 7.74
C PHE H 271 -2.69 -9.62 6.53
N ASP H 272 -3.69 -10.49 6.49
CA ASP H 272 -4.59 -10.55 5.35
C ASP H 272 -5.98 -10.00 5.66
N HIS H 273 -6.28 -9.69 6.92
CA HIS H 273 -7.56 -9.11 7.29
C HIS H 273 -7.37 -7.65 7.67
N HIS H 274 -8.26 -6.79 7.18
CA HIS H 274 -8.07 -5.36 7.37
C HIS H 274 -8.13 -4.96 8.84
N LEU H 275 -8.92 -5.67 9.65
CA LEU H 275 -8.92 -5.35 11.07
C LEU H 275 -7.60 -5.77 11.73
N LEU H 276 -6.97 -6.82 11.23
CA LEU H 276 -5.69 -7.23 11.78
C LEU H 276 -4.58 -6.29 11.36
N SER H 277 -4.58 -5.88 10.08
CA SER H 277 -3.65 -4.84 9.63
C SER H 277 -3.84 -3.56 10.42
N ALA H 278 -5.09 -3.17 10.67
CA ALA H 278 -5.38 -1.99 11.46
C ALA H 278 -4.85 -2.15 12.87
N ALA H 279 -5.06 -3.32 13.47
CA ALA H 279 -4.56 -3.57 14.81
C ALA H 279 -3.05 -3.45 14.88
N GLU H 280 -2.35 -3.97 13.86
CA GLU H 280 -0.90 -3.83 13.83
C GLU H 280 -0.48 -2.38 13.66
N ALA H 281 -1.15 -1.65 12.76
CA ALA H 281 -0.84 -0.24 12.57
C ALA H 281 -1.03 0.54 13.86
N CYS H 282 -2.06 0.20 14.64
CA CYS H 282 -2.24 0.83 15.94
C CYS H 282 -1.14 0.42 16.90
N LYS H 283 -0.72 -0.84 16.84
CA LYS H 283 0.39 -1.31 17.64
C LYS H 283 1.65 -0.49 17.40
N LEU H 284 1.99 -0.30 16.13
CA LEU H 284 3.17 0.49 15.79
C LEU H 284 2.98 1.95 16.18
N ALA H 285 1.80 2.52 15.89
CA ALA H 285 1.55 3.92 16.21
C ALA H 285 1.71 4.18 17.70
N ALA H 286 1.18 3.29 18.53
CA ALA H 286 1.37 3.44 19.97
C ALA H 286 2.82 3.24 20.36
N ALA H 287 3.54 2.36 19.65
CA ALA H 287 4.94 2.15 19.96
C ALA H 287 5.77 3.40 19.70
N PHE H 288 5.50 4.09 18.60
CA PHE H 288 6.31 5.24 18.23
C PHE H 288 6.02 6.48 19.05
N SER H 289 4.95 6.48 19.84
CA SER H 289 4.63 7.58 20.73
C SER H 289 4.52 7.08 22.17
N ALA H 290 5.43 6.18 22.56
CA ALA H 290 5.35 5.51 23.85
C ALA H 290 5.49 6.46 25.03
N TYR H 291 5.92 7.70 24.81
CA TYR H 291 6.09 8.66 25.89
C TYR H 291 5.01 9.72 25.93
N THR H 292 4.03 9.67 25.02
CA THR H 292 2.88 10.55 25.04
C THR H 292 1.64 9.69 25.34
N PRO H 293 1.17 9.63 26.58
CA PRO H 293 0.18 8.62 26.95
C PRO H 293 -1.15 8.74 26.23
N LEU H 294 -1.55 9.94 25.84
CA LEU H 294 -2.86 10.12 25.21
C LEU H 294 -2.94 9.35 23.89
N PHE H 295 -1.95 9.54 23.02
CA PHE H 295 -2.01 8.89 21.71
C PHE H 295 -1.80 7.40 21.83
N VAL H 296 -1.06 6.96 22.86
CA VAL H 296 -1.01 5.53 23.17
C VAL H 296 -2.39 5.01 23.52
N LEU H 297 -3.13 5.76 24.34
CA LEU H 297 -4.45 5.30 24.75
C LEU H 297 -5.41 5.24 23.56
N THR H 298 -5.39 6.25 22.70
CA THR H 298 -6.28 6.23 21.53
C THR H 298 -5.90 5.10 20.59
N ALA H 299 -4.61 4.98 20.27
CA ALA H 299 -4.17 3.94 19.34
C ALA H 299 -4.51 2.55 19.86
N VAL H 300 -4.18 2.29 21.11
CA VAL H 300 -4.44 0.97 21.67
C VAL H 300 -5.92 0.73 21.83
N ASN H 301 -6.71 1.80 22.02
CA ASN H 301 -8.15 1.66 22.00
C ASN H 301 -8.64 1.16 20.65
N ILE H 302 -8.17 1.77 19.57
CA ILE H 302 -8.58 1.34 18.24
C ILE H 302 -8.12 -0.10 17.99
N ARG H 303 -6.92 -0.44 18.45
CA ARG H 303 -6.43 -1.81 18.24
C ARG H 303 -7.32 -2.81 18.97
N GLY H 304 -7.59 -2.56 20.25
CA GLY H 304 -8.44 -3.47 21.00
C GLY H 304 -9.83 -3.60 20.40
N THR H 305 -10.39 -2.49 19.91
CA THR H 305 -11.67 -2.57 19.23
C THR H 305 -11.59 -3.45 18.00
N CYS H 306 -10.52 -3.31 17.21
CA CYS H 306 -10.34 -4.15 16.04
C CYS H 306 -10.26 -5.61 16.42
N LEU H 307 -9.49 -5.92 17.47
CA LEU H 307 -9.34 -7.31 17.88
C LEU H 307 -10.65 -7.89 18.38
N LEU H 308 -11.44 -7.08 19.08
CA LEU H 308 -12.77 -7.50 19.47
C LEU H 308 -13.64 -7.80 18.27
N SER H 309 -13.60 -6.92 17.26
CA SER H 309 -14.45 -7.12 16.09
C SER H 309 -14.04 -8.36 15.32
N TYR H 310 -12.73 -8.62 15.21
CA TYR H 310 -12.28 -9.78 14.47
C TYR H 310 -12.52 -11.07 15.25
N SER H 311 -12.41 -11.00 16.57
CA SER H 311 -12.56 -12.20 17.38
C SER H 311 -13.94 -12.81 17.20
N SER H 312 -14.97 -11.98 17.10
CA SER H 312 -16.32 -12.48 16.88
C SER H 312 -16.60 -12.78 15.41
N SER H 313 -15.70 -12.41 14.50
CA SER H 313 -15.96 -12.56 13.09
C SER H 313 -15.90 -14.03 12.67
N ASN H 314 -16.60 -14.34 11.58
CA ASN H 314 -16.56 -15.67 11.00
C ASN H 314 -15.26 -15.96 10.25
N ASP H 315 -14.47 -14.93 9.94
CA ASP H 315 -13.18 -15.13 9.31
C ASP H 315 -12.11 -15.58 10.30
N CYS H 316 -12.41 -15.53 11.60
CA CYS H 316 -11.44 -15.94 12.60
C CYS H 316 -11.63 -17.41 12.94
N PRO H 317 -10.60 -18.24 12.80
CA PRO H 317 -10.70 -19.65 13.23
C PRO H 317 -10.94 -19.73 14.72
N PRO H 318 -11.81 -20.64 15.16
CA PRO H 318 -12.17 -20.68 16.60
C PRO H 318 -11.02 -20.94 17.52
N GLU H 319 -9.91 -21.50 17.02
CA GLU H 319 -8.75 -21.73 17.86
C GLU H 319 -8.08 -20.43 18.27
N LEU H 320 -8.22 -19.38 17.45
CA LEU H 320 -7.54 -18.12 17.69
C LEU H 320 -8.43 -17.10 18.38
N LYS H 321 -9.67 -17.45 18.71
CA LYS H 321 -10.57 -16.48 19.34
C LYS H 321 -10.09 -16.13 20.73
N ASN H 322 -9.75 -17.13 21.55
CA ASN H 322 -9.17 -16.85 22.86
C ASN H 322 -7.90 -16.03 22.73
N LEU H 323 -7.09 -16.32 21.70
CA LEU H 323 -5.86 -15.59 21.48
C LEU H 323 -6.13 -14.11 21.24
N HIS H 324 -6.91 -13.80 20.20
CA HIS H 324 -7.18 -12.40 19.85
C HIS H 324 -7.93 -11.68 20.96
N LEU H 325 -8.81 -12.38 21.67
CA LEU H 325 -9.45 -11.78 22.82
C LEU H 325 -8.45 -11.44 23.90
N CYS H 326 -7.42 -12.28 24.08
CA CYS H 326 -6.37 -11.95 25.04
C CYS H 326 -5.54 -10.76 24.57
N GLU H 327 -5.33 -10.65 23.26
CA GLU H 327 -4.61 -9.50 22.73
C GLU H 327 -5.42 -8.22 22.96
N ALA H 328 -6.73 -8.26 22.74
CA ALA H 328 -7.57 -7.12 23.03
C ALA H 328 -7.56 -6.81 24.52
N LYS H 329 -7.63 -7.85 25.36
CA LYS H 329 -7.58 -7.66 26.81
C LYS H 329 -6.32 -6.90 27.23
N GLU H 330 -5.16 -7.39 26.83
CA GLU H 330 -3.94 -6.68 27.18
C GLU H 330 -3.93 -5.27 26.58
N ALA H 331 -4.53 -5.10 25.40
CA ALA H 331 -4.59 -3.77 24.80
C ALA H 331 -5.34 -2.80 25.70
N PHE H 332 -6.59 -3.12 26.03
CA PHE H 332 -7.36 -2.24 26.90
C PHE H 332 -6.72 -2.10 28.27
N GLU H 333 -6.05 -3.14 28.76
CA GLU H 333 -5.33 -3.03 30.02
C GLU H 333 -4.28 -1.94 29.94
N ILE H 334 -3.51 -1.93 28.85
CA ILE H 334 -2.54 -0.86 28.63
C ILE H 334 -3.25 0.49 28.60
N GLY H 335 -4.37 0.55 27.88
CA GLY H 335 -5.12 1.80 27.81
C GLY H 335 -5.48 2.34 29.18
N LEU H 336 -5.98 1.47 30.06
CA LEU H 336 -6.29 1.90 31.42
C LEU H 336 -5.03 2.25 32.18
N LEU H 337 -3.91 1.62 31.82
CA LEU H 337 -2.62 1.92 32.45
C LEU H 337 -1.99 3.19 31.90
N THR H 338 -2.63 3.84 30.93
CA THR H 338 -2.11 5.11 30.41
C THR H 338 -1.90 6.13 31.53
N LYS H 339 -2.72 6.11 32.56
CA LYS H 339 -2.47 6.92 33.75
C LYS H 339 -2.97 6.21 35.00
N PRO H 344 -4.46 14.97 37.78
CA PRO H 344 -5.59 15.60 37.07
C PRO H 344 -5.60 15.24 35.60
N VAL H 345 -6.79 15.22 34.99
CA VAL H 345 -6.94 14.92 33.57
C VAL H 345 -7.68 16.07 32.91
N THR H 346 -7.02 16.73 31.96
CA THR H 346 -7.60 17.82 31.19
C THR H 346 -7.85 17.36 29.75
N GLY H 347 -8.92 17.88 29.15
CA GLY H 347 -9.26 17.54 27.79
C GLY H 347 -10.30 16.46 27.63
N LYS H 348 -11.37 16.79 26.90
CA LYS H 348 -12.50 15.87 26.73
C LYS H 348 -12.07 14.56 26.09
N GLN H 349 -11.26 14.64 25.03
CA GLN H 349 -10.86 13.46 24.27
C GLN H 349 -10.25 12.40 25.18
N GLU H 350 -9.39 12.80 26.11
CA GLU H 350 -8.72 11.85 26.98
C GLU H 350 -9.74 11.11 27.86
N LEU H 351 -10.68 11.85 28.45
CA LEU H 351 -11.70 11.21 29.26
C LEU H 351 -12.51 10.22 28.44
N HIS H 352 -12.99 10.65 27.27
CA HIS H 352 -13.78 9.77 26.42
C HIS H 352 -13.00 8.52 26.06
N SER H 353 -11.70 8.66 25.82
CA SER H 353 -10.88 7.49 25.51
C SER H 353 -10.74 6.57 26.70
N PHE H 354 -10.66 7.13 27.91
CA PHE H 354 -10.58 6.30 29.10
C PHE H 354 -11.85 5.47 29.28
N VAL H 355 -13.01 6.11 29.17
CA VAL H 355 -14.25 5.33 29.28
C VAL H 355 -14.34 4.31 28.15
N LYS H 356 -13.84 4.66 26.97
CA LYS H 356 -13.86 3.70 25.87
C LYS H 356 -13.01 2.48 26.21
N ALA H 357 -11.85 2.71 26.83
CA ALA H 357 -11.01 1.59 27.24
C ALA H 357 -11.69 0.74 28.31
N ALA H 358 -12.39 1.38 29.24
CA ALA H 358 -13.10 0.64 30.27
C ALA H 358 -14.19 -0.23 29.65
N PHE H 359 -15.00 0.36 28.76
CA PHE H 359 -16.01 -0.43 28.05
C PHE H 359 -15.37 -1.58 27.29
N GLY H 360 -14.19 -1.35 26.71
CA GLY H 360 -13.54 -2.42 25.96
C GLY H 360 -13.12 -3.58 26.85
N LEU H 361 -12.47 -3.26 27.97
CA LEU H 361 -12.03 -4.32 28.87
C LEU H 361 -13.22 -5.06 29.46
N THR H 362 -14.28 -4.33 29.83
CA THR H 362 -15.48 -4.97 30.31
C THR H 362 -16.07 -5.89 29.26
N THR H 363 -16.08 -5.44 28.00
CA THR H 363 -16.65 -6.25 26.93
C THR H 363 -15.86 -7.52 26.71
N VAL H 364 -14.52 -7.42 26.67
CA VAL H 364 -13.72 -8.63 26.45
C VAL H 364 -13.86 -9.58 27.64
N HIS H 365 -13.87 -9.05 28.86
CA HIS H 365 -14.09 -9.90 30.02
C HIS H 365 -15.44 -10.60 29.96
N ARG H 366 -16.44 -9.92 29.41
CA ARG H 366 -17.72 -10.59 29.17
C ARG H 366 -17.58 -11.64 28.07
N ARG H 367 -16.62 -11.46 27.15
CA ARG H 367 -16.43 -12.46 26.10
C ARG H 367 -15.72 -13.71 26.61
N LEU H 368 -14.88 -13.59 27.63
CA LEU H 368 -14.17 -14.76 28.11
C LEU H 368 -14.88 -15.48 29.26
N HIS H 369 -15.51 -14.75 30.17
CA HIS H 369 -16.09 -15.41 31.34
C HIS H 369 -17.58 -15.16 31.47
N GLY H 370 -18.33 -15.35 30.39
CA GLY H 370 -19.77 -15.23 30.44
C GLY H 370 -20.25 -13.93 31.04
N GLU H 371 -21.27 -14.04 31.88
CA GLU H 371 -21.90 -12.91 32.56
C GLU H 371 -21.73 -13.07 34.06
N THR H 372 -20.48 -12.98 34.53
CA THR H 372 -20.22 -13.08 35.95
C THR H 372 -20.70 -11.82 36.66
N GLY H 373 -20.53 -11.79 37.99
CA GLY H 373 -20.88 -10.60 38.74
C GLY H 373 -19.89 -9.48 38.52
N THR H 374 -18.64 -9.82 38.18
CA THR H 374 -17.63 -8.81 37.94
C THR H 374 -17.94 -7.99 36.70
N VAL H 375 -18.47 -8.64 35.65
CA VAL H 375 -18.83 -7.89 34.46
C VAL H 375 -20.07 -7.05 34.71
N HIS H 376 -20.93 -7.46 35.65
CA HIS H 376 -22.09 -6.65 35.99
C HIS H 376 -21.66 -5.40 36.75
N ALA H 377 -20.87 -5.57 37.80
CA ALA H 377 -20.39 -4.42 38.57
C ALA H 377 -19.57 -3.48 37.70
N ALA H 378 -18.64 -4.05 36.93
CA ALA H 378 -17.84 -3.25 36.02
C ALA H 378 -18.72 -2.55 34.98
N SER H 379 -19.79 -3.20 34.54
CA SER H 379 -20.71 -2.55 33.61
C SER H 379 -21.38 -1.35 34.27
N GLN H 380 -21.81 -1.51 35.52
CA GLN H 380 -22.41 -0.40 36.24
C GLN H 380 -21.42 0.75 36.37
N LEU H 381 -20.18 0.45 36.76
CA LEU H 381 -19.15 1.49 36.83
C LEU H 381 -18.96 2.17 35.49
N CYS H 382 -19.05 1.41 34.40
CA CYS H 382 -18.93 2.00 33.07
C CYS H 382 -20.08 2.96 32.79
N LYS H 383 -21.31 2.56 33.14
CA LYS H 383 -22.46 3.44 32.94
C LYS H 383 -22.33 4.73 33.74
N GLU H 384 -21.91 4.62 35.00
CA GLU H 384 -21.68 5.80 35.82
C GLU H 384 -20.62 6.71 35.20
N ALA H 385 -19.49 6.12 34.81
CA ALA H 385 -18.41 6.92 34.25
C ALA H 385 -18.83 7.62 32.97
N MET H 386 -19.65 6.96 32.14
CA MET H 386 -20.11 7.61 30.93
C MET H 386 -21.09 8.73 31.23
N GLY H 387 -22.05 8.49 32.12
CA GLY H 387 -23.00 9.54 32.48
C GLY H 387 -22.31 10.77 33.03
N LYS H 388 -21.47 10.59 34.05
CA LYS H 388 -20.73 11.72 34.60
C LYS H 388 -19.77 12.29 33.58
N LEU H 389 -19.33 11.47 32.62
CA LEU H 389 -18.44 11.95 31.57
C LEU H 389 -19.15 12.96 30.68
N TYR H 390 -20.34 12.60 30.19
CA TYR H 390 -21.08 13.51 29.33
C TYR H 390 -21.58 14.71 30.13
N ASN H 391 -21.88 14.52 31.42
CA ASN H 391 -22.15 15.66 32.29
C ASN H 391 -20.96 16.60 32.32
N PHE H 392 -19.75 16.05 32.36
CA PHE H 392 -18.54 16.87 32.27
C PHE H 392 -18.51 17.63 30.96
N SER H 393 -18.77 16.94 29.85
CA SER H 393 -18.69 17.58 28.53
C SER H 393 -19.72 18.70 28.40
N THR H 394 -20.88 18.54 29.03
CA THR H 394 -21.95 19.51 28.90
C THR H 394 -21.82 20.66 29.90
N SER H 395 -21.05 20.48 30.97
CA SER H 395 -20.90 21.52 31.97
C SER H 395 -20.07 22.68 31.43
N SER H 396 -20.42 23.89 31.89
CA SER H 396 -19.69 25.10 31.53
C SER H 396 -18.96 25.70 32.71
N ARG H 397 -19.15 25.17 33.92
CA ARG H 397 -18.50 25.65 35.12
C ARG H 397 -17.22 24.86 35.33
N SER H 398 -16.08 25.57 35.42
CA SER H 398 -14.79 24.91 35.49
C SER H 398 -14.70 23.97 36.70
N GLN H 399 -15.25 24.40 37.83
CA GLN H 399 -15.16 23.61 39.05
C GLN H 399 -15.93 22.30 38.91
N ASP H 400 -17.12 22.35 38.29
CA ASP H 400 -17.87 21.12 38.02
C ASP H 400 -17.07 20.18 37.14
N ARG H 401 -16.39 20.72 36.11
CA ARG H 401 -15.53 19.90 35.27
C ARG H 401 -14.42 19.26 36.09
N GLU H 402 -13.85 20.00 37.03
CA GLU H 402 -12.82 19.45 37.91
C GLU H 402 -13.37 18.29 38.72
N ALA H 403 -14.52 18.48 39.36
CA ALA H 403 -15.08 17.45 40.23
C ALA H 403 -15.45 16.21 39.44
N LEU H 404 -16.17 16.38 38.34
CA LEU H 404 -16.57 15.23 37.53
C LEU H 404 -15.38 14.51 36.93
N SER H 405 -14.32 15.25 36.58
CA SER H 405 -13.12 14.60 36.08
C SER H 405 -12.48 13.74 37.17
N GLN H 406 -12.33 14.30 38.37
CA GLN H 406 -11.76 13.54 39.47
C GLN H 406 -12.59 12.30 39.78
N GLU H 407 -13.92 12.44 39.81
CA GLU H 407 -14.77 11.31 40.14
C GLU H 407 -14.73 10.24 39.05
N VAL H 408 -14.67 10.66 37.78
CA VAL H 408 -14.59 9.70 36.69
C VAL H 408 -13.26 8.94 36.76
N MET H 409 -12.19 9.63 37.13
CA MET H 409 -10.91 8.94 37.30
C MET H 409 -10.95 8.00 38.50
N SER H 410 -11.71 8.34 39.54
CA SER H 410 -11.90 7.42 40.65
C SER H 410 -12.63 6.16 40.19
N VAL H 411 -13.68 6.33 39.38
CA VAL H 411 -14.42 5.20 38.86
C VAL H 411 -13.53 4.30 38.02
N ILE H 412 -12.79 4.90 37.08
CA ILE H 412 -11.96 4.06 36.21
C ILE H 412 -10.86 3.38 37.00
N ALA H 413 -10.33 4.04 38.04
CA ALA H 413 -9.38 3.37 38.93
C ALA H 413 -10.03 2.18 39.62
N GLN H 414 -11.28 2.35 40.04
CA GLN H 414 -12.01 1.24 40.66
C GLN H 414 -12.18 0.08 39.69
N VAL H 415 -12.42 0.39 38.41
CA VAL H 415 -12.52 -0.67 37.41
C VAL H 415 -11.17 -1.34 37.21
N LYS H 416 -10.08 -0.58 37.25
CA LYS H 416 -8.76 -1.17 37.15
C LYS H 416 -8.49 -2.13 38.30
N GLU H 417 -8.90 -1.75 39.51
CA GLU H 417 -8.70 -2.63 40.65
C GLU H 417 -9.66 -3.83 40.60
N HIS H 418 -10.81 -3.67 39.94
CA HIS H 418 -11.80 -4.75 39.88
C HIS H 418 -11.60 -5.70 38.72
N LEU H 419 -10.80 -5.35 37.72
CA LEU H 419 -10.64 -6.16 36.53
C LEU H 419 -9.22 -6.75 36.40
N GLN H 420 -8.60 -7.09 37.52
CA GLN H 420 -7.41 -7.94 37.53
C GLN H 420 -6.16 -7.25 36.97
N VAL H 421 -6.32 -6.10 36.32
CA VAL H 421 -5.19 -5.47 35.64
C VAL H 421 -4.09 -5.13 36.64
N GLN H 422 -2.84 -5.25 36.18
CA GLN H 422 -1.67 -4.99 37.01
C GLN H 422 -0.64 -4.24 36.17
N SER H 423 0.24 -3.53 36.86
CA SER H 423 1.31 -2.80 36.17
C SER H 423 2.20 -3.76 35.42
N PHE H 424 2.56 -3.31 34.22
CA PHE H 424 3.44 -3.98 33.29
C PHE H 424 4.73 -3.15 33.30
N SER H 425 5.88 -3.80 33.45
CA SER H 425 7.15 -3.09 33.53
C SER H 425 7.95 -3.25 32.24
N ASN H 426 8.50 -2.14 31.76
CA ASN H 426 9.30 -2.15 30.55
C ASN H 426 10.71 -1.66 30.84
N ASP H 429 11.52 3.07 33.34
CA ASP H 429 10.49 3.61 34.19
C ASP H 429 9.64 4.68 33.51
N ARG H 430 10.12 5.27 32.42
CA ARG H 430 9.45 6.39 31.77
C ARG H 430 8.57 5.99 30.60
N SER H 431 8.70 4.77 30.09
CA SER H 431 7.90 4.34 28.95
C SER H 431 6.53 3.86 29.41
N TYR H 432 5.52 4.16 28.60
CA TYR H 432 4.15 3.75 28.89
C TYR H 432 3.72 2.55 28.05
N VAL H 433 4.64 1.87 27.40
CA VAL H 433 4.28 0.72 26.56
C VAL H 433 5.06 -0.51 27.03
N PRO H 434 4.51 -1.71 26.88
CA PRO H 434 5.26 -2.92 27.23
C PRO H 434 6.38 -3.22 26.24
N GLU H 435 7.28 -4.09 26.70
CA GLU H 435 8.43 -4.49 25.89
C GLU H 435 8.00 -5.23 24.62
N SER H 436 6.86 -5.92 24.67
CA SER H 436 6.36 -6.63 23.50
C SER H 436 6.21 -5.72 22.28
N PHE H 437 5.93 -4.45 22.51
CA PHE H 437 5.79 -3.49 21.43
C PHE H 437 7.16 -2.99 21.02
N GLU H 438 7.81 -3.74 20.13
CA GLU H 438 9.13 -3.35 19.64
C GLU H 438 9.02 -2.06 18.84
N CYS H 439 10.06 -1.23 18.93
CA CYS H 439 10.05 0.10 18.35
C CYS H 439 11.33 0.30 17.54
N ARG H 440 11.20 0.26 16.22
CA ARG H 440 12.32 0.52 15.33
C ARG H 440 11.76 0.81 13.94
N LEU H 441 12.50 1.63 13.18
CA LEU H 441 12.02 2.12 11.90
C LEU H 441 12.45 1.26 10.73
N ASP H 442 13.08 0.12 10.97
CA ASP H 442 13.46 -0.76 9.88
C ASP H 442 12.39 -1.78 9.54
N LYS H 443 11.65 -2.25 10.55
CA LYS H 443 10.58 -3.24 10.42
C LYS H 443 9.36 -2.72 9.68
N LEU H 444 9.42 -1.58 9.00
CA LEU H 444 8.28 -1.05 8.27
C LEU H 444 8.32 -1.37 6.78
N ILE H 445 9.51 -1.59 6.22
CA ILE H 445 9.65 -1.87 4.80
C ILE H 445 10.01 -3.34 4.59
N ASN I 2 -32.37 41.50 39.35
CA ASN I 2 -31.47 42.39 38.64
C ASN I 2 -30.34 41.60 37.97
N ASN I 3 -30.73 40.69 37.09
CA ASN I 3 -29.80 39.86 36.36
C ASN I 3 -30.05 40.03 34.87
N GLN I 4 -28.96 39.99 34.09
CA GLN I 4 -29.10 40.24 32.66
C GLN I 4 -30.05 39.25 32.00
N LYS I 5 -29.93 37.97 32.34
CA LYS I 5 -30.77 36.97 31.70
C LYS I 5 -32.23 37.10 32.12
N VAL I 6 -32.49 37.33 33.41
CA VAL I 6 -33.86 37.49 33.86
C VAL I 6 -34.50 38.71 33.20
N VAL I 7 -33.81 39.85 33.21
CA VAL I 7 -34.35 41.07 32.62
C VAL I 7 -34.58 40.87 31.13
N ALA I 8 -33.65 40.18 30.45
CA ALA I 8 -33.82 39.91 29.03
C ALA I 8 -35.08 39.09 28.78
N VAL I 9 -35.31 38.07 29.60
CA VAL I 9 -36.50 37.25 29.40
C VAL I 9 -37.75 38.07 29.66
N LEU I 10 -37.72 38.94 30.66
CA LEU I 10 -38.88 39.78 30.95
C LEU I 10 -39.19 40.74 29.81
N LEU I 11 -38.15 41.35 29.22
CA LEU I 11 -38.38 42.23 28.09
C LEU I 11 -38.90 41.48 26.89
N GLN I 12 -38.39 40.26 26.64
CA GLN I 12 -38.94 39.43 25.58
C GLN I 12 -40.41 39.14 25.83
N GLU I 13 -40.77 38.81 27.08
CA GLU I 13 -42.17 38.55 27.39
C GLU I 13 -43.03 39.78 27.14
N CYS I 14 -42.53 40.97 27.50
CA CYS I 14 -43.28 42.19 27.21
C CYS I 14 -43.50 42.37 25.73
N LYS I 15 -42.47 42.11 24.92
CA LYS I 15 -42.62 42.23 23.48
C LYS I 15 -43.65 41.24 22.94
N GLN I 16 -43.62 39.99 23.45
CA GLN I 16 -44.61 39.02 23.02
C GLN I 16 -46.02 39.46 23.37
N VAL I 17 -46.21 40.01 24.57
CA VAL I 17 -47.51 40.54 24.95
C VAL I 17 -47.93 41.63 23.98
N LEU I 18 -47.00 42.48 23.57
CA LEU I 18 -47.34 43.51 22.61
C LEU I 18 -47.76 42.92 21.27
N ASP I 19 -47.11 41.84 20.83
CA ASP I 19 -47.50 41.20 19.59
C ASP I 19 -48.91 40.63 19.68
N GLN I 20 -49.20 39.94 20.79
CA GLN I 20 -50.54 39.39 21.00
C GLN I 20 -51.58 40.50 21.02
N LEU I 21 -51.30 41.59 21.74
CA LEU I 21 -52.22 42.73 21.73
C LEU I 21 -52.42 43.28 20.34
N LEU I 22 -51.39 43.19 19.49
CA LEU I 22 -51.54 43.56 18.09
C LEU I 22 -52.53 42.62 17.39
N LEU I 23 -52.52 41.34 17.75
CA LEU I 23 -53.48 40.43 17.14
C LEU I 23 -54.89 40.55 17.74
N GLU I 24 -54.99 41.00 18.99
CA GLU I 24 -56.28 41.04 19.66
C GLU I 24 -56.94 42.41 19.52
N ALA I 25 -58.26 42.42 19.71
CA ALA I 25 -59.02 43.65 19.75
C ALA I 25 -58.91 44.28 21.13
N PRO I 26 -58.95 45.60 21.22
CA PRO I 26 -58.86 46.27 22.53
C PRO I 26 -60.02 45.85 23.43
N ASP I 27 -59.68 45.28 24.58
CA ASP I 27 -60.65 44.84 25.57
C ASP I 27 -59.96 44.86 26.93
N VAL I 28 -59.76 46.06 27.47
CA VAL I 28 -59.07 46.23 28.74
C VAL I 28 -60.05 45.95 29.86
N SER I 29 -59.83 44.87 30.60
CA SER I 29 -60.72 44.49 31.69
C SER I 29 -60.47 45.35 32.91
N GLU I 30 -61.45 45.33 33.82
CA GLU I 30 -61.26 45.99 35.10
C GLU I 30 -60.14 45.36 35.89
N GLU I 31 -59.86 44.08 35.65
CA GLU I 31 -58.72 43.43 36.29
C GLU I 31 -57.41 43.98 35.74
N ASP I 32 -57.36 44.29 34.44
CA ASP I 32 -56.18 44.93 33.88
C ASP I 32 -55.94 46.30 34.52
N LYS I 33 -56.98 47.11 34.61
CA LYS I 33 -56.85 48.43 35.22
C LYS I 33 -56.45 48.31 36.69
N SER I 34 -57.06 47.36 37.40
CA SER I 34 -56.73 47.19 38.81
C SER I 34 -55.28 46.75 38.99
N GLU I 35 -54.80 45.84 38.16
CA GLU I 35 -53.41 45.41 38.26
C GLU I 35 -52.45 46.53 37.86
N ASP I 36 -52.84 47.37 36.90
CA ASP I 36 -52.03 48.51 36.54
C ASP I 36 -51.89 49.49 37.69
N GLN I 37 -53.03 49.91 38.26
CA GLN I 37 -53.00 50.81 39.40
C GLN I 37 -52.22 50.21 40.57
N ARG I 38 -52.41 48.92 40.81
CA ARG I 38 -51.69 48.28 41.90
C ARG I 38 -50.19 48.28 41.66
N CYS I 39 -49.76 47.99 40.44
CA CYS I 39 -48.32 47.93 40.15
C CYS I 39 -47.69 49.31 40.24
N ARG I 40 -48.37 50.35 39.76
CA ARG I 40 -47.78 51.68 39.89
C ARG I 40 -47.82 52.17 41.33
N ALA I 41 -48.85 51.76 42.10
CA ALA I 41 -49.02 52.25 43.46
C ALA I 41 -47.95 51.71 44.40
N LEU I 42 -47.46 50.49 44.15
CA LEU I 42 -46.44 49.91 45.02
C LEU I 42 -45.06 50.51 44.79
N LEU I 43 -44.90 51.34 43.76
CA LEU I 43 -43.62 51.97 43.52
C LEU I 43 -43.36 53.08 44.55
N PRO I 44 -42.09 53.30 44.90
CA PRO I 44 -41.77 54.41 45.79
C PRO I 44 -42.17 55.75 45.18
N SER I 45 -42.42 56.73 46.05
CA SER I 45 -42.93 58.02 45.60
C SER I 45 -41.98 58.66 44.59
N GLU I 46 -40.67 58.47 44.80
CA GLU I 46 -39.69 59.05 43.87
C GLU I 46 -39.86 58.45 42.48
N LEU I 47 -40.02 57.14 42.38
CA LEU I 47 -40.16 56.51 41.07
C LEU I 47 -41.50 56.86 40.44
N ARG I 48 -42.56 56.95 41.24
CA ARG I 48 -43.85 57.33 40.68
C ARG I 48 -43.80 58.74 40.11
N THR I 49 -43.18 59.67 40.84
CA THR I 49 -43.02 61.02 40.34
C THR I 49 -42.14 61.04 39.09
N LEU I 50 -41.06 60.26 39.07
CA LEU I 50 -40.21 60.23 37.87
C LEU I 50 -40.97 59.68 36.67
N ILE I 51 -41.81 58.68 36.91
CA ILE I 51 -42.61 58.11 35.82
C ILE I 51 -43.57 59.14 35.28
N GLN I 52 -44.24 59.87 36.18
CA GLN I 52 -45.19 60.89 35.73
C GLN I 52 -44.48 62.01 34.97
N GLU I 53 -43.31 62.43 35.46
CA GLU I 53 -42.58 63.50 34.79
C GLU I 53 -42.10 63.08 33.41
N ALA I 54 -41.61 61.83 33.30
CA ALA I 54 -41.20 61.32 32.00
C ALA I 54 -42.39 61.22 31.06
N LYS I 55 -43.53 60.75 31.57
CA LYS I 55 -44.75 60.70 30.77
C LYS I 55 -45.14 62.07 30.27
N GLU I 56 -44.87 63.10 31.06
CA GLU I 56 -45.16 64.47 30.64
C GLU I 56 -44.08 65.08 29.77
N MET I 57 -43.04 64.32 29.43
CA MET I 57 -41.98 64.77 28.53
C MET I 57 -41.26 65.99 29.09
N LYS I 58 -40.91 65.93 30.36
CA LYS I 58 -40.28 67.06 31.02
C LYS I 58 -38.89 67.33 30.44
N TRP I 59 -38.15 66.29 30.11
CA TRP I 59 -36.80 66.46 29.59
C TRP I 59 -36.52 65.37 28.57
N PRO I 60 -35.59 65.60 27.63
CA PRO I 60 -35.23 64.55 26.68
C PRO I 60 -34.34 63.48 27.26
N PHE I 61 -33.66 63.74 28.37
CA PHE I 61 -32.90 62.74 29.09
C PHE I 61 -33.32 62.74 30.55
N VAL I 62 -33.24 61.57 31.18
CA VAL I 62 -33.47 61.49 32.61
C VAL I 62 -32.25 62.11 33.28
N PRO I 63 -32.42 63.20 34.02
CA PRO I 63 -31.27 63.89 34.59
C PRO I 63 -30.88 63.37 35.97
N GLU I 64 -29.63 63.60 36.32
CA GLU I 64 -29.14 63.30 37.66
C GLU I 64 -29.34 64.50 38.57
N LYS I 65 -29.28 64.24 39.88
CA LYS I 65 -29.48 65.31 40.86
C LYS I 65 -28.41 66.38 40.75
N TRP I 66 -27.20 66.00 40.33
CA TRP I 66 -26.09 66.93 40.20
C TRP I 66 -25.89 67.42 38.77
N GLN I 67 -26.55 66.82 37.79
CA GLN I 67 -26.35 67.18 36.40
C GLN I 67 -26.84 68.60 36.09
N LEU I 80 -28.77 58.29 39.90
CA LEU I 80 -29.99 57.64 40.33
C LEU I 80 -29.98 56.19 39.89
N LYS I 81 -28.81 55.73 39.42
CA LYS I 81 -28.68 54.32 39.07
C LYS I 81 -28.98 53.42 40.27
N ASP I 82 -28.78 53.93 41.48
CA ASP I 82 -29.03 53.14 42.68
C ASP I 82 -30.52 52.90 42.88
N VAL I 83 -31.33 53.96 42.79
CA VAL I 83 -32.77 53.81 43.01
C VAL I 83 -33.40 53.01 41.88
N ILE I 84 -32.97 53.25 40.64
CA ILE I 84 -33.53 52.51 39.52
C ILE I 84 -33.17 51.05 39.61
N GLY I 85 -31.91 50.75 39.93
CA GLY I 85 -31.53 49.37 40.14
C GLY I 85 -32.26 48.72 41.29
N ALA I 86 -32.58 49.50 42.32
CA ALA I 86 -33.28 48.97 43.48
C ALA I 86 -34.73 48.64 43.15
N GLY I 87 -35.37 49.44 42.31
CA GLY I 87 -36.76 49.22 41.98
C GLY I 87 -36.95 48.67 40.58
N LEU I 88 -35.92 48.01 40.06
CA LEU I 88 -35.96 47.51 38.68
C LEU I 88 -37.07 46.49 38.50
N GLN I 89 -37.15 45.50 39.38
CA GLN I 89 -38.15 44.45 39.24
C GLN I 89 -39.56 45.02 39.24
N GLN I 90 -39.88 45.87 40.21
CA GLN I 90 -41.22 46.44 40.27
C GLN I 90 -41.49 47.38 39.10
N LEU I 91 -40.44 48.05 38.60
CA LEU I 91 -40.62 48.87 37.40
C LEU I 91 -40.98 48.01 36.19
N LEU I 92 -40.37 46.82 36.09
CA LEU I 92 -40.71 45.93 34.99
C LEU I 92 -42.12 45.37 35.14
N ALA I 93 -42.51 45.06 36.38
CA ALA I 93 -43.89 44.63 36.62
C ALA I 93 -44.87 45.72 36.21
N SER I 94 -44.57 46.98 36.54
CA SER I 94 -45.46 48.06 36.15
C SER I 94 -45.44 48.27 34.64
N LEU I 95 -44.31 48.00 33.98
CA LEU I 95 -44.27 48.09 32.53
C LEU I 95 -45.18 47.04 31.89
N ARG I 96 -45.09 45.79 32.35
CA ARG I 96 -45.98 44.76 31.85
C ARG I 96 -47.43 45.13 32.09
N ALA I 97 -47.75 45.59 33.31
CA ALA I 97 -49.13 45.94 33.63
C ALA I 97 -49.63 47.09 32.78
N SER I 98 -48.77 48.08 32.53
CA SER I 98 -49.19 49.20 31.68
C SER I 98 -49.41 48.75 30.25
N ILE I 99 -48.64 47.77 29.79
CA ILE I 99 -48.86 47.21 28.46
C ILE I 99 -50.19 46.50 28.40
N LEU I 100 -50.49 45.66 29.39
CA LEU I 100 -51.76 44.96 29.41
C LEU I 100 -52.94 45.93 29.47
N ALA I 101 -52.76 47.08 30.11
CA ALA I 101 -53.80 48.10 30.14
C ALA I 101 -53.82 48.97 28.91
N ARG I 102 -52.95 48.70 27.94
CA ARG I 102 -52.84 49.49 26.70
C ARG I 102 -52.58 50.96 27.00
N ASP I 103 -51.83 51.24 28.06
CA ASP I 103 -51.39 52.60 28.37
C ASP I 103 -49.96 52.73 27.86
N CYS I 104 -49.85 52.96 26.55
CA CYS I 104 -48.54 52.95 25.90
C CYS I 104 -47.71 54.16 26.28
N ALA I 105 -48.34 55.28 26.61
CA ALA I 105 -47.57 56.45 27.04
C ALA I 105 -46.84 56.17 28.34
N ALA I 106 -47.54 55.58 29.31
CA ALA I 106 -46.89 55.24 30.58
C ALA I 106 -45.83 54.18 30.39
N ALA I 107 -46.11 53.17 29.58
CA ALA I 107 -45.12 52.14 29.31
C ALA I 107 -43.86 52.74 28.70
N ALA I 108 -44.03 53.65 27.74
CA ALA I 108 -42.90 54.36 27.16
C ALA I 108 -42.18 55.18 28.21
N ALA I 109 -42.90 55.74 29.18
CA ALA I 109 -42.24 56.48 30.25
C ALA I 109 -41.36 55.56 31.09
N ILE I 110 -41.85 54.36 31.39
CA ILE I 110 -41.05 53.42 32.17
C ILE I 110 -39.82 52.98 31.37
N VAL I 111 -40.00 52.75 30.07
CA VAL I 111 -38.86 52.45 29.20
C VAL I 111 -37.84 53.57 29.28
N PHE I 112 -38.31 54.81 29.24
CA PHE I 112 -37.43 55.98 29.41
C PHE I 112 -36.66 55.87 30.72
N LEU I 113 -37.34 55.54 31.82
CA LEU I 113 -36.66 55.49 33.11
C LEU I 113 -35.60 54.39 33.16
N VAL I 114 -35.89 53.22 32.59
CA VAL I 114 -34.97 52.09 32.71
C VAL I 114 -33.95 52.04 31.58
N ASP I 115 -34.03 52.94 30.61
CA ASP I 115 -33.19 52.85 29.42
C ASP I 115 -31.71 52.83 29.78
N ARG I 116 -31.27 53.77 30.61
CA ARG I 116 -29.84 53.90 30.91
C ARG I 116 -29.31 52.68 31.65
N PHE I 117 -30.03 52.27 32.71
CA PHE I 117 -29.63 51.08 33.47
C PHE I 117 -29.56 49.85 32.57
N LEU I 118 -30.55 49.69 31.70
CA LEU I 118 -30.56 48.52 30.83
C LEU I 118 -29.45 48.60 29.79
N TYR I 119 -29.05 49.80 29.40
CA TYR I 119 -27.85 49.93 28.58
C TYR I 119 -26.63 49.47 29.36
N GLY I 120 -26.60 49.76 30.66
CA GLY I 120 -25.57 49.20 31.50
C GLY I 120 -25.62 47.69 31.57
N LEU I 121 -26.77 47.09 31.31
CA LEU I 121 -26.89 45.64 31.35
C LEU I 121 -26.81 44.99 29.97
N ASP I 122 -26.55 45.77 28.92
CA ASP I 122 -26.45 45.25 27.55
C ASP I 122 -27.72 44.53 27.11
N VAL I 123 -28.87 45.12 27.40
CA VAL I 123 -30.14 44.55 26.98
C VAL I 123 -30.98 45.63 26.30
N SER I 124 -30.31 46.67 25.79
CA SER I 124 -31.02 47.78 25.17
C SER I 124 -31.75 47.35 23.91
N GLY I 125 -31.27 46.31 23.23
CA GLY I 125 -31.95 45.87 22.01
C GLY I 125 -33.35 45.37 22.29
N LYS I 126 -33.50 44.53 23.33
CA LYS I 126 -34.81 44.00 23.68
C LYS I 126 -35.72 45.11 24.18
N LEU I 127 -35.19 46.04 24.97
CA LEU I 127 -35.97 47.18 25.41
C LEU I 127 -36.47 47.98 24.22
N LEU I 128 -35.61 48.16 23.21
CA LEU I 128 -36.04 48.87 22.01
C LEU I 128 -37.08 48.08 21.23
N GLN I 129 -37.04 46.75 21.34
CA GLN I 129 -38.11 45.96 20.77
C GLN I 129 -39.43 46.25 21.46
N VAL I 130 -39.38 46.41 22.79
CA VAL I 130 -40.58 46.80 23.52
C VAL I 130 -41.08 48.16 23.07
N ALA I 131 -40.16 49.11 22.88
CA ALA I 131 -40.55 50.44 22.39
C ALA I 131 -41.20 50.35 21.02
N LYS I 132 -40.63 49.56 20.12
CA LYS I 132 -41.21 49.40 18.79
C LYS I 132 -42.60 48.79 18.87
N GLY I 133 -42.80 47.83 19.77
CA GLY I 133 -44.14 47.30 19.96
C GLY I 133 -45.12 48.35 20.46
N LEU I 134 -44.67 49.19 21.40
CA LEU I 134 -45.50 50.30 21.85
C LEU I 134 -45.90 51.18 20.68
N HIS I 135 -44.95 51.52 19.81
CA HIS I 135 -45.29 52.35 18.67
C HIS I 135 -46.24 51.64 17.72
N LYS I 136 -46.13 50.31 17.60
CA LYS I 136 -47.02 49.58 16.70
C LYS I 136 -48.44 49.58 17.21
N LEU I 137 -48.62 49.42 18.53
CA LEU I 137 -49.96 49.50 19.10
C LEU I 137 -50.54 50.89 18.90
N GLN I 138 -49.85 51.91 19.45
CA GLN I 138 -50.33 53.28 19.41
C GLN I 138 -49.22 54.15 18.83
N PRO I 139 -49.26 54.42 17.53
CA PRO I 139 -48.14 55.15 16.91
C PRO I 139 -47.95 56.56 17.44
N ALA I 140 -48.95 57.13 18.09
CA ALA I 140 -48.81 58.46 18.65
C ALA I 140 -48.05 58.47 19.97
N THR I 141 -47.68 57.31 20.49
CA THR I 141 -46.97 57.22 21.75
C THR I 141 -45.65 57.97 21.66
N PRO I 142 -45.42 58.99 22.48
CA PRO I 142 -44.15 59.72 22.41
C PRO I 142 -43.00 58.89 22.98
N ILE I 143 -41.87 58.92 22.27
CA ILE I 143 -40.67 58.20 22.67
C ILE I 143 -39.57 59.20 22.95
N ALA I 144 -38.92 59.06 24.09
CA ALA I 144 -37.91 60.03 24.50
C ALA I 144 -36.75 60.01 23.53
N PRO I 145 -36.16 61.16 23.23
CA PRO I 145 -34.96 61.18 22.37
C PRO I 145 -33.84 60.32 22.91
N GLN I 146 -33.73 60.18 24.24
CA GLN I 146 -32.68 59.34 24.81
C GLN I 146 -32.78 57.89 24.30
N VAL I 147 -33.99 57.41 24.05
CA VAL I 147 -34.16 56.03 23.60
C VAL I 147 -33.79 55.89 22.14
N VAL I 148 -34.17 56.87 21.31
CA VAL I 148 -33.74 56.91 19.92
C VAL I 148 -32.22 56.91 19.84
N ILE I 149 -31.58 57.80 20.59
CA ILE I 149 -30.13 57.81 20.64
C ILE I 149 -29.58 56.49 21.15
N ARG I 150 -30.33 55.80 22.01
CA ARG I 150 -29.88 54.47 22.42
C ARG I 150 -29.81 53.54 21.22
N GLN I 151 -30.81 53.60 20.34
CA GLN I 151 -30.72 52.85 19.09
C GLN I 151 -29.47 53.24 18.30
N ALA I 152 -29.19 54.54 18.21
CA ALA I 152 -27.98 54.98 17.54
C ALA I 152 -26.73 54.36 18.17
N ARG I 153 -26.71 54.28 19.51
CA ARG I 153 -25.56 53.74 20.22
C ARG I 153 -25.35 52.27 19.86
N ILE I 154 -26.41 51.47 19.91
CA ILE I 154 -26.21 50.06 19.57
C ILE I 154 -25.83 49.92 18.11
N SER I 155 -26.30 50.82 17.25
CA SER I 155 -25.90 50.76 15.85
C SER I 155 -24.41 51.03 15.68
N VAL I 156 -23.87 52.02 16.40
CA VAL I 156 -22.42 52.25 16.30
C VAL I 156 -21.64 51.08 16.88
N ASN I 157 -22.09 50.55 18.03
CA ASN I 157 -21.37 49.46 18.65
C ASN I 157 -21.35 48.21 17.78
N SER I 158 -22.32 48.06 16.88
CA SER I 158 -22.37 46.93 15.98
C SER I 158 -21.68 47.20 14.65
N GLY I 159 -21.19 48.40 14.44
CA GLY I 159 -20.58 48.75 13.18
C GLY I 159 -21.54 49.24 12.11
N LYS I 160 -22.82 49.42 12.45
CA LYS I 160 -23.80 49.95 11.51
C LYS I 160 -23.71 51.47 11.54
N LEU I 161 -22.63 51.97 10.94
CA LEU I 161 -22.29 53.39 11.08
C LEU I 161 -23.26 54.29 10.33
N LEU I 162 -23.59 53.94 9.09
CA LEU I 162 -24.50 54.76 8.30
C LEU I 162 -25.92 54.78 8.89
N LYS I 163 -26.36 53.66 9.46
CA LYS I 163 -27.67 53.61 10.11
C LYS I 163 -27.74 54.58 11.28
N ALA I 164 -26.78 54.46 12.20
CA ALA I 164 -26.71 55.37 13.33
C ALA I 164 -26.59 56.80 12.85
N GLU I 165 -25.85 57.03 11.77
CA GLU I 165 -25.69 58.39 11.28
C GLU I 165 -26.96 58.91 10.65
N TYR I 166 -27.81 58.02 10.12
CA TYR I 166 -29.12 58.47 9.69
C TYR I 166 -29.96 58.93 10.87
N ILE I 167 -29.91 58.17 11.97
CA ILE I 167 -30.65 58.60 13.16
C ILE I 167 -30.12 59.93 13.67
N LEU I 168 -28.81 59.98 13.96
CA LEU I 168 -28.20 61.18 14.51
C LEU I 168 -28.39 62.37 13.59
N SER I 169 -28.13 62.19 12.29
CA SER I 169 -28.26 63.27 11.33
C SER I 169 -29.69 63.77 11.24
N SER I 170 -30.66 62.87 11.35
CA SER I 170 -32.04 63.33 11.36
C SER I 170 -32.33 64.19 12.59
N LEU I 171 -31.80 63.80 13.75
CA LEU I 171 -32.02 64.62 14.95
C LEU I 171 -31.33 65.97 14.83
N ILE I 172 -30.08 65.97 14.37
CA ILE I 172 -29.28 67.19 14.33
C ILE I 172 -29.84 68.17 13.30
N SER I 173 -29.99 67.71 12.05
CA SER I 173 -30.39 68.60 10.98
C SER I 173 -31.83 69.06 11.09
N ASN I 174 -32.63 68.45 11.97
CA ASN I 174 -34.03 68.81 12.11
C ASN I 174 -34.37 69.27 13.52
N ASN I 175 -33.42 69.93 14.17
CA ASN I 175 -33.63 70.57 15.47
C ASN I 175 -34.22 69.61 16.50
N GLY I 176 -33.71 68.38 16.50
CA GLY I 176 -34.12 67.42 17.50
C GLY I 176 -35.55 66.92 17.38
N ALA I 177 -36.21 67.14 16.25
CA ALA I 177 -37.59 66.68 16.11
C ALA I 177 -37.62 65.17 15.95
N THR I 178 -38.46 64.51 16.74
CA THR I 178 -38.58 63.07 16.66
C THR I 178 -39.97 62.63 17.08
N GLY I 179 -40.62 61.84 16.23
CA GLY I 179 -41.89 61.21 16.59
C GLY I 179 -42.93 62.22 17.02
N THR I 180 -43.56 61.94 18.17
CA THR I 180 -44.55 62.82 18.77
C THR I 180 -44.04 63.43 20.07
N TRP I 181 -42.72 63.63 20.16
CA TRP I 181 -42.12 64.17 21.38
C TRP I 181 -42.12 65.68 21.36
N LEU I 182 -42.47 66.26 22.51
CA LEU I 182 -42.51 67.71 22.68
C LEU I 182 -41.49 68.11 23.74
N TYR I 183 -40.66 69.08 23.41
CA TYR I 183 -39.69 69.60 24.36
C TYR I 183 -40.34 70.68 25.22
N ARG I 184 -39.81 70.87 26.42
CA ARG I 184 -40.23 71.98 27.26
C ARG I 184 -39.59 73.28 26.80
N ASN I 185 -38.27 73.30 26.69
CA ASN I 185 -37.51 74.49 26.35
C ASN I 185 -36.74 74.27 25.06
N GLU I 186 -36.23 75.36 24.49
CA GLU I 186 -35.47 75.27 23.26
C GLU I 186 -34.06 74.76 23.51
N SER I 187 -33.58 74.86 24.76
CA SER I 187 -32.22 74.44 25.07
C SER I 187 -32.11 72.92 25.10
N ASP I 188 -33.19 72.23 25.45
CA ASP I 188 -33.16 70.77 25.45
C ASP I 188 -32.84 70.22 24.06
N LYS I 189 -33.36 70.85 23.01
CA LYS I 189 -33.01 70.47 21.65
C LYS I 189 -31.52 70.61 21.40
N VAL I 190 -30.92 71.70 21.90
CA VAL I 190 -29.47 71.88 21.76
C VAL I 190 -28.74 70.80 22.54
N LEU I 191 -29.30 70.35 23.66
CA LEU I 191 -28.69 69.26 24.41
C LEU I 191 -28.66 67.97 23.60
N VAL I 192 -29.82 67.58 23.05
CA VAL I 192 -29.86 66.40 22.19
C VAL I 192 -28.88 66.53 21.03
N GLN I 193 -28.84 67.71 20.41
CA GLN I 193 -27.88 67.93 19.34
C GLN I 193 -26.45 67.74 19.82
N SER I 194 -26.16 68.15 21.06
CA SER I 194 -24.81 68.03 21.57
C SER I 194 -24.43 66.58 21.81
N VAL I 195 -25.35 65.80 22.38
CA VAL I 195 -25.08 64.37 22.55
C VAL I 195 -24.87 63.71 21.19
N CYS I 196 -25.71 64.07 20.22
CA CYS I 196 -25.59 63.46 18.90
C CYS I 196 -24.26 63.81 18.25
N ILE I 197 -23.81 65.07 18.40
CA ILE I 197 -22.52 65.46 17.84
C ILE I 197 -21.39 64.73 18.53
N GLN I 198 -21.48 64.56 19.85
CA GLN I 198 -20.51 63.75 20.57
C GLN I 198 -20.44 62.35 19.99
N ILE I 199 -21.60 61.75 19.71
CA ILE I 199 -21.60 60.40 19.17
C ILE I 199 -21.04 60.38 17.76
N ARG I 200 -21.28 61.43 16.96
CA ARG I 200 -20.57 61.56 15.69
C ARG I 200 -19.07 61.52 15.93
N GLY I 201 -18.62 62.22 16.96
CA GLY I 201 -17.22 62.14 17.32
C GLY I 201 -16.76 60.72 17.59
N GLN I 202 -17.60 59.95 18.29
CA GLN I 202 -17.24 58.55 18.52
C GLN I 202 -17.22 57.76 17.23
N ILE I 203 -18.06 58.11 16.27
CA ILE I 203 -18.05 57.42 14.97
C ILE I 203 -16.75 57.69 14.24
N LEU I 204 -16.32 58.96 14.19
CA LEU I 204 -15.05 59.25 13.53
C LEU I 204 -13.86 58.68 14.29
N GLN I 205 -13.97 58.61 15.63
CA GLN I 205 -12.94 57.94 16.41
C GLN I 205 -12.83 56.48 16.01
N LYS I 206 -13.96 55.79 15.88
CA LYS I 206 -13.94 54.41 15.45
C LYS I 206 -13.38 54.28 14.03
N LEU I 207 -13.51 55.33 13.22
CA LEU I 207 -12.95 55.33 11.87
C LEU I 207 -11.53 55.86 11.83
N GLY I 208 -10.95 56.21 12.96
CA GLY I 208 -9.56 56.66 12.97
C GLY I 208 -9.30 58.01 12.35
N MET I 209 -10.34 58.80 12.09
CA MET I 209 -10.16 60.17 11.61
C MET I 209 -10.03 61.07 12.83
N TRP I 210 -8.81 61.09 13.38
CA TRP I 210 -8.60 61.63 14.71
C TRP I 210 -8.85 63.13 14.76
N TYR I 211 -8.37 63.87 13.76
CA TYR I 211 -8.54 65.32 13.75
C TYR I 211 -10.01 65.70 13.72
N GLU I 212 -10.75 65.19 12.73
CA GLU I 212 -12.16 65.54 12.62
C GLU I 212 -12.96 65.03 13.80
N ALA I 213 -12.58 63.87 14.35
CA ALA I 213 -13.23 63.40 15.58
C ALA I 213 -13.04 64.40 16.70
N ALA I 214 -11.80 64.85 16.91
CA ALA I 214 -11.54 65.85 17.93
C ALA I 214 -12.35 67.11 17.68
N GLU I 215 -12.52 67.49 16.42
CA GLU I 215 -13.36 68.64 16.09
C GLU I 215 -14.80 68.40 16.53
N LEU I 216 -15.32 67.20 16.27
CA LEU I 216 -16.71 66.91 16.65
C LEU I 216 -16.89 66.93 18.15
N ILE I 217 -15.96 66.34 18.91
CA ILE I 217 -16.07 66.41 20.37
C ILE I 217 -15.97 67.86 20.83
N TRP I 218 -15.10 68.65 20.20
CA TRP I 218 -15.01 70.07 20.53
C TRP I 218 -16.36 70.76 20.32
N ALA I 219 -17.01 70.48 19.19
CA ALA I 219 -18.33 71.04 18.95
C ALA I 219 -19.31 70.60 20.03
N SER I 220 -19.21 69.34 20.47
CA SER I 220 -20.08 68.87 21.54
C SER I 220 -19.80 69.62 22.83
N ILE I 221 -18.54 69.98 23.08
CA ILE I 221 -18.19 70.75 24.26
C ILE I 221 -18.85 72.13 24.18
N VAL I 222 -18.76 72.76 23.01
CA VAL I 222 -19.43 74.05 22.81
C VAL I 222 -20.92 73.92 23.09
N GLY I 223 -21.54 72.87 22.56
CA GLY I 223 -22.97 72.69 22.78
C GLY I 223 -23.31 72.48 24.23
N TYR I 224 -22.51 71.70 24.95
CA TYR I 224 -22.76 71.49 26.37
C TYR I 224 -22.62 72.79 27.14
N LEU I 225 -21.64 73.62 26.78
CA LEU I 225 -21.45 74.88 27.49
C LEU I 225 -22.50 75.93 27.13
N ALA I 226 -23.14 75.80 25.98
CA ALA I 226 -24.12 76.78 25.53
C ALA I 226 -25.47 76.66 26.21
N LEU I 227 -25.61 75.75 27.18
CA LEU I 227 -26.88 75.55 27.86
C LEU I 227 -27.00 76.47 29.07
N PRO I 228 -28.23 76.79 29.47
CA PRO I 228 -28.42 77.57 30.71
C PRO I 228 -27.65 77.00 31.89
N GLN I 229 -27.86 75.72 32.19
CA GLN I 229 -26.97 74.99 33.08
C GLN I 229 -26.19 73.98 32.26
N PRO I 230 -24.93 74.24 31.93
CA PRO I 230 -24.15 73.28 31.13
C PRO I 230 -24.16 71.89 31.73
N ASP I 231 -24.08 70.89 30.85
CA ASP I 231 -24.18 69.48 31.20
C ASP I 231 -22.81 68.99 31.68
N LYS I 232 -22.65 68.89 33.00
CA LYS I 232 -21.38 68.44 33.54
C LYS I 232 -21.09 66.99 33.17
N LYS I 233 -22.14 66.16 33.10
CA LYS I 233 -21.97 64.77 32.71
C LYS I 233 -21.49 64.68 31.26
N GLY I 234 -22.17 65.37 30.36
CA GLY I 234 -21.75 65.37 28.97
C GLY I 234 -20.36 65.95 28.79
N LEU I 235 -20.02 66.98 29.58
CA LEU I 235 -18.68 67.54 29.51
C LEU I 235 -17.65 66.51 29.94
N SER I 236 -17.92 65.76 31.01
CA SER I 236 -16.99 64.72 31.45
C SER I 236 -16.81 63.67 30.37
N THR I 237 -17.92 63.18 29.79
CA THR I 237 -17.82 62.17 28.75
C THR I 237 -17.02 62.68 27.55
N SER I 238 -17.38 63.85 27.04
CA SER I 238 -16.70 64.38 25.87
C SER I 238 -15.23 64.64 26.15
N LEU I 239 -14.90 65.04 27.37
CA LEU I 239 -13.49 65.24 27.71
C LEU I 239 -12.74 63.92 27.71
N GLY I 240 -13.38 62.86 28.19
CA GLY I 240 -12.74 61.55 28.13
C GLY I 240 -12.49 61.10 26.70
N ILE I 241 -13.50 61.24 25.85
CA ILE I 241 -13.34 60.86 24.45
C ILE I 241 -12.23 61.67 23.79
N LEU I 242 -12.22 62.97 24.03
CA LEU I 242 -11.17 63.82 23.46
C LEU I 242 -9.80 63.40 23.97
N ALA I 243 -9.71 63.00 25.24
CA ALA I 243 -8.44 62.53 25.78
C ALA I 243 -7.97 61.28 25.03
N ASP I 244 -8.85 60.30 24.88
CA ASP I 244 -8.47 59.09 24.15
C ASP I 244 -8.03 59.43 22.72
N ILE I 245 -8.74 60.35 22.07
CA ILE I 245 -8.34 60.77 20.73
C ILE I 245 -6.94 61.38 20.77
N PHE I 246 -6.67 62.19 21.79
CA PHE I 246 -5.34 62.77 21.95
C PHE I 246 -4.29 61.69 22.04
N VAL I 247 -4.58 60.61 22.77
CA VAL I 247 -3.63 59.51 22.89
C VAL I 247 -3.43 58.84 21.53
N SER I 248 -4.50 58.64 20.78
CA SER I 248 -4.39 57.97 19.49
C SER I 248 -3.79 58.85 18.42
N MET I 249 -3.82 60.17 18.60
CA MET I 249 -3.32 61.08 17.57
C MET I 249 -1.80 60.97 17.42
N SER I 250 -1.32 61.32 16.23
CA SER I 250 0.09 61.59 16.05
C SER I 250 0.41 63.00 16.55
N LYS I 251 1.70 63.31 16.62
CA LYS I 251 2.10 64.64 17.05
C LYS I 251 1.72 65.69 16.02
N ASN I 252 1.76 65.34 14.73
CA ASN I 252 1.26 66.25 13.70
C ASN I 252 -0.20 66.57 13.94
N ASP I 253 -1.01 65.54 14.21
CA ASP I 253 -2.43 65.75 14.50
C ASP I 253 -2.61 66.74 15.64
N TYR I 254 -1.88 66.53 16.73
CA TYR I 254 -2.05 67.39 17.90
C TYR I 254 -1.61 68.81 17.61
N GLU I 255 -0.48 68.99 16.92
CA GLU I 255 -0.02 70.34 16.63
C GLU I 255 -1.00 71.07 15.73
N LYS I 256 -1.45 70.43 14.65
CA LYS I 256 -2.38 71.09 13.76
C LYS I 256 -3.73 71.35 14.42
N PHE I 257 -4.11 70.49 15.37
CA PHE I 257 -5.32 70.77 16.13
C PHE I 257 -5.14 71.96 17.06
N LYS I 258 -3.94 72.09 17.64
CA LYS I 258 -3.68 73.19 18.57
C LYS I 258 -3.55 74.51 17.82
N ASN I 259 -3.09 74.48 16.58
CA ASN I 259 -2.87 75.70 15.81
C ASN I 259 -4.15 76.27 15.21
N ASN I 260 -5.32 75.73 15.57
CA ASN I 260 -6.58 76.32 15.16
C ASN I 260 -7.01 77.30 16.24
N PRO I 261 -6.99 78.61 16.00
CA PRO I 261 -7.25 79.56 17.09
C PRO I 261 -8.70 79.57 17.55
N GLN I 262 -9.62 79.06 16.75
CA GLN I 262 -11.02 79.06 17.14
C GLN I 262 -11.31 78.04 18.25
N ILE I 263 -10.49 77.01 18.39
CA ILE I 263 -10.64 76.06 19.49
C ILE I 263 -10.05 76.72 20.73
N ASN I 264 -10.91 77.29 21.56
CA ASN I 264 -10.47 78.07 22.72
C ASN I 264 -10.47 77.21 23.99
N LEU I 265 -9.70 76.14 23.95
CA LEU I 265 -9.56 75.25 25.10
C LEU I 265 -8.30 75.63 25.87
N SER I 266 -8.47 75.90 27.16
CA SER I 266 -7.33 76.24 28.00
C SER I 266 -6.33 75.10 28.05
N LEU I 267 -6.81 73.86 28.17
CA LEU I 267 -5.92 72.71 28.21
C LEU I 267 -5.17 72.54 26.91
N LEU I 268 -5.70 73.06 25.80
CA LEU I 268 -5.02 72.92 24.52
C LEU I 268 -3.80 73.84 24.44
N LYS I 269 -3.92 75.07 24.92
CA LYS I 269 -2.84 76.03 24.83
C LYS I 269 -1.84 75.90 25.99
N GLU I 270 -2.33 75.60 27.19
CA GLU I 270 -1.44 75.52 28.34
C GLU I 270 -0.47 74.34 28.27
N PHE I 271 -0.62 73.46 27.29
CA PHE I 271 0.24 72.29 27.17
C PHE I 271 0.62 72.10 25.71
N ASP I 272 1.85 71.63 25.49
CA ASP I 272 2.39 71.45 24.15
C ASP I 272 2.51 69.99 23.72
N HIS I 273 2.34 69.04 24.63
CA HIS I 273 2.41 67.63 24.32
C HIS I 273 1.02 67.01 24.36
N HIS I 274 0.72 66.17 23.37
CA HIS I 274 -0.62 65.62 23.27
C HIS I 274 -0.95 64.73 24.46
N LEU I 275 0.04 64.05 25.02
CA LEU I 275 -0.21 63.23 26.20
C LEU I 275 -0.50 64.10 27.42
N LEU I 276 0.10 65.28 27.45
CA LEU I 276 -0.12 66.25 28.51
C LEU I 276 -1.53 66.81 28.45
N SER I 277 -1.92 67.24 27.26
CA SER I 277 -3.28 67.71 27.02
C SER I 277 -4.29 66.62 27.37
N ALA I 278 -4.00 65.38 27.00
CA ALA I 278 -4.88 64.27 27.35
C ALA I 278 -4.99 64.11 28.86
N ALA I 279 -3.85 64.18 29.56
CA ALA I 279 -3.86 64.03 31.01
C ALA I 279 -4.69 65.13 31.68
N GLU I 280 -4.55 66.37 31.19
CA GLU I 280 -5.34 67.46 31.75
C GLU I 280 -6.83 67.26 31.45
N ALA I 281 -7.15 66.86 30.22
CA ALA I 281 -8.54 66.57 29.89
C ALA I 281 -9.12 65.51 30.81
N CYS I 282 -8.30 64.52 31.19
CA CYS I 282 -8.74 63.53 32.15
C CYS I 282 -8.91 64.16 33.52
N LYS I 283 -8.03 65.09 33.90
CA LYS I 283 -8.19 65.81 35.16
C LYS I 283 -9.54 66.51 35.23
N LEU I 284 -9.88 67.27 34.20
CA LEU I 284 -11.14 67.99 34.17
C LEU I 284 -12.32 67.03 34.12
N ALA I 285 -12.24 65.99 33.29
CA ALA I 285 -13.32 65.02 33.19
C ALA I 285 -13.59 64.37 34.54
N ALA I 286 -12.52 64.03 35.26
CA ALA I 286 -12.68 63.47 36.59
C ALA I 286 -13.26 64.50 37.55
N ALA I 287 -12.93 65.77 37.36
CA ALA I 287 -13.50 66.81 38.21
C ALA I 287 -15.01 66.93 38.02
N PHE I 288 -15.47 66.87 36.76
CA PHE I 288 -16.89 67.02 36.47
C PHE I 288 -17.70 65.77 36.81
N SER I 289 -17.05 64.66 37.12
CA SER I 289 -17.72 63.43 37.53
C SER I 289 -17.28 63.02 38.93
N ALA I 290 -17.13 64.00 39.83
CA ALA I 290 -16.61 63.73 41.16
C ALA I 290 -17.53 62.88 42.03
N TYR I 291 -18.80 62.75 41.66
CA TYR I 291 -19.75 61.97 42.44
C TYR I 291 -20.10 60.63 41.79
N THR I 292 -19.55 60.32 40.62
CA THR I 292 -19.72 59.01 39.99
C THR I 292 -18.38 58.29 39.98
N PRO I 293 -18.13 57.37 40.91
CA PRO I 293 -16.77 56.85 41.07
C PRO I 293 -16.26 56.09 39.86
N LEU I 294 -17.14 55.50 39.06
CA LEU I 294 -16.69 54.73 37.91
C LEU I 294 -15.98 55.62 36.90
N PHE I 295 -16.64 56.71 36.49
CA PHE I 295 -16.07 57.56 35.45
C PHE I 295 -14.86 58.35 35.95
N VAL I 296 -14.85 58.73 37.24
CA VAL I 296 -13.64 59.32 37.78
C VAL I 296 -12.50 58.31 37.75
N LEU I 297 -12.81 57.04 38.06
CA LEU I 297 -11.79 56.00 38.04
C LEU I 297 -11.22 55.81 36.64
N THR I 298 -12.09 55.80 35.63
CA THR I 298 -11.60 55.69 34.26
C THR I 298 -10.74 56.88 33.90
N ALA I 299 -11.18 58.09 34.28
CA ALA I 299 -10.42 59.30 33.97
C ALA I 299 -9.03 59.25 34.59
N VAL I 300 -8.92 58.90 35.87
CA VAL I 300 -7.60 58.88 36.48
C VAL I 300 -6.78 57.71 35.94
N ASN I 301 -7.45 56.65 35.46
CA ASN I 301 -6.72 55.57 34.81
C ASN I 301 -6.02 56.07 33.54
N ILE I 302 -6.79 56.73 32.66
CA ILE I 302 -6.19 57.25 31.43
C ILE I 302 -5.15 58.31 31.76
N ARG I 303 -5.41 59.13 32.78
CA ARG I 303 -4.45 60.15 33.18
C ARG I 303 -3.13 59.52 33.62
N GLY I 304 -3.20 58.54 34.51
CA GLY I 304 -1.99 57.87 34.97
C GLY I 304 -1.24 57.20 33.84
N THR I 305 -1.98 56.60 32.89
CA THR I 305 -1.32 56.00 31.74
C THR I 305 -0.60 57.05 30.91
N CYS I 306 -1.24 58.20 30.70
CA CYS I 306 -0.63 59.28 29.94
C CYS I 306 0.62 59.80 30.62
N LEU I 307 0.55 60.02 31.93
CA LEU I 307 1.70 60.55 32.65
C LEU I 307 2.84 59.54 32.69
N LEU I 308 2.51 58.25 32.80
CA LEU I 308 3.53 57.21 32.74
C LEU I 308 4.23 57.21 31.38
N SER I 309 3.45 57.26 30.30
CA SER I 309 4.03 57.21 28.96
C SER I 309 4.87 58.45 28.68
N TYR I 310 4.41 59.62 29.14
CA TYR I 310 5.14 60.86 28.87
C TYR I 310 6.40 60.95 29.73
N SER I 311 6.33 60.45 30.97
CA SER I 311 7.47 60.56 31.87
C SER I 311 8.69 59.84 31.33
N SER I 312 8.49 58.68 30.69
CA SER I 312 9.60 57.95 30.12
C SER I 312 10.06 58.49 28.78
N SER I 313 9.33 59.43 28.20
CA SER I 313 9.68 59.94 26.89
C SER I 313 10.90 60.85 26.98
N ASN I 314 11.60 60.98 25.85
CA ASN I 314 12.71 61.93 25.78
C ASN I 314 12.23 63.37 25.67
N ASP I 315 10.94 63.59 25.40
CA ASP I 315 10.36 64.91 25.38
C ASP I 315 10.10 65.44 26.79
N CYS I 316 10.23 64.61 27.81
CA CYS I 316 9.98 65.01 29.17
C CYS I 316 11.28 65.51 29.80
N PRO I 317 11.33 66.73 30.32
CA PRO I 317 12.53 67.19 31.02
C PRO I 317 12.78 66.37 32.27
N PRO I 318 14.03 65.99 32.52
CA PRO I 318 14.32 65.13 33.68
C PRO I 318 14.01 65.76 35.02
N HIS I 324 5.99 64.12 37.86
CA HIS I 324 4.95 63.54 37.00
C HIS I 324 4.61 62.13 37.46
N LEU I 325 5.59 61.36 37.83
CA LEU I 325 5.22 60.07 38.33
C LEU I 325 4.40 60.32 39.58
N CYS I 326 4.68 61.40 40.29
CA CYS I 326 3.89 61.70 41.46
C CYS I 326 2.46 61.96 41.08
N GLU I 327 2.27 62.71 39.99
CA GLU I 327 0.95 63.03 39.53
C GLU I 327 0.23 61.73 39.21
N ALA I 328 0.92 60.82 38.53
CA ALA I 328 0.32 59.54 38.19
C ALA I 328 -0.04 58.76 39.45
N LYS I 329 0.88 58.75 40.43
CA LYS I 329 0.59 58.11 41.71
C LYS I 329 -0.66 58.71 42.34
N GLU I 330 -0.83 60.02 42.23
CA GLU I 330 -2.04 60.65 42.76
C GLU I 330 -3.28 60.14 42.04
N ALA I 331 -3.21 60.07 40.71
CA ALA I 331 -4.35 59.57 39.93
C ALA I 331 -4.73 58.16 40.35
N PHE I 332 -3.76 57.25 40.34
CA PHE I 332 -4.06 55.87 40.72
C PHE I 332 -4.53 55.79 42.17
N GLU I 333 -3.99 56.65 43.05
CA GLU I 333 -4.48 56.69 44.42
C GLU I 333 -5.96 57.03 44.46
N ILE I 334 -6.38 58.03 43.68
CA ILE I 334 -7.79 58.37 43.60
C ILE I 334 -8.59 57.17 43.11
N GLY I 335 -8.09 56.52 42.05
CA GLY I 335 -8.80 55.37 41.51
C GLY I 335 -9.04 54.26 42.53
N LEU I 336 -7.96 53.87 43.21
CA LEU I 336 -8.04 52.79 44.16
C LEU I 336 -8.97 53.19 45.26
N LEU I 337 -8.90 54.42 45.67
CA LEU I 337 -9.74 54.87 46.74
C LEU I 337 -11.22 54.87 46.44
N THR I 338 -11.56 55.18 45.21
CA THR I 338 -12.97 55.28 44.82
C THR I 338 -13.86 54.28 45.56
N LYS I 339 -13.28 53.27 46.19
CA LYS I 339 -14.07 52.28 46.93
C LYS I 339 -14.64 52.90 48.20
N PRO I 344 -19.27 45.75 47.78
CA PRO I 344 -19.34 44.95 46.55
C PRO I 344 -19.13 45.80 45.30
N VAL I 345 -18.60 45.18 44.24
CA VAL I 345 -18.35 45.84 42.97
C VAL I 345 -19.08 45.08 41.87
N THR I 346 -19.97 45.76 41.17
CA THR I 346 -20.71 45.18 40.07
C THR I 346 -20.19 45.70 38.74
N GLY I 347 -20.23 44.85 37.73
CA GLY I 347 -19.78 45.22 36.41
C GLY I 347 -18.35 44.80 36.10
N LYS I 348 -18.12 44.23 34.92
CA LYS I 348 -16.79 43.77 34.56
C LYS I 348 -15.86 44.94 34.29
N GLN I 349 -16.35 45.97 33.59
CA GLN I 349 -15.51 47.12 33.25
C GLN I 349 -14.96 47.78 34.50
N GLU I 350 -15.78 47.92 35.54
CA GLU I 350 -15.32 48.57 36.76
C GLU I 350 -14.17 47.79 37.39
N LEU I 351 -14.33 46.47 37.50
CA LEU I 351 -13.26 45.64 38.04
C LEU I 351 -11.99 45.75 37.21
N HIS I 352 -12.12 45.59 35.89
CA HIS I 352 -10.96 45.67 35.01
C HIS I 352 -10.25 47.01 35.15
N SER I 353 -11.01 48.08 35.34
CA SER I 353 -10.40 49.38 35.55
C SER I 353 -9.66 49.43 36.88
N PHE I 354 -10.20 48.76 37.90
CA PHE I 354 -9.52 48.73 39.19
C PHE I 354 -8.18 47.99 39.09
N VAL I 355 -8.18 46.80 38.46
CA VAL I 355 -6.91 46.09 38.29
C VAL I 355 -5.96 46.91 37.42
N LYS I 356 -6.48 47.61 36.42
CA LYS I 356 -5.62 48.46 35.61
C LYS I 356 -4.98 49.56 36.45
N ALA I 357 -5.75 50.15 37.36
CA ALA I 357 -5.19 51.17 38.25
C ALA I 357 -4.13 50.57 39.17
N ALA I 358 -4.36 49.34 39.66
CA ALA I 358 -3.36 48.69 40.50
C ALA I 358 -2.07 48.48 39.72
N PHE I 359 -2.18 47.94 38.50
CA PHE I 359 -1.01 47.77 37.65
C PHE I 359 -0.30 49.11 37.44
N GLY I 360 -1.06 50.19 37.30
CA GLY I 360 -0.45 51.49 37.11
C GLY I 360 0.34 51.94 38.33
N LEU I 361 -0.26 51.81 39.51
CA LEU I 361 0.42 52.25 40.73
C LEU I 361 1.65 51.40 41.00
N THR I 362 1.57 50.08 40.80
CA THR I 362 2.74 49.24 40.96
C THR I 362 3.82 49.62 39.96
N THR I 363 3.43 49.91 38.73
CA THR I 363 4.42 50.23 37.73
C THR I 363 5.17 51.48 38.13
N VAL I 364 4.45 52.47 38.62
CA VAL I 364 5.09 53.69 39.07
C VAL I 364 5.96 53.45 40.31
N HIS I 365 5.44 52.67 41.25
CA HIS I 365 6.17 52.36 42.47
C HIS I 365 7.50 51.70 42.09
N ARG I 366 7.47 50.97 40.98
CA ARG I 366 8.67 50.29 40.48
C ARG I 366 9.55 51.31 39.77
N ARG I 367 8.92 52.24 39.07
CA ARG I 367 9.65 53.29 38.36
C ARG I 367 10.46 54.11 39.35
N LEU I 368 9.84 54.42 40.48
CA LEU I 368 10.50 55.19 41.53
C LEU I 368 11.61 54.47 42.27
N HIS I 369 11.28 53.24 42.68
CA HIS I 369 12.16 52.39 43.46
C HIS I 369 12.71 51.27 42.65
N GLY I 370 12.54 51.31 41.35
CA GLY I 370 13.03 50.23 40.52
C GLY I 370 12.41 48.93 41.03
N GLU I 371 13.22 47.90 41.23
CA GLU I 371 12.74 46.64 41.78
C GLU I 371 12.76 46.81 43.29
N THR I 372 11.77 46.29 44.02
CA THR I 372 11.76 46.32 45.50
C THR I 372 10.97 45.11 45.99
N GLY I 373 11.14 44.66 47.24
CA GLY I 373 10.32 43.51 47.55
C GLY I 373 8.83 43.77 47.42
N THR I 374 8.38 44.89 48.00
CA THR I 374 6.95 45.18 48.01
C THR I 374 6.41 45.37 46.60
N VAL I 375 7.26 45.75 45.66
CA VAL I 375 6.83 45.79 44.26
C VAL I 375 6.62 44.39 43.73
N HIS I 376 7.43 43.43 44.18
CA HIS I 376 7.26 42.05 43.75
C HIS I 376 6.00 41.44 44.34
N ALA I 377 5.75 41.72 45.62
CA ALA I 377 4.53 41.22 46.23
C ALA I 377 3.33 41.83 45.53
N ALA I 378 3.40 43.13 45.25
CA ALA I 378 2.26 43.79 44.61
C ALA I 378 1.99 43.21 43.25
N SER I 379 3.05 42.98 42.50
CA SER I 379 2.91 42.40 41.21
C SER I 379 2.29 41.05 41.39
N GLN I 380 2.66 40.35 42.45
CA GLN I 380 2.08 39.04 42.61
C GLN I 380 0.59 39.20 42.74
N LEU I 381 0.18 40.14 43.56
CA LEU I 381 -1.23 40.36 43.78
C LEU I 381 -1.92 40.81 42.51
N CYS I 382 -1.26 41.70 41.78
CA CYS I 382 -1.83 42.24 40.58
C CYS I 382 -2.08 41.15 39.60
N LYS I 383 -1.17 40.21 39.52
CA LYS I 383 -1.37 39.14 38.56
C LYS I 383 -2.49 38.20 39.00
N GLU I 384 -2.48 37.81 40.28
CA GLU I 384 -3.57 37.01 40.82
C GLU I 384 -4.91 37.70 40.59
N ALA I 385 -4.98 39.00 40.88
CA ALA I 385 -6.22 39.75 40.68
C ALA I 385 -6.63 39.75 39.21
N MET I 386 -5.67 39.74 38.30
CA MET I 386 -6.01 39.68 36.88
C MET I 386 -6.60 38.33 36.53
N GLY I 387 -5.99 37.25 37.02
CA GLY I 387 -6.54 35.92 36.78
C GLY I 387 -7.96 35.80 37.31
N LYS I 388 -8.17 36.17 38.57
CA LYS I 388 -9.52 36.11 39.14
C LYS I 388 -10.46 37.04 38.41
N LEU I 389 -9.95 38.13 37.84
CA LEU I 389 -10.80 39.07 37.12
C LEU I 389 -11.32 38.44 35.83
N TYR I 390 -10.44 37.83 35.05
CA TYR I 390 -10.89 37.20 33.81
C TYR I 390 -11.73 35.97 34.09
N ASN I 391 -11.44 35.25 35.18
CA ASN I 391 -12.34 34.18 35.61
C ASN I 391 -13.73 34.74 35.90
N PHE I 392 -13.79 35.90 36.55
CA PHE I 392 -15.07 36.56 36.79
C PHE I 392 -15.78 36.90 35.47
N SER I 393 -15.04 37.49 34.53
CA SER I 393 -15.65 37.90 33.28
C SER I 393 -16.17 36.71 32.48
N THR I 394 -15.50 35.57 32.58
CA THR I 394 -15.93 34.38 31.83
C THR I 394 -17.00 33.58 32.54
N SER I 395 -17.17 33.76 33.84
CA SER I 395 -18.16 32.98 34.57
C SER I 395 -19.57 33.42 34.21
N SER I 396 -20.49 32.45 34.21
CA SER I 396 -21.90 32.71 33.94
C SER I 396 -22.78 32.48 35.15
N ARG I 397 -22.23 31.97 36.25
CA ARG I 397 -22.99 31.72 37.47
C ARG I 397 -22.92 32.94 38.37
N SER I 398 -24.08 33.46 38.76
CA SER I 398 -24.12 34.72 39.50
C SER I 398 -23.35 34.63 40.80
N GLN I 399 -23.46 33.50 41.52
CA GLN I 399 -22.76 33.37 42.78
C GLN I 399 -21.24 33.32 42.58
N ASP I 400 -20.78 32.61 41.54
CA ASP I 400 -19.36 32.62 41.22
C ASP I 400 -18.87 34.02 40.89
N ARG I 401 -19.63 34.76 40.08
CA ARG I 401 -19.24 36.13 39.77
C ARG I 401 -19.15 36.98 41.02
N GLU I 402 -20.12 36.83 41.92
CA GLU I 402 -20.09 37.55 43.19
C GLU I 402 -18.84 37.20 43.98
N ALA I 403 -18.53 35.91 44.09
CA ALA I 403 -17.37 35.49 44.88
C ALA I 403 -16.08 36.01 44.29
N LEU I 404 -15.88 35.83 42.99
CA LEU I 404 -14.65 36.28 42.36
C LEU I 404 -14.51 37.79 42.43
N SER I 405 -15.62 38.52 42.35
CA SER I 405 -15.57 39.97 42.51
C SER I 405 -15.15 40.35 43.92
N GLN I 406 -15.76 39.71 44.92
CA GLN I 406 -15.42 40.02 46.31
C GLN I 406 -13.94 39.75 46.58
N GLU I 407 -13.45 38.59 46.15
CA GLU I 407 -12.07 38.24 46.47
C GLU I 407 -11.08 39.10 45.69
N VAL I 408 -11.37 39.37 44.40
CA VAL I 408 -10.49 40.24 43.63
C VAL I 408 -10.42 41.62 44.28
N MET I 409 -11.55 42.10 44.78
CA MET I 409 -11.53 43.38 45.49
C MET I 409 -10.76 43.27 46.79
N SER I 410 -10.78 42.10 47.43
CA SER I 410 -9.98 41.90 48.64
C SER I 410 -8.49 42.00 48.35
N VAL I 411 -8.01 41.32 47.31
CA VAL I 411 -6.59 41.43 46.97
C VAL I 411 -6.26 42.86 46.57
N ILE I 412 -7.18 43.54 45.87
CA ILE I 412 -6.97 44.96 45.58
C ILE I 412 -6.72 45.74 46.86
N ALA I 413 -7.55 45.49 47.88
CA ALA I 413 -7.32 46.11 49.19
C ALA I 413 -5.98 45.71 49.75
N GLN I 414 -5.50 44.50 49.45
CA GLN I 414 -4.18 44.08 49.93
C GLN I 414 -3.08 44.91 49.30
N VAL I 415 -3.15 45.13 47.98
CA VAL I 415 -2.16 45.99 47.32
C VAL I 415 -2.32 47.43 47.78
N LYS I 416 -3.48 47.77 48.29
CA LYS I 416 -3.68 49.10 48.78
C LYS I 416 -2.85 49.39 50.03
N GLU I 417 -2.86 48.46 50.97
CA GLU I 417 -2.13 48.60 52.22
C GLU I 417 -0.65 48.58 51.94
N HIS I 418 -0.25 47.67 51.07
CA HIS I 418 1.16 47.53 50.80
C HIS I 418 1.77 48.78 50.22
N LEU I 419 1.08 49.46 49.33
CA LEU I 419 1.64 50.70 48.80
C LEU I 419 1.28 51.92 49.62
N ASP I 428 -15.68 68.18 51.06
CA ASP I 428 -16.93 67.55 50.66
C ASP I 428 -16.64 66.05 50.56
N ASP I 429 -16.82 65.34 51.67
CA ASP I 429 -16.49 63.91 51.69
C ASP I 429 -17.35 63.10 50.73
N ARG I 430 -18.46 63.67 50.24
CA ARG I 430 -19.22 63.02 49.18
C ARG I 430 -18.40 62.90 47.90
N SER I 431 -17.50 63.85 47.66
CA SER I 431 -16.70 63.86 46.44
C SER I 431 -15.57 62.84 46.53
N TYR I 432 -15.27 62.22 45.38
CA TYR I 432 -14.21 61.24 45.27
C TYR I 432 -12.93 61.82 44.67
N VAL I 433 -12.84 63.14 44.58
CA VAL I 433 -11.66 63.80 44.02
C VAL I 433 -11.12 64.79 45.04
N PRO I 434 -9.82 65.06 45.06
CA PRO I 434 -9.27 66.06 45.99
C PRO I 434 -9.66 67.48 45.61
N GLU I 435 -9.50 68.37 46.57
CA GLU I 435 -9.82 69.79 46.36
C GLU I 435 -8.95 70.40 45.28
N SER I 436 -7.74 69.87 45.08
CA SER I 436 -6.88 70.37 44.03
C SER I 436 -7.56 70.36 42.67
N PHE I 437 -8.49 69.44 42.47
CA PHE I 437 -9.26 69.36 41.23
C PHE I 437 -10.41 70.36 41.27
N GLU I 438 -10.05 71.63 41.38
CA GLU I 438 -11.02 72.71 41.53
C GLU I 438 -11.95 72.78 40.32
#